data_2GGP
#
_entry.id   2GGP
#
loop_
_entity.id
_entity.type
_entity.pdbx_description
1 polymer 'Metal homeostasis factor ATX1'
2 polymer 'Probable copper-transporting ATPase'
3 non-polymer 'COPPER (I) ION'
#
loop_
_entity_poly.entity_id
_entity_poly.type
_entity_poly.pdbx_seq_one_letter_code
_entity_poly.pdbx_strand_id
1 'polypeptide(L)' MAEIKHYQFNVVMTCSGCSGAVNKVLTKLEPDVSKIDISLEKQLVDVYTTLPYDFILEKIKKTGKEVRSGKQL A
2 'polypeptide(L)' AREVILAVHGMTCSACTNTINTQLRALKGVTKCDISLVTNECQVTYDNEVTADSIKEIIEDCGFDCEILRDS B
#
loop_
_chem_comp.id
_chem_comp.type
_chem_comp.name
_chem_comp.formula
CU1 non-polymer 'COPPER (I) ION' 'Cu 1'
#
# COMPACT_ATOMS: atom_id res chain seq x y z
N MET A 1 -13.61 12.59 23.13
CA MET A 1 -12.35 12.21 22.48
C MET A 1 -11.80 10.94 23.13
N ALA A 2 -11.25 10.03 22.32
CA ALA A 2 -10.55 8.78 22.70
C ALA A 2 -11.49 7.57 22.89
N GLU A 3 -12.74 7.66 22.43
CA GLU A 3 -13.71 6.56 22.42
C GLU A 3 -13.61 5.74 21.12
N ILE A 4 -13.54 4.41 21.24
CA ILE A 4 -13.26 3.50 20.12
C ILE A 4 -14.50 3.30 19.25
N LYS A 5 -14.32 3.49 17.95
CA LYS A 5 -15.33 3.28 16.90
C LYS A 5 -15.02 2.03 16.06
N HIS A 6 -16.04 1.45 15.43
CA HIS A 6 -15.91 0.23 14.63
C HIS A 6 -16.25 0.51 13.15
N TYR A 7 -15.33 0.13 12.25
CA TYR A 7 -15.45 0.32 10.81
C TYR A 7 -15.23 -1.00 10.05
N GLN A 8 -15.92 -1.17 8.92
CA GLN A 8 -15.78 -2.35 8.06
C GLN A 8 -15.81 -1.96 6.58
N PHE A 9 -14.76 -2.38 5.87
CA PHE A 9 -14.57 -2.12 4.44
C PHE A 9 -14.62 -3.44 3.67
N ASN A 10 -15.37 -3.47 2.56
CA ASN A 10 -15.31 -4.53 1.54
C ASN A 10 -14.36 -4.06 0.41
N VAL A 11 -13.29 -4.82 0.14
CA VAL A 11 -12.17 -4.41 -0.73
C VAL A 11 -11.85 -5.55 -1.70
N VAL A 12 -11.56 -5.23 -2.97
CA VAL A 12 -11.20 -6.23 -3.98
C VAL A 12 -9.81 -6.77 -3.67
N MET A 13 -9.71 -8.06 -3.36
CA MET A 13 -8.46 -8.71 -2.92
C MET A 13 -8.28 -10.11 -3.54
N THR A 14 -7.23 -10.27 -4.37
CA THR A 14 -6.85 -11.55 -5.00
C THR A 14 -6.00 -12.42 -4.07
N CYS A 15 -4.81 -11.95 -3.68
CA CYS A 15 -3.80 -12.75 -3.02
C CYS A 15 -3.87 -12.73 -1.47
N SER A 16 -3.26 -13.72 -0.81
CA SER A 16 -2.84 -13.57 0.60
C SER A 16 -1.75 -12.49 0.74
N GLY A 17 -1.00 -12.21 -0.34
CA GLY A 17 -0.10 -11.05 -0.45
C GLY A 17 -0.82 -9.70 -0.65
N CYS A 18 -2.16 -9.69 -0.75
CA CYS A 18 -2.98 -8.48 -0.69
C CYS A 18 -3.40 -8.18 0.75
N SER A 19 -4.00 -9.14 1.45
CA SER A 19 -4.30 -9.02 2.89
C SER A 19 -3.04 -8.80 3.73
N GLY A 20 -1.92 -9.46 3.39
CA GLY A 20 -0.61 -9.25 4.04
C GLY A 20 0.02 -7.89 3.77
N ALA A 21 -0.38 -7.20 2.69
CA ALA A 21 -0.01 -5.80 2.42
C ALA A 21 -0.88 -4.84 3.26
N VAL A 22 -2.20 -5.05 3.25
CA VAL A 22 -3.17 -4.29 4.09
C VAL A 22 -2.76 -4.37 5.58
N ASN A 23 -2.46 -5.57 6.09
CA ASN A 23 -1.94 -5.77 7.44
C ASN A 23 -0.65 -4.97 7.70
N LYS A 24 0.30 -4.96 6.75
CA LYS A 24 1.54 -4.18 6.87
C LYS A 24 1.29 -2.66 6.89
N VAL A 25 0.34 -2.14 6.10
CA VAL A 25 -0.05 -0.70 6.18
C VAL A 25 -0.71 -0.37 7.52
N LEU A 26 -1.68 -1.17 7.97
CA LEU A 26 -2.44 -0.91 9.21
C LEU A 26 -1.65 -1.11 10.51
N THR A 27 -0.59 -1.94 10.50
CA THR A 27 0.34 -2.13 11.63
C THR A 27 0.93 -0.80 12.13
N LYS A 28 1.18 0.14 11.23
CA LYS A 28 1.69 1.49 11.54
C LYS A 28 0.75 2.29 12.47
N LEU A 29 -0.51 1.88 12.63
CA LEU A 29 -1.57 2.59 13.33
C LEU A 29 -1.98 1.95 14.67
N GLU A 30 -1.41 0.80 15.07
CA GLU A 30 -1.74 0.13 16.35
C GLU A 30 -1.65 0.99 17.61
N PRO A 31 -0.81 2.05 17.70
CA PRO A 31 -0.83 2.93 18.86
C PRO A 31 -2.22 3.55 19.13
N ASP A 32 -3.09 3.65 18.12
CA ASP A 32 -4.48 4.14 18.25
C ASP A 32 -5.55 3.17 17.67
N VAL A 33 -5.17 2.19 16.84
CA VAL A 33 -6.02 1.05 16.41
C VAL A 33 -5.89 -0.11 17.41
N SER A 34 -6.99 -0.64 17.92
CA SER A 34 -6.99 -1.69 18.96
C SER A 34 -7.14 -3.12 18.43
N LYS A 35 -7.82 -3.32 17.29
CA LYS A 35 -7.92 -4.61 16.61
C LYS A 35 -8.01 -4.46 15.08
N ILE A 36 -7.31 -5.33 14.35
CA ILE A 36 -7.33 -5.48 12.88
C ILE A 36 -7.59 -6.96 12.56
N ASP A 37 -8.57 -7.24 11.70
CA ASP A 37 -8.97 -8.62 11.34
C ASP A 37 -9.53 -8.66 9.91
N ILE A 38 -8.95 -9.49 9.04
CA ILE A 38 -9.28 -9.55 7.61
C ILE A 38 -9.98 -10.88 7.28
N SER A 39 -10.97 -10.84 6.40
CA SER A 39 -11.71 -12.02 5.92
C SER A 39 -11.68 -12.06 4.38
N LEU A 40 -10.72 -12.78 3.78
CA LEU A 40 -10.47 -12.76 2.34
C LEU A 40 -11.68 -13.27 1.53
N GLU A 41 -12.31 -14.37 1.95
CA GLU A 41 -13.53 -14.93 1.33
C GLU A 41 -14.68 -13.92 1.34
N LYS A 42 -14.96 -13.32 2.50
CA LYS A 42 -15.95 -12.25 2.64
C LYS A 42 -15.49 -10.93 1.97
N GLN A 43 -14.26 -10.86 1.47
CA GLN A 43 -13.59 -9.72 0.84
C GLN A 43 -13.53 -8.46 1.73
N LEU A 44 -13.60 -8.63 3.05
CA LEU A 44 -13.74 -7.53 4.01
C LEU A 44 -12.61 -7.43 5.04
N VAL A 45 -12.50 -6.24 5.62
CA VAL A 45 -11.51 -5.82 6.61
C VAL A 45 -12.27 -5.16 7.78
N ASP A 46 -12.07 -5.64 9.00
CA ASP A 46 -12.61 -5.09 10.23
C ASP A 46 -11.55 -4.24 10.96
N VAL A 47 -11.94 -3.04 11.40
CA VAL A 47 -11.09 -2.11 12.15
C VAL A 47 -11.83 -1.61 13.41
N TYR A 48 -11.10 -1.51 14.53
CA TYR A 48 -11.53 -0.85 15.77
C TYR A 48 -10.50 0.21 16.18
N THR A 49 -10.87 1.50 16.31
CA THR A 49 -9.92 2.61 16.52
C THR A 49 -10.57 3.92 17.00
N THR A 50 -9.75 4.82 17.56
CA THR A 50 -10.03 6.24 17.81
C THR A 50 -9.60 7.17 16.67
N LEU A 51 -8.89 6.68 15.65
CA LEU A 51 -8.49 7.47 14.49
C LEU A 51 -9.72 7.87 13.63
N PRO A 52 -9.65 8.99 12.87
CA PRO A 52 -10.75 9.46 12.05
C PRO A 52 -10.92 8.60 10.79
N TYR A 53 -12.18 8.32 10.45
CA TYR A 53 -12.58 7.35 9.41
C TYR A 53 -11.97 7.63 8.02
N ASP A 54 -12.02 8.89 7.55
CA ASP A 54 -11.50 9.29 6.24
C ASP A 54 -9.96 9.12 6.12
N PHE A 55 -9.21 9.16 7.24
CA PHE A 55 -7.78 8.86 7.23
C PHE A 55 -7.50 7.37 6.93
N ILE A 56 -8.39 6.45 7.34
CA ILE A 56 -8.26 5.03 6.98
C ILE A 56 -8.63 4.84 5.50
N LEU A 57 -9.69 5.48 5.01
CA LEU A 57 -10.05 5.45 3.58
C LEU A 57 -8.90 5.91 2.67
N GLU A 58 -8.18 6.93 3.12
CA GLU A 58 -7.00 7.47 2.43
C GLU A 58 -5.73 6.63 2.60
N LYS A 59 -5.56 5.86 3.68
CA LYS A 59 -4.48 4.87 3.77
C LYS A 59 -4.78 3.63 2.91
N ILE A 60 -6.05 3.21 2.80
CA ILE A 60 -6.52 2.21 1.82
C ILE A 60 -6.28 2.72 0.39
N LYS A 61 -6.65 3.96 0.07
CA LYS A 61 -6.41 4.54 -1.26
C LYS A 61 -4.93 4.58 -1.64
N LYS A 62 -4.02 4.83 -0.68
CA LYS A 62 -2.57 4.67 -0.88
C LYS A 62 -2.06 3.21 -0.94
N THR A 63 -2.77 2.25 -0.32
CA THR A 63 -2.55 0.80 -0.52
C THR A 63 -2.87 0.43 -1.97
N GLY A 64 -3.87 1.10 -2.56
CA GLY A 64 -4.11 1.17 -4.01
C GLY A 64 -5.19 0.24 -4.53
N LYS A 65 -5.67 -0.70 -3.70
CA LYS A 65 -6.71 -1.67 -4.08
C LYS A 65 -8.10 -1.02 -4.22
N GLU A 66 -8.94 -1.55 -5.09
CA GLU A 66 -10.29 -1.01 -5.33
C GLU A 66 -11.27 -1.44 -4.23
N VAL A 67 -12.17 -0.54 -3.85
CA VAL A 67 -13.07 -0.65 -2.68
C VAL A 67 -14.51 -0.86 -3.16
N ARG A 68 -15.13 -1.98 -2.75
CA ARG A 68 -16.53 -2.28 -3.02
C ARG A 68 -17.48 -1.53 -2.07
N SER A 69 -17.14 -1.37 -0.79
CA SER A 69 -17.92 -0.54 0.16
C SER A 69 -17.10 -0.18 1.41
N GLY A 70 -17.55 0.86 2.13
CA GLY A 70 -17.07 1.19 3.48
C GLY A 70 -18.21 1.68 4.36
N LYS A 71 -18.23 1.25 5.63
CA LYS A 71 -19.25 1.67 6.61
C LYS A 71 -18.77 1.68 8.07
N GLN A 72 -19.47 2.43 8.91
CA GLN A 72 -19.37 2.40 10.37
C GLN A 72 -20.47 1.54 10.98
N LEU A 73 -20.17 1.00 12.16
CA LEU A 73 -21.05 0.13 12.96
C LEU A 73 -21.27 0.68 14.38
N ALA B 1 15.54 12.75 -17.37
CA ALA B 1 15.09 12.01 -16.17
C ALA B 1 16.29 11.58 -15.33
N ARG B 2 16.10 11.47 -14.01
CA ARG B 2 16.93 10.66 -13.12
C ARG B 2 16.38 9.22 -13.15
N GLU B 3 16.54 8.48 -12.08
CA GLU B 3 16.28 7.05 -11.95
C GLU B 3 16.44 6.62 -10.48
N VAL B 4 15.68 5.64 -10.03
CA VAL B 4 15.82 4.97 -8.72
C VAL B 4 15.46 3.49 -8.84
N ILE B 5 16.09 2.66 -8.03
CA ILE B 5 15.85 1.21 -8.01
C ILE B 5 15.87 0.72 -6.55
N LEU B 6 14.90 -0.12 -6.18
CA LEU B 6 14.57 -0.43 -4.79
C LEU B 6 14.22 -1.92 -4.61
N ALA B 7 14.61 -2.49 -3.47
CA ALA B 7 14.28 -3.88 -3.13
C ALA B 7 12.90 -3.94 -2.48
N VAL B 8 11.91 -4.54 -3.15
CA VAL B 8 10.51 -4.57 -2.73
C VAL B 8 10.17 -5.99 -2.26
N HIS B 9 10.66 -6.35 -1.06
CA HIS B 9 10.70 -7.74 -0.55
C HIS B 9 9.36 -8.52 -0.55
N GLY B 10 8.21 -7.84 -0.59
CA GLY B 10 6.88 -8.47 -0.68
C GLY B 10 6.48 -8.96 -2.08
N MET B 11 7.22 -8.59 -3.14
CA MET B 11 6.99 -9.11 -4.50
C MET B 11 7.33 -10.60 -4.60
N THR B 12 6.33 -11.41 -4.96
CA THR B 12 6.43 -12.87 -5.11
C THR B 12 5.62 -13.32 -6.31
N CYS B 13 4.31 -13.07 -6.27
CA CYS B 13 3.37 -13.33 -7.36
C CYS B 13 3.27 -12.13 -8.36
N SER B 14 2.38 -12.24 -9.34
CA SER B 14 2.12 -11.21 -10.36
C SER B 14 1.05 -10.18 -9.93
N ALA B 15 -0.13 -10.61 -9.45
CA ALA B 15 -1.33 -9.77 -9.31
C ALA B 15 -1.25 -8.62 -8.28
N CYS B 16 -0.30 -8.66 -7.35
CA CYS B 16 0.01 -7.60 -6.41
C CYS B 16 0.76 -6.40 -7.06
N THR B 17 1.55 -6.68 -8.11
CA THR B 17 2.65 -5.82 -8.55
C THR B 17 2.20 -4.62 -9.38
N ASN B 18 1.18 -4.77 -10.23
CA ASN B 18 0.75 -3.66 -11.09
C ASN B 18 0.15 -2.50 -10.28
N THR B 19 -0.33 -2.73 -9.04
CA THR B 19 -0.69 -1.69 -8.05
C THR B 19 0.45 -0.69 -7.81
N ILE B 20 1.71 -1.08 -8.03
CA ILE B 20 2.85 -0.15 -8.11
C ILE B 20 2.80 0.67 -9.40
N ASN B 21 2.95 0.03 -10.58
CA ASN B 21 3.05 0.74 -11.87
C ASN B 21 1.83 1.62 -12.18
N THR B 22 0.59 1.14 -11.93
CA THR B 22 -0.65 1.91 -12.06
C THR B 22 -0.58 3.22 -11.28
N GLN B 23 -0.12 3.20 -10.03
CA GLN B 23 -0.02 4.40 -9.21
C GLN B 23 1.15 5.28 -9.63
N LEU B 24 2.36 4.72 -9.78
CA LEU B 24 3.56 5.51 -10.08
C LEU B 24 3.45 6.20 -11.45
N ARG B 25 3.03 5.50 -12.50
CA ARG B 25 2.86 6.13 -13.83
C ARG B 25 1.68 7.11 -13.92
N ALA B 26 0.88 7.29 -12.86
CA ALA B 26 -0.09 8.38 -12.73
C ALA B 26 0.53 9.68 -12.20
N LEU B 27 1.73 9.64 -11.62
CA LEU B 27 2.43 10.79 -11.03
C LEU B 27 3.11 11.61 -12.14
N LYS B 28 2.89 12.93 -12.11
CA LYS B 28 3.16 13.88 -13.20
C LYS B 28 4.66 14.20 -13.50
N GLY B 29 5.53 13.26 -13.16
CA GLY B 29 6.97 13.22 -13.47
C GLY B 29 7.52 11.83 -13.79
N VAL B 30 6.78 10.74 -13.61
CA VAL B 30 7.28 9.37 -13.85
C VAL B 30 7.27 9.03 -15.34
N THR B 31 8.42 8.53 -15.82
CA THR B 31 8.72 8.27 -17.24
C THR B 31 8.61 6.79 -17.60
N LYS B 32 8.92 5.89 -16.66
CA LYS B 32 8.88 4.42 -16.81
C LYS B 32 8.94 3.72 -15.44
N CYS B 33 8.35 2.51 -15.32
CA CYS B 33 8.32 1.71 -14.09
C CYS B 33 8.42 0.21 -14.40
N ASP B 34 9.62 -0.35 -14.21
CA ASP B 34 9.94 -1.76 -14.38
C ASP B 34 10.00 -2.50 -13.02
N ILE B 35 9.92 -3.83 -13.06
CA ILE B 35 9.91 -4.74 -11.91
C ILE B 35 10.53 -6.09 -12.28
N SER B 36 11.10 -6.79 -11.31
CA SER B 36 11.68 -8.14 -11.47
C SER B 36 11.19 -9.07 -10.34
N LEU B 37 10.55 -10.19 -10.71
CA LEU B 37 9.69 -10.96 -9.80
C LEU B 37 10.42 -12.00 -8.92
N VAL B 38 11.63 -12.41 -9.29
CA VAL B 38 12.46 -13.36 -8.53
C VAL B 38 13.49 -12.63 -7.64
N THR B 39 14.02 -11.49 -8.12
CA THR B 39 15.06 -10.69 -7.45
C THR B 39 14.51 -9.54 -6.60
N ASN B 40 13.18 -9.36 -6.61
CA ASN B 40 12.39 -8.29 -5.99
C ASN B 40 12.83 -6.84 -6.28
N GLU B 41 13.65 -6.63 -7.30
CA GLU B 41 14.08 -5.31 -7.77
C GLU B 41 12.91 -4.59 -8.48
N CYS B 42 12.67 -3.32 -8.15
CA CYS B 42 11.75 -2.42 -8.85
C CYS B 42 12.52 -1.19 -9.34
N GLN B 43 12.45 -0.85 -10.63
CA GLN B 43 13.35 0.07 -11.32
C GLN B 43 12.53 1.16 -12.02
N VAL B 44 12.46 2.32 -11.37
CA VAL B 44 11.61 3.48 -11.74
C VAL B 44 12.48 4.62 -12.27
N THR B 45 11.95 5.30 -13.28
CA THR B 45 12.63 6.32 -14.08
C THR B 45 11.70 7.54 -14.12
N TYR B 46 12.19 8.75 -13.82
CA TYR B 46 11.37 9.93 -13.58
C TYR B 46 12.19 11.22 -13.68
N ASP B 47 11.51 12.25 -14.13
CA ASP B 47 11.97 13.63 -14.36
C ASP B 47 12.45 14.37 -13.10
N ASN B 48 11.52 14.69 -12.20
CA ASN B 48 11.59 15.71 -11.17
C ASN B 48 10.26 15.77 -10.40
N GLU B 49 10.34 16.27 -9.18
CA GLU B 49 9.33 16.75 -8.24
C GLU B 49 9.06 15.75 -7.09
N VAL B 50 9.99 14.81 -6.82
CA VAL B 50 9.91 13.79 -5.77
C VAL B 50 11.27 13.18 -5.43
N THR B 51 11.45 12.81 -4.16
CA THR B 51 12.69 12.20 -3.61
C THR B 51 12.54 10.71 -3.38
N ALA B 52 13.66 9.99 -3.35
CA ALA B 52 13.69 8.58 -2.97
C ALA B 52 13.13 8.33 -1.56
N ASP B 53 13.32 9.29 -0.65
CA ASP B 53 12.70 9.28 0.69
C ASP B 53 11.16 9.38 0.61
N SER B 54 10.62 10.26 -0.23
CA SER B 54 9.17 10.32 -0.46
C SER B 54 8.65 9.03 -1.11
N ILE B 55 9.37 8.48 -2.09
CA ILE B 55 9.01 7.23 -2.77
C ILE B 55 8.97 6.06 -1.79
N LYS B 56 9.93 5.95 -0.87
CA LYS B 56 9.95 4.92 0.17
C LYS B 56 8.69 4.97 1.07
N GLU B 57 8.11 6.14 1.34
CA GLU B 57 6.91 6.27 2.16
C GLU B 57 5.66 5.92 1.36
N ILE B 58 5.63 6.25 0.06
CA ILE B 58 4.57 5.82 -0.88
C ILE B 58 4.54 4.31 -1.06
N ILE B 59 5.69 3.69 -1.34
CA ILE B 59 5.79 2.24 -1.60
C ILE B 59 5.70 1.43 -0.31
N GLU B 60 6.12 1.99 0.83
CA GLU B 60 5.78 1.39 2.12
C GLU B 60 4.28 1.58 2.46
N ASP B 61 3.64 2.68 2.06
CA ASP B 61 2.15 2.78 2.15
C ASP B 61 1.38 1.99 1.06
N CYS B 62 2.07 1.41 0.07
CA CYS B 62 1.51 0.34 -0.78
C CYS B 62 1.48 -1.02 -0.04
N GLY B 63 2.11 -1.12 1.14
CA GLY B 63 2.15 -2.32 1.97
C GLY B 63 3.39 -3.19 1.76
N PHE B 64 4.50 -2.60 1.29
CA PHE B 64 5.79 -3.25 1.16
C PHE B 64 6.79 -2.72 2.22
N ASP B 65 8.08 -2.99 2.00
CA ASP B 65 9.14 -2.93 3.03
C ASP B 65 10.41 -2.19 2.59
N CYS B 66 10.30 -1.51 1.45
CA CYS B 66 11.42 -1.32 0.56
C CYS B 66 12.61 -0.52 1.10
N GLU B 67 13.80 -0.92 0.68
CA GLU B 67 15.06 -0.22 0.90
C GLU B 67 15.65 0.15 -0.46
N ILE B 68 16.17 1.36 -0.57
CA ILE B 68 16.60 1.97 -1.84
C ILE B 68 17.92 1.32 -2.28
N LEU B 69 17.85 0.47 -3.31
CA LEU B 69 18.93 -0.40 -3.76
C LEU B 69 20.04 0.43 -4.41
N ARG B 70 19.66 1.39 -5.27
CA ARG B 70 20.49 2.48 -5.81
C ARG B 70 19.57 3.65 -6.15
N ASP B 71 20.12 4.85 -6.09
CA ASP B 71 19.55 6.08 -6.66
C ASP B 71 19.95 6.29 -8.14
N SER B 72 20.14 5.20 -8.91
CA SER B 72 20.63 5.19 -10.31
C SER B 72 20.41 3.88 -11.03
CU CU1 C . -0.71 -11.05 -5.91
N MET A 1 -16.94 3.45 29.08
CA MET A 1 -16.05 3.39 27.90
C MET A 1 -16.14 4.70 27.12
N ALA A 2 -15.01 5.19 26.57
CA ALA A 2 -14.97 6.43 25.78
C ALA A 2 -14.02 6.38 24.57
N GLU A 3 -12.97 5.56 24.58
CA GLU A 3 -12.08 5.37 23.43
C GLU A 3 -12.68 4.47 22.32
N ILE A 4 -12.01 4.43 21.15
CA ILE A 4 -12.13 3.50 20.02
C ILE A 4 -13.41 3.64 19.16
N LYS A 5 -13.29 3.40 17.86
CA LYS A 5 -14.41 3.17 16.92
C LYS A 5 -14.21 1.92 16.05
N HIS A 6 -15.30 1.43 15.44
CA HIS A 6 -15.32 0.30 14.52
C HIS A 6 -15.78 0.73 13.11
N TYR A 7 -15.06 0.26 12.08
CA TYR A 7 -15.29 0.55 10.66
C TYR A 7 -15.29 -0.75 9.83
N GLN A 8 -15.98 -0.75 8.69
CA GLN A 8 -16.03 -1.87 7.74
C GLN A 8 -15.99 -1.32 6.31
N PHE A 9 -15.10 -1.85 5.48
CA PHE A 9 -14.82 -1.35 4.13
C PHE A 9 -14.88 -2.49 3.11
N ASN A 10 -15.45 -2.22 1.94
CA ASN A 10 -15.53 -3.13 0.80
C ASN A 10 -14.58 -2.64 -0.32
N VAL A 11 -13.53 -3.40 -0.65
CA VAL A 11 -12.33 -2.90 -1.35
C VAL A 11 -11.70 -4.00 -2.23
N VAL A 12 -11.36 -3.67 -3.47
CA VAL A 12 -10.67 -4.55 -4.43
C VAL A 12 -9.18 -4.60 -4.12
N MET A 13 -8.61 -5.81 -4.06
CA MET A 13 -7.17 -6.05 -3.98
C MET A 13 -6.82 -7.40 -4.62
N THR A 14 -5.65 -7.49 -5.26
CA THR A 14 -5.37 -8.51 -6.29
C THR A 14 -5.47 -9.95 -5.77
N CYS A 15 -4.80 -10.27 -4.66
CA CYS A 15 -4.63 -11.62 -4.14
C CYS A 15 -4.09 -11.64 -2.66
N SER A 16 -3.77 -12.84 -2.19
CA SER A 16 -3.14 -13.21 -0.91
C SER A 16 -1.87 -12.42 -0.54
N GLY A 17 -1.12 -11.92 -1.52
CA GLY A 17 0.04 -11.04 -1.29
C GLY A 17 -0.43 -9.64 -0.92
N CYS A 18 -1.40 -9.09 -1.65
CA CYS A 18 -2.06 -7.84 -1.30
C CYS A 18 -2.71 -7.89 0.08
N SER A 19 -3.42 -8.96 0.45
CA SER A 19 -4.01 -9.06 1.79
C SER A 19 -2.95 -9.19 2.90
N GLY A 20 -1.84 -9.93 2.66
CA GLY A 20 -0.71 -10.01 3.60
C GLY A 20 0.07 -8.69 3.72
N ALA A 21 0.08 -7.88 2.67
CA ALA A 21 0.66 -6.53 2.63
C ALA A 21 -0.26 -5.50 3.31
N VAL A 22 -1.57 -5.50 3.01
CA VAL A 22 -2.56 -4.68 3.72
C VAL A 22 -2.55 -5.00 5.23
N ASN A 23 -2.42 -6.27 5.60
CA ASN A 23 -2.16 -6.67 6.99
C ASN A 23 -0.91 -5.99 7.56
N LYS A 24 0.20 -5.88 6.81
CA LYS A 24 1.40 -5.13 7.21
C LYS A 24 1.15 -3.62 7.38
N VAL A 25 0.37 -2.97 6.49
CA VAL A 25 -0.03 -1.55 6.68
C VAL A 25 -0.74 -1.35 8.03
N LEU A 26 -1.59 -2.30 8.45
CA LEU A 26 -2.31 -2.29 9.71
C LEU A 26 -1.51 -2.92 10.88
N THR A 27 -0.30 -3.46 10.64
CA THR A 27 0.69 -3.83 11.66
C THR A 27 1.47 -2.59 12.09
N LYS A 28 2.02 -1.81 11.15
CA LYS A 28 2.75 -0.57 11.51
C LYS A 28 1.89 0.50 12.22
N LEU A 29 0.56 0.35 12.16
CA LEU A 29 -0.43 1.21 12.82
C LEU A 29 -0.92 0.69 14.20
N GLU A 30 -0.44 -0.45 14.71
CA GLU A 30 -0.80 -0.97 16.05
C GLU A 30 -0.74 0.05 17.21
N PRO A 31 0.16 1.06 17.24
CA PRO A 31 0.17 2.05 18.30
C PRO A 31 -1.14 2.84 18.46
N ASP A 32 -2.05 2.78 17.48
CA ASP A 32 -3.39 3.36 17.51
C ASP A 32 -4.52 2.40 17.04
N VAL A 33 -4.21 1.40 16.20
CA VAL A 33 -5.16 0.37 15.72
C VAL A 33 -5.24 -0.80 16.72
N SER A 34 -6.47 -1.21 17.03
CA SER A 34 -6.78 -2.24 18.02
C SER A 34 -6.75 -3.65 17.41
N LYS A 35 -7.34 -3.82 16.23
CA LYS A 35 -7.61 -5.11 15.56
C LYS A 35 -8.08 -4.87 14.10
N ILE A 36 -7.79 -5.79 13.19
CA ILE A 36 -8.43 -5.94 11.89
C ILE A 36 -8.78 -7.41 11.59
N ASP A 37 -9.58 -7.67 10.55
CA ASP A 37 -9.71 -8.99 9.91
C ASP A 37 -10.24 -8.86 8.47
N ILE A 38 -9.57 -9.50 7.50
CA ILE A 38 -9.89 -9.38 6.05
C ILE A 38 -10.73 -10.59 5.59
N SER A 39 -11.92 -10.33 5.06
CA SER A 39 -12.81 -11.32 4.40
C SER A 39 -12.70 -11.14 2.87
N LEU A 40 -11.61 -11.65 2.29
CA LEU A 40 -11.14 -11.38 0.94
C LEU A 40 -12.09 -11.84 -0.17
N GLU A 41 -12.76 -12.98 -0.01
CA GLU A 41 -13.72 -13.50 -1.01
C GLU A 41 -15.03 -12.71 -0.98
N LYS A 42 -15.44 -12.21 0.19
CA LYS A 42 -16.61 -11.34 0.37
C LYS A 42 -16.32 -9.87 0.03
N GLN A 43 -15.06 -9.54 -0.31
CA GLN A 43 -14.57 -8.25 -0.82
C GLN A 43 -14.34 -7.20 0.29
N LEU A 44 -14.39 -7.60 1.57
CA LEU A 44 -14.47 -6.67 2.72
C LEU A 44 -13.39 -6.85 3.80
N VAL A 45 -13.20 -5.79 4.57
CA VAL A 45 -12.23 -5.64 5.67
C VAL A 45 -12.93 -5.04 6.89
N ASP A 46 -12.71 -5.60 8.08
CA ASP A 46 -13.14 -5.05 9.38
C ASP A 46 -11.97 -4.36 10.10
N VAL A 47 -12.22 -3.21 10.72
CA VAL A 47 -11.20 -2.36 11.37
C VAL A 47 -11.69 -1.80 12.71
N TYR A 48 -10.80 -1.71 13.71
CA TYR A 48 -11.04 -1.19 15.05
C TYR A 48 -9.87 -0.26 15.46
N THR A 49 -10.12 1.00 15.89
CA THR A 49 -9.05 2.00 16.14
C THR A 49 -9.52 3.29 16.83
N THR A 50 -8.59 3.96 17.52
CA THR A 50 -8.65 5.33 18.08
C THR A 50 -8.49 6.45 17.03
N LEU A 51 -8.22 6.11 15.76
CA LEU A 51 -8.01 7.07 14.65
C LEU A 51 -9.35 7.56 14.04
N PRO A 52 -9.38 8.71 13.34
CA PRO A 52 -10.54 9.19 12.57
C PRO A 52 -10.96 8.26 11.43
N TYR A 53 -12.14 8.49 10.86
CA TYR A 53 -12.63 7.76 9.69
C TYR A 53 -11.98 8.28 8.39
N ASP A 54 -11.89 9.60 8.21
CA ASP A 54 -11.19 10.26 7.09
C ASP A 54 -9.74 9.76 6.95
N PHE A 55 -9.02 9.63 8.07
CA PHE A 55 -7.64 9.18 8.09
C PHE A 55 -7.46 7.76 7.54
N ILE A 56 -8.44 6.87 7.78
CA ILE A 56 -8.41 5.47 7.28
C ILE A 56 -8.85 5.39 5.81
N LEU A 57 -9.89 6.13 5.40
CA LEU A 57 -10.28 6.26 3.99
C LEU A 57 -9.10 6.70 3.11
N GLU A 58 -8.32 7.63 3.65
CA GLU A 58 -7.12 8.18 3.04
C GLU A 58 -5.93 7.21 3.05
N LYS A 59 -5.73 6.39 4.09
CA LYS A 59 -4.72 5.33 4.05
C LYS A 59 -5.09 4.24 3.04
N ILE A 60 -6.34 3.78 3.00
CA ILE A 60 -6.86 2.83 1.98
C ILE A 60 -6.57 3.36 0.57
N LYS A 61 -7.00 4.58 0.25
CA LYS A 61 -6.65 5.31 -0.97
C LYS A 61 -5.13 5.29 -1.27
N LYS A 62 -4.30 5.61 -0.28
CA LYS A 62 -2.84 5.57 -0.40
C LYS A 62 -2.25 4.17 -0.72
N THR A 63 -2.90 3.08 -0.30
CA THR A 63 -2.40 1.69 -0.51
C THR A 63 -2.43 1.20 -1.96
N GLY A 64 -3.16 1.88 -2.86
CA GLY A 64 -3.32 1.50 -4.27
C GLY A 64 -4.43 0.50 -4.55
N LYS A 65 -5.25 0.17 -3.54
CA LYS A 65 -6.40 -0.74 -3.63
C LYS A 65 -7.68 0.07 -3.97
N GLU A 66 -8.53 -0.44 -4.87
CA GLU A 66 -9.70 0.32 -5.36
C GLU A 66 -10.93 0.09 -4.46
N VAL A 67 -11.55 1.16 -3.97
CA VAL A 67 -12.67 1.13 -3.03
C VAL A 67 -13.99 0.92 -3.78
N ARG A 68 -14.81 -0.01 -3.27
CA ARG A 68 -16.16 -0.30 -3.76
C ARG A 68 -17.19 0.51 -2.96
N SER A 69 -17.13 0.43 -1.62
CA SER A 69 -17.84 1.30 -0.67
C SER A 69 -17.31 1.11 0.77
N GLY A 70 -17.69 1.97 1.72
CA GLY A 70 -17.26 1.87 3.13
C GLY A 70 -18.26 2.45 4.13
N LYS A 71 -18.18 1.99 5.38
CA LYS A 71 -19.16 2.29 6.44
C LYS A 71 -18.63 2.21 7.88
N GLN A 72 -19.36 2.87 8.80
CA GLN A 72 -19.14 2.88 10.24
C GLN A 72 -20.10 1.93 10.96
N LEU A 73 -19.67 1.30 12.07
CA LEU A 73 -20.42 0.27 12.81
C LEU A 73 -20.63 0.59 14.29
N ALA B 1 13.69 13.06 -17.15
CA ALA B 1 13.48 11.87 -16.30
C ALA B 1 14.79 11.48 -15.58
N ARG B 2 14.63 10.67 -14.52
CA ARG B 2 15.59 10.32 -13.49
C ARG B 2 15.31 8.87 -13.05
N GLU B 3 16.24 7.97 -13.35
CA GLU B 3 16.25 6.57 -12.95
C GLU B 3 16.62 6.37 -11.46
N VAL B 4 16.01 5.40 -10.79
CA VAL B 4 16.40 4.84 -9.47
C VAL B 4 16.03 3.35 -9.39
N ILE B 5 16.71 2.59 -8.53
CA ILE B 5 16.37 1.20 -8.24
C ILE B 5 16.35 0.99 -6.72
N LEU B 6 15.42 0.17 -6.25
CA LEU B 6 15.14 -0.02 -4.82
C LEU B 6 14.86 -1.51 -4.52
N ALA B 7 15.26 -1.97 -3.33
CA ALA B 7 15.10 -3.37 -2.92
C ALA B 7 13.81 -3.54 -2.10
N VAL B 8 12.85 -4.33 -2.58
CA VAL B 8 11.56 -4.58 -1.90
C VAL B 8 11.69 -5.83 -1.01
N HIS B 9 12.39 -5.69 0.13
CA HIS B 9 12.61 -6.80 1.07
C HIS B 9 11.28 -7.37 1.62
N GLY B 10 10.24 -6.55 1.71
CA GLY B 10 8.91 -6.88 2.24
C GLY B 10 7.92 -7.40 1.20
N MET B 11 8.39 -7.83 0.02
CA MET B 11 7.55 -8.34 -1.08
C MET B 11 6.76 -9.61 -0.72
N THR B 12 5.76 -9.96 -1.56
CA THR B 12 4.85 -11.09 -1.41
C THR B 12 4.02 -11.28 -2.69
N CYS B 13 3.73 -12.54 -3.02
CA CYS B 13 3.05 -13.05 -4.20
C CYS B 13 3.67 -12.55 -5.55
N SER B 14 2.83 -12.45 -6.58
CA SER B 14 3.22 -12.12 -7.97
C SER B 14 2.57 -10.82 -8.45
N ALA B 15 1.37 -10.86 -9.03
CA ALA B 15 0.62 -9.70 -9.54
C ALA B 15 0.31 -8.65 -8.44
N CYS B 16 0.30 -9.09 -7.18
CA CYS B 16 0.22 -8.24 -6.00
C CYS B 16 1.28 -7.11 -6.02
N THR B 17 2.52 -7.41 -6.43
CA THR B 17 3.61 -6.46 -6.54
C THR B 17 3.34 -5.36 -7.56
N ASN B 18 2.61 -5.63 -8.65
CA ASN B 18 2.29 -4.58 -9.62
C ASN B 18 1.33 -3.52 -9.06
N THR B 19 0.75 -3.71 -7.85
CA THR B 19 0.04 -2.65 -7.12
C THR B 19 0.94 -1.42 -6.93
N ILE B 20 2.27 -1.60 -6.86
CA ILE B 20 3.23 -0.48 -6.92
C ILE B 20 3.05 0.32 -8.22
N ASN B 21 3.04 -0.32 -9.39
CA ASN B 21 2.79 0.38 -10.65
C ASN B 21 1.36 0.94 -10.72
N THR B 22 0.34 0.22 -10.20
CA THR B 22 -1.02 0.77 -10.01
C THR B 22 -1.04 2.09 -9.21
N GLN B 23 -0.23 2.22 -8.15
CA GLN B 23 -0.09 3.47 -7.39
C GLN B 23 0.60 4.55 -8.20
N LEU B 24 1.77 4.27 -8.79
CA LEU B 24 2.58 5.26 -9.52
C LEU B 24 1.85 5.79 -10.77
N ARG B 25 1.10 4.93 -11.46
CA ARG B 25 0.19 5.27 -12.57
C ARG B 25 -1.06 6.07 -12.13
N ALA B 26 -1.26 6.32 -10.83
CA ALA B 26 -2.27 7.24 -10.29
C ALA B 26 -1.71 8.62 -9.87
N LEU B 27 -0.37 8.77 -9.84
CA LEU B 27 0.34 10.04 -9.62
C LEU B 27 0.64 10.73 -10.96
N LYS B 28 1.48 11.76 -10.96
CA LYS B 28 2.07 12.37 -12.15
C LYS B 28 3.61 12.44 -12.01
N GLY B 29 4.34 12.08 -13.07
CA GLY B 29 5.81 12.11 -13.13
C GLY B 29 6.48 10.79 -13.50
N VAL B 30 5.93 9.62 -13.13
CA VAL B 30 6.58 8.32 -13.35
C VAL B 30 6.43 7.88 -14.80
N THR B 31 7.55 7.62 -15.47
CA THR B 31 7.65 7.33 -16.91
C THR B 31 7.44 5.85 -17.21
N LYS B 32 7.99 4.96 -16.37
CA LYS B 32 7.93 3.49 -16.47
C LYS B 32 8.42 2.82 -15.18
N CYS B 33 7.85 1.67 -14.80
CA CYS B 33 8.28 0.85 -13.66
C CYS B 33 8.51 -0.62 -14.06
N ASP B 34 9.62 -1.24 -13.62
CA ASP B 34 9.93 -2.67 -13.82
C ASP B 34 10.46 -3.35 -12.55
N ILE B 35 9.72 -4.34 -12.07
CA ILE B 35 9.97 -5.15 -10.86
C ILE B 35 10.46 -6.55 -11.26
N SER B 36 11.61 -6.98 -10.75
CA SER B 36 12.20 -8.30 -11.02
C SER B 36 12.07 -9.24 -9.81
N LEU B 37 11.20 -10.24 -9.90
CA LEU B 37 10.88 -11.13 -8.77
C LEU B 37 12.01 -12.11 -8.39
N VAL B 38 12.98 -12.35 -9.29
CA VAL B 38 14.18 -13.15 -8.98
C VAL B 38 15.15 -12.40 -8.03
N THR B 39 15.11 -11.06 -8.00
CA THR B 39 16.06 -10.20 -7.28
C THR B 39 15.42 -9.21 -6.31
N ASN B 40 14.09 -9.16 -6.21
CA ASN B 40 13.29 -8.14 -5.49
C ASN B 40 13.62 -6.66 -5.81
N GLU B 41 14.29 -6.41 -6.93
CA GLU B 41 14.60 -5.07 -7.43
C GLU B 41 13.37 -4.45 -8.11
N CYS B 42 13.06 -3.20 -7.77
CA CYS B 42 12.04 -2.37 -8.43
C CYS B 42 12.75 -1.18 -9.11
N GLN B 43 12.59 -1.04 -10.44
CA GLN B 43 13.35 -0.13 -11.29
C GLN B 43 12.38 0.91 -11.84
N VAL B 44 12.41 2.09 -11.23
CA VAL B 44 11.54 3.24 -11.54
C VAL B 44 12.33 4.35 -12.24
N THR B 45 11.66 4.98 -13.19
CA THR B 45 12.15 6.07 -14.03
C THR B 45 11.09 7.16 -13.96
N TYR B 46 11.45 8.41 -13.68
CA TYR B 46 10.51 9.46 -13.32
C TYR B 46 11.07 10.85 -13.61
N ASP B 47 10.24 11.69 -14.20
CA ASP B 47 10.39 13.14 -14.17
C ASP B 47 10.10 13.70 -12.76
N ASN B 48 10.76 14.80 -12.42
CA ASN B 48 10.94 15.28 -11.04
C ASN B 48 9.67 15.84 -10.35
N GLU B 49 8.49 15.65 -10.95
CA GLU B 49 7.19 15.89 -10.32
C GLU B 49 6.91 14.97 -9.10
N VAL B 50 7.69 13.89 -8.95
CA VAL B 50 7.75 13.00 -7.78
C VAL B 50 9.22 12.87 -7.32
N THR B 51 9.46 12.38 -6.09
CA THR B 51 10.79 12.11 -5.51
C THR B 51 10.89 10.66 -5.02
N ALA B 52 12.09 10.08 -5.02
CA ALA B 52 12.31 8.69 -4.58
C ALA B 52 11.96 8.48 -3.09
N ASP B 53 12.04 9.54 -2.28
CA ASP B 53 11.61 9.52 -0.88
C ASP B 53 10.09 9.37 -0.74
N SER B 54 9.32 9.85 -1.72
CA SER B 54 7.87 9.56 -1.80
C SER B 54 7.62 8.11 -2.24
N ILE B 55 8.44 7.57 -3.16
CA ILE B 55 8.33 6.16 -3.57
C ILE B 55 8.56 5.23 -2.36
N LYS B 56 9.56 5.54 -1.52
CA LYS B 56 9.83 4.87 -0.24
C LYS B 56 8.72 5.06 0.83
N GLU B 57 7.70 5.88 0.57
CA GLU B 57 6.52 6.06 1.43
C GLU B 57 5.35 5.28 0.81
N ILE B 58 5.07 5.49 -0.48
CA ILE B 58 4.12 4.76 -1.34
C ILE B 58 4.26 3.24 -1.23
N ILE B 59 5.47 2.70 -1.40
CA ILE B 59 5.73 1.24 -1.37
C ILE B 59 5.54 0.68 0.04
N GLU B 60 5.82 1.49 1.06
CA GLU B 60 5.60 1.09 2.45
C GLU B 60 4.13 1.23 2.88
N ASP B 61 3.37 2.15 2.29
CA ASP B 61 1.91 2.22 2.45
C ASP B 61 1.14 1.27 1.51
N CYS B 62 1.79 0.72 0.48
CA CYS B 62 1.27 -0.44 -0.27
C CYS B 62 1.24 -1.70 0.60
N GLY B 63 2.17 -1.79 1.57
CA GLY B 63 2.32 -2.89 2.53
C GLY B 63 3.57 -3.74 2.34
N PHE B 64 4.63 -3.19 1.74
CA PHE B 64 5.93 -3.85 1.62
C PHE B 64 6.98 -3.14 2.51
N ASP B 65 8.28 -3.25 2.19
CA ASP B 65 9.40 -2.71 2.96
C ASP B 65 10.57 -2.55 2.00
N CYS B 66 11.32 -1.45 2.13
CA CYS B 66 12.32 -1.06 1.12
C CYS B 66 13.39 -0.05 1.57
N GLU B 67 14.50 -0.09 0.85
CA GLU B 67 15.55 0.92 0.81
C GLU B 67 15.82 1.25 -0.67
N ILE B 68 16.12 2.51 -0.94
CA ILE B 68 16.66 2.94 -2.24
C ILE B 68 18.04 2.30 -2.38
N LEU B 69 18.23 1.42 -3.36
CA LEU B 69 19.34 0.49 -3.44
C LEU B 69 20.50 1.18 -4.15
N ARG B 70 20.25 1.85 -5.29
CA ARG B 70 21.21 2.63 -6.06
C ARG B 70 20.47 3.67 -6.90
N ASP B 71 21.12 4.79 -7.16
CA ASP B 71 20.67 5.85 -8.07
C ASP B 71 20.76 5.53 -9.58
N SER B 72 20.78 4.22 -9.91
CA SER B 72 20.88 3.63 -11.26
C SER B 72 22.19 3.98 -11.96
CU CU1 C . -1.20 -12.62 -4.28
N MET A 1 -6.59 11.68 26.03
CA MET A 1 -7.66 10.74 26.39
C MET A 1 -8.38 10.23 25.14
N ALA A 2 -7.70 9.34 24.41
CA ALA A 2 -8.14 8.82 23.12
C ALA A 2 -9.29 7.81 23.24
N GLU A 3 -10.27 7.92 22.34
CA GLU A 3 -11.46 7.08 22.28
C GLU A 3 -11.56 6.33 20.94
N ILE A 4 -12.05 5.09 20.98
CA ILE A 4 -12.04 4.13 19.87
C ILE A 4 -13.30 4.25 18.99
N LYS A 5 -13.11 4.07 17.69
CA LYS A 5 -14.14 3.97 16.64
C LYS A 5 -14.06 2.61 15.92
N HIS A 6 -15.07 2.29 15.12
CA HIS A 6 -15.23 1.01 14.41
C HIS A 6 -15.59 1.22 12.92
N TYR A 7 -14.92 0.52 12.00
CA TYR A 7 -15.04 0.67 10.54
C TYR A 7 -14.98 -0.68 9.82
N GLN A 8 -15.68 -0.82 8.69
CA GLN A 8 -15.68 -2.03 7.85
C GLN A 8 -15.71 -1.67 6.36
N PHE A 9 -15.07 -2.51 5.55
CA PHE A 9 -14.96 -2.38 4.10
C PHE A 9 -15.02 -3.75 3.40
N ASN A 10 -15.64 -3.80 2.22
CA ASN A 10 -15.46 -4.86 1.23
C ASN A 10 -14.35 -4.44 0.25
N VAL A 11 -13.27 -5.23 0.17
CA VAL A 11 -12.01 -4.88 -0.51
C VAL A 11 -11.68 -5.94 -1.56
N VAL A 12 -11.21 -5.51 -2.74
CA VAL A 12 -10.76 -6.42 -3.80
C VAL A 12 -9.44 -7.06 -3.38
N MET A 13 -9.48 -8.36 -3.09
CA MET A 13 -8.30 -9.15 -2.68
C MET A 13 -8.24 -10.44 -3.52
N THR A 14 -7.42 -10.37 -4.58
CA THR A 14 -7.34 -11.32 -5.71
C THR A 14 -6.37 -12.46 -5.44
N CYS A 15 -5.14 -12.13 -5.06
CA CYS A 15 -4.02 -13.06 -5.04
C CYS A 15 -3.86 -13.82 -3.70
N SER A 16 -2.67 -14.38 -3.49
CA SER A 16 -2.24 -15.13 -2.30
C SER A 16 -1.52 -14.25 -1.25
N GLY A 17 -1.18 -13.00 -1.58
CA GLY A 17 -0.41 -12.08 -0.72
C GLY A 17 -1.14 -10.81 -0.29
N CYS A 18 -2.25 -10.43 -0.92
CA CYS A 18 -2.95 -9.16 -0.66
C CYS A 18 -3.55 -9.08 0.76
N SER A 19 -4.14 -10.18 1.22
CA SER A 19 -4.62 -10.39 2.61
C SER A 19 -3.53 -10.21 3.68
N GLY A 20 -2.25 -10.36 3.32
CA GLY A 20 -1.10 -10.01 4.15
C GLY A 20 -0.68 -8.56 3.95
N ALA A 21 -0.65 -8.07 2.70
CA ALA A 21 -0.27 -6.70 2.37
C ALA A 21 -1.20 -5.67 3.02
N VAL A 22 -2.52 -5.90 2.98
CA VAL A 22 -3.50 -5.03 3.64
C VAL A 22 -3.27 -4.99 5.16
N ASN A 23 -3.03 -6.14 5.81
CA ASN A 23 -2.67 -6.20 7.23
C ASN A 23 -1.38 -5.40 7.51
N LYS A 24 -0.37 -5.54 6.65
CA LYS A 24 0.93 -4.86 6.75
C LYS A 24 0.84 -3.32 6.69
N VAL A 25 -0.23 -2.75 6.13
CA VAL A 25 -0.51 -1.29 6.23
C VAL A 25 -0.92 -0.89 7.66
N LEU A 26 -1.83 -1.64 8.29
CA LEU A 26 -2.42 -1.31 9.59
C LEU A 26 -1.49 -1.63 10.78
N THR A 27 -0.68 -2.69 10.72
CA THR A 27 0.31 -3.06 11.74
C THR A 27 1.44 -2.05 11.93
N LYS A 28 1.62 -1.15 10.98
CA LYS A 28 2.51 0.02 11.12
C LYS A 28 1.91 1.15 11.99
N LEU A 29 0.65 1.01 12.44
CA LEU A 29 -0.12 2.01 13.19
C LEU A 29 -0.67 1.46 14.53
N GLU A 30 -0.10 0.39 15.10
CA GLU A 30 -0.57 -0.18 16.37
C GLU A 30 -0.63 0.78 17.57
N PRO A 31 0.15 1.89 17.64
CA PRO A 31 -0.05 2.87 18.69
C PRO A 31 -1.44 3.51 18.66
N ASP A 32 -2.12 3.54 17.50
CA ASP A 32 -3.45 4.18 17.32
C ASP A 32 -4.55 3.22 16.79
N VAL A 33 -4.19 2.12 16.12
CA VAL A 33 -5.10 1.05 15.69
C VAL A 33 -5.22 -0.01 16.78
N SER A 34 -6.45 -0.41 17.10
CA SER A 34 -6.82 -1.21 18.28
C SER A 34 -6.99 -2.70 17.97
N LYS A 35 -7.59 -3.06 16.83
CA LYS A 35 -7.88 -4.45 16.42
C LYS A 35 -8.15 -4.57 14.92
N ILE A 36 -7.74 -5.68 14.29
CA ILE A 36 -7.83 -5.93 12.84
C ILE A 36 -8.36 -7.36 12.60
N ASP A 37 -9.19 -7.60 11.58
CA ASP A 37 -9.43 -8.95 11.05
C ASP A 37 -9.71 -8.95 9.54
N ILE A 38 -8.94 -9.74 8.77
CA ILE A 38 -9.06 -9.83 7.31
C ILE A 38 -9.79 -11.13 6.91
N SER A 39 -10.95 -11.06 6.25
CA SER A 39 -11.71 -12.23 5.79
C SER A 39 -11.72 -12.31 4.25
N LEU A 40 -10.76 -13.05 3.68
CA LEU A 40 -10.55 -13.19 2.23
C LEU A 40 -11.75 -13.77 1.49
N GLU A 41 -12.40 -14.82 2.02
CA GLU A 41 -13.55 -15.49 1.40
C GLU A 41 -14.82 -14.62 1.42
N LYS A 42 -14.93 -13.74 2.42
CA LYS A 42 -15.98 -12.70 2.48
C LYS A 42 -15.57 -11.38 1.80
N GLN A 43 -14.32 -11.29 1.31
CA GLN A 43 -13.65 -10.08 0.82
C GLN A 43 -13.72 -8.87 1.78
N LEU A 44 -13.84 -9.14 3.09
CA LEU A 44 -14.04 -8.12 4.13
C LEU A 44 -12.76 -7.77 4.88
N VAL A 45 -12.74 -6.53 5.33
CA VAL A 45 -11.76 -5.97 6.27
C VAL A 45 -12.52 -5.32 7.44
N ASP A 46 -12.17 -5.70 8.66
CA ASP A 46 -12.77 -5.24 9.92
C ASP A 46 -11.73 -4.52 10.79
N VAL A 47 -12.07 -3.32 11.30
CA VAL A 47 -11.12 -2.42 11.98
C VAL A 47 -11.75 -1.76 13.20
N TYR A 48 -10.95 -1.64 14.27
CA TYR A 48 -11.14 -0.72 15.40
C TYR A 48 -9.88 0.15 15.59
N THR A 49 -10.03 1.45 15.87
CA THR A 49 -8.92 2.44 15.95
C THR A 49 -9.41 3.77 16.54
N THR A 50 -8.50 4.55 17.12
CA THR A 50 -8.74 5.94 17.58
C THR A 50 -8.64 6.97 16.44
N LEU A 51 -8.19 6.56 15.24
CA LEU A 51 -8.00 7.43 14.07
C LEU A 51 -9.33 7.84 13.41
N PRO A 52 -9.42 9.03 12.79
CA PRO A 52 -10.61 9.50 12.08
C PRO A 52 -10.77 8.84 10.72
N TYR A 53 -12.02 8.68 10.26
CA TYR A 53 -12.35 7.94 9.04
C TYR A 53 -11.74 8.56 7.78
N ASP A 54 -11.71 9.90 7.71
CA ASP A 54 -11.17 10.67 6.59
C ASP A 54 -9.70 10.33 6.28
N PHE A 55 -8.90 10.01 7.30
CA PHE A 55 -7.51 9.60 7.13
C PHE A 55 -7.39 8.17 6.55
N ILE A 56 -8.34 7.29 6.87
CA ILE A 56 -8.38 5.91 6.35
C ILE A 56 -8.72 5.91 4.85
N LEU A 57 -9.66 6.76 4.40
CA LEU A 57 -10.03 6.88 2.99
C LEU A 57 -8.86 7.34 2.11
N GLU A 58 -7.99 8.19 2.65
CA GLU A 58 -6.74 8.63 2.03
C GLU A 58 -5.64 7.56 2.05
N LYS A 59 -5.56 6.71 3.08
CA LYS A 59 -4.71 5.51 3.03
C LYS A 59 -5.22 4.49 2.02
N ILE A 60 -6.54 4.34 1.84
CA ILE A 60 -7.15 3.53 0.76
C ILE A 60 -6.81 4.09 -0.62
N LYS A 61 -6.81 5.41 -0.81
CA LYS A 61 -6.33 6.06 -2.04
C LYS A 61 -4.83 5.78 -2.27
N LYS A 62 -4.01 5.86 -1.21
CA LYS A 62 -2.56 5.56 -1.27
C LYS A 62 -2.22 4.08 -1.55
N THR A 63 -2.94 3.09 -0.96
CA THR A 63 -2.60 1.65 -1.04
C THR A 63 -2.95 0.98 -2.37
N GLY A 64 -3.73 1.64 -3.24
CA GLY A 64 -4.03 1.23 -4.62
C GLY A 64 -5.09 0.15 -4.77
N LYS A 65 -5.31 -0.69 -3.75
CA LYS A 65 -6.29 -1.78 -3.77
C LYS A 65 -7.72 -1.24 -3.93
N GLU A 66 -8.51 -1.81 -4.83
CA GLU A 66 -9.89 -1.38 -5.08
C GLU A 66 -10.85 -1.80 -3.95
N VAL A 67 -11.91 -1.03 -3.74
CA VAL A 67 -13.00 -1.35 -2.79
C VAL A 67 -14.35 -1.46 -3.51
N ARG A 68 -15.24 -2.30 -2.97
CA ARG A 68 -16.60 -2.53 -3.49
C ARG A 68 -17.68 -1.80 -2.67
N SER A 69 -17.48 -1.63 -1.37
CA SER A 69 -18.43 -0.99 -0.42
C SER A 69 -17.76 -0.81 0.96
N GLY A 70 -18.39 -0.06 1.87
CA GLY A 70 -17.87 0.17 3.23
C GLY A 70 -18.56 1.30 3.98
N LYS A 71 -18.36 1.35 5.31
CA LYS A 71 -19.03 2.30 6.24
C LYS A 71 -18.41 2.31 7.65
N GLN A 72 -18.86 3.27 8.47
CA GLN A 72 -18.56 3.43 9.88
C GLN A 72 -19.68 2.86 10.76
N LEU A 73 -19.31 2.30 11.92
CA LEU A 73 -20.20 1.57 12.85
C LEU A 73 -20.14 2.11 14.28
N ALA B 1 15.07 14.83 -16.16
CA ALA B 1 14.74 13.42 -15.86
C ALA B 1 15.61 12.89 -14.72
N ARG B 2 15.55 11.58 -14.43
CA ARG B 2 16.12 10.88 -13.28
C ARG B 2 15.77 9.38 -13.43
N GLU B 3 16.61 8.50 -12.92
CA GLU B 3 16.41 7.05 -12.80
C GLU B 3 16.97 6.51 -11.46
N VAL B 4 16.33 5.47 -10.93
CA VAL B 4 16.70 4.77 -9.68
C VAL B 4 16.24 3.30 -9.70
N ILE B 5 16.84 2.47 -8.84
CA ILE B 5 16.32 1.15 -8.49
C ILE B 5 16.12 1.07 -6.98
N LEU B 6 14.99 0.50 -6.55
CA LEU B 6 14.58 0.30 -5.17
C LEU B 6 14.56 -1.20 -4.86
N ALA B 7 14.75 -1.56 -3.58
CA ALA B 7 14.34 -2.86 -3.05
C ALA B 7 12.91 -2.76 -2.49
N VAL B 8 12.06 -3.77 -2.72
CA VAL B 8 10.65 -3.88 -2.28
C VAL B 8 10.39 -5.35 -1.90
N HIS B 9 10.67 -5.70 -0.64
CA HIS B 9 10.87 -7.09 -0.18
C HIS B 9 9.63 -8.00 -0.16
N GLY B 10 8.42 -7.43 -0.28
CA GLY B 10 7.15 -8.12 -0.03
C GLY B 10 6.47 -8.72 -1.26
N MET B 11 7.10 -8.72 -2.43
CA MET B 11 6.52 -9.30 -3.67
C MET B 11 6.80 -10.81 -3.78
N THR B 12 5.94 -11.52 -4.52
CA THR B 12 5.91 -12.97 -4.82
C THR B 12 4.57 -13.39 -5.43
N CYS B 13 3.48 -12.79 -4.94
CA CYS B 13 2.11 -12.94 -5.41
C CYS B 13 1.82 -12.27 -6.78
N SER B 14 0.70 -12.63 -7.40
CA SER B 14 0.44 -12.40 -8.83
C SER B 14 -0.30 -11.10 -9.18
N ALA B 15 -0.60 -10.22 -8.21
CA ALA B 15 -1.31 -8.95 -8.50
C ALA B 15 -0.84 -7.73 -7.70
N CYS B 16 -0.21 -7.88 -6.52
CA CYS B 16 0.30 -6.74 -5.75
C CYS B 16 1.42 -5.98 -6.50
N THR B 17 2.10 -6.66 -7.44
CA THR B 17 3.11 -6.10 -8.32
C THR B 17 2.58 -4.96 -9.17
N ASN B 18 1.42 -5.12 -9.80
CA ASN B 18 0.89 -4.07 -10.66
C ASN B 18 0.52 -2.84 -9.82
N THR B 19 0.13 -3.03 -8.55
CA THR B 19 -0.14 -1.94 -7.60
C THR B 19 1.05 -1.01 -7.47
N ILE B 20 2.29 -1.52 -7.57
CA ILE B 20 3.50 -0.66 -7.53
C ILE B 20 3.47 0.30 -8.72
N ASN B 21 3.33 -0.23 -9.93
CA ASN B 21 3.25 0.54 -11.17
C ASN B 21 2.02 1.45 -11.22
N THR B 22 0.79 0.92 -11.04
CA THR B 22 -0.48 1.67 -11.01
C THR B 22 -0.41 2.91 -10.10
N GLN B 23 0.25 2.81 -8.95
CA GLN B 23 0.36 3.93 -8.01
C GLN B 23 1.56 4.84 -8.30
N LEU B 24 2.79 4.32 -8.42
CA LEU B 24 3.95 5.20 -8.55
C LEU B 24 4.06 5.83 -9.95
N ARG B 25 3.57 5.17 -11.02
CA ARG B 25 3.47 5.79 -12.35
C ARG B 25 2.61 7.07 -12.35
N ALA B 26 1.68 7.22 -11.40
CA ALA B 26 0.81 8.39 -11.24
C ALA B 26 1.44 9.56 -10.44
N LEU B 27 2.67 9.43 -9.94
CA LEU B 27 3.38 10.50 -9.25
C LEU B 27 3.98 11.49 -10.25
N LYS B 28 3.77 12.78 -10.00
CA LYS B 28 4.18 13.88 -10.88
C LYS B 28 5.71 13.90 -11.04
N GLY B 29 6.18 13.69 -12.27
CA GLY B 29 7.58 13.47 -12.64
C GLY B 29 7.89 12.05 -13.10
N VAL B 30 7.13 11.02 -12.70
CA VAL B 30 7.40 9.62 -13.10
C VAL B 30 7.00 9.38 -14.57
N THR B 31 7.87 8.65 -15.29
CA THR B 31 7.71 8.31 -16.72
C THR B 31 7.34 6.84 -16.89
N LYS B 32 7.95 5.93 -16.13
CA LYS B 32 7.69 4.48 -16.16
C LYS B 32 8.27 3.74 -14.93
N CYS B 33 7.76 2.54 -14.68
CA CYS B 33 8.09 1.63 -13.57
C CYS B 33 8.18 0.18 -14.06
N ASP B 34 9.25 -0.51 -13.72
CA ASP B 34 9.47 -1.94 -13.97
C ASP B 34 9.96 -2.64 -12.69
N ILE B 35 9.95 -3.97 -12.67
CA ILE B 35 10.19 -4.82 -11.50
C ILE B 35 10.85 -6.16 -11.85
N SER B 36 11.33 -6.88 -10.84
CA SER B 36 11.71 -8.29 -10.92
C SER B 36 11.26 -9.08 -9.67
N LEU B 37 10.26 -9.96 -9.85
CA LEU B 37 9.60 -10.75 -8.79
C LEU B 37 10.52 -11.67 -7.97
N VAL B 38 11.60 -12.18 -8.55
CA VAL B 38 12.51 -13.11 -7.86
C VAL B 38 13.51 -12.34 -6.98
N THR B 39 13.94 -11.14 -7.39
CA THR B 39 15.01 -10.36 -6.75
C THR B 39 14.49 -9.22 -5.88
N ASN B 40 13.18 -8.94 -5.91
CA ASN B 40 12.49 -7.88 -5.16
C ASN B 40 12.92 -6.46 -5.59
N GLU B 41 13.40 -6.33 -6.83
CA GLU B 41 13.86 -5.10 -7.45
C GLU B 41 12.71 -4.32 -8.12
N CYS B 42 12.75 -2.99 -8.05
CA CYS B 42 11.86 -2.07 -8.79
C CYS B 42 12.70 -0.97 -9.46
N GLN B 43 12.67 -0.81 -10.78
CA GLN B 43 13.47 0.16 -11.53
C GLN B 43 12.50 1.20 -12.10
N VAL B 44 12.68 2.43 -11.64
CA VAL B 44 11.82 3.60 -11.90
C VAL B 44 12.60 4.68 -12.66
N THR B 45 11.92 5.29 -13.62
CA THR B 45 12.40 6.32 -14.55
C THR B 45 11.47 7.52 -14.37
N TYR B 46 12.02 8.68 -14.02
CA TYR B 46 11.23 9.81 -13.53
C TYR B 46 11.88 11.17 -13.82
N ASP B 47 11.72 12.09 -12.88
CA ASP B 47 12.14 13.49 -12.84
C ASP B 47 11.84 14.11 -11.47
N ASN B 48 12.63 15.11 -11.14
CA ASN B 48 12.85 15.56 -9.76
C ASN B 48 11.69 16.37 -9.14
N GLU B 49 10.54 16.45 -9.82
CA GLU B 49 9.25 16.90 -9.25
C GLU B 49 8.73 15.96 -8.13
N VAL B 50 9.23 14.72 -8.06
CA VAL B 50 9.08 13.81 -6.92
C VAL B 50 10.42 13.12 -6.64
N THR B 51 10.59 12.61 -5.41
CA THR B 51 11.82 11.94 -4.92
C THR B 51 11.54 10.50 -4.49
N ALA B 52 12.60 9.67 -4.45
CA ALA B 52 12.51 8.26 -4.03
C ALA B 52 12.09 8.07 -2.56
N ASP B 53 12.15 9.13 -1.75
CA ASP B 53 11.62 9.17 -0.38
C ASP B 53 10.08 9.20 -0.33
N SER B 54 9.43 9.91 -1.26
CA SER B 54 7.96 9.87 -1.40
C SER B 54 7.51 8.49 -1.87
N ILE B 55 8.25 7.86 -2.78
CA ILE B 55 7.99 6.47 -3.20
C ILE B 55 8.07 5.53 -1.99
N LYS B 56 9.06 5.72 -1.11
CA LYS B 56 9.20 4.98 0.16
C LYS B 56 8.09 5.26 1.19
N GLU B 57 7.17 6.20 0.95
CA GLU B 57 5.97 6.38 1.76
C GLU B 57 4.82 5.64 1.09
N ILE B 58 4.57 5.92 -0.19
CA ILE B 58 3.52 5.30 -1.02
C ILE B 58 3.63 3.78 -1.06
N ILE B 59 4.81 3.22 -1.34
CA ILE B 59 5.02 1.78 -1.44
C ILE B 59 5.04 1.10 -0.06
N GLU B 60 5.36 1.86 0.99
CA GLU B 60 5.13 1.39 2.36
C GLU B 60 3.65 1.45 2.77
N ASP B 61 2.85 2.37 2.20
CA ASP B 61 1.39 2.40 2.32
C ASP B 61 0.67 1.40 1.39
N CYS B 62 1.33 0.91 0.34
CA CYS B 62 0.90 -0.26 -0.43
C CYS B 62 1.08 -1.59 0.32
N GLY B 63 1.79 -1.60 1.46
CA GLY B 63 1.93 -2.76 2.35
C GLY B 63 3.20 -3.59 2.13
N PHE B 64 4.24 -3.02 1.50
CA PHE B 64 5.56 -3.63 1.35
C PHE B 64 6.53 -3.06 2.42
N ASP B 65 7.80 -3.41 2.25
CA ASP B 65 8.96 -2.85 2.95
C ASP B 65 10.03 -2.58 1.90
N CYS B 66 10.62 -1.39 1.97
CA CYS B 66 11.30 -0.82 0.81
C CYS B 66 12.23 0.36 1.13
N GLU B 67 13.11 0.65 0.17
CA GLU B 67 14.09 1.74 0.16
C GLU B 67 14.77 1.84 -1.21
N ILE B 68 15.29 3.02 -1.51
CA ILE B 68 16.31 3.24 -2.54
C ILE B 68 17.48 2.24 -2.39
N LEU B 69 17.82 1.52 -3.46
CA LEU B 69 18.86 0.50 -3.47
C LEU B 69 20.13 1.08 -4.12
N ARG B 70 20.03 1.73 -5.29
CA ARG B 70 21.08 2.49 -5.97
C ARG B 70 20.49 3.26 -7.17
N ASP B 71 21.35 4.03 -7.82
CA ASP B 71 21.07 4.89 -8.97
C ASP B 71 21.31 4.15 -10.31
N SER B 72 20.46 3.17 -10.64
CA SER B 72 20.52 2.39 -11.91
C SER B 72 19.74 3.01 -13.09
CU CU1 C . -0.61 -10.02 -3.14
N MET A 1 -10.41 12.72 19.49
CA MET A 1 -11.47 12.06 20.29
C MET A 1 -10.90 10.86 21.02
N ALA A 2 -11.48 10.49 22.16
CA ALA A 2 -10.98 9.44 23.05
C ALA A 2 -11.54 8.04 22.72
N GLU A 3 -12.81 7.95 22.30
CA GLU A 3 -13.52 6.68 22.15
C GLU A 3 -13.19 5.93 20.86
N ILE A 4 -13.08 4.60 20.97
CA ILE A 4 -12.82 3.69 19.87
C ILE A 4 -14.09 3.46 19.04
N LYS A 5 -13.96 3.61 17.73
CA LYS A 5 -14.90 3.15 16.71
C LYS A 5 -14.47 1.80 16.13
N HIS A 6 -15.46 1.02 15.66
CA HIS A 6 -15.26 -0.18 14.85
C HIS A 6 -15.80 0.05 13.42
N TYR A 7 -15.00 -0.35 12.43
CA TYR A 7 -15.36 -0.32 11.00
C TYR A 7 -15.19 -1.71 10.38
N GLN A 8 -16.06 -2.06 9.43
CA GLN A 8 -16.03 -3.35 8.74
C GLN A 8 -16.21 -3.15 7.23
N PHE A 9 -15.20 -3.53 6.46
CA PHE A 9 -15.13 -3.32 5.02
C PHE A 9 -15.13 -4.67 4.27
N ASN A 10 -15.94 -4.75 3.22
CA ASN A 10 -15.91 -5.78 2.19
C ASN A 10 -15.15 -5.20 0.99
N VAL A 11 -14.06 -5.83 0.53
CA VAL A 11 -13.03 -5.20 -0.34
C VAL A 11 -12.57 -6.19 -1.42
N VAL A 12 -12.26 -5.71 -2.62
CA VAL A 12 -11.72 -6.53 -3.72
C VAL A 12 -10.32 -7.06 -3.34
N MET A 13 -10.17 -8.38 -3.23
CA MET A 13 -8.90 -9.04 -2.86
C MET A 13 -8.66 -10.36 -3.63
N THR A 14 -7.40 -10.61 -4.02
CA THR A 14 -6.97 -11.64 -4.98
C THR A 14 -5.67 -12.35 -4.58
N CYS A 15 -4.83 -11.75 -3.73
CA CYS A 15 -3.59 -12.34 -3.23
C CYS A 15 -3.27 -11.85 -1.79
N SER A 16 -2.71 -12.72 -0.95
CA SER A 16 -2.35 -12.44 0.45
C SER A 16 -1.28 -11.36 0.64
N GLY A 17 -0.42 -11.12 -0.36
CA GLY A 17 0.53 -10.00 -0.37
C GLY A 17 -0.14 -8.69 -0.77
N CYS A 18 -0.98 -8.74 -1.81
CA CYS A 18 -1.78 -7.63 -2.31
C CYS A 18 -2.86 -7.15 -1.30
N SER A 19 -3.41 -8.04 -0.49
CA SER A 19 -4.29 -7.69 0.65
C SER A 19 -3.49 -7.31 1.89
N GLY A 20 -2.41 -8.05 2.21
CA GLY A 20 -1.54 -7.83 3.36
C GLY A 20 -0.87 -6.44 3.35
N ALA A 21 -0.82 -5.78 2.19
CA ALA A 21 -0.57 -4.34 2.08
C ALA A 21 -1.47 -3.51 3.03
N VAL A 22 -2.77 -3.81 3.15
CA VAL A 22 -3.71 -3.08 4.01
C VAL A 22 -3.30 -3.19 5.49
N ASN A 23 -3.00 -4.43 5.94
CA ASN A 23 -2.40 -4.68 7.25
C ASN A 23 -1.11 -3.87 7.44
N LYS A 24 -0.14 -4.00 6.52
CA LYS A 24 1.18 -3.37 6.61
C LYS A 24 1.17 -1.84 6.41
N VAL A 25 0.15 -1.24 5.78
CA VAL A 25 -0.14 0.21 5.84
C VAL A 25 -0.60 0.61 7.24
N LEU A 26 -1.65 -0.04 7.77
CA LEU A 26 -2.34 0.41 8.99
C LEU A 26 -1.60 0.09 10.30
N THR A 27 -0.61 -0.82 10.27
CA THR A 27 0.39 -0.99 11.34
C THR A 27 1.16 0.31 11.63
N LYS A 28 1.30 1.22 10.67
CA LYS A 28 1.95 2.54 10.88
C LYS A 28 1.24 3.44 11.90
N LEU A 29 0.03 3.06 12.33
CA LEU A 29 -0.87 3.83 13.18
C LEU A 29 -1.13 3.16 14.54
N GLU A 30 -0.27 2.27 15.06
CA GLU A 30 -0.49 1.58 16.34
C GLU A 30 -0.92 2.44 17.55
N PRO A 31 -0.44 3.70 17.70
CA PRO A 31 -0.90 4.56 18.80
C PRO A 31 -2.38 4.98 18.69
N ASP A 32 -3.03 4.78 17.54
CA ASP A 32 -4.38 5.26 17.21
C ASP A 32 -5.32 4.17 16.63
N VAL A 33 -4.78 3.18 15.92
CA VAL A 33 -5.47 2.00 15.37
C VAL A 33 -5.01 0.78 16.17
N SER A 34 -5.93 0.11 16.84
CA SER A 34 -5.62 -0.93 17.83
C SER A 34 -5.50 -2.35 17.23
N LYS A 35 -6.30 -2.67 16.20
CA LYS A 35 -6.25 -3.95 15.48
C LYS A 35 -6.78 -3.85 14.03
N ILE A 36 -6.13 -4.56 13.10
CA ILE A 36 -6.64 -4.88 11.76
C ILE A 36 -6.65 -6.41 11.57
N ASP A 37 -7.70 -6.97 10.98
CA ASP A 37 -7.89 -8.42 10.81
C ASP A 37 -8.64 -8.76 9.50
N ILE A 38 -7.95 -9.42 8.58
CA ILE A 38 -8.44 -9.72 7.21
C ILE A 38 -8.99 -11.16 7.10
N SER A 39 -10.05 -11.35 6.33
CA SER A 39 -10.62 -12.64 5.93
C SER A 39 -10.88 -12.66 4.41
N LEU A 40 -9.88 -13.06 3.61
CA LEU A 40 -9.84 -12.88 2.16
C LEU A 40 -10.90 -13.70 1.40
N GLU A 41 -11.19 -14.93 1.82
CA GLU A 41 -12.14 -15.82 1.13
C GLU A 41 -13.56 -15.22 1.16
N LYS A 42 -13.93 -14.58 2.27
CA LYS A 42 -15.18 -13.83 2.43
C LYS A 42 -15.02 -12.33 2.11
N GLN A 43 -13.88 -11.93 1.53
CA GLN A 43 -13.55 -10.58 1.05
C GLN A 43 -13.64 -9.46 2.11
N LEU A 44 -13.53 -9.81 3.39
CA LEU A 44 -13.76 -8.91 4.53
C LEU A 44 -12.46 -8.44 5.22
N VAL A 45 -12.54 -7.26 5.82
CA VAL A 45 -11.54 -6.65 6.71
C VAL A 45 -12.26 -6.01 7.90
N ASP A 46 -11.81 -6.31 9.12
CA ASP A 46 -12.24 -5.67 10.37
C ASP A 46 -11.16 -4.67 10.86
N VAL A 47 -11.59 -3.47 11.29
CA VAL A 47 -10.71 -2.39 11.79
C VAL A 47 -11.27 -1.82 13.10
N TYR A 48 -10.38 -1.50 14.05
CA TYR A 48 -10.68 -0.83 15.33
C TYR A 48 -9.72 0.36 15.57
N THR A 49 -10.24 1.56 15.89
CA THR A 49 -9.46 2.81 15.97
C THR A 49 -10.23 3.97 16.61
N THR A 50 -9.51 4.95 17.16
CA THR A 50 -10.04 6.26 17.59
C THR A 50 -10.14 7.28 16.45
N LEU A 51 -9.63 6.99 15.24
CA LEU A 51 -9.57 7.89 14.08
C LEU A 51 -10.93 8.12 13.39
N PRO A 52 -11.05 9.16 12.53
CA PRO A 52 -12.22 9.38 11.67
C PRO A 52 -12.45 8.24 10.68
N TYR A 53 -13.71 7.99 10.32
CA TYR A 53 -14.11 6.98 9.33
C TYR A 53 -13.63 7.36 7.92
N ASP A 54 -13.85 8.61 7.50
CA ASP A 54 -13.44 9.14 6.20
C ASP A 54 -11.92 9.16 6.00
N PHE A 55 -11.14 9.17 7.10
CA PHE A 55 -9.69 9.06 7.04
C PHE A 55 -9.27 7.66 6.55
N ILE A 56 -9.93 6.59 7.02
CA ILE A 56 -9.58 5.20 6.68
C ILE A 56 -9.89 4.88 5.21
N LEU A 57 -10.96 5.44 4.64
CA LEU A 57 -11.36 5.22 3.24
C LEU A 57 -10.22 5.50 2.25
N GLU A 58 -9.47 6.58 2.47
CA GLU A 58 -8.33 6.99 1.67
C GLU A 58 -7.06 6.16 1.93
N LYS A 59 -6.85 5.64 3.15
CA LYS A 59 -5.73 4.71 3.42
C LYS A 59 -5.96 3.37 2.71
N ILE A 60 -7.22 2.89 2.67
CA ILE A 60 -7.60 1.70 1.87
C ILE A 60 -7.40 1.99 0.38
N LYS A 61 -7.93 3.09 -0.15
CA LYS A 61 -7.77 3.48 -1.56
C LYS A 61 -6.28 3.52 -2.00
N LYS A 62 -5.37 4.01 -1.14
CA LYS A 62 -3.92 4.03 -1.42
C LYS A 62 -3.36 2.63 -1.76
N THR A 63 -3.93 1.54 -1.22
CA THR A 63 -3.55 0.14 -1.52
C THR A 63 -4.09 -0.38 -2.86
N GLY A 64 -4.50 0.52 -3.77
CA GLY A 64 -4.72 0.25 -5.19
C GLY A 64 -6.01 -0.50 -5.51
N LYS A 65 -6.91 -0.68 -4.53
CA LYS A 65 -8.03 -1.61 -4.62
C LYS A 65 -9.41 -0.99 -4.32
N GLU A 66 -10.46 -1.56 -4.92
CA GLU A 66 -11.83 -1.10 -4.74
C GLU A 66 -12.52 -1.74 -3.52
N VAL A 67 -13.30 -0.92 -2.80
CA VAL A 67 -14.17 -1.33 -1.70
C VAL A 67 -15.55 -1.70 -2.26
N ARG A 68 -16.01 -2.91 -1.94
CA ARG A 68 -17.32 -3.44 -2.32
C ARG A 68 -18.45 -2.87 -1.43
N SER A 69 -18.26 -2.75 -0.12
CA SER A 69 -19.09 -1.95 0.80
C SER A 69 -18.47 -1.80 2.20
N GLY A 70 -18.72 -0.69 2.91
CA GLY A 70 -18.19 -0.39 4.25
C GLY A 70 -19.27 0.00 5.26
N LYS A 71 -19.12 -0.47 6.50
CA LYS A 71 -20.04 -0.18 7.62
C LYS A 71 -19.35 0.43 8.85
N GLN A 72 -20.10 1.21 9.61
CA GLN A 72 -19.80 1.70 10.94
C GLN A 72 -20.65 0.92 11.96
N LEU A 73 -20.03 0.35 12.99
CA LEU A 73 -20.67 -0.61 13.92
C LEU A 73 -20.73 -0.09 15.34
N ALA B 1 16.94 13.91 -15.79
CA ALA B 1 16.37 12.60 -15.44
C ALA B 1 16.95 12.11 -14.11
N ARG B 2 16.56 10.91 -13.66
CA ARG B 2 16.90 10.26 -12.42
C ARG B 2 16.44 8.81 -12.51
N GLU B 3 17.18 7.93 -11.87
CA GLU B 3 17.00 6.48 -11.87
C GLU B 3 17.11 5.90 -10.45
N VAL B 4 16.43 4.77 -10.23
CA VAL B 4 16.47 4.01 -8.98
C VAL B 4 15.95 2.58 -9.18
N ILE B 5 16.67 1.61 -8.62
CA ILE B 5 16.27 0.22 -8.55
C ILE B 5 16.16 -0.15 -7.06
N LEU B 6 15.11 -0.87 -6.69
CA LEU B 6 14.82 -1.25 -5.30
C LEU B 6 14.35 -2.70 -5.21
N ALA B 7 14.74 -3.45 -4.17
CA ALA B 7 14.18 -4.79 -3.96
C ALA B 7 12.95 -4.70 -3.04
N VAL B 8 11.75 -4.96 -3.58
CA VAL B 8 10.48 -4.87 -2.84
C VAL B 8 10.13 -6.22 -2.18
N HIS B 9 10.16 -6.24 -0.84
CA HIS B 9 10.02 -7.45 -0.02
C HIS B 9 8.56 -7.94 0.13
N GLY B 10 7.58 -7.20 -0.41
CA GLY B 10 6.15 -7.36 -0.08
C GLY B 10 5.24 -7.93 -1.18
N MET B 11 5.80 -8.31 -2.34
CA MET B 11 5.05 -8.72 -3.53
C MET B 11 5.10 -10.23 -3.81
N THR B 12 4.05 -10.77 -4.46
CA THR B 12 3.87 -12.21 -4.70
C THR B 12 3.67 -12.53 -6.18
N CYS B 13 2.77 -11.81 -6.85
CA CYS B 13 2.29 -12.10 -8.20
C CYS B 13 1.97 -10.83 -9.03
N SER B 14 1.31 -11.02 -10.17
CA SER B 14 0.87 -9.97 -11.09
C SER B 14 -0.32 -9.14 -10.58
N ALA B 15 -0.79 -9.39 -9.34
CA ALA B 15 -1.66 -8.48 -8.60
C ALA B 15 -0.82 -7.52 -7.75
N CYS B 16 0.14 -8.06 -7.02
CA CYS B 16 1.07 -7.33 -6.18
C CYS B 16 1.85 -6.25 -6.98
N THR B 17 2.28 -6.55 -8.22
CA THR B 17 3.07 -5.66 -9.07
C THR B 17 2.29 -4.44 -9.49
N ASN B 18 1.10 -4.57 -10.08
CA ASN B 18 0.33 -3.39 -10.47
C ASN B 18 -0.26 -2.63 -9.26
N THR B 19 -0.32 -3.26 -8.09
CA THR B 19 -0.61 -2.56 -6.83
C THR B 19 0.57 -1.67 -6.40
N ILE B 20 1.78 -1.89 -6.93
CA ILE B 20 2.94 -0.99 -6.79
C ILE B 20 3.04 -0.07 -8.02
N ASN B 21 3.30 -0.63 -9.21
CA ASN B 21 3.65 0.10 -10.43
C ASN B 21 2.60 1.15 -10.79
N THR B 22 1.31 0.79 -10.93
CA THR B 22 0.23 1.76 -11.22
C THR B 22 0.19 2.91 -10.21
N GLN B 23 0.50 2.67 -8.94
CA GLN B 23 0.46 3.69 -7.88
C GLN B 23 1.69 4.62 -7.93
N LEU B 24 2.90 4.07 -8.11
CA LEU B 24 4.15 4.85 -8.19
C LEU B 24 4.30 5.57 -9.54
N ARG B 25 4.01 4.89 -10.66
CA ARG B 25 4.00 5.48 -12.01
C ARG B 25 3.09 6.73 -12.11
N ALA B 26 2.03 6.80 -11.30
CA ALA B 26 1.11 7.94 -11.20
C ALA B 26 1.67 9.18 -10.47
N LEU B 27 2.92 9.16 -9.98
CA LEU B 27 3.59 10.31 -9.37
C LEU B 27 4.08 11.29 -10.46
N LYS B 28 3.64 12.55 -10.35
CA LYS B 28 4.04 13.62 -11.27
C LYS B 28 5.54 13.92 -11.13
N GLY B 29 6.32 13.47 -12.12
CA GLY B 29 7.79 13.44 -12.12
C GLY B 29 8.37 12.09 -12.60
N VAL B 30 7.62 10.99 -12.48
CA VAL B 30 8.02 9.66 -13.00
C VAL B 30 7.82 9.58 -14.52
N THR B 31 8.77 8.93 -15.21
CA THR B 31 8.87 8.85 -16.67
C THR B 31 8.82 7.41 -17.21
N LYS B 32 9.34 6.42 -16.46
CA LYS B 32 9.15 4.98 -16.68
C LYS B 32 9.03 4.23 -15.33
N CYS B 33 8.36 3.08 -15.30
CA CYS B 33 8.30 2.19 -14.13
C CYS B 33 8.19 0.72 -14.56
N ASP B 34 8.94 -0.17 -13.91
CA ASP B 34 9.04 -1.61 -14.21
C ASP B 34 9.39 -2.42 -12.94
N ILE B 35 9.11 -3.73 -12.96
CA ILE B 35 9.32 -4.70 -11.87
C ILE B 35 9.59 -6.09 -12.47
N SER B 36 10.57 -6.83 -11.94
CA SER B 36 10.75 -8.26 -12.19
C SER B 36 10.67 -9.07 -10.88
N LEU B 37 9.97 -10.21 -10.94
CA LEU B 37 9.33 -10.84 -9.79
C LEU B 37 10.21 -11.88 -9.09
N VAL B 38 11.10 -12.53 -9.83
CA VAL B 38 11.92 -13.68 -9.37
C VAL B 38 13.09 -13.23 -8.47
N THR B 39 13.46 -11.95 -8.57
CA THR B 39 14.53 -11.27 -7.81
C THR B 39 14.03 -9.99 -7.12
N ASN B 40 12.72 -9.75 -7.10
CA ASN B 40 12.06 -8.68 -6.33
C ASN B 40 12.42 -7.24 -6.79
N GLU B 41 13.12 -7.08 -7.92
CA GLU B 41 13.76 -5.82 -8.31
C GLU B 41 12.84 -4.93 -9.17
N CYS B 42 12.59 -3.70 -8.70
CA CYS B 42 11.72 -2.69 -9.28
C CYS B 42 12.54 -1.49 -9.78
N GLN B 43 12.40 -1.08 -11.05
CA GLN B 43 13.19 -0.05 -11.72
C GLN B 43 12.26 1.14 -12.04
N VAL B 44 12.38 2.19 -11.24
CA VAL B 44 11.64 3.46 -11.38
C VAL B 44 12.56 4.57 -11.87
N THR B 45 12.10 5.33 -12.86
CA THR B 45 12.90 6.28 -13.64
C THR B 45 12.13 7.60 -13.76
N TYR B 46 12.71 8.70 -13.30
CA TYR B 46 12.00 9.94 -12.98
C TYR B 46 12.87 11.18 -13.26
N ASP B 47 12.63 12.24 -12.52
CA ASP B 47 13.39 13.50 -12.48
C ASP B 47 13.09 14.27 -11.18
N ASN B 48 13.96 15.23 -10.89
CA ASN B 48 14.22 15.72 -9.52
C ASN B 48 13.08 16.48 -8.80
N GLU B 49 11.92 16.66 -9.44
CA GLU B 49 10.66 17.00 -8.75
C GLU B 49 10.21 15.87 -7.80
N VAL B 50 10.58 14.62 -8.09
CA VAL B 50 10.44 13.45 -7.21
C VAL B 50 11.84 13.07 -6.68
N THR B 51 11.88 12.44 -5.50
CA THR B 51 13.11 11.99 -4.81
C THR B 51 12.95 10.58 -4.28
N ALA B 52 14.03 9.80 -4.32
CA ALA B 52 14.10 8.43 -3.79
C ALA B 52 13.73 8.31 -2.31
N ASP B 53 13.86 9.40 -1.54
CA ASP B 53 13.42 9.49 -0.16
C ASP B 53 11.89 9.57 -0.04
N SER B 54 11.22 10.28 -0.94
CA SER B 54 9.75 10.27 -1.00
C SER B 54 9.25 8.91 -1.50
N ILE B 55 9.93 8.31 -2.49
CA ILE B 55 9.60 6.95 -2.96
C ILE B 55 9.61 5.97 -1.78
N LYS B 56 10.64 5.99 -0.92
CA LYS B 56 10.74 5.14 0.29
C LYS B 56 9.76 5.51 1.42
N GLU B 57 8.84 6.47 1.23
CA GLU B 57 7.73 6.77 2.14
C GLU B 57 6.39 6.46 1.47
N ILE B 58 6.26 6.74 0.16
CA ILE B 58 5.07 6.43 -0.65
C ILE B 58 4.94 4.93 -0.92
N ILE B 59 6.03 4.22 -1.20
CA ILE B 59 6.01 2.75 -1.35
C ILE B 59 5.59 2.06 -0.04
N GLU B 60 5.87 2.71 1.09
CA GLU B 60 5.42 2.26 2.40
C GLU B 60 3.95 2.67 2.66
N ASP B 61 3.51 3.80 2.14
CA ASP B 61 2.11 4.26 2.13
C ASP B 61 1.21 3.38 1.25
N CYS B 62 1.79 2.69 0.26
CA CYS B 62 1.14 1.63 -0.53
C CYS B 62 1.13 0.26 0.17
N GLY B 63 1.94 0.07 1.23
CA GLY B 63 1.97 -1.15 2.06
C GLY B 63 3.14 -2.10 1.82
N PHE B 64 4.20 -1.66 1.13
CA PHE B 64 5.37 -2.46 0.79
C PHE B 64 6.61 -1.92 1.51
N ASP B 65 7.80 -2.37 1.09
CA ASP B 65 9.05 -2.24 1.84
C ASP B 65 10.23 -2.63 0.96
N CYS B 66 11.33 -1.89 1.07
CA CYS B 66 12.55 -2.05 0.26
C CYS B 66 13.78 -1.41 0.92
N GLU B 67 14.97 -1.62 0.35
CA GLU B 67 16.22 -1.03 0.85
C GLU B 67 16.80 0.10 0.01
N ILE B 68 16.11 0.39 -1.08
CA ILE B 68 16.55 1.12 -2.27
C ILE B 68 17.93 0.60 -2.75
N LEU B 69 17.93 -0.55 -3.44
CA LEU B 69 19.12 -1.36 -3.73
C LEU B 69 20.28 -0.59 -4.40
N ARG B 70 20.01 0.23 -5.43
CA ARG B 70 20.99 1.04 -6.14
C ARG B 70 20.31 2.06 -7.10
N ASP B 71 20.87 3.26 -7.16
CA ASP B 71 20.51 4.39 -8.03
C ASP B 71 21.09 4.30 -9.46
N SER B 72 21.15 3.08 -10.01
CA SER B 72 22.02 2.64 -11.13
C SER B 72 21.98 3.46 -12.40
CU CU1 C . -0.41 -11.08 -5.33
N MET A 1 -4.81 8.05 24.04
CA MET A 1 -5.87 7.61 24.98
C MET A 1 -7.24 8.05 24.46
N ALA A 2 -8.08 7.10 24.04
CA ALA A 2 -9.44 7.33 23.54
C ALA A 2 -10.25 6.03 23.44
N GLU A 3 -11.58 6.13 23.28
CA GLU A 3 -12.45 4.99 23.01
C GLU A 3 -12.14 4.37 21.62
N ILE A 4 -12.11 3.04 21.54
CA ILE A 4 -11.93 2.31 20.28
C ILE A 4 -13.21 2.40 19.44
N LYS A 5 -13.05 2.65 18.15
CA LYS A 5 -14.12 2.70 17.15
C LYS A 5 -14.01 1.53 16.15
N HIS A 6 -15.16 1.03 15.67
CA HIS A 6 -15.23 -0.04 14.68
C HIS A 6 -15.61 0.50 13.29
N TYR A 7 -14.80 0.20 12.27
CA TYR A 7 -15.01 0.59 10.86
C TYR A 7 -14.90 -0.63 9.92
N GLN A 8 -15.50 -0.55 8.72
CA GLN A 8 -15.56 -1.70 7.80
C GLN A 8 -15.65 -1.24 6.33
N PHE A 9 -14.81 -1.86 5.49
CA PHE A 9 -14.64 -1.54 4.08
C PHE A 9 -14.72 -2.82 3.22
N ASN A 10 -15.16 -2.68 1.97
CA ASN A 10 -15.13 -3.72 0.94
C ASN A 10 -14.12 -3.33 -0.15
N VAL A 11 -13.19 -4.23 -0.48
CA VAL A 11 -11.99 -3.92 -1.29
C VAL A 11 -11.75 -5.05 -2.29
N VAL A 12 -11.40 -4.70 -3.53
CA VAL A 12 -11.06 -5.67 -4.58
C VAL A 12 -9.76 -6.39 -4.23
N MET A 13 -9.84 -7.71 -3.99
CA MET A 13 -8.70 -8.53 -3.53
C MET A 13 -8.64 -9.89 -4.25
N THR A 14 -7.54 -10.12 -4.98
CA THR A 14 -7.31 -11.31 -5.83
C THR A 14 -7.11 -12.61 -5.07
N CYS A 15 -6.40 -12.56 -3.94
CA CYS A 15 -5.60 -13.68 -3.43
C CYS A 15 -5.10 -13.47 -1.98
N SER A 16 -4.41 -14.47 -1.42
CA SER A 16 -3.73 -14.35 -0.13
C SER A 16 -2.52 -13.39 -0.14
N GLY A 17 -2.10 -12.88 -1.31
CA GLY A 17 -1.15 -11.77 -1.41
C GLY A 17 -1.74 -10.47 -0.85
N CYS A 18 -3.02 -10.21 -1.14
CA CYS A 18 -3.79 -9.12 -0.52
C CYS A 18 -3.86 -9.28 1.00
N SER A 19 -4.20 -10.48 1.49
CA SER A 19 -4.30 -10.79 2.92
C SER A 19 -3.02 -10.53 3.72
N GLY A 20 -1.85 -10.58 3.06
CA GLY A 20 -0.57 -10.13 3.62
C GLY A 20 -0.44 -8.61 3.53
N ALA A 21 -0.40 -8.08 2.31
CA ALA A 21 -0.11 -6.67 2.04
C ALA A 21 -1.08 -5.69 2.72
N VAL A 22 -2.39 -5.97 2.69
CA VAL A 22 -3.42 -5.06 3.24
C VAL A 22 -3.27 -4.91 4.76
N ASN A 23 -3.08 -6.01 5.51
CA ASN A 23 -2.75 -5.93 6.94
C ASN A 23 -1.44 -5.15 7.15
N LYS A 24 -0.44 -5.39 6.31
CA LYS A 24 0.87 -4.74 6.33
C LYS A 24 0.87 -3.26 5.86
N VAL A 25 -0.28 -2.67 5.56
CA VAL A 25 -0.50 -1.20 5.59
C VAL A 25 -0.72 -0.72 7.04
N LEU A 26 -1.66 -1.32 7.79
CA LEU A 26 -2.05 -0.89 9.13
C LEU A 26 -1.01 -1.19 10.23
N THR A 27 -0.03 -2.06 9.98
CA THR A 27 1.13 -2.35 10.84
C THR A 27 1.97 -1.11 11.16
N LYS A 28 1.92 -0.07 10.33
CA LYS A 28 2.53 1.24 10.59
C LYS A 28 1.78 2.07 11.67
N LEU A 29 0.58 1.65 12.08
CA LEU A 29 -0.36 2.39 12.93
C LEU A 29 -0.78 1.63 14.20
N GLU A 30 -0.04 0.60 14.62
CA GLU A 30 -0.32 -0.15 15.87
C GLU A 30 -0.43 0.70 17.15
N PRO A 31 0.23 1.86 17.29
CA PRO A 31 0.00 2.74 18.43
C PRO A 31 -1.47 3.19 18.56
N ASP A 32 -2.25 3.22 17.46
CA ASP A 32 -3.66 3.62 17.42
C ASP A 32 -4.62 2.48 17.03
N VAL A 33 -4.20 1.56 16.14
CA VAL A 33 -4.98 0.39 15.69
C VAL A 33 -4.75 -0.79 16.64
N SER A 34 -5.83 -1.45 17.09
CA SER A 34 -5.77 -2.61 17.98
C SER A 34 -5.93 -3.96 17.23
N LYS A 35 -6.77 -4.02 16.20
CA LYS A 35 -7.05 -5.25 15.44
C LYS A 35 -7.54 -4.96 14.01
N ILE A 36 -7.13 -5.81 13.06
CA ILE A 36 -7.69 -5.88 11.69
C ILE A 36 -8.11 -7.33 11.42
N ASP A 37 -9.25 -7.56 10.78
CA ASP A 37 -9.58 -8.87 10.20
C ASP A 37 -10.06 -8.75 8.74
N ILE A 38 -9.37 -9.46 7.84
CA ILE A 38 -9.66 -9.51 6.41
C ILE A 38 -10.50 -10.77 6.13
N SER A 39 -11.59 -10.62 5.39
CA SER A 39 -12.43 -11.71 4.90
C SER A 39 -12.34 -11.75 3.37
N LEU A 40 -11.33 -12.44 2.83
CA LEU A 40 -10.93 -12.38 1.42
C LEU A 40 -12.06 -12.74 0.45
N GLU A 41 -12.73 -13.87 0.66
CA GLU A 41 -13.78 -14.38 -0.23
C GLU A 41 -15.03 -13.47 -0.21
N LYS A 42 -15.31 -12.88 0.96
CA LYS A 42 -16.36 -11.87 1.16
C LYS A 42 -15.92 -10.44 0.76
N GLN A 43 -14.66 -10.27 0.31
CA GLN A 43 -14.00 -9.03 -0.11
C GLN A 43 -13.98 -7.90 0.95
N LEU A 44 -14.19 -8.25 2.23
CA LEU A 44 -14.32 -7.31 3.35
C LEU A 44 -13.04 -7.18 4.18
N VAL A 45 -12.92 -6.02 4.82
CA VAL A 45 -11.90 -5.67 5.81
C VAL A 45 -12.58 -4.99 7.00
N ASP A 46 -12.34 -5.51 8.21
CA ASP A 46 -12.87 -5.03 9.48
C ASP A 46 -11.73 -4.41 10.30
N VAL A 47 -11.95 -3.20 10.85
CA VAL A 47 -10.91 -2.40 11.54
C VAL A 47 -11.38 -1.97 12.93
N TYR A 48 -10.46 -1.97 13.90
CA TYR A 48 -10.64 -1.47 15.27
C TYR A 48 -9.51 -0.49 15.63
N THR A 49 -9.84 0.79 15.86
CA THR A 49 -8.84 1.86 16.09
C THR A 49 -9.44 3.09 16.78
N THR A 50 -8.59 3.96 17.33
CA THR A 50 -8.94 5.22 18.01
C THR A 50 -8.84 6.46 17.11
N LEU A 51 -8.17 6.37 15.96
CA LEU A 51 -8.00 7.48 15.00
C LEU A 51 -9.14 7.51 13.93
N PRO A 52 -9.32 8.62 13.18
CA PRO A 52 -10.49 8.83 12.33
C PRO A 52 -10.65 7.87 11.14
N TYR A 53 -11.91 7.58 10.81
CA TYR A 53 -12.36 6.96 9.55
C TYR A 53 -11.84 7.73 8.33
N ASP A 54 -11.84 9.07 8.39
CA ASP A 54 -11.27 9.99 7.40
C ASP A 54 -9.77 9.76 7.12
N PHE A 55 -9.03 9.19 8.06
CA PHE A 55 -7.62 8.83 7.86
C PHE A 55 -7.47 7.39 7.35
N ILE A 56 -8.25 6.44 7.87
CA ILE A 56 -8.26 5.04 7.39
C ILE A 56 -8.63 4.95 5.91
N LEU A 57 -9.64 5.70 5.44
CA LEU A 57 -10.03 5.71 4.03
C LEU A 57 -8.92 6.23 3.12
N GLU A 58 -8.08 7.17 3.59
CA GLU A 58 -6.92 7.69 2.87
C GLU A 58 -5.71 6.74 2.89
N LYS A 59 -5.62 5.80 3.84
CA LYS A 59 -4.63 4.72 3.75
C LYS A 59 -4.99 3.79 2.59
N ILE A 60 -6.22 3.27 2.55
CA ILE A 60 -6.65 2.29 1.52
C ILE A 60 -6.74 2.93 0.12
N LYS A 61 -7.19 4.19 0.03
CA LYS A 61 -7.14 4.97 -1.22
C LYS A 61 -5.71 5.08 -1.79
N LYS A 62 -4.71 5.18 -0.90
CA LYS A 62 -3.28 5.22 -1.24
C LYS A 62 -2.60 3.83 -1.33
N THR A 63 -3.34 2.73 -1.14
CA THR A 63 -2.92 1.35 -1.44
C THR A 63 -3.17 0.97 -2.90
N GLY A 64 -4.16 1.57 -3.56
CA GLY A 64 -4.37 1.46 -5.02
C GLY A 64 -5.31 0.35 -5.47
N LYS A 65 -5.46 -0.72 -4.68
CA LYS A 65 -6.52 -1.72 -4.90
C LYS A 65 -7.90 -1.08 -4.70
N GLU A 66 -8.84 -1.30 -5.62
CA GLU A 66 -10.09 -0.54 -5.65
C GLU A 66 -10.97 -0.81 -4.42
N VAL A 67 -11.46 0.28 -3.81
CA VAL A 67 -12.39 0.24 -2.67
C VAL A 67 -13.80 0.28 -3.25
N ARG A 68 -14.55 -0.82 -3.11
CA ARG A 68 -15.93 -0.93 -3.59
C ARG A 68 -16.91 -0.24 -2.64
N SER A 69 -16.66 -0.25 -1.33
CA SER A 69 -17.47 0.50 -0.36
C SER A 69 -16.68 0.73 0.94
N GLY A 70 -17.08 1.72 1.73
CA GLY A 70 -16.41 2.09 2.99
C GLY A 70 -17.35 2.77 3.97
N LYS A 71 -17.33 2.33 5.23
CA LYS A 71 -18.27 2.79 6.26
C LYS A 71 -17.67 2.85 7.67
N GLN A 72 -18.25 3.72 8.49
CA GLN A 72 -18.13 3.74 9.93
C GLN A 72 -19.45 3.22 10.54
N LEU A 73 -19.34 2.41 11.60
CA LEU A 73 -20.42 1.57 12.13
C LEU A 73 -20.94 2.12 13.47
N ALA B 1 15.59 13.29 -17.18
CA ALA B 1 15.03 12.16 -16.43
C ALA B 1 16.05 11.52 -15.48
N ARG B 2 15.53 10.75 -14.53
CA ARG B 2 16.22 9.97 -13.52
C ARG B 2 15.50 8.64 -13.35
N GLU B 3 16.18 7.57 -13.71
CA GLU B 3 15.96 6.22 -13.17
C GLU B 3 16.43 6.14 -11.72
N VAL B 4 15.69 5.38 -10.91
CA VAL B 4 16.06 4.96 -9.54
C VAL B 4 15.46 3.58 -9.26
N ILE B 5 16.19 2.75 -8.52
CA ILE B 5 15.88 1.36 -8.20
C ILE B 5 15.81 1.25 -6.68
N LEU B 6 14.73 0.73 -6.11
CA LEU B 6 14.62 0.50 -4.66
C LEU B 6 14.29 -0.97 -4.38
N ALA B 7 14.80 -1.53 -3.28
CA ALA B 7 14.37 -2.83 -2.79
C ALA B 7 12.97 -2.74 -2.18
N VAL B 8 12.17 -3.80 -2.25
CA VAL B 8 10.81 -3.91 -1.71
C VAL B 8 10.66 -5.30 -1.08
N HIS B 9 10.74 -5.39 0.24
CA HIS B 9 11.09 -6.64 0.95
C HIS B 9 9.90 -7.61 1.20
N GLY B 10 8.67 -7.22 0.83
CA GLY B 10 7.43 -7.95 1.15
C GLY B 10 6.65 -8.51 -0.04
N MET B 11 7.23 -8.52 -1.25
CA MET B 11 6.54 -8.71 -2.54
C MET B 11 5.45 -9.80 -2.57
N THR B 12 5.79 -11.05 -2.21
CA THR B 12 4.88 -12.20 -2.07
C THR B 12 4.37 -12.72 -3.42
N CYS B 13 3.54 -11.94 -4.10
CA CYS B 13 2.58 -12.36 -5.11
C CYS B 13 3.07 -12.27 -6.58
N SER B 14 2.13 -12.51 -7.49
CA SER B 14 2.23 -12.38 -8.95
C SER B 14 1.12 -11.50 -9.57
N ALA B 15 0.32 -10.86 -8.71
CA ALA B 15 -0.72 -9.88 -9.05
C ALA B 15 -0.62 -8.62 -8.17
N CYS B 16 -0.42 -8.78 -6.85
CA CYS B 16 -0.36 -7.66 -5.91
C CYS B 16 0.95 -6.84 -6.06
N THR B 17 1.98 -7.42 -6.67
CA THR B 17 3.20 -6.73 -7.09
C THR B 17 2.89 -5.62 -8.08
N ASN B 18 2.04 -5.87 -9.09
CA ASN B 18 1.71 -4.85 -10.08
C ASN B 18 0.87 -3.71 -9.49
N THR B 19 0.30 -3.84 -8.28
CA THR B 19 -0.28 -2.70 -7.55
C THR B 19 0.77 -1.63 -7.29
N ILE B 20 2.06 -1.98 -7.17
CA ILE B 20 3.14 -0.98 -7.08
C ILE B 20 3.19 -0.14 -8.37
N ASN B 21 3.10 -0.79 -9.54
CA ASN B 21 2.94 -0.10 -10.83
C ASN B 21 1.60 0.66 -10.93
N THR B 22 0.46 0.07 -10.52
CA THR B 22 -0.85 0.76 -10.44
C THR B 22 -0.80 2.08 -9.68
N GLN B 23 -0.05 2.16 -8.57
CA GLN B 23 0.11 3.40 -7.82
C GLN B 23 1.15 4.35 -8.45
N LEU B 24 2.34 3.86 -8.82
CA LEU B 24 3.41 4.72 -9.38
C LEU B 24 2.99 5.35 -10.72
N ARG B 25 2.31 4.61 -11.62
CA ARG B 25 1.84 5.13 -12.91
C ARG B 25 0.77 6.23 -12.79
N ALA B 26 0.22 6.47 -11.59
CA ALA B 26 -0.75 7.53 -11.30
C ALA B 26 -0.10 8.82 -10.74
N LEU B 27 1.24 8.87 -10.60
CA LEU B 27 1.99 10.03 -10.11
C LEU B 27 2.52 10.89 -11.27
N LYS B 28 2.17 12.17 -11.26
CA LYS B 28 2.59 13.14 -12.27
C LYS B 28 4.13 13.32 -12.24
N GLY B 29 4.81 12.89 -13.32
CA GLY B 29 6.26 12.89 -13.48
C GLY B 29 6.87 11.54 -13.86
N VAL B 30 6.27 10.42 -13.41
CA VAL B 30 6.77 9.06 -13.70
C VAL B 30 6.59 8.72 -15.18
N THR B 31 7.66 8.29 -15.87
CA THR B 31 7.64 7.96 -17.31
C THR B 31 7.58 6.46 -17.59
N LYS B 32 8.05 5.63 -16.64
CA LYS B 32 7.84 4.19 -16.61
C LYS B 32 8.08 3.65 -15.18
N CYS B 33 7.30 2.64 -14.78
CA CYS B 33 7.48 1.92 -13.52
C CYS B 33 7.17 0.42 -13.67
N ASP B 34 7.92 -0.43 -12.97
CA ASP B 34 7.74 -1.88 -12.93
C ASP B 34 8.50 -2.47 -11.71
N ILE B 35 8.54 -3.80 -11.61
CA ILE B 35 9.14 -4.58 -10.51
C ILE B 35 9.88 -5.81 -11.04
N SER B 36 10.67 -6.47 -10.21
CA SER B 36 11.33 -7.76 -10.46
C SER B 36 11.67 -8.45 -9.13
N LEU B 37 11.91 -9.77 -9.17
CA LEU B 37 11.99 -10.64 -7.99
C LEU B 37 13.36 -11.33 -7.88
N VAL B 38 14.43 -10.67 -8.30
CA VAL B 38 15.81 -11.18 -8.27
C VAL B 38 16.47 -10.80 -6.94
N THR B 39 16.32 -9.55 -6.51
CA THR B 39 16.55 -9.08 -5.13
C THR B 39 15.29 -8.47 -4.51
N ASN B 40 14.16 -8.61 -5.19
CA ASN B 40 12.84 -8.04 -4.87
C ASN B 40 12.89 -6.51 -4.98
N GLU B 41 12.90 -6.03 -6.23
CA GLU B 41 13.23 -4.66 -6.61
C GLU B 41 12.13 -3.97 -7.42
N CYS B 42 11.99 -2.65 -7.27
CA CYS B 42 11.18 -1.80 -8.16
C CYS B 42 12.07 -0.97 -9.10
N GLN B 43 11.64 -0.85 -10.35
CA GLN B 43 12.38 -0.22 -11.44
C GLN B 43 11.56 0.98 -11.94
N VAL B 44 11.84 2.17 -11.40
CA VAL B 44 11.07 3.40 -11.69
C VAL B 44 11.94 4.51 -12.26
N THR B 45 11.37 5.26 -13.21
CA THR B 45 12.02 6.30 -14.00
C THR B 45 11.09 7.49 -14.12
N TYR B 46 11.61 8.70 -14.02
CA TYR B 46 10.84 9.92 -13.84
C TYR B 46 11.59 11.13 -14.39
N ASP B 47 10.80 12.10 -14.77
CA ASP B 47 11.11 13.53 -14.69
C ASP B 47 10.37 14.18 -13.50
N ASN B 48 10.81 15.36 -13.07
CA ASN B 48 10.36 16.21 -11.95
C ASN B 48 11.26 16.06 -10.70
N GLU B 49 11.27 17.10 -9.86
CA GLU B 49 12.10 17.24 -8.65
C GLU B 49 11.70 16.32 -7.45
N VAL B 50 11.23 15.11 -7.71
CA VAL B 50 10.90 14.07 -6.71
C VAL B 50 12.19 13.42 -6.15
N THR B 51 12.10 12.91 -4.92
CA THR B 51 13.16 12.20 -4.18
C THR B 51 12.73 10.78 -3.81
N ALA B 52 13.69 9.86 -3.78
CA ALA B 52 13.49 8.46 -3.36
C ALA B 52 12.90 8.30 -1.95
N ASP B 53 13.10 9.27 -1.06
CA ASP B 53 12.53 9.29 0.30
C ASP B 53 11.00 9.49 0.30
N SER B 54 10.45 10.14 -0.72
CA SER B 54 9.01 10.18 -0.96
C SER B 54 8.51 8.81 -1.45
N ILE B 55 9.31 8.11 -2.27
CA ILE B 55 8.96 6.77 -2.77
C ILE B 55 8.96 5.76 -1.62
N LYS B 56 9.90 5.87 -0.68
CA LYS B 56 9.94 5.21 0.64
C LYS B 56 8.81 5.68 1.61
N GLU B 57 7.66 6.01 1.07
CA GLU B 57 6.41 6.39 1.74
C GLU B 57 5.22 6.01 0.84
N ILE B 58 5.30 6.28 -0.48
CA ILE B 58 4.38 5.72 -1.49
C ILE B 58 4.26 4.20 -1.38
N ILE B 59 5.40 3.50 -1.38
CA ILE B 59 5.48 2.03 -1.30
C ILE B 59 5.05 1.52 0.08
N GLU B 60 5.14 2.35 1.12
CA GLU B 60 4.73 1.96 2.47
C GLU B 60 3.20 1.94 2.63
N ASP B 61 2.47 2.82 1.92
CA ASP B 61 0.99 2.78 1.84
C ASP B 61 0.48 1.74 0.81
N CYS B 62 1.35 1.25 -0.08
CA CYS B 62 1.08 0.04 -0.89
C CYS B 62 1.10 -1.26 -0.05
N GLY B 63 1.58 -1.20 1.20
CA GLY B 63 1.60 -2.34 2.13
C GLY B 63 2.94 -3.09 2.21
N PHE B 64 4.04 -2.47 1.73
CA PHE B 64 5.37 -3.08 1.73
C PHE B 64 6.38 -2.22 2.53
N ASP B 65 7.67 -2.46 2.32
CA ASP B 65 8.80 -1.87 3.03
C ASP B 65 10.04 -1.95 2.14
N CYS B 66 10.95 -0.99 2.28
CA CYS B 66 11.83 -0.58 1.18
C CYS B 66 13.02 0.30 1.58
N GLU B 67 14.06 0.27 0.76
CA GLU B 67 15.26 1.10 0.81
C GLU B 67 15.82 1.25 -0.61
N ILE B 68 16.31 2.45 -0.96
CA ILE B 68 16.98 2.68 -2.25
C ILE B 68 18.17 1.73 -2.46
N LEU B 69 18.20 1.05 -3.61
CA LEU B 69 19.21 0.07 -3.96
C LEU B 69 20.29 0.79 -4.80
N ARG B 70 19.87 1.46 -5.89
CA ARG B 70 20.73 2.13 -6.87
C ARG B 70 20.01 3.32 -7.53
N ASP B 71 20.76 4.38 -7.74
CA ASP B 71 20.50 5.55 -8.59
C ASP B 71 20.46 5.25 -10.11
N SER B 72 20.02 4.06 -10.51
CA SER B 72 20.26 3.33 -11.77
C SER B 72 21.47 2.41 -11.62
CU CU1 C . -2.13 -11.02 -5.51
N MET A 1 -16.98 13.18 20.67
CA MET A 1 -16.70 11.73 20.74
C MET A 1 -15.20 11.49 20.81
N ALA A 2 -14.77 10.47 21.55
CA ALA A 2 -13.37 10.16 21.84
C ALA A 2 -13.11 8.70 22.29
N GLU A 3 -14.16 7.93 22.60
CA GLU A 3 -14.07 6.50 22.88
C GLU A 3 -13.84 5.71 21.57
N ILE A 4 -13.36 4.45 21.67
CA ILE A 4 -13.12 3.56 20.53
C ILE A 4 -14.41 3.27 19.75
N LYS A 5 -14.35 3.44 18.42
CA LYS A 5 -15.43 3.24 17.44
C LYS A 5 -15.13 2.08 16.47
N HIS A 6 -16.18 1.54 15.82
CA HIS A 6 -16.11 0.44 14.87
C HIS A 6 -16.38 0.89 13.41
N TYR A 7 -15.56 0.40 12.47
CA TYR A 7 -15.76 0.48 11.03
C TYR A 7 -15.59 -0.90 10.34
N GLN A 8 -16.24 -1.11 9.19
CA GLN A 8 -16.10 -2.37 8.42
C GLN A 8 -16.24 -2.10 6.91
N PHE A 9 -15.24 -2.56 6.14
CA PHE A 9 -15.10 -2.33 4.70
C PHE A 9 -14.93 -3.65 3.95
N ASN A 10 -15.43 -3.71 2.71
CA ASN A 10 -15.06 -4.72 1.71
C ASN A 10 -14.03 -4.12 0.75
N VAL A 11 -12.86 -4.74 0.60
CA VAL A 11 -11.71 -4.20 -0.15
C VAL A 11 -11.30 -5.20 -1.24
N VAL A 12 -11.03 -4.70 -2.45
CA VAL A 12 -10.67 -5.52 -3.62
C VAL A 12 -9.24 -6.06 -3.45
N MET A 13 -9.10 -7.39 -3.36
CA MET A 13 -7.82 -8.09 -3.18
C MET A 13 -7.75 -9.34 -4.07
N THR A 14 -6.71 -9.44 -4.90
CA THR A 14 -6.53 -10.52 -5.89
C THR A 14 -6.08 -11.83 -5.23
N CYS A 15 -5.11 -11.77 -4.32
CA CYS A 15 -4.43 -12.94 -3.77
C CYS A 15 -3.97 -12.79 -2.29
N SER A 16 -3.36 -13.85 -1.76
CA SER A 16 -2.72 -13.90 -0.44
C SER A 16 -1.61 -12.86 -0.24
N GLY A 17 -0.97 -12.38 -1.33
CA GLY A 17 0.00 -11.28 -1.28
C GLY A 17 -0.68 -9.91 -1.15
N CYS A 18 -1.91 -9.76 -1.66
CA CYS A 18 -2.74 -8.57 -1.47
C CYS A 18 -3.23 -8.47 -0.01
N SER A 19 -3.81 -9.54 0.53
CA SER A 19 -4.23 -9.59 1.94
C SER A 19 -3.04 -9.61 2.93
N GLY A 20 -1.83 -9.95 2.47
CA GLY A 20 -0.59 -9.74 3.21
C GLY A 20 -0.21 -8.27 3.28
N ALA A 21 -0.14 -7.60 2.11
CA ALA A 21 0.17 -6.17 2.01
C ALA A 21 -0.83 -5.30 2.79
N VAL A 22 -2.14 -5.55 2.60
CA VAL A 22 -3.20 -4.83 3.33
C VAL A 22 -3.05 -5.01 4.85
N ASN A 23 -2.80 -6.24 5.34
CA ASN A 23 -2.51 -6.47 6.75
C ASN A 23 -1.26 -5.72 7.26
N LYS A 24 -0.20 -5.62 6.43
CA LYS A 24 1.01 -4.85 6.76
C LYS A 24 0.69 -3.35 6.94
N VAL A 25 -0.11 -2.73 6.05
CA VAL A 25 -0.52 -1.31 6.21
C VAL A 25 -1.38 -1.10 7.46
N LEU A 26 -2.44 -1.91 7.66
CA LEU A 26 -3.34 -1.77 8.81
C LEU A 26 -2.61 -1.96 10.15
N THR A 27 -1.67 -2.91 10.23
CA THR A 27 -0.84 -3.13 11.43
C THR A 27 0.01 -1.90 11.78
N LYS A 28 0.44 -1.09 10.80
CA LYS A 28 1.16 0.15 11.07
C LYS A 28 0.36 1.19 11.90
N LEU A 29 -0.97 1.03 12.00
CA LEU A 29 -1.89 1.93 12.70
C LEU A 29 -2.27 1.46 14.13
N GLU A 30 -1.65 0.41 14.68
CA GLU A 30 -1.85 0.04 16.09
C GLU A 30 -1.62 1.16 17.14
N PRO A 31 -0.81 2.22 16.89
CA PRO A 31 -0.71 3.33 17.81
C PRO A 31 -2.05 4.04 18.10
N ASP A 32 -3.08 3.88 17.25
CA ASP A 32 -4.45 4.36 17.49
C ASP A 32 -5.56 3.30 17.20
N VAL A 33 -5.28 2.25 16.44
CA VAL A 33 -6.18 1.08 16.19
C VAL A 33 -5.97 0.03 17.29
N SER A 34 -7.05 -0.58 17.79
CA SER A 34 -7.01 -1.60 18.86
C SER A 34 -7.48 -3.00 18.41
N LYS A 35 -8.14 -3.13 17.25
CA LYS A 35 -8.44 -4.44 16.64
C LYS A 35 -8.49 -4.38 15.10
N ILE A 36 -7.94 -5.40 14.45
CA ILE A 36 -7.92 -5.60 12.99
C ILE A 36 -8.40 -7.03 12.68
N ASP A 37 -9.17 -7.22 11.60
CA ASP A 37 -9.33 -8.55 10.99
C ASP A 37 -9.48 -8.47 9.47
N ILE A 38 -8.46 -8.94 8.76
CA ILE A 38 -8.43 -9.01 7.28
C ILE A 38 -8.94 -10.37 6.81
N SER A 39 -9.64 -10.45 5.68
CA SER A 39 -9.97 -11.71 5.01
C SER A 39 -9.90 -11.60 3.48
N LEU A 40 -9.32 -12.60 2.82
CA LEU A 40 -9.30 -12.69 1.36
C LEU A 40 -10.59 -13.32 0.83
N GLU A 41 -11.01 -14.47 1.36
CA GLU A 41 -12.17 -15.23 0.83
C GLU A 41 -13.46 -14.38 0.81
N LYS A 42 -13.74 -13.65 1.90
CA LYS A 42 -14.88 -12.71 2.00
C LYS A 42 -14.52 -11.24 1.72
N GLN A 43 -13.25 -10.94 1.41
CA GLN A 43 -12.72 -9.62 1.01
C GLN A 43 -12.89 -8.49 2.06
N LEU A 44 -13.11 -8.83 3.33
CA LEU A 44 -13.45 -7.89 4.40
C LEU A 44 -12.23 -7.39 5.20
N VAL A 45 -12.36 -6.16 5.66
CA VAL A 45 -11.45 -5.45 6.57
C VAL A 45 -12.29 -4.89 7.73
N ASP A 46 -12.09 -5.43 8.93
CA ASP A 46 -12.81 -5.04 10.15
C ASP A 46 -11.89 -4.25 11.09
N VAL A 47 -12.34 -3.09 11.58
CA VAL A 47 -11.52 -2.13 12.35
C VAL A 47 -12.24 -1.68 13.63
N TYR A 48 -11.47 -1.57 14.73
CA TYR A 48 -11.83 -0.81 15.93
C TYR A 48 -10.72 0.20 16.28
N THR A 49 -11.07 1.50 16.41
CA THR A 49 -10.09 2.60 16.54
C THR A 49 -10.73 3.89 17.06
N THR A 50 -9.89 4.82 17.54
CA THR A 50 -10.22 6.23 17.78
C THR A 50 -10.04 7.12 16.54
N LEU A 51 -9.36 6.64 15.47
CA LEU A 51 -9.14 7.42 14.24
C LEU A 51 -10.45 7.78 13.51
N PRO A 52 -10.54 8.96 12.87
CA PRO A 52 -11.69 9.32 12.04
C PRO A 52 -11.91 8.37 10.86
N TYR A 53 -13.18 8.12 10.52
CA TYR A 53 -13.59 7.35 9.33
C TYR A 53 -12.98 7.92 8.04
N ASP A 54 -13.00 9.26 7.91
CA ASP A 54 -12.45 10.03 6.78
C ASP A 54 -10.92 9.90 6.65
N PHE A 55 -10.21 9.62 7.75
CA PHE A 55 -8.77 9.33 7.76
C PHE A 55 -8.50 7.87 7.38
N ILE A 56 -9.28 6.93 7.93
CA ILE A 56 -9.17 5.50 7.59
C ILE A 56 -9.40 5.24 6.09
N LEU A 57 -10.39 5.90 5.47
CA LEU A 57 -10.63 5.73 4.03
C LEU A 57 -9.49 6.27 3.16
N GLU A 58 -8.79 7.35 3.55
CA GLU A 58 -7.57 7.79 2.88
C GLU A 58 -6.38 6.86 3.11
N LYS A 59 -6.28 6.16 4.25
CA LYS A 59 -5.25 5.14 4.47
C LYS A 59 -5.49 3.88 3.60
N ILE A 60 -6.74 3.41 3.52
CA ILE A 60 -7.17 2.36 2.56
C ILE A 60 -6.87 2.79 1.12
N LYS A 61 -7.27 3.99 0.71
CA LYS A 61 -7.05 4.51 -0.64
C LYS A 61 -5.56 4.62 -1.00
N LYS A 62 -4.70 5.02 -0.04
CA LYS A 62 -3.23 5.02 -0.18
C LYS A 62 -2.60 3.64 -0.44
N THR A 63 -3.33 2.53 -0.23
CA THR A 63 -2.85 1.17 -0.58
C THR A 63 -2.93 0.86 -2.07
N GLY A 64 -3.70 1.63 -2.85
CA GLY A 64 -3.92 1.42 -4.29
C GLY A 64 -5.04 0.44 -4.64
N LYS A 65 -5.50 -0.39 -3.68
CA LYS A 65 -6.60 -1.35 -3.84
C LYS A 65 -7.97 -0.64 -3.77
N GLU A 66 -8.91 -0.98 -4.65
CA GLU A 66 -10.27 -0.42 -4.64
C GLU A 66 -11.13 -0.93 -3.47
N VAL A 67 -12.21 -0.21 -3.15
CA VAL A 67 -13.20 -0.53 -2.11
C VAL A 67 -14.57 -0.84 -2.76
N ARG A 68 -15.26 -1.89 -2.28
CA ARG A 68 -16.63 -2.25 -2.72
C ARG A 68 -17.71 -1.68 -1.77
N SER A 69 -17.46 -1.67 -0.47
CA SER A 69 -18.35 -1.07 0.55
C SER A 69 -17.58 -0.57 1.76
N GLY A 70 -18.13 0.41 2.48
CA GLY A 70 -17.58 0.93 3.72
C GLY A 70 -18.69 1.45 4.64
N LYS A 71 -18.70 0.97 5.89
CA LYS A 71 -19.73 1.28 6.90
C LYS A 71 -19.12 1.70 8.26
N GLN A 72 -19.82 2.57 8.96
CA GLN A 72 -19.56 3.05 10.32
C GLN A 72 -20.72 2.65 11.24
N LEU A 73 -20.42 2.07 12.41
CA LEU A 73 -21.40 1.42 13.31
C LEU A 73 -21.10 1.65 14.80
N ALA B 1 15.59 13.94 -16.71
CA ALA B 1 15.38 12.50 -16.45
C ALA B 1 16.01 12.12 -15.11
N ARG B 2 15.85 10.84 -14.70
CA ARG B 2 16.26 10.21 -13.45
C ARG B 2 15.82 8.74 -13.53
N GLU B 3 16.57 7.85 -12.91
CA GLU B 3 16.29 6.42 -12.77
C GLU B 3 16.61 5.95 -11.34
N VAL B 4 16.01 4.85 -10.88
CA VAL B 4 16.23 4.27 -9.55
C VAL B 4 15.82 2.80 -9.52
N ILE B 5 16.59 1.99 -8.80
CA ILE B 5 16.28 0.60 -8.47
C ILE B 5 16.08 0.50 -6.95
N LEU B 6 14.95 -0.01 -6.48
CA LEU B 6 14.70 -0.27 -5.05
C LEU B 6 14.65 -1.78 -4.78
N ALA B 7 15.16 -2.21 -3.63
CA ALA B 7 14.77 -3.49 -3.04
C ALA B 7 13.39 -3.30 -2.42
N VAL B 8 12.46 -4.24 -2.63
CA VAL B 8 11.08 -4.21 -2.09
C VAL B 8 10.77 -5.60 -1.55
N HIS B 9 10.95 -5.76 -0.24
CA HIS B 9 11.27 -7.04 0.38
C HIS B 9 10.13 -8.07 0.37
N GLY B 10 8.87 -7.62 0.24
CA GLY B 10 7.66 -8.44 0.32
C GLY B 10 7.05 -8.87 -1.02
N MET B 11 7.47 -8.32 -2.16
CA MET B 11 6.84 -8.58 -3.47
C MET B 11 7.37 -9.84 -4.17
N THR B 12 6.48 -10.61 -4.81
CA THR B 12 6.80 -11.85 -5.57
C THR B 12 5.76 -12.23 -6.64
N CYS B 13 4.54 -11.68 -6.57
CA CYS B 13 3.44 -11.92 -7.50
C CYS B 13 3.33 -10.89 -8.65
N SER B 14 2.79 -11.32 -9.78
CA SER B 14 2.38 -10.49 -10.93
C SER B 14 1.10 -9.67 -10.68
N ALA B 15 0.43 -9.80 -9.52
CA ALA B 15 -0.72 -8.97 -9.13
C ALA B 15 -0.33 -7.90 -8.09
N CYS B 16 0.41 -8.30 -7.06
CA CYS B 16 0.89 -7.44 -5.98
C CYS B 16 1.73 -6.24 -6.49
N THR B 17 2.46 -6.44 -7.58
CA THR B 17 3.42 -5.50 -8.15
C THR B 17 2.77 -4.35 -8.90
N ASN B 18 1.65 -4.58 -9.60
CA ASN B 18 1.01 -3.50 -10.36
C ASN B 18 0.56 -2.34 -9.46
N THR B 19 0.30 -2.61 -8.17
CA THR B 19 0.00 -1.61 -7.13
C THR B 19 1.01 -0.47 -7.16
N ILE B 20 2.30 -0.78 -7.33
CA ILE B 20 3.37 0.22 -7.35
C ILE B 20 3.28 1.08 -8.61
N ASN B 21 2.98 0.50 -9.77
CA ASN B 21 2.72 1.23 -11.00
C ASN B 21 1.46 2.10 -10.90
N THR B 22 0.33 1.54 -10.43
CA THR B 22 -0.94 2.26 -10.17
C THR B 22 -0.79 3.45 -9.23
N GLN B 23 0.08 3.37 -8.21
CA GLN B 23 0.36 4.49 -7.31
C GLN B 23 1.35 5.50 -7.89
N LEU B 24 2.46 5.08 -8.51
CA LEU B 24 3.50 5.98 -9.01
C LEU B 24 3.15 6.66 -10.33
N ARG B 25 2.55 5.96 -11.30
CA ARG B 25 2.22 6.55 -12.61
C ARG B 25 1.22 7.71 -12.50
N ALA B 26 0.41 7.76 -11.43
CA ALA B 26 -0.48 8.87 -11.12
C ALA B 26 0.24 10.20 -10.86
N LEU B 27 1.56 10.19 -10.63
CA LEU B 27 2.38 11.37 -10.34
C LEU B 27 3.04 11.96 -11.60
N LYS B 28 3.53 13.17 -11.47
CA LYS B 28 4.38 13.85 -12.45
C LYS B 28 5.77 13.19 -12.57
N GLY B 29 6.51 13.46 -13.66
CA GLY B 29 7.92 13.05 -13.85
C GLY B 29 8.13 11.58 -14.16
N VAL B 30 7.49 10.67 -13.42
CA VAL B 30 7.47 9.21 -13.60
C VAL B 30 7.02 8.84 -15.03
N THR B 31 7.77 7.96 -15.71
CA THR B 31 7.54 7.58 -17.13
C THR B 31 7.43 6.08 -17.35
N LYS B 32 8.11 5.25 -16.55
CA LYS B 32 8.12 3.78 -16.71
C LYS B 32 8.38 3.10 -15.36
N CYS B 33 7.44 2.28 -14.90
CA CYS B 33 7.59 1.37 -13.76
C CYS B 33 7.65 -0.10 -14.22
N ASP B 34 8.68 -0.83 -13.79
CA ASP B 34 8.87 -2.26 -14.03
C ASP B 34 9.49 -2.93 -12.78
N ILE B 35 9.59 -4.25 -12.77
CA ILE B 35 9.99 -5.10 -11.63
C ILE B 35 10.74 -6.36 -12.10
N SER B 36 11.51 -6.97 -11.20
CA SER B 36 11.91 -8.39 -11.31
C SER B 36 11.51 -9.17 -10.04
N LEU B 37 10.86 -10.32 -10.23
CA LEU B 37 10.10 -11.04 -9.19
C LEU B 37 10.97 -11.90 -8.27
N VAL B 38 12.01 -12.57 -8.78
CA VAL B 38 12.86 -13.50 -8.01
C VAL B 38 13.82 -12.74 -7.06
N THR B 39 14.32 -11.58 -7.52
CA THR B 39 15.24 -10.70 -6.76
C THR B 39 14.52 -9.66 -5.91
N ASN B 40 13.21 -9.48 -6.11
CA ASN B 40 12.32 -8.63 -5.30
C ASN B 40 12.62 -7.12 -5.51
N GLU B 41 12.96 -6.72 -6.75
CA GLU B 41 13.41 -5.37 -7.08
C GLU B 41 12.42 -4.62 -7.99
N CYS B 42 12.25 -3.32 -7.72
CA CYS B 42 11.50 -2.38 -8.55
C CYS B 42 12.45 -1.50 -9.37
N GLN B 43 12.19 -1.34 -10.66
CA GLN B 43 13.05 -0.63 -11.62
C GLN B 43 12.22 0.51 -12.22
N VAL B 44 12.47 1.73 -11.75
CA VAL B 44 11.65 2.92 -12.07
C VAL B 44 12.49 4.04 -12.71
N THR B 45 11.86 4.73 -13.68
CA THR B 45 12.39 5.84 -14.46
C THR B 45 11.46 7.04 -14.28
N TYR B 46 12.03 8.21 -14.01
CA TYR B 46 11.30 9.41 -13.63
C TYR B 46 12.07 10.70 -14.02
N ASP B 47 11.96 11.73 -13.18
CA ASP B 47 12.59 13.05 -13.26
C ASP B 47 12.42 13.83 -11.96
N ASN B 48 13.29 14.81 -11.77
CA ASN B 48 13.52 15.57 -10.53
C ASN B 48 12.39 16.56 -10.15
N GLU B 49 11.19 16.37 -10.70
CA GLU B 49 9.93 16.85 -10.11
C GLU B 49 9.44 15.92 -8.97
N VAL B 50 9.93 14.68 -8.89
CA VAL B 50 9.67 13.71 -7.80
C VAL B 50 11.00 13.17 -7.26
N THR B 51 11.06 12.76 -5.99
CA THR B 51 12.26 12.12 -5.38
C THR B 51 12.03 10.67 -4.97
N ALA B 52 13.07 9.84 -5.13
CA ALA B 52 13.14 8.48 -4.61
C ALA B 52 12.94 8.40 -3.08
N ASP B 53 13.25 9.47 -2.34
CA ASP B 53 13.03 9.56 -0.88
C ASP B 53 11.55 9.65 -0.48
N SER B 54 10.67 9.99 -1.43
CA SER B 54 9.21 9.85 -1.27
C SER B 54 8.73 8.49 -1.81
N ILE B 55 9.37 7.96 -2.85
CA ILE B 55 9.05 6.60 -3.35
C ILE B 55 9.28 5.56 -2.22
N LYS B 56 10.33 5.73 -1.42
CA LYS B 56 10.64 4.96 -0.20
C LYS B 56 9.68 5.22 0.99
N GLU B 57 8.53 5.86 0.75
CA GLU B 57 7.36 5.94 1.64
C GLU B 57 6.13 5.40 0.90
N ILE B 58 5.89 5.82 -0.35
CA ILE B 58 4.78 5.34 -1.20
C ILE B 58 4.73 3.81 -1.31
N ILE B 59 5.89 3.18 -1.56
CA ILE B 59 5.99 1.72 -1.75
C ILE B 59 5.71 0.96 -0.45
N GLU B 60 5.98 1.57 0.71
CA GLU B 60 5.58 0.93 1.98
C GLU B 60 4.13 1.23 2.35
N ASP B 61 3.61 2.39 1.93
CA ASP B 61 2.20 2.74 2.09
C ASP B 61 1.27 1.92 1.16
N CYS B 62 1.83 1.28 0.11
CA CYS B 62 1.18 0.19 -0.64
C CYS B 62 1.00 -1.09 0.20
N GLY B 63 1.89 -1.33 1.18
CA GLY B 63 1.94 -2.53 2.02
C GLY B 63 3.19 -3.40 1.87
N PHE B 64 4.32 -2.85 1.41
CA PHE B 64 5.61 -3.54 1.36
C PHE B 64 6.64 -2.86 2.29
N ASP B 65 7.94 -3.00 2.01
CA ASP B 65 9.05 -2.39 2.73
C ASP B 65 10.29 -2.39 1.85
N CYS B 66 11.15 -1.38 1.97
CA CYS B 66 12.04 -1.00 0.86
C CYS B 66 13.30 -0.23 1.24
N GLU B 67 14.19 -0.12 0.25
CA GLU B 67 15.49 0.52 0.32
C GLU B 67 15.97 0.85 -1.10
N ILE B 68 16.68 1.97 -1.26
CA ILE B 68 17.33 2.32 -2.53
C ILE B 68 18.56 1.44 -2.75
N LEU B 69 18.45 0.50 -3.70
CA LEU B 69 19.40 -0.56 -3.96
C LEU B 69 20.52 -0.01 -4.88
N ARG B 70 20.13 0.68 -5.96
CA ARG B 70 20.99 1.53 -6.79
C ARG B 70 20.21 2.78 -7.18
N ASP B 71 20.87 3.92 -7.25
CA ASP B 71 20.42 5.10 -8.01
C ASP B 71 20.47 4.94 -9.55
N SER B 72 20.46 3.67 -10.01
CA SER B 72 20.73 3.19 -11.38
C SER B 72 22.13 3.54 -11.84
CU CU1 C . -0.17 -11.35 -5.69
N MET A 1 -12.13 13.75 25.07
CA MET A 1 -12.98 12.55 24.95
C MET A 1 -12.43 11.66 23.85
N ALA A 2 -12.29 10.35 24.10
CA ALA A 2 -11.69 9.41 23.16
C ALA A 2 -12.27 8.00 23.36
N GLU A 3 -12.60 7.31 22.27
CA GLU A 3 -13.28 6.01 22.30
C GLU A 3 -13.09 5.24 20.99
N ILE A 4 -12.91 3.92 21.09
CA ILE A 4 -12.77 3.00 19.95
C ILE A 4 -14.11 2.80 19.22
N LYS A 5 -14.04 2.68 17.90
CA LYS A 5 -15.13 2.29 16.99
C LYS A 5 -14.81 0.93 16.31
N HIS A 6 -15.85 0.15 16.04
CA HIS A 6 -15.81 -0.97 15.11
C HIS A 6 -16.27 -0.54 13.70
N TYR A 7 -15.50 -0.88 12.66
CA TYR A 7 -15.85 -0.67 11.25
C TYR A 7 -15.71 -1.96 10.43
N GLN A 8 -16.46 -2.07 9.32
CA GLN A 8 -16.35 -3.18 8.36
C GLN A 8 -16.43 -2.66 6.92
N PHE A 9 -15.54 -3.15 6.04
CA PHE A 9 -15.40 -2.72 4.64
C PHE A 9 -15.23 -3.92 3.69
N ASN A 10 -15.64 -3.76 2.42
CA ASN A 10 -15.36 -4.68 1.30
C ASN A 10 -14.35 -4.07 0.32
N VAL A 11 -13.20 -4.71 0.12
CA VAL A 11 -12.02 -4.13 -0.57
C VAL A 11 -11.70 -4.92 -1.86
N VAL A 12 -11.25 -4.25 -2.92
CA VAL A 12 -10.86 -4.89 -4.19
C VAL A 12 -9.37 -5.28 -4.14
N MET A 13 -9.10 -6.50 -3.68
CA MET A 13 -7.76 -6.97 -3.31
C MET A 13 -6.99 -7.57 -4.51
N THR A 14 -7.67 -8.33 -5.37
CA THR A 14 -7.21 -8.91 -6.65
C THR A 14 -6.19 -10.07 -6.50
N CYS A 15 -5.43 -10.08 -5.41
CA CYS A 15 -4.47 -11.09 -4.97
C CYS A 15 -4.66 -11.42 -3.46
N SER A 16 -4.18 -12.57 -3.02
CA SER A 16 -4.18 -12.98 -1.60
C SER A 16 -3.07 -12.30 -0.78
N GLY A 17 -2.01 -11.77 -1.41
CA GLY A 17 -0.88 -11.14 -0.71
C GLY A 17 -1.24 -9.78 -0.11
N CYS A 18 -2.33 -9.17 -0.59
CA CYS A 18 -2.94 -7.95 -0.08
C CYS A 18 -3.12 -7.94 1.45
N SER A 19 -3.48 -9.08 2.04
CA SER A 19 -3.65 -9.22 3.50
C SER A 19 -2.39 -8.87 4.31
N GLY A 20 -1.18 -9.06 3.74
CA GLY A 20 0.08 -8.71 4.40
C GLY A 20 0.42 -7.22 4.28
N ALA A 21 0.06 -6.60 3.15
CA ALA A 21 0.28 -5.18 2.88
C ALA A 21 -0.72 -4.27 3.61
N VAL A 22 -2.02 -4.60 3.56
CA VAL A 22 -3.09 -3.86 4.27
C VAL A 22 -2.76 -3.79 5.77
N ASN A 23 -2.36 -4.93 6.37
CA ASN A 23 -1.84 -4.98 7.73
C ASN A 23 -0.68 -3.99 7.93
N LYS A 24 0.37 -4.06 7.09
CA LYS A 24 1.54 -3.16 7.17
C LYS A 24 1.24 -1.65 7.06
N VAL A 25 0.22 -1.21 6.34
CA VAL A 25 -0.15 0.23 6.31
C VAL A 25 -0.74 0.70 7.65
N LEU A 26 -1.59 -0.12 8.28
CA LEU A 26 -2.30 0.23 9.52
C LEU A 26 -1.50 -0.03 10.80
N THR A 27 -0.62 -1.05 10.87
CA THR A 27 0.18 -1.38 12.05
C THR A 27 1.10 -0.26 12.51
N LYS A 28 1.44 0.69 11.63
CA LYS A 28 2.18 1.91 11.98
C LYS A 28 1.54 2.70 13.15
N LEU A 29 0.24 2.48 13.40
CA LEU A 29 -0.63 3.28 14.27
C LEU A 29 -1.13 2.50 15.50
N GLU A 30 -0.32 1.63 16.12
CA GLU A 30 -0.72 0.86 17.31
C GLU A 30 -1.34 1.66 18.49
N PRO A 31 -0.93 2.91 18.76
CA PRO A 31 -1.58 3.74 19.78
C PRO A 31 -2.99 4.22 19.41
N ASP A 32 -3.41 4.04 18.14
CA ASP A 32 -4.70 4.49 17.61
C ASP A 32 -5.58 3.32 17.08
N VAL A 33 -4.97 2.25 16.56
CA VAL A 33 -5.62 1.04 16.01
C VAL A 33 -5.31 -0.17 16.91
N SER A 34 -6.32 -0.93 17.32
CA SER A 34 -6.15 -2.11 18.20
C SER A 34 -6.17 -3.46 17.47
N LYS A 35 -6.95 -3.59 16.39
CA LYS A 35 -7.15 -4.87 15.67
C LYS A 35 -7.59 -4.69 14.21
N ILE A 36 -7.10 -5.56 13.33
CA ILE A 36 -7.54 -5.72 11.92
C ILE A 36 -7.69 -7.22 11.63
N ASP A 37 -8.76 -7.62 10.95
CA ASP A 37 -8.96 -8.98 10.44
C ASP A 37 -9.50 -8.98 9.00
N ILE A 38 -8.89 -9.76 8.11
CA ILE A 38 -9.15 -9.76 6.65
C ILE A 38 -9.62 -11.15 6.21
N SER A 39 -10.72 -11.24 5.46
CA SER A 39 -11.31 -12.51 5.00
C SER A 39 -11.36 -12.58 3.47
N LEU A 40 -10.65 -13.54 2.88
CA LEU A 40 -10.52 -13.71 1.43
C LEU A 40 -11.75 -14.43 0.84
N GLU A 41 -11.98 -14.20 -0.45
CA GLU A 41 -13.11 -14.61 -1.29
C GLU A 41 -14.34 -13.73 -1.04
N LYS A 42 -14.66 -13.50 0.24
CA LYS A 42 -15.63 -12.49 0.68
C LYS A 42 -15.09 -11.05 0.56
N GLN A 43 -13.77 -10.90 0.41
CA GLN A 43 -13.00 -9.66 0.28
C GLN A 43 -13.31 -8.59 1.35
N LEU A 44 -13.56 -9.07 2.57
CA LEU A 44 -13.96 -8.27 3.73
C LEU A 44 -12.77 -7.91 4.62
N VAL A 45 -12.91 -6.78 5.29
CA VAL A 45 -12.03 -6.30 6.36
C VAL A 45 -12.90 -5.87 7.56
N ASP A 46 -12.58 -6.35 8.76
CA ASP A 46 -13.12 -5.92 10.05
C ASP A 46 -12.03 -5.17 10.84
N VAL A 47 -12.37 -4.00 11.41
CA VAL A 47 -11.40 -3.05 12.02
C VAL A 47 -11.87 -2.57 13.40
N TYR A 48 -10.93 -2.32 14.31
CA TYR A 48 -11.12 -1.59 15.59
C TYR A 48 -10.07 -0.48 15.79
N THR A 49 -10.51 0.77 16.02
CA THR A 49 -9.65 1.98 16.12
C THR A 49 -10.41 3.19 16.66
N THR A 50 -9.71 4.17 17.24
CA THR A 50 -10.24 5.50 17.58
C THR A 50 -10.38 6.43 16.38
N LEU A 51 -9.72 6.15 15.25
CA LEU A 51 -9.67 7.03 14.07
C LEU A 51 -11.04 7.17 13.37
N PRO A 52 -11.30 8.28 12.63
CA PRO A 52 -12.52 8.48 11.85
C PRO A 52 -12.69 7.49 10.69
N TYR A 53 -13.93 7.32 10.24
CA TYR A 53 -14.30 6.50 9.07
C TYR A 53 -13.55 6.93 7.80
N ASP A 54 -13.58 8.21 7.45
CA ASP A 54 -12.88 8.76 6.28
C ASP A 54 -11.35 8.62 6.38
N PHE A 55 -10.80 8.64 7.60
CA PHE A 55 -9.37 8.41 7.85
C PHE A 55 -8.99 6.95 7.50
N ILE A 56 -9.88 6.00 7.77
CA ILE A 56 -9.69 4.59 7.39
C ILE A 56 -9.99 4.35 5.90
N LEU A 57 -11.00 5.02 5.30
CA LEU A 57 -11.18 5.00 3.84
C LEU A 57 -9.90 5.44 3.12
N GLU A 58 -9.28 6.52 3.59
CA GLU A 58 -8.01 7.01 3.10
C GLU A 58 -6.89 5.99 3.25
N LYS A 59 -6.65 5.42 4.44
CA LYS A 59 -5.57 4.44 4.61
C LYS A 59 -5.83 3.08 3.94
N ILE A 60 -7.09 2.70 3.67
CA ILE A 60 -7.41 1.64 2.70
C ILE A 60 -6.97 2.08 1.30
N LYS A 61 -7.46 3.22 0.80
CA LYS A 61 -7.19 3.66 -0.58
C LYS A 61 -5.70 3.96 -0.85
N LYS A 62 -4.90 4.39 0.15
CA LYS A 62 -3.44 4.57 0.05
C LYS A 62 -2.66 3.31 -0.38
N THR A 63 -3.21 2.10 -0.13
CA THR A 63 -2.66 0.81 -0.62
C THR A 63 -2.56 0.70 -2.14
N GLY A 64 -3.32 1.54 -2.87
CA GLY A 64 -3.55 1.44 -4.31
C GLY A 64 -4.73 0.53 -4.68
N LYS A 65 -5.29 -0.22 -3.73
CA LYS A 65 -6.47 -1.06 -3.91
C LYS A 65 -7.76 -0.20 -3.93
N GLU A 66 -8.76 -0.59 -4.73
CA GLU A 66 -10.09 0.03 -4.76
C GLU A 66 -11.00 -0.54 -3.66
N VAL A 67 -12.12 0.11 -3.34
CA VAL A 67 -13.01 -0.23 -2.21
C VAL A 67 -14.50 -0.03 -2.59
N ARG A 68 -15.33 -1.05 -2.33
CA ARG A 68 -16.71 -1.11 -2.81
C ARG A 68 -17.75 -0.60 -1.81
N SER A 69 -17.61 -0.92 -0.53
CA SER A 69 -18.62 -0.63 0.51
C SER A 69 -18.02 -0.68 1.91
N GLY A 70 -18.73 -0.14 2.90
CA GLY A 70 -18.35 -0.21 4.31
C GLY A 70 -18.98 0.85 5.21
N LYS A 71 -18.93 0.61 6.52
CA LYS A 71 -19.64 1.41 7.53
C LYS A 71 -19.06 1.27 8.96
N GLN A 72 -19.42 2.20 9.84
CA GLN A 72 -19.40 2.01 11.29
C GLN A 72 -20.51 1.03 11.71
N LEU A 73 -20.25 0.25 12.77
CA LEU A 73 -21.20 -0.73 13.33
C LEU A 73 -21.58 -0.42 14.77
N ALA B 1 17.58 11.71 -17.57
CA ALA B 1 16.48 10.73 -17.45
C ALA B 1 16.82 9.64 -16.43
N ARG B 2 16.37 9.83 -15.19
CA ARG B 2 16.78 9.11 -13.99
C ARG B 2 16.08 7.75 -13.85
N GLU B 3 16.61 6.76 -14.56
CA GLU B 3 16.33 5.34 -14.33
C GLU B 3 17.01 4.90 -13.02
N VAL B 4 16.28 4.25 -12.11
CA VAL B 4 16.72 3.84 -10.77
C VAL B 4 16.11 2.48 -10.43
N ILE B 5 16.87 1.63 -9.74
CA ILE B 5 16.42 0.33 -9.27
C ILE B 5 16.24 0.44 -7.75
N LEU B 6 15.03 0.17 -7.28
CA LEU B 6 14.72 0.10 -5.85
C LEU B 6 14.72 -1.37 -5.41
N ALA B 7 15.06 -1.67 -4.15
CA ALA B 7 14.64 -2.91 -3.51
C ALA B 7 13.22 -2.72 -2.96
N VAL B 8 12.35 -3.72 -3.11
CA VAL B 8 10.97 -3.78 -2.57
C VAL B 8 10.75 -5.22 -2.15
N HIS B 9 10.50 -5.43 -0.87
CA HIS B 9 10.70 -6.73 -0.23
C HIS B 9 9.49 -7.67 -0.39
N GLY B 10 8.31 -7.22 0.06
CA GLY B 10 7.07 -8.01 0.09
C GLY B 10 6.31 -8.03 -1.24
N MET B 11 7.00 -8.38 -2.33
CA MET B 11 6.47 -8.30 -3.71
C MET B 11 6.22 -9.66 -4.40
N THR B 12 6.23 -10.77 -3.65
CA THR B 12 6.28 -12.15 -4.19
C THR B 12 4.94 -12.80 -4.51
N CYS B 13 3.82 -12.09 -4.32
CA CYS B 13 2.48 -12.57 -4.62
C CYS B 13 2.12 -12.37 -6.12
N SER B 14 1.15 -11.51 -6.45
CA SER B 14 0.69 -11.30 -7.84
C SER B 14 0.25 -9.86 -8.14
N ALA B 15 -1.05 -9.53 -8.06
CA ALA B 15 -1.63 -8.26 -8.52
C ALA B 15 -1.07 -7.03 -7.79
N CYS B 16 -0.67 -7.20 -6.53
CA CYS B 16 -0.03 -6.20 -5.70
C CYS B 16 1.22 -5.56 -6.37
N THR B 17 1.92 -6.28 -7.26
CA THR B 17 3.01 -5.74 -8.05
C THR B 17 2.53 -4.76 -9.10
N ASN B 18 1.41 -5.03 -9.78
CA ASN B 18 0.80 -4.02 -10.65
C ASN B 18 0.27 -2.87 -9.81
N THR B 19 -0.22 -3.09 -8.57
CA THR B 19 -0.62 -2.01 -7.66
C THR B 19 0.53 -1.04 -7.38
N ILE B 20 1.80 -1.49 -7.40
CA ILE B 20 2.96 -0.58 -7.36
C ILE B 20 3.00 0.28 -8.63
N ASN B 21 2.97 -0.33 -9.82
CA ASN B 21 2.91 0.39 -11.10
C ASN B 21 1.73 1.38 -11.15
N THR B 22 0.50 0.93 -10.84
CA THR B 22 -0.71 1.76 -10.65
C THR B 22 -0.44 3.02 -9.82
N GLN B 23 0.21 2.91 -8.66
CA GLN B 23 0.43 4.05 -7.75
C GLN B 23 1.65 4.91 -8.11
N LEU B 24 2.70 4.35 -8.73
CA LEU B 24 3.94 5.08 -9.03
C LEU B 24 3.94 5.73 -10.41
N ARG B 25 3.49 5.06 -11.49
CA ARG B 25 3.53 5.66 -12.84
C ARG B 25 2.62 6.90 -12.98
N ALA B 26 1.64 7.05 -12.08
CA ALA B 26 0.76 8.22 -11.97
C ALA B 26 1.44 9.49 -11.38
N LEU B 27 2.65 9.40 -10.82
CA LEU B 27 3.33 10.50 -10.16
C LEU B 27 3.97 11.45 -11.17
N LYS B 28 3.58 12.73 -11.12
CA LYS B 28 4.10 13.77 -12.03
C LYS B 28 5.63 13.89 -11.91
N GLY B 29 6.35 13.49 -12.96
CA GLY B 29 7.80 13.32 -13.02
C GLY B 29 8.25 11.90 -13.37
N VAL B 30 7.46 10.87 -13.03
CA VAL B 30 7.71 9.47 -13.41
C VAL B 30 7.25 9.23 -14.86
N THR B 31 8.03 8.48 -15.66
CA THR B 31 7.66 8.10 -17.03
C THR B 31 7.34 6.63 -17.18
N LYS B 32 8.04 5.72 -16.49
CA LYS B 32 8.03 4.27 -16.75
C LYS B 32 8.21 3.43 -15.45
N CYS B 33 7.77 2.17 -15.47
CA CYS B 33 7.66 1.26 -14.31
C CYS B 33 7.63 -0.23 -14.72
N ASP B 34 8.51 -1.05 -14.13
CA ASP B 34 8.51 -2.52 -14.18
C ASP B 34 9.20 -3.14 -12.93
N ILE B 35 9.19 -4.46 -12.75
CA ILE B 35 9.58 -5.13 -11.48
C ILE B 35 10.27 -6.49 -11.66
N SER B 36 10.88 -7.04 -10.62
CA SER B 36 11.53 -8.36 -10.62
C SER B 36 11.26 -9.16 -9.32
N LEU B 37 10.35 -10.15 -9.38
CA LEU B 37 9.90 -10.92 -8.20
C LEU B 37 10.97 -11.84 -7.60
N VAL B 38 11.95 -12.28 -8.39
CA VAL B 38 13.00 -13.22 -7.99
C VAL B 38 14.16 -12.49 -7.29
N THR B 39 14.51 -11.28 -7.74
CA THR B 39 15.64 -10.48 -7.24
C THR B 39 15.23 -9.38 -6.27
N ASN B 40 13.92 -9.19 -6.02
CA ASN B 40 13.27 -8.24 -5.10
C ASN B 40 13.38 -6.75 -5.52
N GLU B 41 13.47 -6.52 -6.84
CA GLU B 41 13.75 -5.20 -7.45
C GLU B 41 12.53 -4.56 -8.12
N CYS B 42 12.55 -3.23 -8.23
CA CYS B 42 11.64 -2.43 -9.06
C CYS B 42 12.44 -1.44 -9.94
N GLN B 43 12.18 -1.44 -11.25
CA GLN B 43 12.82 -0.60 -12.27
C GLN B 43 11.89 0.60 -12.52
N VAL B 44 12.14 1.70 -11.81
CA VAL B 44 11.43 2.97 -11.95
C VAL B 44 12.28 4.02 -12.67
N THR B 45 11.62 4.95 -13.36
CA THR B 45 12.28 5.93 -14.23
C THR B 45 11.56 7.27 -14.11
N TYR B 46 12.29 8.33 -13.78
CA TYR B 46 11.74 9.64 -13.47
C TYR B 46 12.71 10.78 -13.84
N ASP B 47 12.52 11.92 -13.20
CA ASP B 47 13.21 13.21 -13.36
C ASP B 47 13.21 14.01 -12.04
N ASN B 48 13.98 15.09 -12.00
CA ASN B 48 14.44 15.82 -10.79
C ASN B 48 13.35 16.28 -9.81
N GLU B 49 12.12 16.43 -10.30
CA GLU B 49 10.92 16.73 -9.51
C GLU B 49 10.41 15.56 -8.61
N VAL B 50 10.93 14.35 -8.81
CA VAL B 50 10.65 13.12 -8.03
C VAL B 50 11.98 12.57 -7.48
N THR B 51 11.92 11.82 -6.37
CA THR B 51 13.08 11.20 -5.70
C THR B 51 12.68 9.94 -4.95
N ALA B 52 13.60 8.98 -4.92
CA ALA B 52 13.48 7.71 -4.18
C ALA B 52 13.22 7.93 -2.67
N ASP B 53 13.66 9.05 -2.10
CA ASP B 53 13.41 9.41 -0.70
C ASP B 53 11.92 9.64 -0.39
N SER B 54 11.18 10.15 -1.36
CA SER B 54 9.72 10.29 -1.25
C SER B 54 8.99 9.02 -1.71
N ILE B 55 9.51 8.31 -2.72
CA ILE B 55 8.93 7.00 -3.11
C ILE B 55 8.95 6.03 -1.91
N LYS B 56 10.02 6.05 -1.11
CA LYS B 56 10.15 5.33 0.18
C LYS B 56 9.05 5.66 1.22
N GLU B 57 8.26 6.72 1.05
CA GLU B 57 7.12 7.08 1.91
C GLU B 57 5.82 6.66 1.22
N ILE B 58 5.71 6.84 -0.09
CA ILE B 58 4.57 6.41 -0.93
C ILE B 58 4.41 4.89 -0.91
N ILE B 59 5.48 4.14 -1.18
CA ILE B 59 5.43 2.67 -1.32
C ILE B 59 5.39 1.98 0.05
N GLU B 60 5.93 2.62 1.09
CA GLU B 60 5.67 2.16 2.46
C GLU B 60 4.22 2.38 2.87
N ASP B 61 3.57 3.47 2.45
CA ASP B 61 2.12 3.63 2.66
C ASP B 61 1.24 2.91 1.61
N CYS B 62 1.86 2.26 0.60
CA CYS B 62 1.23 1.19 -0.20
C CYS B 62 1.24 -0.18 0.51
N GLY B 63 2.03 -0.33 1.58
CA GLY B 63 2.11 -1.54 2.42
C GLY B 63 3.34 -2.41 2.21
N PHE B 64 4.37 -1.94 1.49
CA PHE B 64 5.62 -2.65 1.25
C PHE B 64 6.73 -2.13 2.20
N ASP B 65 7.98 -2.42 1.86
CA ASP B 65 9.21 -2.13 2.60
C ASP B 65 10.34 -2.26 1.58
N CYS B 66 11.33 -1.40 1.67
CA CYS B 66 12.04 -0.93 0.48
C CYS B 66 13.33 -0.17 0.77
N GLU B 67 14.02 0.22 -0.30
CA GLU B 67 15.30 0.94 -0.31
C GLU B 67 15.68 1.32 -1.73
N ILE B 68 16.53 2.33 -1.86
CA ILE B 68 17.19 2.58 -3.14
C ILE B 68 18.35 1.60 -3.27
N LEU B 69 18.27 0.67 -4.22
CA LEU B 69 19.32 -0.31 -4.43
C LEU B 69 20.47 0.43 -5.13
N ARG B 70 20.20 0.98 -6.33
CA ARG B 70 21.12 1.85 -7.07
C ARG B 70 20.38 2.70 -8.09
N ASP B 71 20.80 3.96 -8.17
CA ASP B 71 20.80 4.76 -9.39
C ASP B 71 21.86 4.20 -10.37
N SER B 72 21.50 3.11 -11.05
CA SER B 72 22.33 2.37 -12.04
C SER B 72 22.32 3.02 -13.42
CU CU1 C . -0.57 -9.61 -4.73
N MET A 1 -10.10 10.41 26.68
CA MET A 1 -11.47 9.86 26.77
C MET A 1 -12.11 9.85 25.40
N ALA A 2 -12.62 8.70 24.96
CA ALA A 2 -13.24 8.48 23.65
C ALA A 2 -13.93 7.12 23.62
N GLU A 3 -15.08 7.04 22.95
CA GLU A 3 -15.78 5.77 22.75
C GLU A 3 -15.22 5.02 21.53
N ILE A 4 -15.28 3.69 21.55
CA ILE A 4 -14.89 2.85 20.41
C ILE A 4 -16.04 2.77 19.41
N LYS A 5 -15.68 3.01 18.16
CA LYS A 5 -16.57 3.10 16.99
C LYS A 5 -16.26 1.97 15.99
N HIS A 6 -17.24 1.57 15.19
CA HIS A 6 -17.14 0.44 14.27
C HIS A 6 -17.48 0.84 12.83
N TYR A 7 -16.73 0.29 11.88
CA TYR A 7 -16.79 0.61 10.46
C TYR A 7 -16.53 -0.64 9.59
N GLN A 8 -17.21 -0.73 8.44
CA GLN A 8 -17.10 -1.85 7.50
C GLN A 8 -16.90 -1.32 6.08
N PHE A 9 -15.86 -1.82 5.41
CA PHE A 9 -15.43 -1.47 4.06
C PHE A 9 -15.43 -2.73 3.16
N ASN A 10 -15.78 -2.56 1.88
CA ASN A 10 -15.63 -3.59 0.84
C ASN A 10 -14.45 -3.22 -0.09
N VAL A 11 -13.50 -4.13 -0.26
CA VAL A 11 -12.15 -3.87 -0.80
C VAL A 11 -11.67 -5.09 -1.58
N VAL A 12 -11.06 -4.89 -2.74
CA VAL A 12 -10.43 -5.96 -3.53
C VAL A 12 -9.14 -6.39 -2.86
N MET A 13 -8.97 -7.69 -2.60
CA MET A 13 -7.78 -8.24 -1.92
C MET A 13 -7.32 -9.55 -2.57
N THR A 14 -6.05 -9.59 -2.99
CA THR A 14 -5.37 -10.79 -3.55
C THR A 14 -4.55 -11.48 -2.45
N CYS A 15 -3.54 -12.28 -2.81
CA CYS A 15 -2.78 -13.11 -1.89
C CYS A 15 -1.61 -12.35 -1.19
N SER A 16 -0.47 -13.04 -1.01
CA SER A 16 0.55 -12.78 0.00
C SER A 16 1.17 -11.37 -0.02
N GLY A 17 1.42 -10.77 -1.19
CA GLY A 17 2.04 -9.43 -1.27
C GLY A 17 1.03 -8.32 -0.97
N CYS A 18 -0.21 -8.45 -1.45
CA CYS A 18 -1.35 -7.66 -1.00
C CYS A 18 -1.53 -7.79 0.53
N SER A 19 -1.55 -9.03 1.03
CA SER A 19 -1.71 -9.35 2.46
C SER A 19 -0.65 -8.69 3.36
N GLY A 20 0.62 -8.66 2.92
CA GLY A 20 1.72 -8.01 3.62
C GLY A 20 1.70 -6.48 3.53
N ALA A 21 1.12 -5.92 2.46
CA ALA A 21 0.93 -4.47 2.29
C ALA A 21 -0.23 -3.95 3.15
N VAL A 22 -1.41 -4.58 3.02
CA VAL A 22 -2.62 -4.30 3.82
C VAL A 22 -2.33 -4.42 5.31
N ASN A 23 -1.46 -5.37 5.70
CA ASN A 23 -0.91 -5.43 7.06
C ASN A 23 -0.01 -4.21 7.37
N LYS A 24 1.11 -4.01 6.66
CA LYS A 24 2.13 -3.01 7.04
C LYS A 24 1.62 -1.57 7.19
N VAL A 25 0.74 -1.10 6.31
CA VAL A 25 0.29 0.32 6.37
C VAL A 25 -0.60 0.56 7.61
N LEU A 26 -1.32 -0.47 8.10
CA LEU A 26 -2.30 -0.41 9.18
C LEU A 26 -1.77 -0.83 10.56
N THR A 27 -0.76 -1.71 10.69
CA THR A 27 -0.23 -2.19 11.98
C THR A 27 0.29 -1.08 12.89
N LYS A 28 0.75 0.02 12.31
CA LYS A 28 1.14 1.24 13.04
C LYS A 28 -0.01 1.84 13.88
N LEU A 29 -1.28 1.50 13.59
CA LEU A 29 -2.48 2.04 14.24
C LEU A 29 -2.99 1.19 15.42
N GLU A 30 -2.42 0.03 15.75
CA GLU A 30 -2.90 -0.78 16.89
C GLU A 30 -3.00 -0.06 18.24
N PRO A 31 -2.19 0.98 18.56
CA PRO A 31 -2.41 1.75 19.77
C PRO A 31 -3.80 2.40 19.86
N ASP A 32 -4.47 2.64 18.72
CA ASP A 32 -5.81 3.24 18.64
C ASP A 32 -6.88 2.28 18.06
N VAL A 33 -6.46 1.30 17.25
CA VAL A 33 -7.31 0.24 16.67
C VAL A 33 -7.25 -1.01 17.55
N SER A 34 -8.38 -1.39 18.15
CA SER A 34 -8.48 -2.54 19.04
C SER A 34 -8.52 -3.88 18.28
N LYS A 35 -9.24 -3.95 17.15
CA LYS A 35 -9.32 -5.15 16.30
C LYS A 35 -9.59 -4.82 14.82
N ILE A 36 -8.67 -5.20 13.94
CA ILE A 36 -8.93 -5.42 12.49
C ILE A 36 -9.32 -6.88 12.28
N ASP A 37 -10.39 -7.13 11.53
CA ASP A 37 -10.78 -8.45 11.04
C ASP A 37 -11.01 -8.43 9.53
N ILE A 38 -10.17 -9.15 8.80
CA ILE A 38 -10.14 -9.19 7.32
C ILE A 38 -10.87 -10.44 6.82
N SER A 39 -11.87 -10.27 5.96
CA SER A 39 -12.64 -11.36 5.33
C SER A 39 -12.41 -11.36 3.81
N LEU A 40 -11.32 -12.01 3.38
CA LEU A 40 -10.82 -12.03 2.00
C LEU A 40 -11.87 -12.53 1.00
N GLU A 41 -12.54 -13.64 1.30
CA GLU A 41 -13.57 -14.24 0.46
C GLU A 41 -14.75 -13.29 0.30
N LYS A 42 -15.24 -12.73 1.40
CA LYS A 42 -16.34 -11.76 1.42
C LYS A 42 -15.96 -10.41 0.77
N GLN A 43 -14.66 -10.13 0.61
CA GLN A 43 -14.06 -8.87 0.14
C GLN A 43 -14.18 -7.75 1.18
N LEU A 44 -14.37 -8.11 2.46
CA LEU A 44 -14.68 -7.18 3.55
C LEU A 44 -13.50 -6.95 4.49
N VAL A 45 -13.49 -5.75 5.03
CA VAL A 45 -12.62 -5.32 6.13
C VAL A 45 -13.49 -4.67 7.21
N ASP A 46 -13.32 -5.10 8.46
CA ASP A 46 -14.08 -4.64 9.63
C ASP A 46 -13.14 -4.15 10.73
N VAL A 47 -13.37 -2.92 11.20
CA VAL A 47 -12.44 -2.21 12.11
C VAL A 47 -13.17 -1.68 13.35
N TYR A 48 -12.55 -1.86 14.52
CA TYR A 48 -12.90 -1.23 15.80
C TYR A 48 -11.80 -0.26 16.27
N THR A 49 -12.15 1.02 16.52
CA THR A 49 -11.19 2.09 16.86
C THR A 49 -11.88 3.36 17.38
N THR A 50 -11.12 4.27 17.99
CA THR A 50 -11.54 5.65 18.32
C THR A 50 -11.45 6.60 17.10
N LEU A 51 -10.69 6.24 16.07
CA LEU A 51 -10.44 7.01 14.85
C LEU A 51 -11.68 7.06 13.92
N PRO A 52 -11.80 8.08 13.04
CA PRO A 52 -12.93 8.22 12.12
C PRO A 52 -12.76 7.39 10.83
N TYR A 53 -13.89 7.12 10.17
CA TYR A 53 -14.02 6.39 8.91
C TYR A 53 -13.05 6.88 7.82
N ASP A 54 -13.02 8.21 7.60
CA ASP A 54 -12.26 8.85 6.52
C ASP A 54 -10.73 8.67 6.66
N PHE A 55 -10.22 8.65 7.90
CA PHE A 55 -8.79 8.43 8.16
C PHE A 55 -8.38 6.98 7.85
N ILE A 56 -9.21 6.01 8.23
CA ILE A 56 -8.94 4.57 8.06
C ILE A 56 -8.99 4.17 6.58
N LEU A 57 -10.00 4.62 5.82
CA LEU A 57 -10.10 4.26 4.41
C LEU A 57 -8.94 4.80 3.58
N GLU A 58 -8.38 5.96 3.91
CA GLU A 58 -7.18 6.49 3.28
C GLU A 58 -5.96 5.60 3.49
N LYS A 59 -5.72 5.06 4.70
CA LYS A 59 -4.61 4.14 4.94
C LYS A 59 -4.78 2.78 4.24
N ILE A 60 -6.02 2.31 4.04
CA ILE A 60 -6.30 1.13 3.21
C ILE A 60 -6.04 1.45 1.73
N LYS A 61 -6.66 2.49 1.20
CA LYS A 61 -6.58 2.92 -0.21
C LYS A 61 -5.13 3.18 -0.66
N LYS A 62 -4.27 3.71 0.24
CA LYS A 62 -2.84 3.98 0.02
C LYS A 62 -2.02 2.76 -0.46
N THR A 63 -2.48 1.52 -0.24
CA THR A 63 -1.83 0.26 -0.68
C THR A 63 -1.77 0.10 -2.20
N GLY A 64 -2.72 0.65 -2.97
CA GLY A 64 -2.78 0.50 -4.43
C GLY A 64 -3.78 -0.54 -4.94
N LYS A 65 -4.52 -1.21 -4.06
CA LYS A 65 -5.64 -2.08 -4.47
C LYS A 65 -6.99 -1.33 -4.46
N GLU A 66 -7.99 -1.87 -5.15
CA GLU A 66 -9.26 -1.22 -5.46
C GLU A 66 -10.25 -1.30 -4.29
N VAL A 67 -10.98 -0.21 -4.05
CA VAL A 67 -11.97 -0.06 -2.97
C VAL A 67 -13.37 0.04 -3.59
N ARG A 68 -14.31 -0.78 -3.10
CA ARG A 68 -15.64 -0.96 -3.70
C ARG A 68 -16.77 -0.28 -2.90
N SER A 69 -16.73 -0.29 -1.57
CA SER A 69 -17.86 0.19 -0.73
C SER A 69 -17.41 0.57 0.69
N GLY A 70 -18.31 1.15 1.51
CA GLY A 70 -18.12 1.27 2.96
C GLY A 70 -19.07 2.21 3.68
N LYS A 71 -19.16 2.07 5.01
CA LYS A 71 -19.95 2.91 5.94
C LYS A 71 -19.70 2.57 7.43
N GLN A 72 -20.48 3.19 8.33
CA GLN A 72 -20.48 2.96 9.78
C GLN A 72 -21.39 1.80 10.21
N LEU A 73 -21.23 1.35 11.47
CA LEU A 73 -22.04 0.33 12.14
C LEU A 73 -22.49 0.78 13.54
N ALA B 1 13.63 12.12 -19.48
CA ALA B 1 13.44 10.99 -18.56
C ALA B 1 14.75 10.59 -17.86
N ARG B 2 14.63 9.96 -16.69
CA ARG B 2 15.69 9.36 -15.90
C ARG B 2 15.06 8.26 -15.04
N GLU B 3 15.74 7.12 -14.96
CA GLU B 3 15.29 5.88 -14.31
C GLU B 3 15.82 5.71 -12.87
N VAL B 4 15.17 4.83 -12.10
CA VAL B 4 15.63 4.34 -10.79
C VAL B 4 15.13 2.91 -10.60
N ILE B 5 16.00 2.05 -10.05
CA ILE B 5 15.78 0.62 -9.87
C ILE B 5 15.91 0.31 -8.38
N LEU B 6 14.89 -0.31 -7.78
CA LEU B 6 14.84 -0.58 -6.34
C LEU B 6 14.43 -2.03 -6.07
N ALA B 7 15.05 -2.67 -5.07
CA ALA B 7 14.71 -4.02 -4.67
C ALA B 7 13.65 -3.92 -3.56
N VAL B 8 12.45 -4.45 -3.80
CA VAL B 8 11.26 -4.26 -2.95
C VAL B 8 10.96 -5.58 -2.24
N HIS B 9 11.27 -5.60 -0.94
CA HIS B 9 11.43 -6.83 -0.16
C HIS B 9 10.12 -7.59 0.10
N GLY B 10 8.97 -6.94 -0.11
CA GLY B 10 7.62 -7.49 0.08
C GLY B 10 6.94 -8.02 -1.18
N MET B 11 7.61 -8.00 -2.35
CA MET B 11 7.07 -8.59 -3.59
C MET B 11 7.05 -10.13 -3.57
N THR B 12 6.09 -10.71 -4.30
CA THR B 12 5.71 -12.13 -4.22
C THR B 12 5.41 -12.76 -5.59
N CYS B 13 4.49 -12.17 -6.37
CA CYS B 13 3.74 -12.89 -7.39
C CYS B 13 3.21 -12.00 -8.56
N SER B 14 1.92 -11.65 -8.50
CA SER B 14 1.11 -10.97 -9.50
C SER B 14 -0.12 -10.32 -8.84
N ALA B 15 -0.51 -9.12 -9.28
CA ALA B 15 -1.56 -8.24 -8.73
C ALA B 15 -1.14 -7.59 -7.40
N CYS B 16 -0.69 -8.41 -6.45
CA CYS B 16 0.01 -8.06 -5.22
C CYS B 16 1.22 -7.10 -5.44
N THR B 17 1.76 -7.09 -6.67
CA THR B 17 2.90 -6.31 -7.14
C THR B 17 2.48 -5.06 -7.93
N ASN B 18 1.48 -5.14 -8.81
CA ASN B 18 1.06 -3.98 -9.61
C ASN B 18 0.24 -2.95 -8.80
N THR B 19 0.00 -3.20 -7.51
CA THR B 19 -0.22 -2.19 -6.47
C THR B 19 0.87 -1.11 -6.53
N ILE B 20 2.13 -1.52 -6.64
CA ILE B 20 3.29 -0.60 -6.72
C ILE B 20 3.20 0.25 -7.99
N ASN B 21 2.97 -0.36 -9.16
CA ASN B 21 2.68 0.37 -10.40
C ASN B 21 1.49 1.34 -10.23
N THR B 22 0.35 0.85 -9.70
CA THR B 22 -0.87 1.65 -9.47
C THR B 22 -0.61 2.91 -8.64
N GLN B 23 0.27 2.85 -7.63
CA GLN B 23 0.61 4.00 -6.80
C GLN B 23 1.75 4.86 -7.40
N LEU B 24 2.87 4.26 -7.80
CA LEU B 24 4.05 5.03 -8.24
C LEU B 24 3.82 5.74 -9.57
N ARG B 25 3.22 5.08 -10.58
CA ARG B 25 2.96 5.73 -11.88
C ARG B 25 2.03 6.95 -11.76
N ALA B 26 1.17 6.99 -10.75
CA ALA B 26 0.27 8.12 -10.49
C ALA B 26 0.97 9.36 -9.89
N LEU B 27 2.23 9.26 -9.45
CA LEU B 27 3.00 10.37 -8.89
C LEU B 27 3.41 11.33 -10.01
N LYS B 28 3.10 12.62 -9.80
CA LYS B 28 3.42 13.70 -10.74
C LYS B 28 4.93 13.73 -11.06
N GLY B 29 5.29 13.34 -12.29
CA GLY B 29 6.68 13.20 -12.76
C GLY B 29 7.11 11.76 -13.06
N VAL B 30 6.41 10.73 -12.57
CA VAL B 30 6.68 9.31 -12.87
C VAL B 30 5.85 8.88 -14.09
N THR B 31 6.47 8.17 -15.04
CA THR B 31 5.91 7.96 -16.39
C THR B 31 5.72 6.48 -16.77
N LYS B 32 6.56 5.57 -16.26
CA LYS B 32 6.45 4.11 -16.45
C LYS B 32 6.96 3.33 -15.22
N CYS B 33 6.32 2.21 -14.88
CA CYS B 33 6.71 1.33 -13.75
C CYS B 33 6.50 -0.16 -14.09
N ASP B 34 7.57 -0.95 -14.06
CA ASP B 34 7.59 -2.41 -14.26
C ASP B 34 8.22 -3.14 -13.05
N ILE B 35 8.10 -4.47 -12.97
CA ILE B 35 8.40 -5.31 -11.79
C ILE B 35 8.83 -6.74 -12.15
N SER B 36 9.81 -7.29 -11.44
CA SER B 36 10.28 -8.69 -11.57
C SER B 36 10.67 -9.31 -10.22
N LEU B 37 10.85 -10.63 -10.16
CA LEU B 37 11.02 -11.42 -8.94
C LEU B 37 12.39 -12.11 -8.86
N VAL B 38 13.44 -11.55 -9.46
CA VAL B 38 14.78 -12.16 -9.52
C VAL B 38 15.63 -11.65 -8.35
N THR B 39 15.76 -10.32 -8.22
CA THR B 39 16.18 -9.59 -7.01
C THR B 39 14.97 -9.12 -6.20
N ASN B 40 13.76 -9.28 -6.76
CA ASN B 40 12.49 -8.63 -6.37
C ASN B 40 12.54 -7.14 -6.74
N GLU B 41 12.91 -6.86 -8.00
CA GLU B 41 13.22 -5.53 -8.51
C GLU B 41 12.01 -4.81 -9.11
N CYS B 42 11.90 -3.50 -8.85
CA CYS B 42 11.00 -2.56 -9.54
C CYS B 42 11.81 -1.66 -10.48
N GLN B 43 11.33 -1.47 -11.71
CA GLN B 43 12.00 -0.74 -12.78
C GLN B 43 11.15 0.48 -13.12
N VAL B 44 11.49 1.63 -12.53
CA VAL B 44 10.72 2.88 -12.58
C VAL B 44 11.47 3.96 -13.35
N THR B 45 10.70 4.75 -14.11
CA THR B 45 11.16 5.81 -15.02
C THR B 45 10.42 7.09 -14.66
N TYR B 46 11.13 8.22 -14.52
CA TYR B 46 10.59 9.47 -14.04
C TYR B 46 11.35 10.67 -14.64
N ASP B 47 11.13 11.81 -14.01
CA ASP B 47 11.58 13.18 -14.25
C ASP B 47 11.17 14.06 -13.06
N ASN B 48 11.72 15.27 -12.99
CA ASN B 48 11.43 16.37 -12.06
C ASN B 48 12.20 16.25 -10.73
N GLU B 49 12.31 17.41 -10.07
CA GLU B 49 13.05 17.72 -8.84
C GLU B 49 12.95 16.71 -7.67
N VAL B 50 11.87 15.94 -7.57
CA VAL B 50 11.66 14.81 -6.65
C VAL B 50 12.84 13.82 -6.64
N THR B 51 13.09 13.26 -5.45
CA THR B 51 14.24 12.39 -5.13
C THR B 51 13.82 10.96 -4.85
N ALA B 52 14.69 10.01 -5.21
CA ALA B 52 14.55 8.60 -4.84
C ALA B 52 14.50 8.38 -3.32
N ASP B 53 15.05 9.31 -2.52
CA ASP B 53 15.00 9.32 -1.06
C ASP B 53 13.58 9.53 -0.51
N SER B 54 12.67 10.10 -1.31
CA SER B 54 11.23 10.13 -1.00
C SER B 54 10.53 8.84 -1.42
N ILE B 55 10.92 8.25 -2.57
CA ILE B 55 10.39 6.95 -3.01
C ILE B 55 10.66 5.88 -1.95
N LYS B 56 11.85 5.93 -1.33
CA LYS B 56 12.32 5.14 -0.17
C LYS B 56 11.43 5.22 1.10
N GLU B 57 10.37 6.03 1.11
CA GLU B 57 9.39 6.16 2.18
C GLU B 57 7.97 5.96 1.62
N ILE B 58 7.67 6.47 0.42
CA ILE B 58 6.42 6.17 -0.31
C ILE B 58 6.25 4.67 -0.53
N ILE B 59 7.34 3.93 -0.84
CA ILE B 59 7.30 2.47 -0.95
C ILE B 59 6.90 1.79 0.36
N GLU B 60 7.15 2.45 1.49
CA GLU B 60 6.69 1.98 2.81
C GLU B 60 5.26 2.45 3.12
N ASP B 61 4.81 3.56 2.54
CA ASP B 61 3.39 3.94 2.57
C ASP B 61 2.52 3.09 1.63
N CYS B 62 3.12 2.46 0.61
CA CYS B 62 2.49 1.37 -0.15
C CYS B 62 2.46 0.04 0.63
N GLY B 63 3.22 -0.08 1.73
CA GLY B 63 3.27 -1.27 2.58
C GLY B 63 4.39 -2.27 2.26
N PHE B 64 5.50 -1.81 1.65
CA PHE B 64 6.68 -2.61 1.35
C PHE B 64 7.94 -1.98 2.00
N ASP B 65 9.14 -2.22 1.46
CA ASP B 65 10.43 -1.66 1.89
C ASP B 65 11.52 -1.97 0.86
N CYS B 66 12.60 -1.18 0.88
CA CYS B 66 13.71 -1.28 -0.07
C CYS B 66 15.05 -0.83 0.54
N GLU B 67 16.09 -0.74 -0.29
CA GLU B 67 17.33 -0.01 0.03
C GLU B 67 17.75 0.86 -1.17
N ILE B 68 16.76 1.22 -1.99
CA ILE B 68 16.91 1.41 -3.44
C ILE B 68 17.61 0.16 -4.01
N LEU B 69 18.29 0.26 -5.14
CA LEU B 69 19.27 -0.72 -5.62
C LEU B 69 20.29 -0.06 -6.56
N ARG B 70 19.85 0.80 -7.48
CA ARG B 70 20.71 1.64 -8.32
C ARG B 70 19.91 2.72 -9.04
N ASP B 71 20.56 3.86 -9.19
CA ASP B 71 20.02 5.13 -9.69
C ASP B 71 19.98 5.21 -11.24
N SER B 72 19.85 4.05 -11.91
CA SER B 72 19.90 3.78 -13.38
C SER B 72 20.03 2.29 -13.66
CU CU1 C . 0.33 -12.36 -3.80
N MET A 1 -22.03 7.28 24.18
CA MET A 1 -21.00 6.36 23.64
C MET A 1 -20.13 7.07 22.62
N ALA A 2 -18.82 6.87 22.72
CA ALA A 2 -17.78 7.55 21.94
C ALA A 2 -16.36 6.94 22.10
N GLU A 3 -16.15 6.05 23.07
CA GLU A 3 -14.87 5.38 23.29
C GLU A 3 -14.73 4.20 22.32
N ILE A 4 -13.78 4.33 21.38
CA ILE A 4 -13.48 3.46 20.25
C ILE A 4 -14.69 3.24 19.31
N LYS A 5 -14.52 3.56 18.03
CA LYS A 5 -15.51 3.27 17.00
C LYS A 5 -15.17 1.95 16.26
N HIS A 6 -16.19 1.27 15.78
CA HIS A 6 -16.08 0.07 14.95
C HIS A 6 -16.49 0.42 13.51
N TYR A 7 -15.74 -0.09 12.53
CA TYR A 7 -15.97 0.13 11.09
C TYR A 7 -15.76 -1.19 10.31
N GLN A 8 -16.42 -1.31 9.17
CA GLN A 8 -16.22 -2.44 8.25
C GLN A 8 -16.33 -1.96 6.81
N PHE A 9 -15.38 -2.40 5.97
CA PHE A 9 -15.24 -2.01 4.57
C PHE A 9 -15.18 -3.25 3.66
N ASN A 10 -15.81 -3.15 2.50
CA ASN A 10 -15.67 -4.06 1.37
C ASN A 10 -14.50 -3.58 0.48
N VAL A 11 -13.48 -4.41 0.27
CA VAL A 11 -12.17 -4.00 -0.29
C VAL A 11 -11.70 -5.03 -1.30
N VAL A 12 -11.20 -4.57 -2.46
CA VAL A 12 -10.69 -5.44 -3.53
C VAL A 12 -9.39 -6.14 -3.08
N MET A 13 -9.39 -7.47 -3.05
CA MET A 13 -8.23 -8.28 -2.63
C MET A 13 -8.15 -9.60 -3.43
N THR A 14 -7.20 -9.71 -4.36
CA THR A 14 -6.94 -10.95 -5.12
C THR A 14 -6.49 -12.08 -4.20
N CYS A 15 -5.42 -11.84 -3.45
CA CYS A 15 -4.61 -12.85 -2.78
C CYS A 15 -4.36 -12.55 -1.28
N SER A 16 -3.71 -13.48 -0.59
CA SER A 16 -3.22 -13.30 0.78
C SER A 16 -1.99 -12.36 0.85
N GLY A 17 -1.47 -11.95 -0.32
CA GLY A 17 -0.51 -10.86 -0.50
C GLY A 17 -1.17 -9.49 -0.52
N CYS A 18 -2.43 -9.37 -0.95
CA CYS A 18 -3.21 -8.13 -0.83
C CYS A 18 -3.49 -7.82 0.65
N SER A 19 -4.09 -8.77 1.37
CA SER A 19 -4.33 -8.66 2.81
C SER A 19 -3.03 -8.51 3.61
N GLY A 20 -1.95 -9.17 3.19
CA GLY A 20 -0.63 -9.05 3.81
C GLY A 20 -0.03 -7.65 3.66
N ALA A 21 -0.16 -7.05 2.48
CA ALA A 21 0.23 -5.66 2.20
C ALA A 21 -0.62 -4.66 3.02
N VAL A 22 -1.95 -4.82 2.98
CA VAL A 22 -2.89 -4.01 3.80
C VAL A 22 -2.50 -4.06 5.28
N ASN A 23 -2.26 -5.25 5.84
CA ASN A 23 -1.81 -5.41 7.22
C ASN A 23 -0.48 -4.68 7.50
N LYS A 24 0.52 -4.75 6.61
CA LYS A 24 1.83 -4.09 6.79
C LYS A 24 1.75 -2.55 6.78
N VAL A 25 0.79 -1.96 6.04
CA VAL A 25 0.47 -0.52 6.17
C VAL A 25 -0.16 -0.21 7.54
N LEU A 26 -1.10 -1.05 8.00
CA LEU A 26 -1.95 -0.77 9.17
C LEU A 26 -1.33 -1.13 10.53
N THR A 27 -0.34 -2.03 10.63
CA THR A 27 0.40 -2.33 11.86
C THR A 27 1.11 -1.11 12.43
N LYS A 28 1.43 -0.13 11.61
CA LYS A 28 1.94 1.19 12.04
C LYS A 28 0.97 1.97 12.95
N LEU A 29 -0.31 1.56 13.03
CA LEU A 29 -1.39 2.26 13.72
C LEU A 29 -1.91 1.55 14.99
N GLU A 30 -1.29 0.45 15.45
CA GLU A 30 -1.69 -0.25 16.68
C GLU A 30 -1.83 0.62 17.95
N PRO A 31 -1.10 1.75 18.12
CA PRO A 31 -1.32 2.63 19.27
C PRO A 31 -2.72 3.27 19.33
N ASP A 32 -3.48 3.26 18.23
CA ASP A 32 -4.84 3.80 18.14
C ASP A 32 -5.87 2.78 17.59
N VAL A 33 -5.45 1.87 16.70
CA VAL A 33 -6.24 0.73 16.20
C VAL A 33 -6.07 -0.46 17.16
N SER A 34 -7.16 -1.02 17.68
CA SER A 34 -7.12 -2.10 18.67
C SER A 34 -7.15 -3.52 18.05
N LYS A 35 -7.94 -3.74 16.99
CA LYS A 35 -8.18 -5.06 16.41
C LYS A 35 -8.57 -4.99 14.92
N ILE A 36 -7.78 -5.62 14.05
CA ILE A 36 -8.09 -5.82 12.61
C ILE A 36 -8.43 -7.29 12.38
N ASP A 37 -9.46 -7.57 11.59
CA ASP A 37 -9.83 -8.94 11.20
C ASP A 37 -10.37 -9.00 9.78
N ILE A 38 -9.74 -9.81 8.93
CA ILE A 38 -10.05 -9.88 7.49
C ILE A 38 -10.97 -11.08 7.19
N SER A 39 -11.91 -10.91 6.27
CA SER A 39 -12.76 -11.95 5.68
C SER A 39 -12.54 -11.96 4.16
N LEU A 40 -11.52 -12.70 3.72
CA LEU A 40 -11.01 -12.66 2.34
C LEU A 40 -11.98 -13.24 1.30
N GLU A 41 -12.76 -14.27 1.64
CA GLU A 41 -13.76 -14.86 0.74
C GLU A 41 -14.88 -13.86 0.43
N LYS A 42 -15.45 -13.23 1.47
CA LYS A 42 -16.44 -12.15 1.34
C LYS A 42 -15.83 -10.76 1.04
N GLN A 43 -14.52 -10.68 0.78
CA GLN A 43 -13.81 -9.46 0.34
C GLN A 43 -13.97 -8.24 1.27
N LEU A 44 -13.99 -8.47 2.58
CA LEU A 44 -14.23 -7.44 3.60
C LEU A 44 -13.22 -7.43 4.76
N VAL A 45 -13.13 -6.29 5.42
CA VAL A 45 -12.19 -6.01 6.53
C VAL A 45 -12.94 -5.33 7.68
N ASP A 46 -12.77 -5.85 8.90
CA ASP A 46 -13.32 -5.30 10.15
C ASP A 46 -12.24 -4.59 10.97
N VAL A 47 -12.54 -3.38 11.44
CA VAL A 47 -11.62 -2.52 12.21
C VAL A 47 -12.30 -2.00 13.49
N TYR A 48 -11.55 -1.93 14.60
CA TYR A 48 -11.87 -1.17 15.81
C TYR A 48 -10.76 -0.16 16.11
N THR A 49 -11.10 1.12 16.33
CA THR A 49 -10.12 2.22 16.48
C THR A 49 -10.76 3.53 16.99
N THR A 50 -9.91 4.42 17.51
CA THR A 50 -10.18 5.85 17.77
C THR A 50 -10.25 6.70 16.50
N LEU A 51 -9.57 6.29 15.43
CA LEU A 51 -9.35 7.08 14.21
C LEU A 51 -10.64 7.29 13.39
N PRO A 52 -10.77 8.40 12.63
CA PRO A 52 -11.98 8.74 11.89
C PRO A 52 -12.13 7.94 10.59
N TYR A 53 -13.37 7.77 10.15
CA TYR A 53 -13.78 7.01 8.96
C TYR A 53 -13.01 7.43 7.69
N ASP A 54 -12.89 8.74 7.46
CA ASP A 54 -12.18 9.35 6.33
C ASP A 54 -10.70 8.96 6.27
N PHE A 55 -10.01 8.99 7.42
CA PHE A 55 -8.59 8.64 7.50
C PHE A 55 -8.35 7.14 7.27
N ILE A 56 -9.29 6.28 7.65
CA ILE A 56 -9.20 4.83 7.38
C ILE A 56 -9.46 4.53 5.90
N LEU A 57 -10.46 5.15 5.26
CA LEU A 57 -10.67 5.06 3.80
C LEU A 57 -9.39 5.40 3.05
N GLU A 58 -8.78 6.53 3.43
CA GLU A 58 -7.54 7.01 2.86
C GLU A 58 -6.38 6.05 3.07
N LYS A 59 -6.08 5.59 4.29
CA LYS A 59 -4.98 4.64 4.53
C LYS A 59 -5.18 3.29 3.84
N ILE A 60 -6.43 2.83 3.64
CA ILE A 60 -6.73 1.66 2.79
C ILE A 60 -6.41 1.98 1.33
N LYS A 61 -6.99 3.04 0.77
CA LYS A 61 -6.85 3.40 -0.64
C LYS A 61 -5.41 3.70 -1.07
N LYS A 62 -4.57 4.25 -0.18
CA LYS A 62 -3.11 4.44 -0.41
C LYS A 62 -2.36 3.15 -0.83
N THR A 63 -2.87 1.95 -0.51
CA THR A 63 -2.29 0.66 -0.91
C THR A 63 -2.29 0.42 -2.42
N GLY A 64 -3.18 1.08 -3.16
CA GLY A 64 -3.44 0.84 -4.58
C GLY A 64 -4.46 -0.26 -4.85
N LYS A 65 -5.03 -0.87 -3.79
CA LYS A 65 -6.27 -1.67 -3.87
C LYS A 65 -7.50 -0.75 -3.70
N GLU A 66 -8.60 -1.03 -4.40
CA GLU A 66 -9.82 -0.22 -4.37
C GLU A 66 -10.73 -0.59 -3.20
N VAL A 67 -11.37 0.42 -2.60
CA VAL A 67 -12.44 0.26 -1.59
C VAL A 67 -13.81 0.51 -2.23
N ARG A 68 -14.72 -0.46 -2.07
CA ARG A 68 -16.02 -0.50 -2.74
C ARG A 68 -17.14 0.14 -1.90
N SER A 69 -17.18 -0.13 -0.60
CA SER A 69 -18.23 0.36 0.32
C SER A 69 -17.83 0.19 1.79
N GLY A 70 -18.56 0.81 2.73
CA GLY A 70 -18.29 0.66 4.16
C GLY A 70 -19.20 1.45 5.11
N LYS A 71 -19.26 1.02 6.38
CA LYS A 71 -20.17 1.55 7.40
C LYS A 71 -19.49 1.80 8.76
N GLN A 72 -20.10 2.64 9.60
CA GLN A 72 -19.83 2.76 11.02
C GLN A 72 -20.79 1.86 11.81
N LEU A 73 -20.25 1.01 12.67
CA LEU A 73 -20.94 -0.10 13.33
C LEU A 73 -21.17 0.17 14.83
N ALA B 1 15.74 14.01 -16.66
CA ALA B 1 15.26 12.71 -16.14
C ALA B 1 16.12 12.29 -14.94
N ARG B 2 15.97 11.06 -14.45
CA ARG B 2 16.64 10.49 -13.30
C ARG B 2 16.25 9.01 -13.25
N GLU B 3 17.04 8.23 -12.55
CA GLU B 3 17.04 6.77 -12.49
C GLU B 3 17.15 6.28 -11.04
N VAL B 4 16.62 5.09 -10.76
CA VAL B 4 16.66 4.44 -9.44
C VAL B 4 16.19 2.98 -9.54
N ILE B 5 16.99 2.07 -8.98
CA ILE B 5 16.60 0.71 -8.66
C ILE B 5 16.46 0.63 -7.14
N LEU B 6 15.29 0.22 -6.66
CA LEU B 6 15.04 -0.03 -5.25
C LEU B 6 14.71 -1.50 -5.01
N ALA B 7 15.18 -2.07 -3.90
CA ALA B 7 14.69 -3.36 -3.42
C ALA B 7 13.32 -3.15 -2.77
N VAL B 8 12.40 -4.11 -2.93
CA VAL B 8 11.03 -4.07 -2.37
C VAL B 8 10.73 -5.47 -1.87
N HIS B 9 10.89 -5.68 -0.56
CA HIS B 9 11.15 -6.99 0.05
C HIS B 9 9.92 -7.93 0.16
N GLY B 10 8.72 -7.43 -0.17
CA GLY B 10 7.44 -8.14 0.05
C GLY B 10 6.73 -8.61 -1.22
N MET B 11 7.31 -8.45 -2.41
CA MET B 11 6.64 -8.86 -3.67
C MET B 11 6.78 -10.37 -3.94
N THR B 12 5.67 -11.00 -4.37
CA THR B 12 5.57 -12.44 -4.69
C THR B 12 4.71 -12.68 -5.94
N CYS B 13 3.62 -11.93 -6.09
CA CYS B 13 2.52 -12.24 -7.01
C CYS B 13 2.33 -11.26 -8.19
N SER B 14 1.56 -11.72 -9.19
CA SER B 14 1.20 -10.97 -10.40
C SER B 14 0.07 -9.95 -10.19
N ALA B 15 -0.45 -9.79 -8.97
CA ALA B 15 -1.42 -8.75 -8.63
C ALA B 15 -0.73 -7.53 -8.00
N CYS B 16 -0.04 -7.72 -6.88
CA CYS B 16 0.50 -6.63 -6.07
C CYS B 16 1.70 -5.91 -6.74
N THR B 17 2.33 -6.52 -7.73
CA THR B 17 3.39 -5.93 -8.55
C THR B 17 2.85 -4.82 -9.42
N ASN B 18 1.79 -5.04 -10.21
CA ASN B 18 1.24 -3.94 -11.02
C ASN B 18 0.58 -2.86 -10.16
N THR B 19 0.21 -3.16 -8.90
CA THR B 19 -0.17 -2.13 -7.93
C THR B 19 0.97 -1.11 -7.76
N ILE B 20 2.24 -1.54 -7.83
CA ILE B 20 3.37 -0.60 -7.77
C ILE B 20 3.36 0.30 -9.01
N ASN B 21 3.31 -0.25 -10.22
CA ASN B 21 3.20 0.53 -11.46
C ASN B 21 2.00 1.47 -11.47
N THR B 22 0.80 1.00 -11.09
CA THR B 22 -0.40 1.86 -10.98
C THR B 22 -0.22 3.00 -9.96
N GLN B 23 0.40 2.76 -8.79
CA GLN B 23 0.64 3.82 -7.81
C GLN B 23 1.80 4.76 -8.22
N LEU B 24 2.81 4.27 -8.96
CA LEU B 24 3.89 5.09 -9.54
C LEU B 24 3.37 5.96 -10.70
N ARG B 25 2.55 5.40 -11.61
CA ARG B 25 1.86 6.16 -12.67
C ARG B 25 1.10 7.41 -12.16
N ALA B 26 0.66 7.44 -10.89
CA ALA B 26 -0.04 8.59 -10.31
C ALA B 26 0.86 9.79 -9.95
N LEU B 27 2.17 9.58 -9.70
CA LEU B 27 3.10 10.58 -9.10
C LEU B 27 3.51 11.77 -9.99
N LYS B 28 2.88 11.89 -11.16
CA LYS B 28 3.13 12.86 -12.24
C LYS B 28 4.61 13.12 -12.60
N GLY B 29 5.49 12.15 -12.33
CA GLY B 29 6.95 12.28 -12.40
C GLY B 29 7.71 11.04 -12.89
N VAL B 30 7.14 9.84 -12.80
CA VAL B 30 7.72 8.61 -13.39
C VAL B 30 7.47 8.61 -14.90
N THR B 31 8.49 8.25 -15.68
CA THR B 31 8.49 8.28 -17.15
C THR B 31 8.50 6.87 -17.77
N LYS B 32 9.11 5.91 -17.05
CA LYS B 32 9.10 4.48 -17.36
C LYS B 32 9.40 3.67 -16.08
N CYS B 33 8.84 2.47 -15.91
CA CYS B 33 9.14 1.59 -14.77
C CYS B 33 8.97 0.09 -15.07
N ASP B 34 9.78 -0.73 -14.42
CA ASP B 34 9.80 -2.19 -14.54
C ASP B 34 10.12 -2.86 -13.18
N ILE B 35 10.02 -4.18 -13.12
CA ILE B 35 10.11 -5.03 -11.92
C ILE B 35 10.83 -6.34 -12.28
N SER B 36 11.63 -6.88 -11.36
CA SER B 36 12.09 -8.28 -11.42
C SER B 36 11.84 -8.98 -10.07
N LEU B 37 10.96 -10.00 -10.07
CA LEU B 37 10.47 -10.70 -8.88
C LEU B 37 11.51 -11.61 -8.21
N VAL B 38 12.41 -12.24 -8.98
CA VAL B 38 13.39 -13.20 -8.45
C VAL B 38 14.50 -12.48 -7.66
N THR B 39 14.91 -11.29 -8.12
CA THR B 39 15.85 -10.39 -7.44
C THR B 39 15.16 -9.45 -6.45
N ASN B 40 13.84 -9.25 -6.60
CA ASN B 40 12.94 -8.52 -5.68
C ASN B 40 13.08 -6.99 -5.80
N GLU B 41 13.30 -6.50 -7.03
CA GLU B 41 13.65 -5.10 -7.36
C GLU B 41 12.62 -4.41 -8.27
N CYS B 42 12.52 -3.08 -8.15
CA CYS B 42 11.82 -2.18 -9.07
C CYS B 42 12.84 -1.27 -9.79
N GLN B 43 12.75 -1.11 -11.11
CA GLN B 43 13.66 -0.34 -11.95
C GLN B 43 12.89 0.86 -12.54
N VAL B 44 12.98 2.00 -11.87
CA VAL B 44 12.11 3.18 -12.07
C VAL B 44 12.91 4.40 -12.56
N THR B 45 12.37 5.05 -13.59
CA THR B 45 13.04 6.09 -14.38
C THR B 45 12.11 7.30 -14.44
N TYR B 46 12.50 8.43 -13.87
CA TYR B 46 11.63 9.54 -13.50
C TYR B 46 12.22 10.90 -13.91
N ASP B 47 11.77 11.95 -13.24
CA ASP B 47 11.82 13.36 -13.64
C ASP B 47 11.53 14.32 -12.46
N ASN B 48 11.89 15.58 -12.66
CA ASN B 48 12.01 16.65 -11.65
C ASN B 48 10.71 17.03 -10.91
N GLU B 49 9.57 16.47 -11.32
CA GLU B 49 8.30 16.54 -10.58
C GLU B 49 8.21 15.53 -9.41
N VAL B 50 9.19 14.63 -9.21
CA VAL B 50 9.26 13.70 -8.05
C VAL B 50 10.72 13.38 -7.67
N THR B 51 10.92 12.84 -6.45
CA THR B 51 12.22 12.37 -5.92
C THR B 51 12.14 10.95 -5.38
N ALA B 52 13.28 10.26 -5.41
CA ALA B 52 13.40 8.86 -4.95
C ALA B 52 13.07 8.71 -3.45
N ASP B 53 13.30 9.75 -2.65
CA ASP B 53 13.00 9.75 -1.21
C ASP B 53 11.47 9.70 -0.96
N SER B 54 10.69 10.35 -1.82
CA SER B 54 9.21 10.25 -1.82
C SER B 54 8.74 8.86 -2.28
N ILE B 55 9.39 8.28 -3.29
CA ILE B 55 9.09 6.91 -3.74
C ILE B 55 9.31 5.93 -2.58
N LYS B 56 10.42 6.06 -1.85
CA LYS B 56 10.77 5.31 -0.63
C LYS B 56 9.83 5.53 0.59
N GLU B 57 8.67 6.16 0.39
CA GLU B 57 7.64 6.43 1.41
C GLU B 57 6.26 6.09 0.85
N ILE B 58 5.99 6.45 -0.42
CA ILE B 58 4.86 5.93 -1.22
C ILE B 58 4.83 4.41 -1.27
N ILE B 59 5.97 3.76 -1.53
CA ILE B 59 6.11 2.29 -1.58
C ILE B 59 5.90 1.64 -0.22
N GLU B 60 6.15 2.39 0.86
CA GLU B 60 5.86 1.90 2.22
C GLU B 60 4.35 1.93 2.48
N ASP B 61 3.65 2.94 1.96
CA ASP B 61 2.17 2.99 1.97
C ASP B 61 1.51 2.12 0.88
N CYS B 62 2.29 1.42 0.04
CA CYS B 62 1.80 0.35 -0.83
C CYS B 62 1.75 -1.03 -0.12
N GLY B 63 2.35 -1.18 1.06
CA GLY B 63 2.32 -2.41 1.87
C GLY B 63 3.59 -3.26 1.83
N PHE B 64 4.74 -2.67 1.49
CA PHE B 64 6.04 -3.33 1.43
C PHE B 64 7.05 -2.67 2.38
N ASP B 65 8.34 -2.89 2.14
CA ASP B 65 9.52 -2.31 2.78
C ASP B 65 10.68 -2.38 1.79
N CYS B 66 11.67 -1.49 1.91
CA CYS B 66 12.52 -1.13 0.78
C CYS B 66 13.89 -0.58 1.15
N GLU B 67 14.74 -0.44 0.13
CA GLU B 67 16.04 0.20 0.19
C GLU B 67 16.43 0.69 -1.19
N ILE B 68 17.11 1.84 -1.25
CA ILE B 68 17.62 2.37 -2.52
C ILE B 68 18.89 1.59 -2.89
N LEU B 69 18.73 0.68 -3.86
CA LEU B 69 19.61 -0.46 -4.11
C LEU B 69 20.78 -0.04 -5.01
N ARG B 70 20.50 0.57 -6.15
CA ARG B 70 21.46 1.07 -7.13
C ARG B 70 20.82 2.24 -7.86
N ASP B 71 21.56 3.32 -8.08
CA ASP B 71 21.04 4.59 -8.61
C ASP B 71 20.75 4.63 -10.12
N SER B 72 20.68 3.46 -10.76
CA SER B 72 20.60 3.23 -12.23
C SER B 72 20.47 1.77 -12.62
CU CU1 C . -1.13 -9.89 -4.59
N MET A 1 -12.09 12.30 26.97
CA MET A 1 -11.19 11.18 26.64
C MET A 1 -11.75 10.43 25.43
N ALA A 2 -10.89 10.04 24.49
CA ALA A 2 -11.29 9.47 23.19
C ALA A 2 -12.05 8.13 23.34
N GLU A 3 -13.16 8.00 22.60
CA GLU A 3 -14.00 6.79 22.52
C GLU A 3 -13.53 5.90 21.36
N ILE A 4 -13.48 4.58 21.58
CA ILE A 4 -13.26 3.63 20.48
C ILE A 4 -14.49 3.56 19.56
N LYS A 5 -14.25 3.70 18.26
CA LYS A 5 -15.22 3.63 17.16
C LYS A 5 -15.07 2.32 16.37
N HIS A 6 -16.14 1.84 15.74
CA HIS A 6 -16.11 0.72 14.80
C HIS A 6 -16.28 1.20 13.34
N TYR A 7 -15.46 0.67 12.43
CA TYR A 7 -15.56 0.91 10.98
C TYR A 7 -15.57 -0.42 10.20
N GLN A 8 -16.28 -0.48 9.08
CA GLN A 8 -16.36 -1.67 8.22
C GLN A 8 -16.24 -1.28 6.73
N PHE A 9 -15.37 -1.99 6.02
CA PHE A 9 -15.01 -1.74 4.62
C PHE A 9 -15.16 -3.02 3.79
N ASN A 10 -15.62 -2.86 2.55
CA ASN A 10 -15.61 -3.88 1.50
C ASN A 10 -14.53 -3.51 0.49
N VAL A 11 -13.56 -4.38 0.22
CA VAL A 11 -12.25 -4.01 -0.38
C VAL A 11 -11.82 -5.05 -1.43
N VAL A 12 -11.18 -4.58 -2.50
CA VAL A 12 -10.53 -5.44 -3.52
C VAL A 12 -9.34 -6.18 -2.90
N MET A 13 -9.36 -7.52 -2.91
CA MET A 13 -8.35 -8.38 -2.28
C MET A 13 -8.16 -9.69 -3.06
N THR A 14 -7.12 -9.71 -3.91
CA THR A 14 -6.84 -10.75 -4.92
C THR A 14 -6.53 -12.12 -4.32
N CYS A 15 -5.75 -12.18 -3.25
CA CYS A 15 -5.23 -13.42 -2.66
C CYS A 15 -4.81 -13.26 -1.16
N SER A 16 -4.37 -14.36 -0.54
CA SER A 16 -3.86 -14.38 0.84
C SER A 16 -2.54 -13.59 1.03
N GLY A 17 -1.88 -13.21 -0.09
CA GLY A 17 -0.73 -12.30 -0.13
C GLY A 17 -1.14 -10.83 -0.32
N CYS A 18 -2.26 -10.58 -1.02
CA CYS A 18 -2.89 -9.25 -1.11
C CYS A 18 -3.38 -8.78 0.27
N SER A 19 -4.17 -9.63 0.95
CA SER A 19 -4.57 -9.38 2.34
C SER A 19 -3.36 -9.30 3.29
N GLY A 20 -2.33 -10.13 3.11
CA GLY A 20 -1.10 -10.09 3.91
C GLY A 20 -0.32 -8.78 3.76
N ALA A 21 -0.27 -8.20 2.55
CA ALA A 21 0.32 -6.89 2.29
C ALA A 21 -0.51 -5.75 2.92
N VAL A 22 -1.85 -5.77 2.74
CA VAL A 22 -2.74 -4.79 3.39
C VAL A 22 -2.59 -4.86 4.92
N ASN A 23 -2.56 -6.06 5.50
CA ASN A 23 -2.33 -6.29 6.92
C ASN A 23 -0.98 -5.72 7.40
N LYS A 24 0.08 -5.79 6.60
CA LYS A 24 1.39 -5.18 6.90
C LYS A 24 1.32 -3.64 7.02
N VAL A 25 0.40 -2.97 6.29
CA VAL A 25 0.11 -1.53 6.50
C VAL A 25 -0.64 -1.31 7.82
N LEU A 26 -1.80 -1.96 8.01
CA LEU A 26 -2.70 -1.63 9.13
C LEU A 26 -2.14 -1.97 10.52
N THR A 27 -1.26 -2.98 10.64
CA THR A 27 -0.56 -3.33 11.88
C THR A 27 0.37 -2.23 12.40
N LYS A 28 0.77 -1.27 11.56
CA LYS A 28 1.52 -0.07 11.97
C LYS A 28 0.70 0.89 12.85
N LEU A 29 -0.62 0.70 12.96
CA LEU A 29 -1.55 1.55 13.74
C LEU A 29 -2.02 0.92 15.06
N GLU A 30 -1.48 -0.23 15.47
CA GLU A 30 -1.85 -0.90 16.73
C GLU A 30 -1.73 -0.07 18.03
N PRO A 31 -0.94 1.03 18.13
CA PRO A 31 -0.99 1.88 19.31
C PRO A 31 -2.35 2.55 19.53
N ASP A 32 -3.18 2.67 18.49
CA ASP A 32 -4.52 3.28 18.52
C ASP A 32 -5.63 2.31 18.03
N VAL A 33 -5.31 1.39 17.13
CA VAL A 33 -6.20 0.33 16.62
C VAL A 33 -6.17 -0.86 17.58
N SER A 34 -7.32 -1.23 18.14
CA SER A 34 -7.42 -2.32 19.12
C SER A 34 -7.50 -3.70 18.47
N LYS A 35 -8.28 -3.85 17.38
CA LYS A 35 -8.51 -5.14 16.71
C LYS A 35 -8.80 -5.02 15.20
N ILE A 36 -8.10 -5.80 14.37
CA ILE A 36 -8.25 -5.92 12.91
C ILE A 36 -8.77 -7.32 12.54
N ASP A 37 -9.70 -7.40 11.59
CA ASP A 37 -10.20 -8.67 11.04
C ASP A 37 -10.48 -8.57 9.53
N ILE A 38 -9.66 -9.24 8.72
CA ILE A 38 -9.71 -9.24 7.25
C ILE A 38 -10.29 -10.56 6.73
N SER A 39 -11.28 -10.49 5.84
CA SER A 39 -12.06 -11.63 5.34
C SER A 39 -11.96 -11.77 3.80
N LEU A 40 -11.09 -12.69 3.34
CA LEU A 40 -10.87 -12.98 1.91
C LEU A 40 -12.04 -13.80 1.34
N GLU A 41 -12.33 -13.63 0.04
CA GLU A 41 -13.47 -14.20 -0.73
C GLU A 41 -14.79 -13.48 -0.37
N LYS A 42 -14.99 -13.20 0.91
CA LYS A 42 -16.04 -12.32 1.44
C LYS A 42 -15.82 -10.84 1.08
N GLN A 43 -14.55 -10.41 0.93
CA GLN A 43 -14.09 -9.07 0.50
C GLN A 43 -14.11 -8.02 1.63
N LEU A 44 -14.35 -8.43 2.89
CA LEU A 44 -14.62 -7.52 4.01
C LEU A 44 -13.40 -7.28 4.90
N VAL A 45 -13.42 -6.13 5.56
CA VAL A 45 -12.48 -5.72 6.62
C VAL A 45 -13.27 -5.04 7.75
N ASP A 46 -13.00 -5.44 9.00
CA ASP A 46 -13.61 -4.90 10.22
C ASP A 46 -12.53 -4.31 11.14
N VAL A 47 -12.72 -3.06 11.60
CA VAL A 47 -11.73 -2.28 12.38
C VAL A 47 -12.36 -1.68 13.64
N TYR A 48 -11.60 -1.62 14.73
CA TYR A 48 -11.90 -0.85 15.95
C TYR A 48 -10.71 0.06 16.34
N THR A 49 -10.96 1.36 16.59
CA THR A 49 -9.91 2.37 16.86
C THR A 49 -10.49 3.71 17.33
N THR A 50 -9.66 4.58 17.91
CA THR A 50 -9.92 6.00 18.20
C THR A 50 -9.59 6.92 17.02
N LEU A 51 -8.88 6.45 16.00
CA LEU A 51 -8.38 7.28 14.89
C LEU A 51 -9.51 7.85 14.02
N PRO A 52 -9.31 9.04 13.39
CA PRO A 52 -10.25 9.63 12.45
C PRO A 52 -10.60 8.70 11.29
N TYR A 53 -11.86 8.74 10.86
CA TYR A 53 -12.40 7.91 9.80
C TYR A 53 -11.71 8.16 8.45
N ASP A 54 -11.52 9.43 8.05
CA ASP A 54 -10.82 9.78 6.81
C ASP A 54 -9.33 9.38 6.82
N PHE A 55 -8.69 9.35 8.00
CA PHE A 55 -7.32 8.85 8.13
C PHE A 55 -7.25 7.34 7.86
N ILE A 56 -8.25 6.57 8.32
CA ILE A 56 -8.36 5.14 7.97
C ILE A 56 -8.69 4.94 6.48
N LEU A 57 -9.60 5.75 5.91
CA LEU A 57 -9.88 5.72 4.46
C LEU A 57 -8.62 5.97 3.65
N GLU A 58 -7.85 7.00 3.98
CA GLU A 58 -6.58 7.32 3.33
C GLU A 58 -5.54 6.19 3.47
N LYS A 59 -5.44 5.54 4.63
CA LYS A 59 -4.54 4.41 4.84
C LYS A 59 -4.94 3.15 4.05
N ILE A 60 -6.23 2.96 3.74
CA ILE A 60 -6.74 1.89 2.87
C ILE A 60 -6.58 2.27 1.39
N LYS A 61 -7.15 3.40 0.96
CA LYS A 61 -7.16 3.86 -0.43
C LYS A 61 -5.74 3.95 -1.04
N LYS A 62 -4.75 4.45 -0.29
CA LYS A 62 -3.37 4.59 -0.78
C LYS A 62 -2.56 3.27 -0.82
N THR A 63 -3.19 2.11 -0.59
CA THR A 63 -2.59 0.78 -0.85
C THR A 63 -2.53 0.42 -2.35
N GLY A 64 -3.23 1.16 -3.21
CA GLY A 64 -3.39 0.82 -4.63
C GLY A 64 -4.43 -0.26 -4.89
N LYS A 65 -5.07 -0.79 -3.85
CA LYS A 65 -6.32 -1.56 -3.94
C LYS A 65 -7.51 -0.61 -3.74
N GLU A 66 -8.66 -0.93 -4.34
CA GLU A 66 -9.87 -0.12 -4.23
C GLU A 66 -10.79 -0.58 -3.09
N VAL A 67 -11.40 0.37 -2.38
CA VAL A 67 -12.47 0.15 -1.40
C VAL A 67 -13.81 0.33 -2.12
N ARG A 68 -14.52 -0.79 -2.28
CA ARG A 68 -15.83 -0.91 -2.95
C ARG A 68 -16.91 -0.15 -2.18
N SER A 69 -16.87 -0.13 -0.85
CA SER A 69 -17.71 0.72 0.01
C SER A 69 -17.27 0.69 1.48
N GLY A 70 -17.37 1.82 2.18
CA GLY A 70 -17.02 1.99 3.61
C GLY A 70 -18.14 2.62 4.42
N LYS A 71 -18.28 2.18 5.68
CA LYS A 71 -19.29 2.69 6.63
C LYS A 71 -18.82 2.75 8.09
N GLN A 72 -19.35 3.73 8.82
CA GLN A 72 -19.19 3.91 10.25
C GLN A 72 -20.27 3.13 10.99
N LEU A 73 -19.87 2.28 11.94
CA LEU A 73 -20.74 1.45 12.77
C LEU A 73 -20.66 1.81 14.26
N ALA B 1 16.28 11.32 -18.09
CA ALA B 1 15.46 11.19 -16.87
C ALA B 1 16.25 10.54 -15.74
N ARG B 2 15.92 10.90 -14.50
CA ARG B 2 16.50 10.42 -13.25
C ARG B 2 16.02 9.00 -12.97
N GLU B 3 16.79 8.04 -13.48
CA GLU B 3 16.74 6.63 -13.08
C GLU B 3 17.05 6.48 -11.58
N VAL B 4 16.34 5.58 -10.90
CA VAL B 4 16.43 5.27 -9.46
C VAL B 4 15.97 3.82 -9.23
N ILE B 5 16.74 3.06 -8.44
CA ILE B 5 16.49 1.66 -8.15
C ILE B 5 16.29 1.52 -6.64
N LEU B 6 15.20 0.87 -6.22
CA LEU B 6 14.94 0.58 -4.80
C LEU B 6 14.69 -0.91 -4.59
N ALA B 7 15.13 -1.46 -3.45
CA ALA B 7 14.77 -2.83 -3.05
C ALA B 7 13.31 -2.88 -2.58
N VAL B 8 12.61 -4.01 -2.79
CA VAL B 8 11.20 -4.22 -2.42
C VAL B 8 11.03 -5.61 -1.81
N HIS B 9 10.77 -5.67 -0.50
CA HIS B 9 10.81 -6.88 0.32
C HIS B 9 9.41 -7.49 0.55
N GLY B 10 8.80 -8.06 -0.50
CA GLY B 10 7.50 -8.77 -0.40
C GLY B 10 6.64 -8.76 -1.65
N MET B 11 7.25 -8.85 -2.84
CA MET B 11 6.63 -8.55 -4.13
C MET B 11 5.53 -9.54 -4.59
N THR B 12 5.70 -10.85 -4.31
CA THR B 12 4.71 -11.93 -4.46
C THR B 12 4.07 -12.08 -5.86
N CYS B 13 2.75 -12.05 -6.00
CA CYS B 13 2.00 -12.65 -7.09
C CYS B 13 1.97 -11.85 -8.42
N SER B 14 1.41 -12.47 -9.46
CA SER B 14 1.37 -11.96 -10.83
C SER B 14 0.53 -10.68 -10.98
N ALA B 15 -0.57 -10.56 -10.21
CA ALA B 15 -1.37 -9.33 -10.10
C ALA B 15 -0.84 -8.38 -9.01
N CYS B 16 -0.41 -8.92 -7.87
CA CYS B 16 0.11 -8.22 -6.70
C CYS B 16 1.29 -7.27 -7.03
N THR B 17 2.20 -7.70 -7.90
CA THR B 17 3.38 -6.96 -8.33
C THR B 17 3.03 -5.68 -9.06
N ASN B 18 2.07 -5.71 -10.00
CA ASN B 18 1.79 -4.52 -10.82
C ASN B 18 1.19 -3.35 -10.01
N THR B 19 0.80 -3.55 -8.74
CA THR B 19 0.50 -2.48 -7.78
C THR B 19 1.62 -1.46 -7.75
N ILE B 20 2.88 -1.90 -7.90
CA ILE B 20 4.06 -1.03 -7.99
C ILE B 20 3.90 -0.05 -9.17
N ASN B 21 3.61 -0.55 -10.37
CA ASN B 21 3.29 0.27 -11.55
C ASN B 21 2.04 1.15 -11.32
N THR B 22 0.91 0.58 -10.84
CA THR B 22 -0.35 1.30 -10.60
C THR B 22 -0.17 2.53 -9.71
N GLN B 23 0.70 2.45 -8.71
CA GLN B 23 0.97 3.56 -7.79
C GLN B 23 2.07 4.50 -8.28
N LEU B 24 3.27 3.98 -8.61
CA LEU B 24 4.43 4.84 -8.94
C LEU B 24 4.27 5.55 -10.28
N ARG B 25 3.74 4.87 -11.30
CA ARG B 25 3.58 5.46 -12.64
C ARG B 25 2.45 6.51 -12.71
N ALA B 26 1.78 6.80 -11.58
CA ALA B 26 0.77 7.82 -11.40
C ALA B 26 1.27 9.11 -10.69
N LEU B 27 2.55 9.21 -10.29
CA LEU B 27 3.06 10.32 -9.45
C LEU B 27 3.45 11.61 -10.19
N LYS B 28 3.21 11.63 -11.49
CA LYS B 28 3.59 12.66 -12.48
C LYS B 28 5.11 12.74 -12.74
N GLY B 29 5.51 13.23 -13.92
CA GLY B 29 6.91 13.39 -14.37
C GLY B 29 7.62 12.07 -14.70
N VAL B 30 7.27 11.01 -13.98
CA VAL B 30 7.58 9.59 -14.23
C VAL B 30 7.41 9.18 -15.69
N THR B 31 8.46 8.53 -16.25
CA THR B 31 8.54 8.12 -17.65
C THR B 31 8.50 6.60 -17.82
N LYS B 32 9.16 5.86 -16.92
CA LYS B 32 9.26 4.40 -16.93
C LYS B 32 9.21 3.82 -15.50
N CYS B 33 8.75 2.58 -15.37
CA CYS B 33 8.59 1.87 -14.10
C CYS B 33 8.54 0.36 -14.38
N ASP B 34 9.67 -0.31 -14.15
CA ASP B 34 9.85 -1.75 -14.27
C ASP B 34 10.23 -2.36 -12.91
N ILE B 35 10.27 -3.68 -12.83
CA ILE B 35 10.57 -4.47 -11.61
C ILE B 35 11.39 -5.73 -11.95
N SER B 36 11.96 -6.36 -10.91
CA SER B 36 12.48 -7.74 -10.99
C SER B 36 12.28 -8.46 -9.66
N LEU B 37 11.70 -9.66 -9.70
CA LEU B 37 11.61 -10.57 -8.55
C LEU B 37 12.95 -11.23 -8.23
N VAL B 38 13.73 -11.62 -9.24
CA VAL B 38 15.00 -12.35 -9.04
C VAL B 38 15.98 -11.55 -8.16
N THR B 39 16.00 -10.22 -8.27
CA THR B 39 16.83 -9.32 -7.43
C THR B 39 15.99 -8.44 -6.48
N ASN B 40 14.69 -8.71 -6.36
CA ASN B 40 13.71 -8.05 -5.46
C ASN B 40 13.72 -6.51 -5.52
N GLU B 41 13.61 -5.93 -6.72
CA GLU B 41 13.80 -4.50 -6.97
C GLU B 41 12.73 -3.87 -7.88
N CYS B 42 12.57 -2.55 -7.75
CA CYS B 42 11.83 -1.68 -8.64
C CYS B 42 12.80 -0.72 -9.35
N GLN B 43 12.67 -0.56 -10.66
CA GLN B 43 13.49 0.29 -11.51
C GLN B 43 12.57 1.41 -12.04
N VAL B 44 12.60 2.58 -11.39
CA VAL B 44 11.67 3.70 -11.66
C VAL B 44 12.40 4.99 -12.05
N THR B 45 11.91 5.63 -13.11
CA THR B 45 12.60 6.66 -13.87
C THR B 45 11.65 7.84 -14.09
N TYR B 46 12.13 9.07 -13.95
CA TYR B 46 11.31 10.28 -13.91
C TYR B 46 12.16 11.50 -14.30
N ASP B 47 11.61 12.29 -15.21
CA ASP B 47 12.20 13.55 -15.69
C ASP B 47 12.30 14.58 -14.55
N ASN B 48 11.21 14.76 -13.81
CA ASN B 48 11.05 15.65 -12.66
C ASN B 48 9.71 15.37 -11.92
N GLU B 49 9.11 16.39 -11.29
CA GLU B 49 7.85 16.45 -10.54
C GLU B 49 7.79 15.63 -9.24
N VAL B 50 8.41 14.46 -9.20
CA VAL B 50 8.46 13.52 -8.07
C VAL B 50 9.87 13.47 -7.45
N THR B 51 9.96 12.94 -6.23
CA THR B 51 11.19 12.76 -5.43
C THR B 51 11.24 11.35 -4.84
N ALA B 52 12.45 10.80 -4.76
CA ALA B 52 12.73 9.46 -4.24
C ALA B 52 12.21 9.24 -2.80
N ASP B 53 12.16 10.29 -1.99
CA ASP B 53 11.60 10.24 -0.62
C ASP B 53 10.10 9.92 -0.62
N SER B 54 9.35 10.47 -1.57
CA SER B 54 7.92 10.16 -1.73
C SER B 54 7.72 8.76 -2.29
N ILE B 55 8.56 8.33 -3.25
CA ILE B 55 8.55 6.96 -3.79
C ILE B 55 8.73 5.93 -2.67
N LYS B 56 9.72 6.16 -1.78
CA LYS B 56 10.00 5.35 -0.59
C LYS B 56 8.86 5.38 0.47
N GLU B 57 7.85 6.23 0.34
CA GLU B 57 6.67 6.27 1.20
C GLU B 57 5.52 5.55 0.49
N ILE B 58 5.26 5.88 -0.78
CA ILE B 58 4.23 5.28 -1.65
C ILE B 58 4.38 3.77 -1.77
N ILE B 59 5.60 3.27 -2.01
CA ILE B 59 5.90 1.83 -2.09
C ILE B 59 5.64 1.12 -0.75
N GLU B 60 5.69 1.86 0.36
CA GLU B 60 5.34 1.33 1.68
C GLU B 60 3.84 1.54 1.98
N ASP B 61 3.21 2.58 1.43
CA ASP B 61 1.76 2.76 1.49
C ASP B 61 1.03 1.61 0.77
N CYS B 62 1.67 0.99 -0.25
CA CYS B 62 1.19 -0.20 -0.96
C CYS B 62 0.96 -1.43 -0.06
N GLY B 63 1.76 -1.58 1.00
CA GLY B 63 1.90 -2.83 1.77
C GLY B 63 3.20 -3.62 1.53
N PHE B 64 4.21 -2.99 0.91
CA PHE B 64 5.57 -3.53 0.81
C PHE B 64 6.51 -2.82 1.81
N ASP B 65 7.81 -2.98 1.59
CA ASP B 65 8.93 -2.61 2.46
C ASP B 65 10.15 -2.43 1.57
N CYS B 66 11.02 -1.47 1.88
CA CYS B 66 12.01 -0.98 0.93
C CYS B 66 13.21 -0.25 1.55
N GLU B 67 14.20 0.00 0.70
CA GLU B 67 15.33 0.91 0.90
C GLU B 67 15.84 1.33 -0.49
N ILE B 68 16.39 2.55 -0.62
CA ILE B 68 16.96 2.99 -1.89
C ILE B 68 18.29 2.25 -2.12
N LEU B 69 18.39 1.57 -3.27
CA LEU B 69 19.39 0.56 -3.54
C LEU B 69 20.55 1.18 -4.36
N ARG B 70 20.22 1.88 -5.46
CA ARG B 70 21.16 2.57 -6.35
C ARG B 70 20.46 3.72 -7.07
N ASP B 71 21.24 4.74 -7.41
CA ASP B 71 20.88 5.96 -8.15
C ASP B 71 20.82 5.77 -9.69
N SER B 72 20.71 4.52 -10.15
CA SER B 72 20.72 3.99 -11.53
C SER B 72 21.02 2.49 -11.58
CU CU1 C . -0.63 -11.88 -3.65
N MET A 1 -21.60 8.62 23.66
CA MET A 1 -20.61 9.24 24.55
C MET A 1 -19.33 8.42 24.57
N ALA A 2 -18.25 8.99 24.01
CA ALA A 2 -16.90 8.41 23.96
C ALA A 2 -16.88 6.99 23.33
N GLU A 3 -15.86 6.20 23.70
CA GLU A 3 -15.73 4.76 23.45
C GLU A 3 -15.17 4.45 22.04
N ILE A 4 -14.45 3.33 21.92
CA ILE A 4 -14.09 2.73 20.63
C ILE A 4 -15.32 2.47 19.76
N LYS A 5 -15.19 2.76 18.47
CA LYS A 5 -16.17 2.44 17.43
C LYS A 5 -15.70 1.22 16.60
N HIS A 6 -16.64 0.45 16.06
CA HIS A 6 -16.37 -0.70 15.20
C HIS A 6 -16.81 -0.42 13.75
N TYR A 7 -15.90 -0.61 12.79
CA TYR A 7 -16.13 -0.39 11.37
C TYR A 7 -15.91 -1.68 10.55
N GLN A 8 -16.71 -1.90 9.51
CA GLN A 8 -16.51 -2.99 8.55
C GLN A 8 -16.68 -2.47 7.12
N PHE A 9 -15.71 -2.79 6.26
CA PHE A 9 -15.59 -2.36 4.87
C PHE A 9 -15.49 -3.55 3.90
N ASN A 10 -15.92 -3.36 2.66
CA ASN A 10 -15.67 -4.27 1.53
C ASN A 10 -14.54 -3.71 0.64
N VAL A 11 -13.46 -4.46 0.39
CA VAL A 11 -12.20 -3.97 -0.21
C VAL A 11 -11.66 -4.99 -1.22
N VAL A 12 -11.19 -4.50 -2.39
CA VAL A 12 -10.80 -5.36 -3.53
C VAL A 12 -9.39 -5.93 -3.36
N MET A 13 -9.26 -7.27 -3.30
CA MET A 13 -7.98 -7.97 -3.04
C MET A 13 -7.83 -9.31 -3.79
N THR A 14 -6.64 -9.53 -4.38
CA THR A 14 -6.27 -10.70 -5.21
C THR A 14 -5.78 -11.93 -4.44
N CYS A 15 -5.17 -11.73 -3.27
CA CYS A 15 -4.32 -12.71 -2.61
C CYS A 15 -4.01 -12.36 -1.13
N SER A 16 -3.49 -13.34 -0.38
CA SER A 16 -3.04 -13.16 1.01
C SER A 16 -1.79 -12.26 1.12
N GLY A 17 -1.06 -12.03 0.03
CA GLY A 17 0.01 -11.04 -0.08
C GLY A 17 -0.57 -9.62 -0.16
N CYS A 18 -1.63 -9.43 -0.95
CA CYS A 18 -2.38 -8.17 -1.00
C CYS A 18 -2.92 -7.78 0.39
N SER A 19 -3.63 -8.70 1.06
CA SER A 19 -4.13 -8.46 2.42
C SER A 19 -3.01 -8.33 3.47
N GLY A 20 -1.83 -8.91 3.24
CA GLY A 20 -0.65 -8.73 4.10
C GLY A 20 -0.03 -7.35 3.98
N ALA A 21 0.07 -6.84 2.75
CA ALA A 21 0.49 -5.47 2.45
C ALA A 21 -0.54 -4.43 2.95
N VAL A 22 -1.82 -4.64 2.66
CA VAL A 22 -2.93 -3.81 3.18
C VAL A 22 -2.85 -3.74 4.72
N ASN A 23 -2.75 -4.89 5.40
CA ASN A 23 -2.55 -4.94 6.85
C ASN A 23 -1.31 -4.13 7.30
N LYS A 24 -0.21 -4.17 6.55
CA LYS A 24 1.02 -3.42 6.86
C LYS A 24 0.85 -1.90 6.75
N VAL A 25 0.02 -1.38 5.83
CA VAL A 25 -0.29 0.06 5.82
C VAL A 25 -1.10 0.47 7.07
N LEU A 26 -2.02 -0.39 7.54
CA LEU A 26 -2.77 -0.17 8.78
C LEU A 26 -1.93 -0.30 10.07
N THR A 27 -0.79 -1.02 10.04
CA THR A 27 0.16 -1.17 11.18
C THR A 27 0.66 0.17 11.73
N LYS A 28 0.68 1.21 10.90
CA LYS A 28 0.97 2.60 11.29
C LYS A 28 0.05 3.13 12.41
N LEU A 29 -1.16 2.55 12.53
CA LEU A 29 -2.25 3.02 13.38
C LEU A 29 -2.46 2.18 14.66
N GLU A 30 -1.64 1.16 14.95
CA GLU A 30 -1.72 0.41 16.22
C GLU A 30 -1.68 1.26 17.50
N PRO A 31 -1.13 2.49 17.56
CA PRO A 31 -1.27 3.30 18.75
C PRO A 31 -2.73 3.62 19.11
N ASP A 32 -3.64 3.65 18.12
CA ASP A 32 -5.06 4.03 18.28
C ASP A 32 -6.06 2.93 17.83
N VAL A 33 -5.66 2.02 16.94
CA VAL A 33 -6.45 0.87 16.46
C VAL A 33 -6.13 -0.37 17.29
N SER A 34 -7.15 -1.01 17.89
CA SER A 34 -6.95 -2.19 18.76
C SER A 34 -6.80 -3.52 17.99
N LYS A 35 -7.50 -3.69 16.86
CA LYS A 35 -7.32 -4.83 15.93
C LYS A 35 -7.85 -4.56 14.51
N ILE A 36 -7.09 -4.97 13.48
CA ILE A 36 -7.54 -5.12 12.08
C ILE A 36 -7.62 -6.62 11.73
N ASP A 37 -8.68 -7.04 11.05
CA ASP A 37 -8.93 -8.45 10.69
C ASP A 37 -9.59 -8.56 9.30
N ILE A 38 -8.94 -9.22 8.35
CA ILE A 38 -9.40 -9.33 6.95
C ILE A 38 -10.00 -10.72 6.67
N SER A 39 -11.12 -10.77 5.96
CA SER A 39 -11.79 -11.98 5.47
C SER A 39 -11.76 -12.01 3.93
N LEU A 40 -10.67 -12.56 3.36
CA LEU A 40 -10.33 -12.45 1.95
C LEU A 40 -11.43 -12.98 1.00
N GLU A 41 -12.01 -14.14 1.29
CA GLU A 41 -13.01 -14.79 0.43
C GLU A 41 -14.33 -14.00 0.35
N LYS A 42 -14.67 -13.24 1.38
CA LYS A 42 -15.83 -12.33 1.39
C LYS A 42 -15.44 -10.90 0.98
N GLN A 43 -14.15 -10.63 0.76
CA GLN A 43 -13.54 -9.34 0.43
C GLN A 43 -13.79 -8.27 1.50
N LEU A 44 -13.94 -8.70 2.76
CA LEU A 44 -14.26 -7.84 3.90
C LEU A 44 -13.05 -7.55 4.79
N VAL A 45 -13.13 -6.40 5.45
CA VAL A 45 -12.13 -5.86 6.40
C VAL A 45 -12.85 -5.33 7.64
N ASP A 46 -12.41 -5.73 8.83
CA ASP A 46 -12.94 -5.32 10.14
C ASP A 46 -11.92 -4.50 10.94
N VAL A 47 -12.36 -3.38 11.53
CA VAL A 47 -11.51 -2.45 12.30
C VAL A 47 -12.21 -2.03 13.62
N TYR A 48 -11.44 -1.86 14.69
CA TYR A 48 -11.87 -1.27 15.97
C TYR A 48 -10.95 -0.08 16.36
N THR A 49 -11.49 1.14 16.52
CA THR A 49 -10.71 2.36 16.81
C THR A 49 -11.57 3.57 17.21
N THR A 50 -10.91 4.66 17.63
CA THR A 50 -11.43 6.02 17.90
C THR A 50 -11.03 7.04 16.82
N LEU A 51 -10.39 6.60 15.74
CA LEU A 51 -10.09 7.43 14.56
C LEU A 51 -11.34 7.66 13.68
N PRO A 52 -11.37 8.69 12.81
CA PRO A 52 -12.50 8.96 11.91
C PRO A 52 -12.71 7.88 10.85
N TYR A 53 -13.98 7.67 10.50
CA TYR A 53 -14.43 6.76 9.42
C TYR A 53 -13.73 7.04 8.08
N ASP A 54 -13.77 8.29 7.59
CA ASP A 54 -13.16 8.70 6.32
C ASP A 54 -11.63 8.71 6.37
N PHE A 55 -11.04 8.93 7.55
CA PHE A 55 -9.59 8.82 7.74
C PHE A 55 -9.12 7.36 7.54
N ILE A 56 -9.89 6.38 8.02
CA ILE A 56 -9.62 4.96 7.75
C ILE A 56 -9.86 4.61 6.27
N LEU A 57 -10.92 5.13 5.63
CA LEU A 57 -11.13 4.95 4.18
C LEU A 57 -9.92 5.45 3.38
N GLU A 58 -9.40 6.62 3.74
CA GLU A 58 -8.20 7.19 3.15
C GLU A 58 -6.95 6.33 3.37
N LYS A 59 -6.71 5.79 4.57
CA LYS A 59 -5.54 4.91 4.81
C LYS A 59 -5.68 3.52 4.15
N ILE A 60 -6.90 3.09 3.82
CA ILE A 60 -7.15 1.94 2.90
C ILE A 60 -6.83 2.35 1.45
N LYS A 61 -7.39 3.44 0.93
CA LYS A 61 -7.13 3.93 -0.43
C LYS A 61 -5.64 4.24 -0.69
N LYS A 62 -4.90 4.66 0.33
CA LYS A 62 -3.44 4.80 0.33
C LYS A 62 -2.69 3.55 -0.17
N THR A 63 -3.20 2.34 0.07
CA THR A 63 -2.60 1.06 -0.36
C THR A 63 -2.48 0.88 -1.87
N GLY A 64 -3.21 1.68 -2.66
CA GLY A 64 -3.30 1.56 -4.11
C GLY A 64 -4.41 0.60 -4.59
N LYS A 65 -5.18 0.00 -3.68
CA LYS A 65 -6.38 -0.80 -3.97
C LYS A 65 -7.67 0.01 -3.75
N GLU A 66 -8.81 -0.48 -4.25
CA GLU A 66 -10.13 0.12 -4.12
C GLU A 66 -10.93 -0.43 -2.93
N VAL A 67 -11.60 0.46 -2.20
CA VAL A 67 -12.69 0.15 -1.25
C VAL A 67 -14.04 0.39 -1.94
N ARG A 68 -14.98 -0.54 -1.74
CA ARG A 68 -16.29 -0.57 -2.42
C ARG A 68 -17.44 -0.06 -1.54
N SER A 69 -17.48 -0.39 -0.25
CA SER A 69 -18.56 0.02 0.67
C SER A 69 -18.10 -0.07 2.13
N GLY A 70 -18.79 0.61 3.07
CA GLY A 70 -18.45 0.57 4.51
C GLY A 70 -19.39 1.31 5.45
N LYS A 71 -19.41 0.87 6.71
CA LYS A 71 -20.22 1.46 7.81
C LYS A 71 -19.60 1.24 9.20
N GLN A 72 -20.12 1.96 10.21
CA GLN A 72 -20.01 1.59 11.61
C GLN A 72 -21.07 0.56 11.98
N LEU A 73 -20.72 -0.40 12.85
CA LEU A 73 -21.55 -1.55 13.26
C LEU A 73 -22.21 -1.38 14.62
N ALA B 1 17.05 11.83 -17.41
CA ALA B 1 15.95 11.21 -16.63
C ALA B 1 16.52 10.20 -15.63
N ARG B 2 16.16 10.36 -14.36
CA ARG B 2 16.65 9.65 -13.19
C ARG B 2 16.14 8.20 -13.22
N GLU B 3 16.99 7.33 -13.73
CA GLU B 3 16.95 5.90 -13.43
C GLU B 3 17.14 5.68 -11.92
N VAL B 4 16.37 4.78 -11.32
CA VAL B 4 16.68 4.20 -10.01
C VAL B 4 16.05 2.81 -9.87
N ILE B 5 16.75 1.92 -9.18
CA ILE B 5 16.41 0.52 -8.97
C ILE B 5 16.27 0.31 -7.46
N LEU B 6 15.17 -0.30 -7.00
CA LEU B 6 14.95 -0.57 -5.58
C LEU B 6 14.77 -2.07 -5.33
N ALA B 7 15.30 -2.57 -4.21
CA ALA B 7 14.99 -3.92 -3.73
C ALA B 7 13.65 -3.90 -3.00
N VAL B 8 12.63 -4.63 -3.46
CA VAL B 8 11.32 -4.73 -2.79
C VAL B 8 11.30 -6.01 -1.94
N HIS B 9 11.47 -5.88 -0.63
CA HIS B 9 11.56 -7.01 0.29
C HIS B 9 10.19 -7.64 0.60
N GLY B 10 9.13 -6.80 0.60
CA GLY B 10 7.79 -7.16 1.09
C GLY B 10 6.84 -7.75 0.04
N MET B 11 7.21 -7.79 -1.24
CA MET B 11 6.41 -8.47 -2.27
C MET B 11 6.49 -10.00 -2.13
N THR B 12 5.52 -10.72 -2.73
CA THR B 12 5.62 -12.18 -2.94
C THR B 12 5.08 -12.63 -4.30
N CYS B 13 4.30 -11.81 -5.01
CA CYS B 13 3.63 -12.19 -6.24
C CYS B 13 3.68 -11.13 -7.38
N SER B 14 3.23 -11.55 -8.56
CA SER B 14 3.20 -10.73 -9.79
C SER B 14 1.94 -9.85 -9.94
N ALA B 15 0.97 -9.93 -9.01
CA ALA B 15 -0.26 -9.13 -9.05
C ALA B 15 -0.15 -7.84 -8.21
N CYS B 16 0.35 -7.93 -6.97
CA CYS B 16 0.55 -6.79 -6.09
C CYS B 16 1.61 -5.80 -6.63
N THR B 17 2.59 -6.29 -7.40
CA THR B 17 3.72 -5.51 -7.88
C THR B 17 3.32 -4.47 -8.91
N ASN B 18 2.27 -4.68 -9.70
CA ASN B 18 1.79 -3.62 -10.60
C ASN B 18 1.19 -2.43 -9.85
N THR B 19 0.78 -2.58 -8.57
CA THR B 19 0.34 -1.46 -7.72
C THR B 19 1.44 -0.40 -7.62
N ILE B 20 2.71 -0.80 -7.65
CA ILE B 20 3.84 0.16 -7.67
C ILE B 20 3.77 1.00 -8.95
N ASN B 21 3.64 0.37 -10.12
CA ASN B 21 3.43 1.07 -11.39
C ASN B 21 2.14 1.92 -11.36
N THR B 22 0.97 1.36 -10.98
CA THR B 22 -0.30 2.13 -10.90
C THR B 22 -0.20 3.39 -10.03
N GLN B 23 0.49 3.37 -8.89
CA GLN B 23 0.63 4.54 -8.01
C GLN B 23 1.74 5.52 -8.44
N LEU B 24 2.85 5.05 -9.02
CA LEU B 24 3.95 5.91 -9.49
C LEU B 24 3.66 6.54 -10.87
N ARG B 25 3.05 5.80 -11.80
CA ARG B 25 2.60 6.28 -13.11
C ARG B 25 1.51 7.38 -13.01
N ALA B 26 0.99 7.67 -11.81
CA ALA B 26 0.00 8.71 -11.53
C ALA B 26 0.58 10.08 -11.12
N LEU B 27 1.71 10.13 -10.40
CA LEU B 27 2.12 11.30 -9.60
C LEU B 27 2.86 12.45 -10.33
N LYS B 28 2.76 12.48 -11.66
CA LYS B 28 3.13 13.59 -12.56
C LYS B 28 4.65 13.85 -12.65
N GLY B 29 5.46 12.80 -12.43
CA GLY B 29 6.95 12.83 -12.43
C GLY B 29 7.69 11.65 -13.05
N VAL B 30 7.02 10.51 -13.28
CA VAL B 30 7.61 9.21 -13.67
C VAL B 30 7.30 8.89 -15.14
N THR B 31 8.31 8.37 -15.87
CA THR B 31 8.19 8.02 -17.31
C THR B 31 7.81 6.56 -17.51
N LYS B 32 8.38 5.66 -16.71
CA LYS B 32 8.13 4.21 -16.74
C LYS B 32 8.56 3.51 -15.44
N CYS B 33 7.98 2.34 -15.18
CA CYS B 33 8.16 1.53 -13.98
C CYS B 33 7.93 0.05 -14.29
N ASP B 34 9.00 -0.73 -14.38
CA ASP B 34 9.03 -2.17 -14.60
C ASP B 34 9.42 -2.92 -13.31
N ILE B 35 9.54 -4.25 -13.41
CA ILE B 35 9.81 -5.16 -12.28
C ILE B 35 10.46 -6.45 -12.80
N SER B 36 11.45 -6.96 -12.07
CA SER B 36 12.00 -8.32 -12.26
C SER B 36 11.69 -9.16 -11.00
N LEU B 37 10.78 -10.14 -11.14
CA LEU B 37 10.08 -10.83 -10.05
C LEU B 37 10.96 -11.77 -9.22
N VAL B 38 11.92 -12.47 -9.83
CA VAL B 38 12.81 -13.44 -9.15
C VAL B 38 13.86 -12.73 -8.26
N THR B 39 14.36 -11.57 -8.70
CA THR B 39 15.35 -10.74 -7.99
C THR B 39 14.72 -9.61 -7.17
N ASN B 40 13.41 -9.37 -7.33
CA ASN B 40 12.58 -8.41 -6.61
C ASN B 40 13.00 -6.93 -6.87
N GLU B 41 13.52 -6.67 -8.07
CA GLU B 41 13.97 -5.35 -8.52
C GLU B 41 12.79 -4.55 -9.06
N CYS B 42 12.48 -3.40 -8.44
CA CYS B 42 11.60 -2.39 -9.01
C CYS B 42 12.45 -1.45 -9.88
N GLN B 43 12.13 -1.31 -11.16
CA GLN B 43 13.00 -0.74 -12.19
C GLN B 43 12.29 0.49 -12.77
N VAL B 44 12.53 1.66 -12.18
CA VAL B 44 11.76 2.91 -12.41
C VAL B 44 12.64 4.07 -12.90
N THR B 45 12.04 4.94 -13.72
CA THR B 45 12.73 5.97 -14.51
C THR B 45 11.87 7.24 -14.52
N TYR B 46 12.38 8.34 -13.97
CA TYR B 46 11.60 9.51 -13.62
C TYR B 46 12.43 10.80 -13.77
N ASP B 47 12.01 11.85 -13.08
CA ASP B 47 12.59 13.20 -13.12
C ASP B 47 12.35 14.00 -11.83
N ASN B 48 12.94 15.21 -11.81
CA ASN B 48 13.08 16.14 -10.68
C ASN B 48 11.84 16.31 -9.78
N GLU B 49 10.67 16.18 -10.38
CA GLU B 49 9.35 16.14 -9.75
C GLU B 49 9.27 15.23 -8.52
N VAL B 50 9.98 14.10 -8.50
CA VAL B 50 10.00 13.14 -7.38
C VAL B 50 11.44 12.69 -7.08
N THR B 51 11.68 12.22 -5.85
CA THR B 51 12.99 11.75 -5.35
C THR B 51 12.89 10.30 -4.84
N ALA B 52 14.02 9.59 -4.87
CA ALA B 52 14.15 8.23 -4.35
C ALA B 52 13.73 8.11 -2.87
N ASP B 53 13.94 9.18 -2.09
CA ASP B 53 13.50 9.25 -0.68
C ASP B 53 11.97 9.13 -0.53
N SER B 54 11.20 9.64 -1.49
CA SER B 54 9.75 9.54 -1.50
C SER B 54 9.27 8.21 -2.12
N ILE B 55 10.00 7.66 -3.09
CA ILE B 55 9.68 6.33 -3.62
C ILE B 55 9.81 5.28 -2.49
N LYS B 56 10.84 5.42 -1.64
CA LYS B 56 11.01 4.72 -0.37
C LYS B 56 9.95 5.04 0.72
N GLU B 57 8.94 5.88 0.44
CA GLU B 57 7.77 6.07 1.30
C GLU B 57 6.54 5.49 0.60
N ILE B 58 6.34 5.76 -0.70
CA ILE B 58 5.25 5.21 -1.52
C ILE B 58 5.26 3.67 -1.56
N ILE B 59 6.41 3.05 -1.81
CA ILE B 59 6.52 1.57 -1.81
C ILE B 59 6.20 1.00 -0.42
N GLU B 60 6.40 1.79 0.64
CA GLU B 60 6.04 1.40 2.00
C GLU B 60 4.59 1.76 2.37
N ASP B 61 3.97 2.78 1.76
CA ASP B 61 2.53 3.10 1.95
C ASP B 61 1.59 2.39 0.96
N CYS B 62 2.15 1.66 -0.02
CA CYS B 62 1.49 0.52 -0.69
C CYS B 62 1.49 -0.76 0.18
N GLY B 63 2.42 -0.86 1.15
CA GLY B 63 2.51 -1.95 2.14
C GLY B 63 3.68 -2.93 1.97
N PHE B 64 4.71 -2.60 1.18
CA PHE B 64 5.91 -3.45 1.01
C PHE B 64 7.06 -2.97 1.92
N ASP B 65 8.32 -3.13 1.51
CA ASP B 65 9.50 -2.58 2.17
C ASP B 65 10.65 -2.55 1.17
N CYS B 66 11.63 -1.67 1.38
CA CYS B 66 12.64 -1.40 0.36
C CYS B 66 13.87 -0.63 0.83
N GLU B 67 14.88 -0.67 -0.04
CA GLU B 67 16.02 0.24 -0.09
C GLU B 67 16.38 0.56 -1.55
N ILE B 68 17.07 1.68 -1.75
CA ILE B 68 17.63 2.06 -3.05
C ILE B 68 18.84 1.17 -3.35
N LEU B 69 18.73 0.31 -4.36
CA LEU B 69 19.62 -0.80 -4.62
C LEU B 69 20.75 -0.36 -5.57
N ARG B 70 20.42 0.38 -6.64
CA ARG B 70 21.33 0.94 -7.65
C ARG B 70 20.64 2.13 -8.34
N ASP B 71 21.42 3.03 -8.91
CA ASP B 71 21.01 4.09 -9.88
C ASP B 71 20.97 3.59 -11.34
N SER B 72 20.93 2.26 -11.50
CA SER B 72 21.17 1.38 -12.67
C SER B 72 22.25 0.36 -12.33
CU CU1 C . -0.82 -10.22 -5.08
N MET A 1 -8.39 13.46 24.84
CA MET A 1 -9.71 12.81 24.96
C MET A 1 -10.11 12.15 23.64
N ALA A 2 -10.31 10.83 23.64
CA ALA A 2 -10.74 10.02 22.49
C ALA A 2 -11.17 8.61 22.92
N GLU A 3 -11.81 7.84 22.03
CA GLU A 3 -12.20 6.45 22.28
C GLU A 3 -11.89 5.53 21.09
N ILE A 4 -11.87 4.21 21.31
CA ILE A 4 -11.74 3.18 20.26
C ILE A 4 -13.07 3.00 19.52
N LYS A 5 -13.07 3.35 18.24
CA LYS A 5 -14.21 3.18 17.32
C LYS A 5 -13.99 2.00 16.36
N HIS A 6 -15.07 1.43 15.83
CA HIS A 6 -15.04 0.36 14.83
C HIS A 6 -15.40 0.87 13.42
N TYR A 7 -14.71 0.34 12.40
CA TYR A 7 -14.91 0.64 10.98
C TYR A 7 -14.80 -0.63 10.13
N GLN A 8 -15.53 -0.68 9.00
CA GLN A 8 -15.54 -1.83 8.09
C GLN A 8 -15.61 -1.38 6.63
N PHE A 9 -14.75 -1.97 5.78
CA PHE A 9 -14.70 -1.74 4.34
C PHE A 9 -14.77 -3.06 3.55
N ASN A 10 -15.47 -3.05 2.42
CA ASN A 10 -15.34 -4.07 1.36
C ASN A 10 -14.29 -3.58 0.34
N VAL A 11 -13.25 -4.37 0.07
CA VAL A 11 -12.07 -3.96 -0.71
C VAL A 11 -11.80 -4.99 -1.82
N VAL A 12 -11.44 -4.51 -3.02
CA VAL A 12 -11.09 -5.38 -4.16
C VAL A 12 -9.73 -6.03 -3.90
N MET A 13 -9.72 -7.36 -3.78
CA MET A 13 -8.52 -8.18 -3.58
C MET A 13 -8.59 -9.44 -4.45
N THR A 14 -7.62 -9.65 -5.34
CA THR A 14 -7.63 -10.76 -6.33
C THR A 14 -6.93 -12.02 -5.81
N CYS A 15 -5.93 -11.89 -4.95
CA CYS A 15 -5.11 -12.96 -4.38
C CYS A 15 -4.57 -12.59 -2.96
N SER A 16 -3.97 -13.57 -2.28
CA SER A 16 -3.53 -13.47 -0.87
C SER A 16 -2.30 -12.58 -0.63
N GLY A 17 -1.66 -12.06 -1.70
CA GLY A 17 -0.62 -11.03 -1.57
C GLY A 17 -1.24 -9.68 -1.18
N CYS A 18 -2.40 -9.34 -1.75
CA CYS A 18 -3.16 -8.16 -1.37
C CYS A 18 -3.66 -8.19 0.09
N SER A 19 -4.22 -9.31 0.55
CA SER A 19 -4.63 -9.41 1.96
C SER A 19 -3.45 -9.32 2.93
N GLY A 20 -2.28 -9.89 2.59
CA GLY A 20 -1.05 -9.77 3.39
C GLY A 20 -0.49 -8.34 3.40
N ALA A 21 -0.60 -7.63 2.28
CA ALA A 21 -0.25 -6.21 2.18
C ALA A 21 -1.21 -5.32 2.99
N VAL A 22 -2.52 -5.54 2.89
CA VAL A 22 -3.53 -4.83 3.70
C VAL A 22 -3.30 -5.06 5.19
N ASN A 23 -3.02 -6.31 5.62
CA ASN A 23 -2.57 -6.59 6.99
C ASN A 23 -1.33 -5.74 7.35
N LYS A 24 -0.30 -5.67 6.49
CA LYS A 24 0.90 -4.86 6.75
C LYS A 24 0.57 -3.37 6.94
N VAL A 25 -0.36 -2.78 6.17
CA VAL A 25 -0.79 -1.37 6.36
C VAL A 25 -1.25 -1.10 7.80
N LEU A 26 -2.10 -1.96 8.39
CA LEU A 26 -2.59 -1.78 9.76
C LEU A 26 -1.60 -2.29 10.83
N THR A 27 -0.83 -3.35 10.56
CA THR A 27 0.23 -3.88 11.46
C THR A 27 1.42 -2.92 11.60
N LYS A 28 1.53 -1.93 10.72
CA LYS A 28 2.41 -0.75 10.87
C LYS A 28 1.89 0.30 11.89
N LEU A 29 0.65 0.15 12.41
CA LEU A 29 -0.04 1.16 13.22
C LEU A 29 -0.53 0.63 14.60
N GLU A 30 -0.17 -0.58 15.03
CA GLU A 30 -0.73 -1.27 16.20
C GLU A 30 -0.81 -0.46 17.50
N PRO A 31 0.14 0.44 17.85
CA PRO A 31 0.04 1.27 19.05
C PRO A 31 -1.26 2.09 19.19
N ASP A 32 -2.03 2.30 18.10
CA ASP A 32 -3.35 2.94 18.13
C ASP A 32 -4.49 2.02 17.62
N VAL A 33 -4.17 0.79 17.20
CA VAL A 33 -5.12 -0.15 16.54
C VAL A 33 -5.19 -1.44 17.37
N SER A 34 -6.38 -1.77 17.87
CA SER A 34 -6.58 -2.83 18.88
C SER A 34 -7.04 -4.19 18.31
N LYS A 35 -7.58 -4.22 17.09
CA LYS A 35 -7.88 -5.45 16.36
C LYS A 35 -7.95 -5.19 14.84
N ILE A 36 -7.41 -6.13 14.06
CA ILE A 36 -7.40 -6.17 12.59
C ILE A 36 -7.90 -7.54 12.15
N ASP A 37 -8.84 -7.60 11.21
CA ASP A 37 -9.40 -8.85 10.68
C ASP A 37 -9.73 -8.73 9.17
N ILE A 38 -8.88 -9.35 8.36
CA ILE A 38 -8.91 -9.29 6.88
C ILE A 38 -9.52 -10.58 6.31
N SER A 39 -10.60 -10.46 5.54
CA SER A 39 -11.38 -11.58 5.01
C SER A 39 -11.33 -11.59 3.47
N LEU A 40 -10.46 -12.40 2.85
CA LEU A 40 -10.34 -12.49 1.39
C LEU A 40 -11.61 -13.08 0.73
N GLU A 41 -12.18 -14.16 1.27
CA GLU A 41 -13.38 -14.81 0.70
C GLU A 41 -14.56 -13.83 0.64
N LYS A 42 -14.83 -13.14 1.75
CA LYS A 42 -15.90 -12.16 1.89
C LYS A 42 -15.49 -10.73 1.46
N GLN A 43 -14.25 -10.54 0.97
CA GLN A 43 -13.62 -9.28 0.53
C GLN A 43 -13.65 -8.12 1.54
N LEU A 44 -13.75 -8.42 2.83
CA LEU A 44 -13.96 -7.45 3.91
C LEU A 44 -12.70 -7.18 4.74
N VAL A 45 -12.67 -5.98 5.29
CA VAL A 45 -11.65 -5.46 6.22
C VAL A 45 -12.38 -4.89 7.45
N ASP A 46 -12.11 -5.43 8.63
CA ASP A 46 -12.74 -5.06 9.91
C ASP A 46 -11.65 -4.56 10.89
N VAL A 47 -11.77 -3.31 11.36
CA VAL A 47 -10.72 -2.64 12.17
C VAL A 47 -11.31 -1.91 13.39
N TYR A 48 -10.60 -1.98 14.53
CA TYR A 48 -10.87 -1.22 15.76
C TYR A 48 -9.70 -0.27 16.11
N THR A 49 -9.94 1.04 16.25
CA THR A 49 -8.88 2.06 16.45
C THR A 49 -9.37 3.40 16.97
N THR A 50 -8.49 4.12 17.68
CA THR A 50 -8.63 5.53 18.08
C THR A 50 -8.36 6.53 16.95
N LEU A 51 -7.83 6.08 15.80
CA LEU A 51 -7.48 6.95 14.65
C LEU A 51 -8.71 7.62 14.01
N PRO A 52 -8.56 8.82 13.42
CA PRO A 52 -9.64 9.53 12.73
C PRO A 52 -9.94 8.90 11.36
N TYR A 53 -11.20 9.02 10.91
CA TYR A 53 -11.68 8.29 9.73
C TYR A 53 -10.97 8.72 8.44
N ASP A 54 -10.80 10.03 8.20
CA ASP A 54 -10.19 10.55 6.96
C ASP A 54 -8.70 10.17 6.82
N PHE A 55 -8.00 9.86 7.92
CA PHE A 55 -6.64 9.31 7.88
C PHE A 55 -6.63 7.85 7.39
N ILE A 56 -7.65 7.07 7.73
CA ILE A 56 -7.86 5.72 7.16
C ILE A 56 -8.25 5.84 5.67
N LEU A 57 -9.10 6.80 5.31
CA LEU A 57 -9.44 7.05 3.89
C LEU A 57 -8.20 7.46 3.08
N GLU A 58 -7.32 8.30 3.62
CA GLU A 58 -6.02 8.60 3.02
C GLU A 58 -5.16 7.35 2.79
N LYS A 59 -5.08 6.43 3.75
CA LYS A 59 -4.37 5.16 3.53
C LYS A 59 -5.03 4.36 2.40
N ILE A 60 -6.35 4.17 2.46
CA ILE A 60 -7.12 3.37 1.48
C ILE A 60 -7.06 3.98 0.07
N LYS A 61 -7.33 5.27 -0.09
CA LYS A 61 -7.35 5.95 -1.39
C LYS A 61 -5.96 6.01 -2.05
N LYS A 62 -4.88 6.02 -1.26
CA LYS A 62 -3.50 5.89 -1.77
C LYS A 62 -3.03 4.42 -1.98
N THR A 63 -3.77 3.39 -1.52
CA THR A 63 -3.33 1.98 -1.45
C THR A 63 -3.23 1.22 -2.79
N GLY A 64 -3.72 1.78 -3.90
CA GLY A 64 -3.65 1.16 -5.23
C GLY A 64 -4.66 0.06 -5.50
N LYS A 65 -5.63 -0.14 -4.59
CA LYS A 65 -6.65 -1.18 -4.64
C LYS A 65 -8.04 -0.54 -4.42
N GLU A 66 -9.03 -0.87 -5.25
CA GLU A 66 -10.36 -0.25 -5.21
C GLU A 66 -11.14 -0.63 -3.95
N VAL A 67 -11.89 0.32 -3.38
CA VAL A 67 -12.83 0.10 -2.27
C VAL A 67 -14.27 0.20 -2.78
N ARG A 68 -15.12 -0.78 -2.43
CA ARG A 68 -16.52 -0.87 -2.91
C ARG A 68 -17.50 -0.17 -1.96
N SER A 69 -17.37 -0.36 -0.64
CA SER A 69 -18.34 0.11 0.35
C SER A 69 -17.71 0.25 1.75
N GLY A 70 -17.84 1.43 2.37
CA GLY A 70 -17.14 1.82 3.60
C GLY A 70 -18.07 2.41 4.66
N LYS A 71 -17.96 1.91 5.89
CA LYS A 71 -18.88 2.23 7.00
C LYS A 71 -18.17 2.41 8.35
N GLN A 72 -18.79 3.21 9.23
CA GLN A 72 -18.49 3.35 10.63
C GLN A 72 -19.55 2.61 11.47
N LEU A 73 -19.11 1.94 12.54
CA LEU A 73 -19.92 0.99 13.32
C LEU A 73 -19.82 1.22 14.84
N ALA B 1 17.15 11.49 -18.15
CA ALA B 1 16.27 10.95 -17.08
C ALA B 1 17.12 10.48 -15.89
N ARG B 2 16.47 10.17 -14.76
CA ARG B 2 17.12 9.72 -13.52
C ARG B 2 16.53 8.39 -13.06
N GLU B 3 17.21 7.30 -13.37
CA GLU B 3 17.00 5.98 -12.77
C GLU B 3 17.32 5.98 -11.27
N VAL B 4 16.38 5.53 -10.45
CA VAL B 4 16.55 5.17 -9.04
C VAL B 4 16.15 3.71 -8.82
N ILE B 5 16.83 3.04 -7.89
CA ILE B 5 16.58 1.67 -7.50
C ILE B 5 16.04 1.71 -6.07
N LEU B 6 14.89 1.09 -5.80
CA LEU B 6 14.41 0.90 -4.42
C LEU B 6 14.61 -0.57 -4.01
N ALA B 7 14.81 -0.84 -2.71
CA ALA B 7 14.58 -2.17 -2.17
C ALA B 7 13.09 -2.32 -1.81
N VAL B 8 12.50 -3.51 -2.01
CA VAL B 8 11.06 -3.78 -1.80
C VAL B 8 10.91 -5.17 -1.15
N HIS B 9 10.87 -5.19 0.18
CA HIS B 9 10.94 -6.43 0.99
C HIS B 9 9.62 -7.25 1.05
N GLY B 10 8.74 -7.12 0.05
CA GLY B 10 7.37 -7.69 0.08
C GLY B 10 6.85 -8.29 -1.21
N MET B 11 7.73 -8.68 -2.16
CA MET B 11 7.33 -9.25 -3.45
C MET B 11 6.42 -10.49 -3.35
N THR B 12 5.64 -10.71 -4.42
CA THR B 12 4.44 -11.56 -4.47
C THR B 12 4.04 -11.81 -5.92
N CYS B 13 3.02 -12.63 -6.11
CA CYS B 13 2.54 -13.18 -7.37
C CYS B 13 1.89 -12.15 -8.34
N SER B 14 1.50 -12.63 -9.53
CA SER B 14 1.18 -11.79 -10.70
C SER B 14 -0.08 -10.90 -10.59
N ALA B 15 -1.04 -11.23 -9.72
CA ALA B 15 -2.21 -10.37 -9.45
C ALA B 15 -2.02 -9.40 -8.27
N CYS B 16 -0.96 -9.59 -7.48
CA CYS B 16 -0.62 -8.83 -6.29
C CYS B 16 0.46 -7.74 -6.56
N THR B 17 1.27 -7.91 -7.62
CA THR B 17 2.41 -7.04 -7.97
C THR B 17 1.99 -5.76 -8.66
N ASN B 18 0.97 -5.75 -9.51
CA ASN B 18 0.57 -4.51 -10.21
C ASN B 18 -0.01 -3.41 -9.31
N THR B 19 -0.39 -3.72 -8.06
CA THR B 19 -0.59 -2.73 -6.99
C THR B 19 0.61 -1.79 -6.88
N ILE B 20 1.83 -2.27 -7.18
CA ILE B 20 3.00 -1.42 -7.42
C ILE B 20 2.90 -0.71 -8.79
N ASN B 21 3.10 -1.41 -9.93
CA ASN B 21 3.39 -0.71 -11.20
C ASN B 21 2.23 0.14 -11.75
N THR B 22 0.96 -0.24 -11.50
CA THR B 22 -0.22 0.63 -11.78
C THR B 22 -0.15 1.94 -10.98
N GLN B 23 0.31 1.92 -9.73
CA GLN B 23 0.47 3.13 -8.91
C GLN B 23 1.71 3.94 -9.30
N LEU B 24 2.82 3.29 -9.68
CA LEU B 24 4.00 4.00 -10.20
C LEU B 24 3.66 4.82 -11.46
N ARG B 25 2.69 4.37 -12.27
CA ARG B 25 2.12 5.13 -13.40
C ARG B 25 1.11 6.23 -12.96
N ALA B 26 0.48 6.11 -11.80
CA ALA B 26 -0.50 7.08 -11.30
C ALA B 26 0.13 8.35 -10.71
N LEU B 27 1.28 8.24 -10.06
CA LEU B 27 1.81 9.24 -9.11
C LEU B 27 2.59 10.43 -9.72
N LYS B 28 2.55 10.56 -11.04
CA LYS B 28 3.26 11.53 -11.89
C LYS B 28 4.80 11.31 -11.91
N GLY B 29 5.57 12.11 -12.67
CA GLY B 29 7.04 12.20 -12.65
C GLY B 29 7.79 11.04 -13.32
N VAL B 30 7.40 9.81 -13.00
CA VAL B 30 7.91 8.55 -13.56
C VAL B 30 7.69 8.49 -15.08
N THR B 31 8.74 8.12 -15.82
CA THR B 31 8.73 7.91 -17.27
C THR B 31 8.85 6.43 -17.65
N LYS B 32 9.49 5.62 -16.80
CA LYS B 32 9.52 4.16 -16.91
C LYS B 32 9.60 3.48 -15.52
N CYS B 33 9.00 2.30 -15.36
CA CYS B 33 9.15 1.47 -14.15
C CYS B 33 9.13 -0.04 -14.47
N ASP B 34 9.87 -0.79 -13.65
CA ASP B 34 10.08 -2.23 -13.75
C ASP B 34 10.43 -2.82 -12.36
N ILE B 35 10.23 -4.13 -12.20
CA ILE B 35 10.42 -4.86 -10.93
C ILE B 35 11.24 -6.14 -11.11
N SER B 36 12.16 -6.41 -10.19
CA SER B 36 13.07 -7.54 -10.20
C SER B 36 12.87 -8.42 -8.96
N LEU B 37 11.98 -9.41 -9.07
CA LEU B 37 11.63 -10.39 -8.04
C LEU B 37 12.86 -11.10 -7.46
N VAL B 38 13.78 -11.58 -8.30
CA VAL B 38 14.98 -12.35 -7.88
C VAL B 38 15.86 -11.59 -6.86
N THR B 39 15.91 -10.26 -6.95
CA THR B 39 16.74 -9.37 -6.10
C THR B 39 15.92 -8.45 -5.19
N ASN B 40 14.59 -8.55 -5.21
CA ASN B 40 13.63 -7.73 -4.43
C ASN B 40 13.84 -6.22 -4.60
N GLU B 41 14.18 -5.79 -5.81
CA GLU B 41 14.41 -4.39 -6.18
C GLU B 41 13.49 -3.96 -7.33
N CYS B 42 13.44 -2.65 -7.63
CA CYS B 42 12.71 -2.12 -8.78
C CYS B 42 13.50 -1.02 -9.53
N GLN B 43 13.52 -1.09 -10.85
CA GLN B 43 14.19 -0.12 -11.72
C GLN B 43 13.14 0.91 -12.13
N VAL B 44 13.09 2.02 -11.39
CA VAL B 44 12.16 3.15 -11.64
C VAL B 44 12.94 4.38 -12.10
N THR B 45 12.41 5.10 -13.09
CA THR B 45 13.12 6.14 -13.83
C THR B 45 12.23 7.37 -13.97
N TYR B 46 12.73 8.54 -13.57
CA TYR B 46 11.93 9.75 -13.40
C TYR B 46 12.75 11.04 -13.62
N ASP B 47 12.33 12.11 -12.96
CA ASP B 47 12.96 13.44 -12.87
C ASP B 47 12.54 14.12 -11.55
N ASN B 48 12.99 15.37 -11.35
CA ASN B 48 12.66 16.22 -10.19
C ASN B 48 11.14 16.39 -9.97
N GLU B 49 10.36 16.11 -11.01
CA GLU B 49 8.90 15.97 -11.03
C GLU B 49 8.36 15.02 -9.93
N VAL B 50 9.14 14.07 -9.39
CA VAL B 50 8.78 13.27 -8.21
C VAL B 50 10.02 12.70 -7.49
N THR B 51 9.86 12.27 -6.23
CA THR B 51 10.93 11.72 -5.38
C THR B 51 10.58 10.35 -4.83
N ALA B 52 11.60 9.51 -4.68
CA ALA B 52 11.53 8.17 -4.08
C ALA B 52 11.07 8.19 -2.61
N ASP B 53 11.13 9.34 -1.93
CA ASP B 53 10.60 9.53 -0.58
C ASP B 53 9.06 9.68 -0.56
N SER B 54 8.47 10.21 -1.63
CA SER B 54 7.00 10.22 -1.83
C SER B 54 6.52 8.84 -2.30
N ILE B 55 7.21 8.25 -3.29
CA ILE B 55 6.92 6.88 -3.77
C ILE B 55 6.95 5.89 -2.60
N LYS B 56 7.94 6.00 -1.71
CA LYS B 56 8.00 5.22 -0.47
C LYS B 56 6.70 5.30 0.35
N GLU B 57 6.15 6.48 0.60
CA GLU B 57 5.01 6.68 1.51
C GLU B 57 3.70 6.27 0.85
N ILE B 58 3.62 6.34 -0.48
CA ILE B 58 2.54 5.76 -1.29
C ILE B 58 2.62 4.23 -1.28
N ILE B 59 3.77 3.64 -1.60
CA ILE B 59 3.92 2.18 -1.72
C ILE B 59 3.98 1.50 -0.34
N GLU B 60 4.36 2.22 0.71
CA GLU B 60 4.12 1.83 2.11
C GLU B 60 2.65 1.98 2.51
N ASP B 61 1.90 2.95 1.96
CA ASP B 61 0.42 2.93 2.08
C ASP B 61 -0.26 1.83 1.21
N CYS B 62 0.41 1.33 0.16
CA CYS B 62 -0.02 0.16 -0.62
C CYS B 62 0.18 -1.17 0.12
N GLY B 63 1.03 -1.20 1.15
CA GLY B 63 1.28 -2.36 2.02
C GLY B 63 2.59 -3.10 1.76
N PHE B 64 3.59 -2.45 1.16
CA PHE B 64 4.96 -2.96 1.03
C PHE B 64 5.89 -2.26 2.04
N ASP B 65 7.21 -2.26 1.78
CA ASP B 65 8.24 -1.95 2.80
C ASP B 65 9.42 -1.15 2.28
N CYS B 66 9.18 -0.56 1.12
CA CYS B 66 10.24 -0.06 0.26
C CYS B 66 10.92 1.22 0.73
N GLU B 67 12.16 1.38 0.28
CA GLU B 67 13.01 2.55 0.54
C GLU B 67 14.12 2.56 -0.51
N ILE B 68 14.56 3.76 -0.93
CA ILE B 68 15.63 3.92 -1.93
C ILE B 68 16.90 3.16 -1.55
N LEU B 69 17.44 2.39 -2.50
CA LEU B 69 18.66 1.62 -2.36
C LEU B 69 19.81 2.47 -2.96
N ARG B 70 19.68 2.95 -4.20
CA ARG B 70 20.74 3.56 -4.97
C ARG B 70 20.18 4.39 -6.14
N ASP B 71 20.76 5.55 -6.38
CA ASP B 71 20.61 6.41 -7.56
C ASP B 71 21.30 5.82 -8.81
N SER B 72 20.84 4.62 -9.21
CA SER B 72 21.23 3.78 -10.38
C SER B 72 22.33 2.77 -10.07
CU CU1 C . -0.99 -13.30 -4.18
N MET A 1 -11.81 14.78 23.64
CA MET A 1 -12.58 13.75 22.93
C MET A 1 -11.64 12.93 22.05
N ALA A 2 -11.54 11.62 22.31
CA ALA A 2 -10.52 10.72 21.74
C ALA A 2 -10.90 9.25 21.99
N GLU A 3 -12.15 8.91 21.69
CA GLU A 3 -12.77 7.62 21.97
C GLU A 3 -12.76 6.73 20.72
N ILE A 4 -13.01 5.43 20.91
CA ILE A 4 -12.98 4.44 19.82
C ILE A 4 -14.22 4.57 18.93
N LYS A 5 -13.99 4.45 17.62
CA LYS A 5 -15.00 4.24 16.58
C LYS A 5 -14.82 2.85 15.93
N HIS A 6 -15.87 2.34 15.30
CA HIS A 6 -15.87 1.14 14.48
C HIS A 6 -16.23 1.45 13.01
N TYR A 7 -15.54 0.79 12.08
CA TYR A 7 -15.69 0.89 10.63
C TYR A 7 -15.58 -0.50 9.96
N GLN A 8 -16.25 -0.70 8.81
CA GLN A 8 -16.09 -1.92 8.01
C GLN A 8 -15.99 -1.57 6.52
N PHE A 9 -15.04 -2.19 5.81
CA PHE A 9 -14.71 -1.89 4.42
C PHE A 9 -14.72 -3.15 3.55
N ASN A 10 -15.27 -3.06 2.35
CA ASN A 10 -15.15 -4.07 1.28
C ASN A 10 -14.02 -3.63 0.32
N VAL A 11 -12.97 -4.46 0.16
CA VAL A 11 -11.76 -4.13 -0.63
C VAL A 11 -11.46 -5.23 -1.65
N VAL A 12 -11.22 -4.85 -2.91
CA VAL A 12 -11.05 -5.77 -4.04
C VAL A 12 -9.59 -6.24 -4.09
N MET A 13 -9.33 -7.42 -3.51
CA MET A 13 -7.99 -7.86 -3.11
C MET A 13 -7.05 -8.25 -4.28
N THR A 14 -7.60 -8.78 -5.39
CA THR A 14 -6.96 -9.19 -6.66
C THR A 14 -6.14 -10.47 -6.57
N CYS A 15 -5.45 -10.70 -5.45
CA CYS A 15 -4.66 -11.88 -5.10
C CYS A 15 -4.36 -11.90 -3.58
N SER A 16 -3.73 -12.98 -3.10
CA SER A 16 -3.62 -13.33 -1.68
C SER A 16 -2.68 -12.44 -0.85
N GLY A 17 -1.80 -11.65 -1.49
CA GLY A 17 -0.86 -10.76 -0.80
C GLY A 17 -1.52 -9.58 -0.11
N CYS A 18 -2.64 -9.06 -0.65
CA CYS A 18 -3.43 -7.97 -0.06
C CYS A 18 -3.82 -8.26 1.41
N SER A 19 -4.28 -9.47 1.72
CA SER A 19 -4.63 -9.92 3.08
C SER A 19 -3.48 -9.85 4.10
N GLY A 20 -2.21 -9.85 3.65
CA GLY A 20 -1.03 -9.58 4.47
C GLY A 20 -0.63 -8.10 4.45
N ALA A 21 -0.69 -7.45 3.28
CA ALA A 21 -0.36 -6.03 3.11
C ALA A 21 -1.26 -5.13 3.97
N VAL A 22 -2.58 -5.27 3.85
CA VAL A 22 -3.55 -4.44 4.59
C VAL A 22 -3.40 -4.67 6.10
N ASN A 23 -3.20 -5.92 6.54
CA ASN A 23 -2.88 -6.24 7.93
C ASN A 23 -1.62 -5.48 8.39
N LYS A 24 -0.52 -5.53 7.63
CA LYS A 24 0.72 -4.80 7.95
C LYS A 24 0.55 -3.27 7.98
N VAL A 25 -0.09 -2.65 6.98
CA VAL A 25 -0.27 -1.17 6.97
C VAL A 25 -1.06 -0.68 8.19
N LEU A 26 -2.15 -1.36 8.58
CA LEU A 26 -2.90 -1.03 9.79
C LEU A 26 -2.18 -1.42 11.09
N THR A 27 -1.31 -2.45 11.08
CA THR A 27 -0.48 -2.85 12.23
C THR A 27 0.51 -1.75 12.62
N LYS A 28 0.98 -0.92 11.69
CA LYS A 28 1.77 0.28 12.02
C LYS A 28 1.05 1.25 12.99
N LEU A 29 -0.28 1.17 13.08
CA LEU A 29 -1.14 2.13 13.77
C LEU A 29 -1.82 1.55 15.02
N GLU A 30 -1.45 0.37 15.55
CA GLU A 30 -2.13 -0.23 16.71
C GLU A 30 -2.28 0.65 17.97
N PRO A 31 -1.36 1.60 18.29
CA PRO A 31 -1.58 2.53 19.40
C PRO A 31 -2.82 3.41 19.23
N ASP A 32 -3.36 3.53 18.01
CA ASP A 32 -4.66 4.12 17.68
C ASP A 32 -5.70 3.07 17.25
N VAL A 33 -5.30 2.01 16.55
CA VAL A 33 -6.16 0.93 16.03
C VAL A 33 -6.25 -0.23 17.04
N SER A 34 -7.39 -0.34 17.71
CA SER A 34 -7.63 -1.22 18.86
C SER A 34 -8.02 -2.67 18.49
N LYS A 35 -8.47 -2.93 17.25
CA LYS A 35 -8.79 -4.29 16.75
C LYS A 35 -8.87 -4.36 15.21
N ILE A 36 -8.29 -5.38 14.58
CA ILE A 36 -8.29 -5.64 13.12
C ILE A 36 -8.64 -7.12 12.84
N ASP A 37 -9.63 -7.38 11.99
CA ASP A 37 -9.97 -8.73 11.50
C ASP A 37 -10.28 -8.71 9.99
N ILE A 38 -9.79 -9.73 9.26
CA ILE A 38 -9.90 -9.86 7.80
C ILE A 38 -10.94 -10.94 7.44
N SER A 39 -11.67 -10.78 6.32
CA SER A 39 -12.59 -11.78 5.77
C SER A 39 -12.35 -11.98 4.25
N LEU A 40 -11.66 -13.07 3.88
CA LEU A 40 -11.16 -13.33 2.52
C LEU A 40 -12.27 -13.50 1.46
N GLU A 41 -13.26 -14.36 1.69
CA GLU A 41 -14.31 -14.65 0.71
C GLU A 41 -15.20 -13.42 0.49
N LYS A 42 -15.72 -12.84 1.57
CA LYS A 42 -16.57 -11.65 1.56
C LYS A 42 -15.80 -10.35 1.20
N GLN A 43 -14.48 -10.43 1.03
CA GLN A 43 -13.58 -9.31 0.71
C GLN A 43 -13.66 -8.13 1.70
N LEU A 44 -13.96 -8.43 2.97
CA LEU A 44 -14.18 -7.45 4.04
C LEU A 44 -13.00 -7.31 4.99
N VAL A 45 -12.96 -6.14 5.61
CA VAL A 45 -12.07 -5.78 6.73
C VAL A 45 -12.89 -5.08 7.83
N ASP A 46 -12.73 -5.50 9.08
CA ASP A 46 -13.39 -4.96 10.28
C ASP A 46 -12.35 -4.23 11.16
N VAL A 47 -12.54 -2.92 11.37
CA VAL A 47 -11.56 -2.03 12.03
C VAL A 47 -12.19 -1.33 13.24
N TYR A 48 -11.49 -1.29 14.36
CA TYR A 48 -11.80 -0.45 15.54
C TYR A 48 -10.62 0.48 15.84
N THR A 49 -10.85 1.78 16.07
CA THR A 49 -9.78 2.79 16.20
C THR A 49 -10.26 4.13 16.75
N THR A 50 -9.37 4.91 17.39
CA THR A 50 -9.58 6.31 17.79
C THR A 50 -9.49 7.31 16.62
N LEU A 51 -9.12 6.86 15.42
CA LEU A 51 -8.91 7.69 14.22
C LEU A 51 -10.23 8.10 13.52
N PRO A 52 -10.21 9.19 12.71
CA PRO A 52 -11.32 9.61 11.86
C PRO A 52 -11.49 8.68 10.64
N TYR A 53 -12.69 8.69 10.05
CA TYR A 53 -13.14 7.74 9.04
C TYR A 53 -12.45 7.88 7.68
N ASP A 54 -12.43 9.09 7.10
CA ASP A 54 -11.91 9.35 5.75
C ASP A 54 -10.39 9.15 5.65
N PHE A 55 -9.67 9.20 6.78
CA PHE A 55 -8.26 8.83 6.86
C PHE A 55 -8.05 7.34 6.58
N ILE A 56 -8.94 6.47 7.08
CA ILE A 56 -8.86 5.02 6.85
C ILE A 56 -9.27 4.65 5.43
N LEU A 57 -10.30 5.31 4.86
CA LEU A 57 -10.69 5.14 3.45
C LEU A 57 -9.49 5.35 2.53
N GLU A 58 -8.78 6.45 2.72
CA GLU A 58 -7.58 6.79 1.97
C GLU A 58 -6.42 5.84 2.26
N LYS A 59 -6.13 5.49 3.52
CA LYS A 59 -5.03 4.57 3.82
C LYS A 59 -5.18 3.20 3.16
N ILE A 60 -6.43 2.71 3.01
CA ILE A 60 -6.78 1.50 2.26
C ILE A 60 -6.65 1.75 0.74
N LYS A 61 -7.38 2.72 0.17
CA LYS A 61 -7.38 2.95 -1.29
C LYS A 61 -5.97 3.25 -1.84
N LYS A 62 -5.11 3.95 -1.09
CA LYS A 62 -3.75 4.27 -1.53
C LYS A 62 -2.73 3.12 -1.36
N THR A 63 -3.15 1.93 -0.92
CA THR A 63 -2.35 0.69 -1.06
C THR A 63 -2.12 0.32 -2.52
N GLY A 64 -3.08 0.60 -3.40
CA GLY A 64 -3.11 0.14 -4.80
C GLY A 64 -4.32 -0.74 -5.15
N LYS A 65 -5.18 -1.06 -4.16
CA LYS A 65 -6.42 -1.84 -4.37
C LYS A 65 -7.68 -0.97 -4.23
N GLU A 66 -8.70 -1.23 -5.07
CA GLU A 66 -9.97 -0.52 -5.07
C GLU A 66 -10.93 -1.05 -4.00
N VAL A 67 -11.91 -0.23 -3.60
CA VAL A 67 -12.95 -0.59 -2.63
C VAL A 67 -14.35 -0.48 -3.24
N ARG A 68 -15.26 -1.39 -2.85
CA ARG A 68 -16.68 -1.30 -3.24
C ARG A 68 -17.43 -0.31 -2.35
N SER A 69 -17.19 -0.34 -1.04
CA SER A 69 -17.70 0.66 -0.07
C SER A 69 -17.09 0.50 1.33
N GLY A 70 -16.96 1.62 2.05
CA GLY A 70 -16.83 1.66 3.51
C GLY A 70 -18.17 1.95 4.18
N LYS A 71 -18.30 1.62 5.46
CA LYS A 71 -19.40 2.05 6.33
C LYS A 71 -18.95 2.40 7.76
N GLN A 72 -19.69 3.33 8.36
CA GLN A 72 -19.53 3.81 9.71
C GLN A 72 -20.53 3.11 10.64
N LEU A 73 -20.02 2.60 11.76
CA LEU A 73 -20.74 1.78 12.75
C LEU A 73 -20.56 2.35 14.16
N ALA B 1 15.64 14.87 -13.95
CA ALA B 1 15.12 13.50 -14.14
C ALA B 1 16.07 12.46 -13.53
N ARG B 2 15.58 11.22 -13.33
CA ARG B 2 16.36 10.08 -12.86
C ARG B 2 15.67 8.73 -13.15
N GLU B 3 16.28 7.89 -13.98
CA GLU B 3 16.11 6.44 -13.96
C GLU B 3 16.69 5.86 -12.66
N VAL B 4 15.96 4.99 -11.96
CA VAL B 4 16.27 4.49 -10.60
C VAL B 4 15.79 3.04 -10.40
N ILE B 5 16.60 2.27 -9.68
CA ILE B 5 16.38 0.87 -9.36
C ILE B 5 16.27 0.74 -7.83
N LEU B 6 15.07 0.46 -7.30
CA LEU B 6 14.83 0.32 -5.86
C LEU B 6 14.67 -1.17 -5.51
N ALA B 7 15.28 -1.67 -4.44
CA ALA B 7 14.99 -3.02 -3.95
C ALA B 7 13.67 -3.04 -3.17
N VAL B 8 12.90 -4.13 -3.25
CA VAL B 8 11.68 -4.38 -2.45
C VAL B 8 11.73 -5.82 -1.95
N HIS B 9 11.86 -5.97 -0.63
CA HIS B 9 12.23 -7.24 0.01
C HIS B 9 11.04 -8.20 0.26
N GLY B 10 9.98 -8.09 -0.55
CA GLY B 10 8.75 -8.91 -0.47
C GLY B 10 8.14 -9.31 -1.81
N MET B 11 8.90 -9.25 -2.92
CA MET B 11 8.45 -9.64 -4.27
C MET B 11 7.84 -11.04 -4.33
N THR B 12 6.92 -11.25 -5.28
CA THR B 12 5.92 -12.34 -5.31
C THR B 12 5.22 -12.40 -6.68
N CYS B 13 3.95 -12.80 -6.75
CA CYS B 13 3.15 -12.91 -7.97
C CYS B 13 2.68 -11.53 -8.54
N SER B 14 2.07 -11.55 -9.73
CA SER B 14 2.04 -10.39 -10.64
C SER B 14 1.05 -9.25 -10.26
N ALA B 15 -0.04 -9.54 -9.54
CA ALA B 15 -0.97 -8.52 -9.03
C ALA B 15 -0.59 -8.07 -7.62
N CYS B 16 -0.09 -8.99 -6.77
CA CYS B 16 0.47 -8.69 -5.47
C CYS B 16 1.64 -7.67 -5.53
N THR B 17 2.48 -7.73 -6.58
CA THR B 17 3.59 -6.82 -6.82
C THR B 17 3.15 -5.49 -7.42
N ASN B 18 2.45 -5.48 -8.56
CA ASN B 18 2.02 -4.21 -9.19
C ASN B 18 0.89 -3.48 -8.43
N THR B 19 0.52 -3.95 -7.23
CA THR B 19 0.08 -3.11 -6.09
C THR B 19 0.92 -1.83 -6.02
N ILE B 20 2.25 -1.99 -6.05
CA ILE B 20 3.20 -0.86 -6.03
C ILE B 20 3.09 -0.03 -7.31
N ASN B 21 3.24 -0.66 -8.48
CA ASN B 21 3.27 0.03 -9.77
C ASN B 21 1.99 0.84 -10.02
N THR B 22 0.82 0.26 -9.73
CA THR B 22 -0.49 0.95 -9.68
C THR B 22 -0.45 2.27 -8.88
N GLN B 23 0.32 2.40 -7.81
CA GLN B 23 0.45 3.66 -7.06
C GLN B 23 1.59 4.57 -7.54
N LEU B 24 2.81 4.04 -7.75
CA LEU B 24 3.93 4.91 -8.13
C LEU B 24 3.83 5.45 -9.56
N ARG B 25 3.19 4.73 -10.49
CA ARG B 25 2.89 5.24 -11.84
C ARG B 25 1.99 6.48 -11.79
N ALA B 26 1.12 6.59 -10.77
CA ALA B 26 0.06 7.58 -10.69
C ALA B 26 0.47 8.95 -10.11
N LEU B 27 1.70 9.13 -9.60
CA LEU B 27 2.10 10.32 -8.82
C LEU B 27 2.30 11.63 -9.62
N LYS B 28 1.90 11.62 -10.89
CA LYS B 28 1.95 12.71 -11.88
C LYS B 28 3.38 13.22 -12.16
N GLY B 29 4.38 12.35 -11.99
CA GLY B 29 5.81 12.60 -12.24
C GLY B 29 6.68 11.37 -12.57
N VAL B 30 6.13 10.16 -12.54
CA VAL B 30 6.80 8.92 -12.97
C VAL B 30 6.42 8.64 -14.42
N THR B 31 7.44 8.40 -15.24
CA THR B 31 7.32 8.28 -16.70
C THR B 31 7.26 6.82 -17.12
N LYS B 32 8.17 6.00 -16.60
CA LYS B 32 8.31 4.57 -16.89
C LYS B 32 8.53 3.77 -15.58
N CYS B 33 8.06 2.52 -15.53
CA CYS B 33 7.95 1.73 -14.29
C CYS B 33 7.47 0.28 -14.52
N ASP B 34 8.16 -0.66 -13.86
CA ASP B 34 7.95 -2.12 -13.87
C ASP B 34 8.72 -2.74 -12.69
N ILE B 35 8.66 -4.06 -12.54
CA ILE B 35 9.33 -4.87 -11.51
C ILE B 35 10.13 -6.02 -12.13
N SER B 36 11.16 -6.46 -11.43
CA SER B 36 11.92 -7.68 -11.75
C SER B 36 12.16 -8.47 -10.46
N LEU B 37 12.23 -9.80 -10.59
CA LEU B 37 12.59 -10.71 -9.51
C LEU B 37 14.01 -11.27 -9.69
N VAL B 38 14.82 -10.71 -10.60
CA VAL B 38 16.22 -11.13 -10.80
C VAL B 38 17.11 -10.63 -9.65
N THR B 39 16.84 -9.43 -9.12
CA THR B 39 17.41 -8.89 -7.87
C THR B 39 16.33 -8.62 -6.81
N ASN B 40 15.07 -8.48 -7.23
CA ASN B 40 13.85 -8.11 -6.49
C ASN B 40 13.66 -6.58 -6.49
N GLU B 41 13.78 -5.99 -7.68
CA GLU B 41 13.84 -4.56 -7.93
C GLU B 41 12.61 -3.97 -8.63
N CYS B 42 12.28 -2.71 -8.33
CA CYS B 42 11.42 -1.85 -9.16
C CYS B 42 12.30 -1.07 -10.15
N GLN B 43 11.99 -1.14 -11.44
CA GLN B 43 12.79 -0.54 -12.52
C GLN B 43 12.05 0.71 -13.05
N VAL B 44 12.27 1.85 -12.39
CA VAL B 44 11.42 3.07 -12.43
C VAL B 44 12.20 4.30 -12.91
N THR B 45 11.49 5.32 -13.42
CA THR B 45 12.04 6.53 -14.05
C THR B 45 11.11 7.70 -13.79
N TYR B 46 11.66 8.87 -13.43
CA TYR B 46 10.91 10.05 -13.03
C TYR B 46 11.56 11.33 -13.58
N ASP B 47 10.68 12.27 -13.87
CA ASP B 47 10.89 13.56 -14.53
C ASP B 47 11.50 14.63 -13.61
N ASN B 48 10.75 15.09 -12.61
CA ASN B 48 11.04 16.19 -11.69
C ASN B 48 9.83 16.36 -10.74
N GLU B 49 10.11 16.92 -9.56
CA GLU B 49 9.22 17.18 -8.41
C GLU B 49 9.00 15.91 -7.57
N VAL B 50 10.05 15.08 -7.45
CA VAL B 50 10.03 13.66 -7.06
C VAL B 50 11.43 13.27 -6.54
N THR B 51 11.50 12.32 -5.60
CA THR B 51 12.74 11.67 -5.14
C THR B 51 12.46 10.24 -4.70
N ALA B 52 13.43 9.33 -4.89
CA ALA B 52 13.29 7.92 -4.50
C ALA B 52 13.04 7.74 -2.99
N ASP B 53 13.51 8.68 -2.16
CA ASP B 53 13.21 8.75 -0.73
C ASP B 53 11.70 8.83 -0.44
N SER B 54 10.93 9.51 -1.29
CA SER B 54 9.48 9.60 -1.21
C SER B 54 8.81 8.33 -1.78
N ILE B 55 9.37 7.74 -2.84
CA ILE B 55 8.85 6.51 -3.45
C ILE B 55 8.96 5.34 -2.45
N LYS B 56 10.02 5.30 -1.64
CA LYS B 56 10.12 4.39 -0.51
C LYS B 56 8.92 4.50 0.46
N GLU B 57 8.34 5.68 0.66
CA GLU B 57 7.20 5.90 1.56
C GLU B 57 5.90 5.40 0.92
N ILE B 58 5.80 5.40 -0.42
CA ILE B 58 4.70 4.79 -1.19
C ILE B 58 4.78 3.26 -1.10
N ILE B 59 5.96 2.69 -1.31
CA ILE B 59 6.22 1.23 -1.18
C ILE B 59 6.04 0.77 0.27
N GLU B 60 6.35 1.63 1.24
CA GLU B 60 6.08 1.38 2.66
C GLU B 60 4.59 1.57 2.98
N ASP B 61 3.89 2.50 2.31
CA ASP B 61 2.42 2.60 2.37
C ASP B 61 1.68 1.44 1.68
N CYS B 62 2.36 0.71 0.79
CA CYS B 62 1.97 -0.61 0.27
C CYS B 62 2.35 -1.76 1.23
N GLY B 63 3.05 -1.49 2.34
CA GLY B 63 3.34 -2.44 3.42
C GLY B 63 4.64 -3.24 3.27
N PHE B 64 5.52 -2.93 2.31
CA PHE B 64 6.77 -3.66 2.06
C PHE B 64 7.96 -3.05 2.81
N ASP B 65 9.19 -3.26 2.31
CA ASP B 65 10.46 -2.76 2.85
C ASP B 65 11.42 -2.65 1.68
N CYS B 66 12.17 -1.54 1.64
CA CYS B 66 12.73 -1.04 0.38
C CYS B 66 13.79 0.05 0.56
N GLU B 67 14.62 0.20 -0.48
CA GLU B 67 15.81 1.06 -0.47
C GLU B 67 16.28 1.34 -1.89
N ILE B 68 16.98 2.46 -2.10
CA ILE B 68 17.53 2.81 -3.41
C ILE B 68 18.78 1.95 -3.67
N LEU B 69 18.65 0.98 -4.57
CA LEU B 69 19.64 -0.07 -4.80
C LEU B 69 20.74 0.48 -5.74
N ARG B 70 20.34 1.19 -6.82
CA ARG B 70 21.19 1.99 -7.71
C ARG B 70 20.32 3.06 -8.35
N ASP B 71 20.87 4.24 -8.61
CA ASP B 71 20.27 5.21 -9.56
C ASP B 71 20.54 4.82 -11.03
N SER B 72 20.31 3.54 -11.35
CA SER B 72 20.65 2.77 -12.55
C SER B 72 22.00 2.06 -12.41
CU CU1 C . -0.62 -13.29 -4.73
N MET A 1 -12.12 4.21 29.85
CA MET A 1 -12.68 3.89 28.52
C MET A 1 -12.00 4.71 27.43
N ALA A 2 -11.88 4.16 26.22
CA ALA A 2 -11.26 4.81 25.06
C ALA A 2 -12.28 5.11 23.94
N GLU A 3 -11.97 6.10 23.10
CA GLU A 3 -12.81 6.64 22.02
C GLU A 3 -12.69 5.83 20.72
N ILE A 4 -12.74 4.50 20.85
CA ILE A 4 -12.54 3.52 19.78
C ILE A 4 -13.81 3.33 18.96
N LYS A 5 -13.75 3.74 17.70
CA LYS A 5 -14.79 3.47 16.68
C LYS A 5 -14.57 2.11 16.00
N HIS A 6 -15.61 1.60 15.35
CA HIS A 6 -15.61 0.35 14.59
C HIS A 6 -16.04 0.62 13.13
N TYR A 7 -15.17 0.27 12.18
CA TYR A 7 -15.36 0.50 10.74
C TYR A 7 -15.31 -0.82 9.96
N GLN A 8 -16.05 -0.90 8.85
CA GLN A 8 -15.98 -2.01 7.89
C GLN A 8 -15.80 -1.45 6.47
N PHE A 9 -15.07 -2.19 5.63
CA PHE A 9 -14.79 -1.87 4.23
C PHE A 9 -14.87 -3.13 3.37
N ASN A 10 -15.42 -3.01 2.15
CA ASN A 10 -15.45 -4.02 1.10
C ASN A 10 -14.44 -3.63 0.01
N VAL A 11 -13.41 -4.45 -0.21
CA VAL A 11 -12.16 -4.05 -0.90
C VAL A 11 -11.69 -5.18 -1.82
N VAL A 12 -11.21 -4.84 -3.02
CA VAL A 12 -10.62 -5.82 -3.95
C VAL A 12 -9.30 -6.36 -3.36
N MET A 13 -9.27 -7.66 -3.03
CA MET A 13 -8.13 -8.32 -2.38
C MET A 13 -7.70 -9.55 -3.19
N THR A 14 -6.58 -9.44 -3.92
CA THR A 14 -6.19 -10.37 -5.00
C THR A 14 -5.51 -11.66 -4.53
N CYS A 15 -4.93 -11.67 -3.32
CA CYS A 15 -4.33 -12.84 -2.68
C CYS A 15 -4.19 -12.67 -1.14
N SER A 16 -3.90 -13.75 -0.43
CA SER A 16 -3.58 -13.71 1.02
C SER A 16 -2.25 -13.01 1.32
N GLY A 17 -1.39 -12.81 0.30
CA GLY A 17 -0.21 -11.96 0.38
C GLY A 17 -0.57 -10.47 0.32
N CYS A 18 -1.56 -10.12 -0.50
CA CYS A 18 -2.19 -8.78 -0.52
C CYS A 18 -2.81 -8.46 0.84
N SER A 19 -3.55 -9.41 1.44
CA SER A 19 -4.05 -9.27 2.82
C SER A 19 -2.92 -9.00 3.82
N GLY A 20 -1.81 -9.75 3.73
CA GLY A 20 -0.65 -9.57 4.62
C GLY A 20 0.00 -8.19 4.47
N ALA A 21 0.10 -7.69 3.23
CA ALA A 21 0.58 -6.35 2.91
C ALA A 21 -0.36 -5.25 3.44
N VAL A 22 -1.67 -5.36 3.18
CA VAL A 22 -2.67 -4.39 3.67
C VAL A 22 -2.70 -4.37 5.21
N ASN A 23 -2.66 -5.53 5.86
CA ASN A 23 -2.52 -5.62 7.32
C ASN A 23 -1.22 -4.96 7.83
N LYS A 24 -0.11 -5.06 7.08
CA LYS A 24 1.12 -4.34 7.40
C LYS A 24 0.93 -2.80 7.32
N VAL A 25 0.29 -2.28 6.27
CA VAL A 25 -0.01 -0.82 6.15
C VAL A 25 -0.71 -0.28 7.40
N LEU A 26 -1.79 -0.95 7.86
CA LEU A 26 -2.52 -0.53 9.05
C LEU A 26 -1.80 -0.87 10.36
N THR A 27 -0.88 -1.85 10.38
CA THR A 27 -0.06 -2.17 11.57
C THR A 27 0.95 -1.05 11.89
N LYS A 28 1.38 -0.25 10.92
CA LYS A 28 2.08 1.02 11.19
C LYS A 28 1.27 1.98 12.09
N LEU A 29 -0.05 1.77 12.24
CA LEU A 29 -0.96 2.58 13.03
C LEU A 29 -1.43 1.91 14.34
N GLU A 30 -0.86 0.77 14.79
CA GLU A 30 -1.23 0.17 16.09
C GLU A 30 -1.21 1.12 17.31
N PRO A 31 -0.37 2.18 17.37
CA PRO A 31 -0.46 3.17 18.43
C PRO A 31 -1.83 3.86 18.54
N ASP A 32 -2.66 3.83 17.49
CA ASP A 32 -4.00 4.43 17.42
C ASP A 32 -5.10 3.45 16.93
N VAL A 33 -4.73 2.34 16.28
CA VAL A 33 -5.59 1.25 15.79
C VAL A 33 -5.48 0.04 16.73
N SER A 34 -6.62 -0.56 17.10
CA SER A 34 -6.67 -1.67 18.07
C SER A 34 -6.56 -3.04 17.42
N LYS A 35 -7.31 -3.31 16.33
CA LYS A 35 -7.33 -4.61 15.62
C LYS A 35 -7.78 -4.46 14.15
N ILE A 36 -7.10 -5.13 13.21
CA ILE A 36 -7.51 -5.30 11.80
C ILE A 36 -7.80 -6.77 11.51
N ASP A 37 -8.94 -7.08 10.87
CA ASP A 37 -9.37 -8.44 10.58
C ASP A 37 -9.99 -8.56 9.18
N ILE A 38 -9.36 -9.35 8.31
CA ILE A 38 -9.69 -9.51 6.89
C ILE A 38 -10.46 -10.81 6.66
N SER A 39 -11.44 -10.78 5.77
CA SER A 39 -12.19 -11.94 5.26
C SER A 39 -12.15 -11.95 3.71
N LEU A 40 -11.23 -12.74 3.13
CA LEU A 40 -10.87 -12.66 1.71
C LEU A 40 -11.97 -13.11 0.76
N GLU A 41 -12.61 -14.26 0.97
CA GLU A 41 -13.65 -14.78 0.06
C GLU A 41 -14.81 -13.78 -0.09
N LYS A 42 -15.23 -13.21 1.04
CA LYS A 42 -16.28 -12.18 1.16
C LYS A 42 -15.77 -10.74 0.88
N GLN A 43 -14.48 -10.61 0.56
CA GLN A 43 -13.78 -9.39 0.15
C GLN A 43 -13.94 -8.19 1.10
N LEU A 44 -13.96 -8.44 2.41
CA LEU A 44 -14.18 -7.42 3.45
C LEU A 44 -13.08 -7.34 4.51
N VAL A 45 -12.99 -6.18 5.14
CA VAL A 45 -12.05 -5.83 6.21
C VAL A 45 -12.81 -5.14 7.34
N ASP A 46 -12.61 -5.59 8.57
CA ASP A 46 -13.14 -5.00 9.81
C ASP A 46 -12.00 -4.31 10.59
N VAL A 47 -12.26 -3.13 11.14
CA VAL A 47 -11.26 -2.30 11.85
C VAL A 47 -11.84 -1.73 13.15
N TYR A 48 -10.98 -1.57 14.16
CA TYR A 48 -11.24 -0.82 15.40
C TYR A 48 -10.13 0.22 15.65
N THR A 49 -10.45 1.49 15.93
CA THR A 49 -9.46 2.58 16.06
C THR A 49 -10.04 3.86 16.67
N THR A 50 -9.19 4.68 17.31
CA THR A 50 -9.52 6.06 17.73
C THR A 50 -9.42 7.07 16.59
N LEU A 51 -8.84 6.71 15.44
CA LEU A 51 -8.67 7.59 14.27
C LEU A 51 -10.01 7.92 13.57
N PRO A 52 -10.10 9.09 12.89
CA PRO A 52 -11.28 9.47 12.12
C PRO A 52 -11.42 8.64 10.84
N TYR A 53 -12.67 8.47 10.39
CA TYR A 53 -13.05 7.58 9.30
C TYR A 53 -12.50 8.02 7.92
N ASP A 54 -12.55 9.32 7.62
CA ASP A 54 -12.05 9.91 6.36
C ASP A 54 -10.52 9.77 6.21
N PHE A 55 -9.77 9.62 7.32
CA PHE A 55 -8.34 9.34 7.29
C PHE A 55 -8.05 7.88 6.92
N ILE A 56 -8.86 6.93 7.39
CA ILE A 56 -8.72 5.49 7.09
C ILE A 56 -9.10 5.17 5.64
N LEU A 57 -10.15 5.80 5.10
CA LEU A 57 -10.51 5.67 3.68
C LEU A 57 -9.31 6.00 2.78
N GLU A 58 -8.64 7.10 3.08
CA GLU A 58 -7.45 7.54 2.36
C GLU A 58 -6.23 6.66 2.59
N LYS A 59 -6.05 6.03 3.76
CA LYS A 59 -5.02 5.00 3.94
C LYS A 59 -5.24 3.80 3.01
N ILE A 60 -6.48 3.30 2.93
CA ILE A 60 -6.87 2.21 2.01
C ILE A 60 -6.64 2.62 0.55
N LYS A 61 -7.15 3.79 0.13
CA LYS A 61 -6.96 4.34 -1.23
C LYS A 61 -5.48 4.43 -1.62
N LYS A 62 -4.58 4.77 -0.69
CA LYS A 62 -3.13 4.85 -0.92
C LYS A 62 -2.46 3.50 -1.30
N THR A 63 -3.07 2.36 -0.93
CA THR A 63 -2.48 1.02 -1.10
C THR A 63 -2.46 0.51 -2.55
N GLY A 64 -3.28 1.10 -3.43
CA GLY A 64 -3.47 0.64 -4.82
C GLY A 64 -4.51 -0.48 -4.99
N LYS A 65 -5.17 -0.91 -3.92
CA LYS A 65 -6.28 -1.88 -3.94
C LYS A 65 -7.63 -1.12 -3.99
N GLU A 66 -8.51 -1.45 -4.94
CA GLU A 66 -9.73 -0.68 -5.17
C GLU A 66 -10.82 -0.97 -4.12
N VAL A 67 -11.47 0.09 -3.62
CA VAL A 67 -12.61 0.01 -2.70
C VAL A 67 -13.94 -0.10 -3.45
N ARG A 68 -14.89 -0.86 -2.88
CA ARG A 68 -16.22 -1.11 -3.43
C ARG A 68 -17.32 -0.44 -2.59
N SER A 69 -17.33 -0.64 -1.27
CA SER A 69 -18.29 -0.09 -0.29
C SER A 69 -17.64 -0.02 1.11
N GLY A 70 -18.30 0.62 2.10
CA GLY A 70 -17.87 0.62 3.51
C GLY A 70 -18.79 1.43 4.44
N LYS A 71 -18.57 1.34 5.75
CA LYS A 71 -19.39 2.03 6.77
C LYS A 71 -18.75 2.12 8.18
N GLN A 72 -19.30 2.98 9.03
CA GLN A 72 -19.11 3.00 10.47
C GLN A 72 -20.30 2.33 11.19
N LEU A 73 -20.01 1.65 12.31
CA LEU A 73 -20.95 0.78 13.03
C LEU A 73 -21.30 1.30 14.42
N ALA B 1 14.83 15.22 -14.41
CA ALA B 1 14.55 13.77 -14.37
C ALA B 1 15.71 12.98 -13.76
N ARG B 2 15.44 11.78 -13.24
CA ARG B 2 16.40 10.86 -12.63
C ARG B 2 15.83 9.42 -12.57
N GLU B 3 16.59 8.48 -13.11
CA GLU B 3 16.44 7.03 -12.96
C GLU B 3 16.81 6.56 -11.53
N VAL B 4 16.25 5.44 -11.06
CA VAL B 4 16.51 4.87 -9.72
C VAL B 4 16.00 3.43 -9.60
N ILE B 5 16.81 2.57 -8.97
CA ILE B 5 16.54 1.15 -8.78
C ILE B 5 16.48 0.89 -7.28
N LEU B 6 15.42 0.25 -6.78
CA LEU B 6 15.25 -0.03 -5.35
C LEU B 6 14.79 -1.48 -5.10
N ALA B 7 15.25 -2.10 -4.00
CA ALA B 7 14.93 -3.50 -3.70
C ALA B 7 13.68 -3.58 -2.82
N VAL B 8 12.77 -4.53 -3.10
CA VAL B 8 11.51 -4.76 -2.38
C VAL B 8 11.57 -6.13 -1.72
N HIS B 9 11.61 -6.16 -0.40
CA HIS B 9 11.99 -7.33 0.39
C HIS B 9 10.85 -8.34 0.64
N GLY B 10 9.65 -8.03 0.12
CA GLY B 10 8.37 -8.66 0.45
C GLY B 10 7.57 -9.19 -0.74
N MET B 11 8.18 -9.51 -1.89
CA MET B 11 7.49 -9.92 -3.11
C MET B 11 6.50 -11.08 -2.91
N THR B 12 5.30 -10.94 -3.49
CA THR B 12 4.19 -11.91 -3.50
C THR B 12 3.99 -12.49 -4.91
N CYS B 13 2.79 -12.92 -5.29
CA CYS B 13 2.55 -13.83 -6.41
C CYS B 13 2.32 -13.16 -7.79
N SER B 14 1.66 -12.00 -7.86
CA SER B 14 1.16 -11.40 -9.12
C SER B 14 0.68 -9.94 -8.92
N ALA B 15 -0.59 -9.62 -9.21
CA ALA B 15 -1.15 -8.26 -9.21
C ALA B 15 -1.13 -7.56 -7.83
N CYS B 16 -1.00 -8.30 -6.75
CA CYS B 16 -0.64 -7.79 -5.43
C CYS B 16 0.61 -6.89 -5.48
N THR B 17 1.67 -7.32 -6.19
CA THR B 17 2.86 -6.52 -6.42
C THR B 17 2.64 -5.38 -7.39
N ASN B 18 1.87 -5.56 -8.47
CA ASN B 18 1.67 -4.48 -9.44
C ASN B 18 0.91 -3.29 -8.86
N THR B 19 0.33 -3.36 -7.65
CA THR B 19 -0.15 -2.17 -6.93
C THR B 19 0.93 -1.10 -6.82
N ILE B 20 2.20 -1.51 -6.67
CA ILE B 20 3.38 -0.65 -6.80
C ILE B 20 3.36 0.10 -8.14
N ASN B 21 3.30 -0.60 -9.27
CA ASN B 21 3.22 0.03 -10.59
C ASN B 21 1.94 0.88 -10.76
N THR B 22 0.76 0.35 -10.41
CA THR B 22 -0.52 1.07 -10.43
C THR B 22 -0.46 2.41 -9.72
N GLN B 23 0.16 2.47 -8.53
CA GLN B 23 0.30 3.71 -7.78
C GLN B 23 1.44 4.60 -8.34
N LEU B 24 2.63 4.05 -8.65
CA LEU B 24 3.76 4.85 -9.13
C LEU B 24 3.52 5.46 -10.53
N ARG B 25 2.96 4.69 -11.48
CA ARG B 25 2.68 5.16 -12.85
C ARG B 25 1.75 6.40 -12.85
N ALA B 26 0.87 6.51 -11.85
CA ALA B 26 -0.05 7.64 -11.68
C ALA B 26 0.59 8.92 -11.08
N LEU B 27 1.87 8.90 -10.66
CA LEU B 27 2.52 10.03 -10.01
C LEU B 27 3.11 11.04 -11.00
N LYS B 28 2.78 12.31 -10.80
CA LYS B 28 3.46 13.44 -11.46
C LYS B 28 4.98 13.33 -11.28
N GLY B 29 5.73 13.38 -12.39
CA GLY B 29 7.17 13.17 -12.47
C GLY B 29 7.59 11.76 -12.89
N VAL B 30 6.84 10.72 -12.52
CA VAL B 30 7.20 9.31 -12.84
C VAL B 30 6.80 9.01 -14.28
N THR B 31 7.81 8.75 -15.13
CA THR B 31 7.62 8.53 -16.58
C THR B 31 7.55 7.04 -16.92
N LYS B 32 8.34 6.21 -16.24
CA LYS B 32 8.41 4.76 -16.43
C LYS B 32 8.62 4.04 -15.08
N CYS B 33 8.20 2.78 -15.01
CA CYS B 33 8.18 1.94 -13.81
C CYS B 33 8.10 0.46 -14.20
N ASP B 34 9.15 -0.30 -13.91
CA ASP B 34 9.23 -1.75 -14.03
C ASP B 34 9.49 -2.43 -12.66
N ILE B 35 9.29 -3.74 -12.60
CA ILE B 35 9.28 -4.57 -11.39
C ILE B 35 9.59 -6.05 -11.72
N SER B 36 10.55 -6.64 -11.02
CA SER B 36 11.03 -8.00 -11.26
C SER B 36 10.90 -8.89 -10.01
N LEU B 37 9.98 -9.87 -10.06
CA LEU B 37 9.66 -10.75 -8.93
C LEU B 37 10.86 -11.59 -8.44
N VAL B 38 11.75 -12.03 -9.34
CA VAL B 38 12.83 -12.97 -9.00
C VAL B 38 14.03 -12.27 -8.36
N THR B 39 14.53 -11.19 -8.98
CA THR B 39 15.64 -10.40 -8.43
C THR B 39 15.23 -9.46 -7.31
N ASN B 40 13.92 -9.18 -7.21
CA ASN B 40 13.25 -8.41 -6.15
C ASN B 40 13.40 -6.88 -6.32
N GLU B 41 13.77 -6.40 -7.51
CA GLU B 41 14.00 -4.97 -7.80
C GLU B 41 12.79 -4.30 -8.48
N CYS B 42 12.61 -3.01 -8.19
CA CYS B 42 11.80 -2.08 -8.99
C CYS B 42 12.71 -1.08 -9.72
N GLN B 43 12.38 -0.75 -10.96
CA GLN B 43 13.19 0.08 -11.84
C GLN B 43 12.32 1.27 -12.26
N VAL B 44 12.47 2.41 -11.57
CA VAL B 44 11.53 3.54 -11.59
C VAL B 44 12.25 4.84 -11.96
N THR B 45 11.63 5.64 -12.83
CA THR B 45 12.29 6.75 -13.52
C THR B 45 11.43 7.99 -13.31
N TYR B 46 11.95 9.02 -12.65
CA TYR B 46 11.17 10.13 -12.12
C TYR B 46 11.72 11.50 -12.55
N ASP B 47 11.38 12.53 -11.78
CA ASP B 47 11.58 13.96 -12.02
C ASP B 47 11.07 14.83 -10.84
N ASN B 48 11.51 16.09 -10.80
CA ASN B 48 11.42 17.03 -9.67
C ASN B 48 10.02 17.38 -9.14
N GLU B 49 8.96 16.92 -9.83
CA GLU B 49 7.58 16.89 -9.30
C GLU B 49 7.41 15.89 -8.12
N VAL B 50 8.39 14.99 -7.90
CA VAL B 50 8.45 14.00 -6.80
C VAL B 50 9.92 13.67 -6.44
N THR B 51 10.16 12.91 -5.36
CA THR B 51 11.51 12.48 -4.90
C THR B 51 11.56 10.97 -4.62
N ALA B 52 12.77 10.40 -4.60
CA ALA B 52 12.99 8.98 -4.31
C ALA B 52 12.63 8.57 -2.86
N ASP B 53 12.50 9.54 -1.96
CA ASP B 53 11.97 9.35 -0.59
C ASP B 53 10.47 9.01 -0.62
N SER B 54 9.71 9.64 -1.53
CA SER B 54 8.32 9.27 -1.80
C SER B 54 8.23 7.89 -2.45
N ILE B 55 9.09 7.55 -3.43
CA ILE B 55 9.05 6.24 -4.12
C ILE B 55 9.18 5.10 -3.10
N LYS B 56 10.14 5.21 -2.18
CA LYS B 56 10.26 4.32 -1.01
C LYS B 56 8.95 4.21 -0.19
N GLU B 57 8.28 5.34 0.08
CA GLU B 57 7.10 5.46 0.92
C GLU B 57 5.84 5.00 0.18
N ILE B 58 5.86 4.92 -1.15
CA ILE B 58 4.79 4.37 -1.98
C ILE B 58 4.86 2.85 -2.00
N ILE B 59 6.06 2.28 -2.20
CA ILE B 59 6.25 0.82 -2.07
C ILE B 59 5.92 0.37 -0.65
N GLU B 60 6.21 1.22 0.33
CA GLU B 60 5.82 0.96 1.72
C GLU B 60 4.32 1.20 1.99
N ASP B 61 3.69 2.22 1.39
CA ASP B 61 2.22 2.39 1.47
C ASP B 61 1.44 1.33 0.67
N CYS B 62 2.05 0.66 -0.30
CA CYS B 62 1.50 -0.54 -0.93
C CYS B 62 1.51 -1.77 0.01
N GLY B 63 2.28 -1.72 1.11
CA GLY B 63 2.37 -2.75 2.15
C GLY B 63 3.60 -3.66 2.05
N PHE B 64 4.66 -3.22 1.35
CA PHE B 64 5.94 -3.92 1.26
C PHE B 64 7.03 -3.16 2.07
N ASP B 65 8.30 -3.33 1.73
CA ASP B 65 9.46 -2.84 2.48
C ASP B 65 10.67 -2.80 1.55
N CYS B 66 11.52 -1.80 1.69
CA CYS B 66 12.47 -1.42 0.64
C CYS B 66 13.61 -0.49 1.08
N GLU B 67 14.60 -0.42 0.20
CA GLU B 67 15.80 0.43 0.28
C GLU B 67 16.33 0.66 -1.14
N ILE B 68 16.78 1.88 -1.44
CA ILE B 68 17.40 2.23 -2.73
C ILE B 68 18.67 1.39 -2.98
N LEU B 69 18.70 0.71 -4.13
CA LEU B 69 19.63 -0.38 -4.46
C LEU B 69 20.78 0.17 -5.34
N ARG B 70 20.46 0.89 -6.42
CA ARG B 70 21.40 1.44 -7.39
C ARG B 70 20.85 2.71 -8.03
N ASP B 71 21.73 3.67 -8.23
CA ASP B 71 21.59 4.80 -9.16
C ASP B 71 21.86 4.34 -10.61
N SER B 72 21.11 3.31 -11.06
CA SER B 72 21.19 2.57 -12.35
C SER B 72 22.30 1.52 -12.35
CU CU1 C . 0.17 -12.13 -4.12
N MET A 1 -8.86 2.70 29.18
CA MET A 1 -10.04 2.93 28.31
C MET A 1 -9.73 4.02 27.29
N ALA A 2 -10.42 4.00 26.14
CA ALA A 2 -10.28 4.97 25.05
C ALA A 2 -11.56 5.01 24.18
N GLU A 3 -11.76 6.08 23.41
CA GLU A 3 -12.98 6.29 22.61
C GLU A 3 -12.87 5.62 21.22
N ILE A 4 -12.64 4.31 21.26
CA ILE A 4 -12.44 3.43 20.10
C ILE A 4 -13.76 3.21 19.36
N LYS A 5 -13.73 3.44 18.04
CA LYS A 5 -14.86 3.19 17.13
C LYS A 5 -14.64 1.90 16.31
N HIS A 6 -15.70 1.31 15.76
CA HIS A 6 -15.62 0.13 14.90
C HIS A 6 -16.10 0.42 13.46
N TYR A 7 -15.32 -0.04 12.47
CA TYR A 7 -15.60 0.07 11.05
C TYR A 7 -15.48 -1.30 10.36
N GLN A 8 -16.30 -1.55 9.32
CA GLN A 8 -16.21 -2.74 8.48
C GLN A 8 -16.27 -2.35 7.00
N PHE A 9 -15.32 -2.84 6.21
CA PHE A 9 -15.16 -2.55 4.79
C PHE A 9 -15.17 -3.83 3.96
N ASN A 10 -15.79 -3.78 2.78
CA ASN A 10 -15.65 -4.76 1.70
C ASN A 10 -14.71 -4.15 0.63
N VAL A 11 -13.63 -4.83 0.26
CA VAL A 11 -12.49 -4.24 -0.48
C VAL A 11 -11.96 -5.23 -1.52
N VAL A 12 -11.61 -4.75 -2.72
CA VAL A 12 -11.07 -5.59 -3.80
C VAL A 12 -9.67 -6.08 -3.41
N MET A 13 -9.50 -7.40 -3.29
CA MET A 13 -8.22 -8.04 -2.96
C MET A 13 -8.01 -9.32 -3.79
N THR A 14 -7.08 -9.28 -4.75
CA THR A 14 -6.80 -10.40 -5.67
C THR A 14 -6.15 -11.59 -4.97
N CYS A 15 -5.16 -11.35 -4.11
CA CYS A 15 -4.34 -12.37 -3.49
C CYS A 15 -3.97 -12.11 -2.01
N SER A 16 -3.28 -13.07 -1.41
CA SER A 16 -2.72 -13.00 -0.05
C SER A 16 -1.53 -12.02 0.05
N GLY A 17 -0.98 -11.57 -1.10
CA GLY A 17 -0.06 -10.43 -1.20
C GLY A 17 -0.79 -9.10 -1.18
N CYS A 18 -1.97 -9.01 -1.82
CA CYS A 18 -2.86 -7.84 -1.73
C CYS A 18 -3.37 -7.63 -0.30
N SER A 19 -3.96 -8.67 0.32
CA SER A 19 -4.35 -8.59 1.74
C SER A 19 -3.15 -8.46 2.69
N GLY A 20 -1.94 -8.82 2.24
CA GLY A 20 -0.69 -8.62 2.97
C GLY A 20 -0.24 -7.16 2.93
N ALA A 21 -0.43 -6.48 1.81
CA ALA A 21 -0.24 -5.03 1.68
C ALA A 21 -1.25 -4.25 2.53
N VAL A 22 -2.54 -4.61 2.44
CA VAL A 22 -3.60 -4.04 3.30
C VAL A 22 -3.23 -4.19 4.79
N ASN A 23 -2.83 -5.38 5.23
CA ASN A 23 -2.28 -5.59 6.58
C ASN A 23 -1.13 -4.61 6.90
N LYS A 24 -0.13 -4.54 6.02
CA LYS A 24 1.10 -3.78 6.24
C LYS A 24 0.92 -2.25 6.25
N VAL A 25 -0.10 -1.71 5.58
CA VAL A 25 -0.49 -0.28 5.74
C VAL A 25 -1.01 -0.01 7.16
N LEU A 26 -1.89 -0.88 7.68
CA LEU A 26 -2.53 -0.72 9.00
C LEU A 26 -1.59 -1.01 10.19
N THR A 27 -0.66 -1.96 10.12
CA THR A 27 0.26 -2.28 11.22
C THR A 27 1.23 -1.15 11.54
N LYS A 28 1.58 -0.28 10.59
CA LYS A 28 2.33 0.95 10.89
C LYS A 28 1.56 1.92 11.81
N LEU A 29 0.25 1.69 12.02
CA LEU A 29 -0.64 2.45 12.90
C LEU A 29 -0.99 1.69 14.21
N GLU A 30 -0.24 0.66 14.63
CA GLU A 30 -0.39 0.04 15.97
C GLU A 30 -0.51 1.02 17.15
N PRO A 31 0.15 2.20 17.15
CA PRO A 31 -0.03 3.16 18.24
C PRO A 31 -1.46 3.72 18.37
N ASP A 32 -2.30 3.56 17.33
CA ASP A 32 -3.66 4.12 17.23
C ASP A 32 -4.76 3.09 16.90
N VAL A 33 -4.45 2.09 16.08
CA VAL A 33 -5.34 0.99 15.66
C VAL A 33 -5.13 -0.20 16.60
N SER A 34 -6.21 -0.62 17.28
CA SER A 34 -6.11 -1.53 18.43
C SER A 34 -6.47 -3.00 18.10
N LYS A 35 -7.21 -3.23 17.00
CA LYS A 35 -7.52 -4.55 16.44
C LYS A 35 -7.92 -4.45 14.97
N ILE A 36 -7.41 -5.33 14.11
CA ILE A 36 -7.86 -5.56 12.74
C ILE A 36 -8.06 -7.06 12.49
N ASP A 37 -8.95 -7.42 11.56
CA ASP A 37 -9.09 -8.79 11.05
C ASP A 37 -9.52 -8.76 9.57
N ILE A 38 -8.65 -9.24 8.68
CA ILE A 38 -8.86 -9.30 7.23
C ILE A 38 -9.32 -10.70 6.80
N SER A 39 -10.30 -10.79 5.90
CA SER A 39 -10.88 -12.04 5.39
C SER A 39 -10.93 -12.06 3.85
N LEU A 40 -9.89 -12.61 3.20
CA LEU A 40 -9.69 -12.57 1.73
C LEU A 40 -10.86 -13.12 0.90
N GLU A 41 -11.27 -14.39 1.08
CA GLU A 41 -12.23 -15.06 0.19
C GLU A 41 -13.59 -14.34 0.14
N LYS A 42 -14.03 -13.78 1.29
CA LYS A 42 -15.25 -12.97 1.41
C LYS A 42 -15.01 -11.45 1.22
N GLN A 43 -13.79 -11.04 0.86
CA GLN A 43 -13.36 -9.68 0.49
C GLN A 43 -13.56 -8.60 1.58
N LEU A 44 -13.57 -9.01 2.85
CA LEU A 44 -13.90 -8.15 4.00
C LEU A 44 -12.69 -7.79 4.87
N VAL A 45 -12.82 -6.65 5.54
CA VAL A 45 -11.90 -6.13 6.57
C VAL A 45 -12.72 -5.57 7.74
N ASP A 46 -12.33 -5.91 8.98
CA ASP A 46 -12.88 -5.38 10.23
C ASP A 46 -11.79 -4.56 10.96
N VAL A 47 -12.12 -3.34 11.44
CA VAL A 47 -11.16 -2.38 12.02
C VAL A 47 -11.68 -1.75 13.32
N TYR A 48 -10.83 -1.61 14.34
CA TYR A 48 -11.09 -0.90 15.60
C TYR A 48 -9.99 0.16 15.89
N THR A 49 -10.36 1.45 16.01
CA THR A 49 -9.41 2.57 16.20
C THR A 49 -10.08 3.86 16.68
N THR A 50 -9.27 4.75 17.26
CA THR A 50 -9.54 6.15 17.62
C THR A 50 -9.28 7.15 16.48
N LEU A 51 -8.77 6.70 15.32
CA LEU A 51 -8.58 7.53 14.12
C LEU A 51 -9.89 7.74 13.34
N PRO A 52 -10.03 8.86 12.58
CA PRO A 52 -11.23 9.13 11.81
C PRO A 52 -11.54 8.07 10.75
N TYR A 53 -12.83 7.76 10.60
CA TYR A 53 -13.35 6.92 9.51
C TYR A 53 -12.86 7.39 8.14
N ASP A 54 -12.89 8.70 7.89
CA ASP A 54 -12.50 9.30 6.61
C ASP A 54 -10.99 9.19 6.30
N PHE A 55 -10.15 9.23 7.34
CA PHE A 55 -8.71 8.99 7.27
C PHE A 55 -8.41 7.51 6.97
N ILE A 56 -9.19 6.59 7.55
CA ILE A 56 -9.07 5.15 7.24
C ILE A 56 -9.49 4.84 5.79
N LEU A 57 -10.55 5.48 5.26
CA LEU A 57 -10.91 5.37 3.84
C LEU A 57 -9.75 5.78 2.93
N GLU A 58 -9.13 6.92 3.20
CA GLU A 58 -7.97 7.40 2.47
C GLU A 58 -6.76 6.46 2.59
N LYS A 59 -6.42 5.96 3.79
CA LYS A 59 -5.36 4.96 3.94
C LYS A 59 -5.64 3.65 3.17
N ILE A 60 -6.90 3.19 3.12
CA ILE A 60 -7.29 2.02 2.31
C ILE A 60 -7.16 2.33 0.82
N LYS A 61 -7.75 3.42 0.32
CA LYS A 61 -7.70 3.79 -1.10
C LYS A 61 -6.26 4.05 -1.60
N LYS A 62 -5.36 4.55 -0.74
CA LYS A 62 -3.92 4.73 -1.02
C LYS A 62 -3.17 3.42 -1.35
N THR A 63 -3.73 2.22 -1.07
CA THR A 63 -3.21 0.92 -1.55
C THR A 63 -3.24 0.77 -3.07
N GLY A 64 -4.03 1.58 -3.79
CA GLY A 64 -4.23 1.47 -5.24
C GLY A 64 -5.41 0.60 -5.65
N LYS A 65 -5.97 -0.17 -4.72
CA LYS A 65 -7.15 -1.03 -4.93
C LYS A 65 -8.47 -0.23 -4.77
N GLU A 66 -9.60 -0.90 -5.06
CA GLU A 66 -10.95 -0.33 -4.97
C GLU A 66 -11.73 -0.85 -3.75
N VAL A 67 -12.62 -0.01 -3.23
CA VAL A 67 -13.48 -0.25 -2.05
C VAL A 67 -14.91 -0.46 -2.53
N ARG A 68 -15.48 -1.61 -2.17
CA ARG A 68 -16.80 -2.08 -2.58
C ARG A 68 -17.90 -1.61 -1.61
N SER A 69 -17.61 -1.52 -0.31
CA SER A 69 -18.44 -0.82 0.68
C SER A 69 -17.66 -0.46 1.95
N GLY A 70 -18.17 0.51 2.71
CA GLY A 70 -17.77 0.81 4.09
C GLY A 70 -18.96 1.10 4.99
N LYS A 71 -18.81 0.87 6.29
CA LYS A 71 -19.81 1.20 7.32
C LYS A 71 -19.22 1.41 8.72
N GLN A 72 -19.92 2.22 9.51
CA GLN A 72 -19.64 2.57 10.90
C GLN A 72 -20.61 1.82 11.80
N LEU A 73 -20.09 0.99 12.72
CA LEU A 73 -20.85 0.04 13.54
C LEU A 73 -20.94 0.44 15.02
N ALA B 1 15.64 14.49 -15.57
CA ALA B 1 15.29 13.05 -15.53
C ALA B 1 16.52 12.18 -15.25
N ARG B 2 16.27 11.02 -14.63
CA ARG B 2 17.21 9.96 -14.29
C ARG B 2 16.44 8.66 -14.03
N GLU B 3 16.92 7.82 -13.12
CA GLU B 3 16.42 6.49 -12.79
C GLU B 3 16.82 6.09 -11.37
N VAL B 4 16.15 5.10 -10.78
CA VAL B 4 16.47 4.53 -9.47
C VAL B 4 15.99 3.08 -9.41
N ILE B 5 16.77 2.22 -8.76
CA ILE B 5 16.45 0.81 -8.56
C ILE B 5 16.45 0.54 -7.05
N LEU B 6 15.45 -0.22 -6.57
CA LEU B 6 15.16 -0.39 -5.15
C LEU B 6 14.81 -1.84 -4.81
N ALA B 7 15.14 -2.28 -3.60
CA ALA B 7 14.62 -3.53 -3.04
C ALA B 7 13.17 -3.33 -2.53
N VAL B 8 12.32 -4.36 -2.62
CA VAL B 8 10.91 -4.32 -2.21
C VAL B 8 10.44 -5.71 -1.77
N HIS B 9 10.23 -5.88 -0.47
CA HIS B 9 10.12 -7.20 0.18
C HIS B 9 8.70 -7.83 0.16
N GLY B 10 7.64 -7.01 0.05
CA GLY B 10 6.26 -7.46 0.29
C GLY B 10 5.56 -8.16 -0.89
N MET B 11 6.22 -8.22 -2.06
CA MET B 11 5.68 -8.87 -3.28
C MET B 11 5.89 -10.39 -3.26
N THR B 12 4.95 -11.14 -3.87
CA THR B 12 4.96 -12.61 -3.93
C THR B 12 4.48 -13.18 -5.25
N CYS B 13 3.59 -12.51 -5.97
CA CYS B 13 2.79 -13.10 -7.02
C CYS B 13 2.25 -12.07 -8.04
N SER B 14 1.72 -12.55 -9.16
CA SER B 14 1.40 -11.73 -10.35
C SER B 14 0.20 -10.77 -10.25
N ALA B 15 -0.22 -10.36 -9.04
CA ALA B 15 -1.24 -9.33 -8.82
C ALA B 15 -0.78 -8.23 -7.84
N CYS B 16 -0.16 -8.61 -6.72
CA CYS B 16 0.38 -7.66 -5.76
C CYS B 16 1.51 -6.80 -6.37
N THR B 17 2.29 -7.35 -7.30
CA THR B 17 3.31 -6.67 -8.08
C THR B 17 2.76 -5.51 -8.89
N ASN B 18 1.73 -5.73 -9.72
CA ASN B 18 1.33 -4.70 -10.68
C ASN B 18 0.87 -3.42 -9.98
N THR B 19 0.37 -3.52 -8.74
CA THR B 19 0.04 -2.38 -7.87
C THR B 19 1.15 -1.35 -7.84
N ILE B 20 2.41 -1.78 -7.88
CA ILE B 20 3.57 -0.88 -7.89
C ILE B 20 3.59 -0.07 -9.19
N ASN B 21 3.47 -0.70 -10.35
CA ASN B 21 3.33 0.00 -11.63
C ASN B 21 2.05 0.86 -11.67
N THR B 22 0.88 0.29 -11.34
CA THR B 22 -0.42 0.99 -11.28
C THR B 22 -0.35 2.30 -10.47
N GLN B 23 0.29 2.31 -9.30
CA GLN B 23 0.36 3.53 -8.46
C GLN B 23 1.56 4.42 -8.73
N LEU B 24 2.77 3.88 -8.95
CA LEU B 24 3.97 4.71 -9.15
C LEU B 24 3.99 5.37 -10.54
N ARG B 25 3.54 4.69 -11.59
CA ARG B 25 3.36 5.31 -12.93
C ARG B 25 2.40 6.52 -12.90
N ALA B 26 1.50 6.59 -11.92
CA ALA B 26 0.55 7.68 -11.72
C ALA B 26 1.10 8.87 -10.89
N LEU B 27 2.33 8.78 -10.34
CA LEU B 27 2.98 9.91 -9.69
C LEU B 27 3.44 10.92 -10.73
N LYS B 28 2.91 12.15 -10.67
CA LYS B 28 3.37 13.25 -11.52
C LYS B 28 4.87 13.52 -11.25
N GLY B 29 5.72 13.22 -12.25
CA GLY B 29 7.19 13.20 -12.15
C GLY B 29 7.84 11.81 -12.29
N VAL B 30 7.06 10.72 -12.37
CA VAL B 30 7.52 9.37 -12.74
C VAL B 30 7.01 9.04 -14.15
N THR B 31 7.88 8.46 -15.00
CA THR B 31 7.58 8.15 -16.41
C THR B 31 7.29 6.67 -16.64
N LYS B 32 8.00 5.75 -15.97
CA LYS B 32 7.89 4.29 -16.17
C LYS B 32 8.42 3.50 -14.96
N CYS B 33 7.90 2.27 -14.76
CA CYS B 33 8.27 1.36 -13.67
C CYS B 33 8.43 -0.10 -14.17
N ASP B 34 9.62 -0.67 -14.07
CA ASP B 34 9.94 -2.09 -14.28
C ASP B 34 10.14 -2.82 -12.94
N ILE B 35 10.09 -4.16 -12.96
CA ILE B 35 9.96 -5.04 -11.79
C ILE B 35 10.80 -6.31 -12.01
N SER B 36 11.29 -6.96 -10.96
CA SER B 36 11.62 -8.40 -10.99
C SER B 36 11.29 -9.04 -9.63
N LEU B 37 10.37 -10.02 -9.62
CA LEU B 37 9.86 -10.70 -8.44
C LEU B 37 10.78 -11.86 -8.03
N VAL B 38 11.47 -12.49 -8.97
CA VAL B 38 12.51 -13.51 -8.70
C VAL B 38 13.65 -12.98 -7.79
N THR B 39 13.91 -11.67 -7.80
CA THR B 39 14.92 -10.99 -6.94
C THR B 39 14.35 -9.85 -6.08
N ASN B 40 13.02 -9.64 -6.06
CA ASN B 40 12.31 -8.75 -5.15
C ASN B 40 12.67 -7.24 -5.33
N GLU B 41 12.73 -6.77 -6.57
CA GLU B 41 13.26 -5.46 -6.95
C GLU B 41 12.35 -4.69 -7.95
N CYS B 42 12.52 -3.36 -8.02
CA CYS B 42 11.85 -2.48 -8.98
C CYS B 42 12.78 -1.39 -9.53
N GLN B 43 12.58 -0.99 -10.79
CA GLN B 43 13.35 0.04 -11.49
C GLN B 43 12.39 1.14 -11.95
N VAL B 44 12.39 2.25 -11.22
CA VAL B 44 11.56 3.45 -11.47
C VAL B 44 12.39 4.52 -12.18
N THR B 45 11.79 5.13 -13.20
CA THR B 45 12.40 6.07 -14.14
C THR B 45 11.63 7.38 -14.03
N TYR B 46 12.29 8.47 -13.65
CA TYR B 46 11.64 9.63 -13.06
C TYR B 46 12.48 10.89 -13.30
N ASP B 47 12.01 11.96 -12.69
CA ASP B 47 12.39 13.35 -12.91
C ASP B 47 12.28 14.22 -11.64
N ASN B 48 12.87 15.42 -11.72
CA ASN B 48 13.23 16.26 -10.56
C ASN B 48 12.06 16.61 -9.62
N GLU B 49 10.84 16.52 -10.14
CA GLU B 49 9.57 16.71 -9.42
C GLU B 49 9.30 15.67 -8.33
N VAL B 50 10.00 14.53 -8.33
CA VAL B 50 9.93 13.46 -7.31
C VAL B 50 11.34 13.21 -6.76
N THR B 51 11.42 12.81 -5.47
CA THR B 51 12.64 12.39 -4.77
C THR B 51 12.46 10.95 -4.27
N ALA B 52 13.50 10.12 -4.35
CA ALA B 52 13.42 8.71 -3.95
C ALA B 52 13.11 8.54 -2.44
N ASP B 53 13.49 9.51 -1.62
CA ASP B 53 13.14 9.62 -0.20
C ASP B 53 11.63 9.81 0.05
N SER B 54 10.87 10.28 -0.95
CA SER B 54 9.40 10.27 -0.93
C SER B 54 8.84 8.89 -1.30
N ILE B 55 9.45 8.24 -2.30
CA ILE B 55 9.02 6.89 -2.76
C ILE B 55 9.12 5.89 -1.61
N LYS B 56 10.18 5.98 -0.79
CA LYS B 56 10.39 5.19 0.43
C LYS B 56 9.35 5.44 1.57
N GLU B 57 8.34 6.26 1.35
CA GLU B 57 7.17 6.45 2.22
C GLU B 57 5.89 6.14 1.43
N ILE B 58 5.75 6.65 0.20
CA ILE B 58 4.63 6.34 -0.70
C ILE B 58 4.45 4.82 -0.90
N ILE B 59 5.54 4.08 -1.09
CA ILE B 59 5.48 2.61 -1.27
C ILE B 59 5.21 1.87 0.06
N GLU B 60 5.42 2.53 1.20
CA GLU B 60 4.92 2.02 2.49
C GLU B 60 3.42 2.31 2.64
N ASP B 61 2.95 3.46 2.17
CA ASP B 61 1.51 3.75 2.00
C ASP B 61 0.86 2.94 0.85
N CYS B 62 1.64 2.18 0.08
CA CYS B 62 1.16 1.10 -0.80
C CYS B 62 1.16 -0.28 -0.09
N GLY B 63 1.75 -0.40 1.11
CA GLY B 63 1.79 -1.64 1.90
C GLY B 63 3.02 -2.52 1.68
N PHE B 64 4.18 -1.94 1.33
CA PHE B 64 5.43 -2.67 1.15
C PHE B 64 6.51 -2.17 2.14
N ASP B 65 7.76 -2.51 1.87
CA ASP B 65 8.96 -2.32 2.69
C ASP B 65 10.17 -2.52 1.77
N CYS B 66 11.20 -1.70 1.95
CA CYS B 66 12.09 -1.32 0.83
C CYS B 66 13.38 -0.63 1.27
N GLU B 67 14.30 -0.47 0.32
CA GLU B 67 15.52 0.34 0.43
C GLU B 67 16.00 0.70 -0.97
N ILE B 68 16.55 1.90 -1.12
CA ILE B 68 17.06 2.42 -2.38
C ILE B 68 18.40 1.73 -2.67
N LEU B 69 18.42 0.84 -3.67
CA LEU B 69 19.51 -0.09 -3.90
C LEU B 69 20.65 0.66 -4.63
N ARG B 70 20.33 1.36 -5.74
CA ARG B 70 21.24 2.21 -6.51
C ARG B 70 20.48 3.28 -7.31
N ASP B 71 21.14 4.41 -7.46
CA ASP B 71 20.90 5.46 -8.46
C ASP B 71 21.38 5.00 -9.86
N SER B 72 20.79 3.91 -10.39
CA SER B 72 21.20 3.26 -11.66
C SER B 72 20.07 3.07 -12.66
CU CU1 C . 0.16 -11.05 -5.10
N MET A 1 -11.53 3.63 29.40
CA MET A 1 -11.34 2.91 28.11
C MET A 1 -11.98 3.69 26.98
N ALA A 2 -11.29 3.80 25.83
CA ALA A 2 -11.63 4.71 24.72
C ALA A 2 -12.93 4.35 23.96
N GLU A 3 -13.45 5.32 23.22
CA GLU A 3 -14.71 5.22 22.46
C GLU A 3 -14.47 4.59 21.07
N ILE A 4 -13.98 3.36 21.10
CA ILE A 4 -13.61 2.56 19.93
C ILE A 4 -14.84 2.26 19.08
N LYS A 5 -14.75 2.53 17.77
CA LYS A 5 -15.80 2.27 16.78
C LYS A 5 -15.40 1.13 15.82
N HIS A 6 -16.37 0.50 15.18
CA HIS A 6 -16.17 -0.63 14.27
C HIS A 6 -16.56 -0.26 12.83
N TYR A 7 -15.58 -0.32 11.92
CA TYR A 7 -15.77 -0.13 10.49
C TYR A 7 -15.50 -1.45 9.73
N GLN A 8 -16.26 -1.70 8.66
CA GLN A 8 -16.01 -2.81 7.74
C GLN A 8 -16.03 -2.29 6.30
N PHE A 9 -15.10 -2.77 5.48
CA PHE A 9 -14.99 -2.45 4.06
C PHE A 9 -14.88 -3.73 3.23
N ASN A 10 -15.61 -3.83 2.13
CA ASN A 10 -15.30 -4.73 1.02
C ASN A 10 -14.30 -4.02 0.09
N VAL A 11 -13.13 -4.62 -0.15
CA VAL A 11 -11.99 -4.00 -0.85
C VAL A 11 -11.53 -4.90 -1.99
N VAL A 12 -11.22 -4.30 -3.14
CA VAL A 12 -10.69 -4.98 -4.33
C VAL A 12 -9.26 -5.45 -4.05
N MET A 13 -9.08 -6.76 -3.82
CA MET A 13 -7.77 -7.37 -3.54
C MET A 13 -7.62 -8.74 -4.21
N THR A 14 -6.45 -9.00 -4.79
CA THR A 14 -6.16 -10.20 -5.61
C THR A 14 -5.01 -11.07 -5.10
N CYS A 15 -4.44 -10.72 -3.94
CA CYS A 15 -3.39 -11.47 -3.27
C CYS A 15 -3.42 -11.33 -1.73
N SER A 16 -2.94 -12.37 -1.03
CA SER A 16 -2.61 -12.31 0.40
C SER A 16 -1.49 -11.31 0.72
N GLY A 17 -0.78 -10.80 -0.29
CA GLY A 17 0.16 -9.69 -0.17
C GLY A 17 -0.53 -8.34 -0.02
N CYS A 18 -1.74 -8.17 -0.56
CA CYS A 18 -2.54 -6.96 -0.37
C CYS A 18 -3.08 -6.88 1.08
N SER A 19 -3.67 -7.97 1.58
CA SER A 19 -4.09 -8.07 2.97
C SER A 19 -2.89 -8.04 3.95
N GLY A 20 -1.73 -8.57 3.55
CA GLY A 20 -0.47 -8.43 4.29
C GLY A 20 0.03 -6.99 4.35
N ALA A 21 -0.12 -6.23 3.25
CA ALA A 21 0.17 -4.79 3.20
C ALA A 21 -0.83 -3.97 4.05
N VAL A 22 -2.13 -4.26 3.99
CA VAL A 22 -3.15 -3.64 4.85
C VAL A 22 -2.80 -3.87 6.34
N ASN A 23 -2.50 -5.11 6.75
CA ASN A 23 -2.07 -5.39 8.13
C ASN A 23 -0.78 -4.61 8.48
N LYS A 24 0.16 -4.46 7.54
CA LYS A 24 1.39 -3.69 7.72
C LYS A 24 1.15 -2.19 7.88
N VAL A 25 0.39 -1.53 7.00
CA VAL A 25 0.08 -0.08 7.11
C VAL A 25 -0.65 0.24 8.42
N LEU A 26 -1.56 -0.63 8.88
CA LEU A 26 -2.28 -0.46 10.15
C LEU A 26 -1.45 -0.80 11.40
N THR A 27 -0.39 -1.63 11.29
CA THR A 27 0.54 -1.96 12.40
C THR A 27 1.42 -0.78 12.82
N LYS A 28 1.46 0.28 12.02
CA LYS A 28 2.05 1.58 12.39
C LYS A 28 1.11 2.46 13.26
N LEU A 29 -0.16 2.06 13.44
CA LEU A 29 -1.25 2.84 14.06
C LEU A 29 -1.90 2.12 15.26
N GLU A 30 -1.23 1.13 15.85
CA GLU A 30 -1.77 0.34 16.97
C GLU A 30 -2.15 1.15 18.22
N PRO A 31 -1.53 2.31 18.54
CA PRO A 31 -1.98 3.10 19.67
C PRO A 31 -3.42 3.62 19.50
N ASP A 32 -3.93 3.72 18.27
CA ASP A 32 -5.30 4.14 17.95
C ASP A 32 -6.20 2.98 17.45
N VAL A 33 -5.64 2.02 16.71
CA VAL A 33 -6.35 0.82 16.20
C VAL A 33 -6.23 -0.33 17.21
N SER A 34 -7.35 -0.83 17.72
CA SER A 34 -7.37 -1.92 18.72
C SER A 34 -7.34 -3.31 18.09
N LYS A 35 -7.86 -3.48 16.85
CA LYS A 35 -7.89 -4.76 16.13
C LYS A 35 -7.96 -4.59 14.59
N ILE A 36 -7.24 -5.46 13.89
CA ILE A 36 -7.30 -5.70 12.43
C ILE A 36 -7.71 -7.18 12.22
N ASP A 37 -8.58 -7.48 11.26
CA ASP A 37 -8.84 -8.85 10.76
C ASP A 37 -9.38 -8.78 9.32
N ILE A 38 -8.95 -9.69 8.46
CA ILE A 38 -9.26 -9.66 7.02
C ILE A 38 -9.80 -11.02 6.53
N SER A 39 -10.81 -10.99 5.68
CA SER A 39 -11.44 -12.16 5.04
C SER A 39 -11.43 -12.01 3.51
N LEU A 40 -10.27 -12.19 2.88
CA LEU A 40 -9.99 -12.06 1.45
C LEU A 40 -10.97 -12.85 0.55
N GLU A 41 -11.40 -14.04 0.97
CA GLU A 41 -12.29 -14.93 0.20
C GLU A 41 -13.73 -14.37 0.04
N LYS A 42 -14.13 -13.46 0.93
CA LYS A 42 -15.29 -12.56 0.82
C LYS A 42 -14.89 -11.07 0.77
N GLN A 43 -13.65 -10.79 0.38
CA GLN A 43 -13.05 -9.48 0.05
C GLN A 43 -13.13 -8.39 1.14
N LEU A 44 -13.46 -8.73 2.39
CA LEU A 44 -13.71 -7.73 3.45
C LEU A 44 -12.59 -7.59 4.48
N VAL A 45 -12.49 -6.41 5.06
CA VAL A 45 -11.61 -6.01 6.18
C VAL A 45 -12.47 -5.53 7.34
N ASP A 46 -12.24 -6.06 8.55
CA ASP A 46 -12.83 -5.61 9.81
C ASP A 46 -11.82 -4.75 10.60
N VAL A 47 -12.19 -3.50 10.92
CA VAL A 47 -11.36 -2.56 11.70
C VAL A 47 -12.09 -2.18 12.99
N TYR A 48 -11.35 -2.08 14.10
CA TYR A 48 -11.79 -1.45 15.35
C TYR A 48 -10.79 -0.35 15.77
N THR A 49 -11.24 0.90 15.93
CA THR A 49 -10.37 2.07 16.14
C THR A 49 -11.10 3.34 16.59
N THR A 50 -10.35 4.28 17.18
CA THR A 50 -10.72 5.67 17.52
C THR A 50 -10.50 6.66 16.38
N LEU A 51 -9.91 6.22 15.26
CA LEU A 51 -9.66 7.04 14.06
C LEU A 51 -10.97 7.38 13.31
N PRO A 52 -10.99 8.49 12.53
CA PRO A 52 -12.10 8.83 11.64
C PRO A 52 -12.23 7.86 10.48
N TYR A 53 -13.47 7.66 10.00
CA TYR A 53 -13.75 6.91 8.77
C TYR A 53 -13.03 7.50 7.54
N ASP A 54 -13.05 8.84 7.38
CA ASP A 54 -12.40 9.57 6.26
C ASP A 54 -10.87 9.38 6.24
N PHE A 55 -10.24 9.21 7.41
CA PHE A 55 -8.81 8.91 7.52
C PHE A 55 -8.49 7.49 7.00
N ILE A 56 -9.37 6.52 7.23
CA ILE A 56 -9.20 5.15 6.72
C ILE A 56 -9.38 5.10 5.19
N LEU A 57 -10.30 5.88 4.62
CA LEU A 57 -10.44 6.01 3.15
C LEU A 57 -9.13 6.45 2.50
N GLU A 58 -8.43 7.41 3.09
CA GLU A 58 -7.15 7.92 2.65
C GLU A 58 -6.00 6.91 2.87
N LYS A 59 -5.94 6.20 4.01
CA LYS A 59 -4.94 5.14 4.20
C LYS A 59 -5.14 3.97 3.22
N ILE A 60 -6.39 3.61 2.88
CA ILE A 60 -6.69 2.63 1.81
C ILE A 60 -6.25 3.16 0.44
N LYS A 61 -6.55 4.42 0.11
CA LYS A 61 -6.08 5.07 -1.12
C LYS A 61 -4.54 5.06 -1.23
N LYS A 62 -3.82 5.37 -0.14
CA LYS A 62 -2.36 5.30 -0.07
C LYS A 62 -1.81 3.87 -0.21
N THR A 63 -2.49 2.87 0.38
CA THR A 63 -2.20 1.43 0.20
C THR A 63 -2.35 1.02 -1.26
N GLY A 64 -3.29 1.64 -1.98
CA GLY A 64 -3.40 1.57 -3.44
C GLY A 64 -4.53 0.69 -3.94
N LYS A 65 -5.45 0.26 -3.08
CA LYS A 65 -6.58 -0.62 -3.44
C LYS A 65 -7.93 0.13 -3.44
N GLU A 66 -8.90 -0.30 -4.24
CA GLU A 66 -10.23 0.30 -4.33
C GLU A 66 -11.22 -0.33 -3.34
N VAL A 67 -12.06 0.49 -2.71
CA VAL A 67 -13.23 0.04 -1.93
C VAL A 67 -14.40 -0.23 -2.89
N ARG A 68 -15.08 -1.37 -2.75
CA ARG A 68 -16.37 -1.63 -3.42
C ARG A 68 -17.51 -0.95 -2.64
N SER A 69 -17.68 -1.30 -1.36
CA SER A 69 -18.51 -0.54 -0.40
C SER A 69 -18.15 -0.91 1.06
N GLY A 70 -18.27 0.06 1.96
CA GLY A 70 -18.02 -0.08 3.41
C GLY A 70 -18.98 0.74 4.26
N LYS A 71 -18.94 0.52 5.58
CA LYS A 71 -19.85 1.15 6.55
C LYS A 71 -19.40 0.94 8.02
N GLN A 72 -19.93 1.78 8.90
CA GLN A 72 -19.88 1.64 10.33
C GLN A 72 -20.98 0.68 10.81
N LEU A 73 -20.65 -0.15 11.82
CA LEU A 73 -21.49 -1.20 12.39
C LEU A 73 -21.81 -0.95 13.88
N ALA B 1 14.46 12.42 -17.03
CA ALA B 1 14.10 11.33 -16.10
C ALA B 1 15.30 10.42 -15.79
N ARG B 2 15.47 10.08 -14.51
CA ARG B 2 16.51 9.30 -13.88
C ARG B 2 15.86 8.00 -13.42
N GLU B 3 16.39 6.89 -13.89
CA GLU B 3 16.13 5.53 -13.37
C GLU B 3 16.55 5.44 -11.89
N VAL B 4 15.75 4.76 -11.08
CA VAL B 4 16.16 4.11 -9.83
C VAL B 4 15.72 2.65 -9.89
N ILE B 5 16.57 1.75 -9.41
CA ILE B 5 16.23 0.35 -9.22
C ILE B 5 16.32 0.07 -7.72
N LEU B 6 15.28 -0.55 -7.14
CA LEU B 6 15.14 -0.75 -5.69
C LEU B 6 14.61 -2.14 -5.37
N ALA B 7 15.04 -2.72 -4.25
CA ALA B 7 14.41 -3.96 -3.76
C ALA B 7 13.05 -3.63 -3.11
N VAL B 8 12.02 -4.47 -3.29
CA VAL B 8 10.71 -4.33 -2.62
C VAL B 8 10.34 -5.70 -2.05
N HIS B 9 10.54 -5.83 -0.75
CA HIS B 9 10.72 -7.12 -0.09
C HIS B 9 9.42 -7.93 0.09
N GLY B 10 8.25 -7.27 0.09
CA GLY B 10 6.93 -7.86 0.41
C GLY B 10 6.11 -8.39 -0.78
N MET B 11 6.64 -8.33 -2.00
CA MET B 11 6.01 -8.99 -3.16
C MET B 11 6.31 -10.50 -3.22
N THR B 12 5.72 -11.21 -4.18
CA THR B 12 6.16 -12.56 -4.60
C THR B 12 5.63 -12.94 -5.98
N CYS B 13 4.40 -12.54 -6.33
CA CYS B 13 3.71 -12.93 -7.55
C CYS B 13 3.30 -11.74 -8.45
N SER B 14 2.63 -12.06 -9.56
CA SER B 14 2.03 -11.09 -10.50
C SER B 14 0.69 -10.48 -10.02
N ALA B 15 0.25 -10.76 -8.79
CA ALA B 15 -0.98 -10.19 -8.22
C ALA B 15 -0.72 -9.08 -7.20
N CYS B 16 0.14 -9.29 -6.19
CA CYS B 16 0.45 -8.28 -5.18
C CYS B 16 1.20 -7.06 -5.75
N THR B 17 2.01 -7.29 -6.79
CA THR B 17 2.92 -6.36 -7.45
C THR B 17 2.22 -5.18 -8.10
N ASN B 18 1.10 -5.36 -8.79
CA ASN B 18 0.55 -4.24 -9.59
C ASN B 18 -0.02 -3.10 -8.72
N THR B 19 -0.22 -3.32 -7.42
CA THR B 19 -0.40 -2.29 -6.38
C THR B 19 0.67 -1.21 -6.51
N ILE B 20 1.93 -1.63 -6.69
CA ILE B 20 3.08 -0.75 -6.88
C ILE B 20 2.92 0.04 -8.19
N ASN B 21 2.76 -0.62 -9.34
CA ASN B 21 2.55 0.04 -10.64
C ASN B 21 1.38 1.04 -10.64
N THR B 22 0.21 0.63 -10.12
CA THR B 22 -0.96 1.50 -9.86
C THR B 22 -0.56 2.79 -9.13
N GLN B 23 0.19 2.70 -8.03
CA GLN B 23 0.52 3.86 -7.19
C GLN B 23 1.71 4.67 -7.72
N LEU B 24 2.78 4.03 -8.20
CA LEU B 24 4.01 4.67 -8.66
C LEU B 24 3.81 5.39 -9.99
N ARG B 25 3.11 4.80 -10.98
CA ARG B 25 2.77 5.55 -12.19
C ARG B 25 1.98 6.85 -11.90
N ALA B 26 1.17 6.88 -10.84
CA ALA B 26 0.29 8.01 -10.50
C ALA B 26 0.99 9.25 -9.86
N LEU B 27 2.31 9.22 -9.62
CA LEU B 27 3.05 10.28 -8.89
C LEU B 27 3.35 11.57 -9.69
N LYS B 28 2.61 11.79 -10.79
CA LYS B 28 2.67 12.99 -11.65
C LYS B 28 4.10 13.51 -11.97
N GLY B 29 4.98 12.56 -12.31
CA GLY B 29 6.39 12.79 -12.67
C GLY B 29 7.23 11.55 -13.03
N VAL B 30 6.60 10.39 -13.23
CA VAL B 30 7.24 9.09 -13.51
C VAL B 30 6.99 8.73 -14.98
N THR B 31 8.03 8.35 -15.73
CA THR B 31 7.95 8.13 -17.19
C THR B 31 7.87 6.66 -17.59
N LYS B 32 8.26 5.75 -16.69
CA LYS B 32 8.35 4.31 -16.96
C LYS B 32 8.41 3.51 -15.65
N CYS B 33 7.45 2.61 -15.41
CA CYS B 33 7.49 1.59 -14.35
C CYS B 33 7.61 0.16 -14.90
N ASP B 34 8.54 -0.63 -14.37
CA ASP B 34 8.73 -2.06 -14.66
C ASP B 34 9.26 -2.80 -13.41
N ILE B 35 9.27 -4.14 -13.41
CA ILE B 35 9.59 -4.99 -12.24
C ILE B 35 10.29 -6.28 -12.72
N SER B 36 11.36 -6.70 -12.04
CA SER B 36 11.94 -8.05 -12.19
C SER B 36 11.35 -8.97 -11.10
N LEU B 37 10.49 -9.91 -11.51
CA LEU B 37 9.59 -10.63 -10.61
C LEU B 37 10.27 -11.71 -9.78
N VAL B 38 11.20 -12.47 -10.35
CA VAL B 38 11.99 -13.50 -9.63
C VAL B 38 12.92 -12.86 -8.59
N THR B 39 13.57 -11.74 -8.94
CA THR B 39 14.55 -11.03 -8.11
C THR B 39 13.93 -9.97 -7.19
N ASN B 40 12.63 -9.69 -7.29
CA ASN B 40 11.82 -8.91 -6.33
C ASN B 40 12.20 -7.42 -6.28
N GLU B 41 12.54 -6.85 -7.44
CA GLU B 41 13.14 -5.52 -7.58
C GLU B 41 12.48 -4.71 -8.70
N CYS B 42 12.23 -3.42 -8.44
CA CYS B 42 11.46 -2.52 -9.30
C CYS B 42 12.38 -1.58 -10.09
N GLN B 43 12.07 -1.33 -11.37
CA GLN B 43 12.79 -0.47 -12.29
C GLN B 43 11.88 0.73 -12.59
N VAL B 44 12.07 1.84 -11.88
CA VAL B 44 11.21 3.04 -11.98
C VAL B 44 12.03 4.30 -12.32
N THR B 45 11.58 5.04 -13.34
CA THR B 45 12.29 6.18 -13.93
C THR B 45 11.42 7.44 -13.80
N TYR B 46 12.01 8.55 -13.36
CA TYR B 46 11.34 9.70 -12.79
C TYR B 46 12.13 10.98 -13.07
N ASP B 47 11.41 12.00 -13.51
CA ASP B 47 11.88 13.39 -13.53
C ASP B 47 11.99 13.98 -12.12
N ASN B 48 12.78 15.05 -12.00
CA ASN B 48 13.16 15.68 -10.72
C ASN B 48 11.98 16.28 -9.92
N GLU B 49 10.78 16.29 -10.53
CA GLU B 49 9.48 16.49 -9.87
C GLU B 49 9.24 15.48 -8.73
N VAL B 50 9.81 14.28 -8.83
CA VAL B 50 9.81 13.21 -7.81
C VAL B 50 11.28 12.98 -7.35
N THR B 51 11.47 12.37 -6.18
CA THR B 51 12.78 11.95 -5.65
C THR B 51 12.73 10.53 -5.13
N ALA B 52 13.85 9.82 -5.19
CA ALA B 52 13.98 8.46 -4.64
C ALA B 52 13.67 8.44 -3.13
N ASP B 53 14.00 9.51 -2.40
CA ASP B 53 13.65 9.68 -0.99
C ASP B 53 12.13 9.87 -0.74
N SER B 54 11.39 10.34 -1.75
CA SER B 54 9.91 10.33 -1.71
C SER B 54 9.38 8.91 -1.95
N ILE B 55 9.94 8.20 -2.93
CA ILE B 55 9.59 6.79 -3.21
C ILE B 55 9.76 5.95 -1.93
N LYS B 56 10.85 6.15 -1.20
CA LYS B 56 11.19 5.52 0.09
C LYS B 56 10.20 5.83 1.25
N GLU B 57 9.15 6.63 1.03
CA GLU B 57 8.06 6.93 1.96
C GLU B 57 6.72 6.47 1.35
N ILE B 58 6.49 6.78 0.08
CA ILE B 58 5.33 6.33 -0.73
C ILE B 58 5.20 4.81 -0.75
N ILE B 59 6.30 4.08 -0.95
CA ILE B 59 6.33 2.60 -0.98
C ILE B 59 6.05 2.01 0.40
N GLU B 60 6.28 2.78 1.46
CA GLU B 60 5.90 2.39 2.82
C GLU B 60 4.44 2.76 3.12
N ASP B 61 3.90 3.80 2.48
CA ASP B 61 2.46 4.11 2.47
C ASP B 61 1.64 3.18 1.56
N CYS B 62 2.29 2.51 0.59
CA CYS B 62 1.74 1.34 -0.11
C CYS B 62 1.76 0.05 0.72
N GLY B 63 2.45 0.04 1.87
CA GLY B 63 2.52 -1.11 2.77
C GLY B 63 3.60 -2.15 2.45
N PHE B 64 4.72 -1.75 1.84
CA PHE B 64 5.88 -2.62 1.60
C PHE B 64 7.11 -2.12 2.38
N ASP B 65 8.31 -2.55 1.96
CA ASP B 65 9.61 -2.26 2.56
C ASP B 65 10.68 -2.43 1.49
N CYS B 66 11.71 -1.59 1.55
CA CYS B 66 12.68 -1.42 0.47
C CYS B 66 14.09 -1.08 0.95
N GLU B 67 15.01 -1.17 0.00
CA GLU B 67 16.36 -0.61 0.05
C GLU B 67 16.68 -0.18 -1.39
N ILE B 68 17.19 1.05 -1.53
CA ILE B 68 17.50 1.66 -2.84
C ILE B 68 18.74 0.96 -3.40
N LEU B 69 18.57 0.12 -4.44
CA LEU B 69 19.55 -0.88 -4.81
C LEU B 69 20.65 -0.23 -5.67
N ARG B 70 20.29 0.60 -6.66
CA ARG B 70 21.19 1.35 -7.52
C ARG B 70 20.46 2.49 -8.27
N ASP B 71 21.15 3.61 -8.45
CA ASP B 71 20.77 4.75 -9.30
C ASP B 71 20.97 4.48 -10.81
N SER B 72 20.81 3.22 -11.28
CA SER B 72 21.12 2.74 -12.65
C SER B 72 20.65 1.32 -12.95
CU CU1 C . 1.38 -11.75 -4.24
N MET A 1 -19.44 4.05 26.42
CA MET A 1 -18.13 3.87 25.77
C MET A 1 -17.92 4.89 24.66
N ALA A 2 -17.10 5.92 24.89
CA ALA A 2 -16.73 6.89 23.87
C ALA A 2 -15.57 6.43 22.97
N GLU A 3 -14.70 5.52 23.44
CA GLU A 3 -13.57 5.00 22.67
C GLU A 3 -13.94 3.74 21.87
N ILE A 4 -13.06 3.36 20.93
CA ILE A 4 -13.10 2.21 20.02
C ILE A 4 -14.45 1.97 19.32
N LYS A 5 -14.53 2.52 18.12
CA LYS A 5 -15.51 2.18 17.09
C LYS A 5 -15.09 0.92 16.31
N HIS A 6 -16.06 0.20 15.76
CA HIS A 6 -15.85 -0.92 14.86
C HIS A 6 -16.21 -0.50 13.42
N TYR A 7 -15.27 -0.73 12.49
CA TYR A 7 -15.44 -0.46 11.06
C TYR A 7 -15.20 -1.75 10.25
N GLN A 8 -15.90 -1.89 9.13
CA GLN A 8 -15.82 -3.08 8.27
C GLN A 8 -15.91 -2.66 6.80
N PHE A 9 -15.07 -3.27 5.96
CA PHE A 9 -14.90 -2.92 4.55
C PHE A 9 -14.84 -4.18 3.69
N ASN A 10 -15.48 -4.14 2.52
CA ASN A 10 -15.35 -5.15 1.48
C ASN A 10 -14.35 -4.63 0.42
N VAL A 11 -13.19 -5.26 0.32
CA VAL A 11 -11.98 -4.75 -0.37
C VAL A 11 -11.57 -5.74 -1.45
N VAL A 12 -11.23 -5.24 -2.64
CA VAL A 12 -10.82 -6.10 -3.77
C VAL A 12 -9.43 -6.67 -3.48
N MET A 13 -9.36 -7.99 -3.27
CA MET A 13 -8.13 -8.70 -2.88
C MET A 13 -7.98 -9.97 -3.73
N THR A 14 -7.51 -9.82 -4.97
CA THR A 14 -7.35 -10.89 -5.97
C THR A 14 -6.20 -11.83 -5.65
N CYS A 15 -5.10 -11.26 -5.15
CA CYS A 15 -3.84 -11.91 -4.83
C CYS A 15 -3.65 -12.13 -3.29
N SER A 16 -2.42 -12.30 -2.82
CA SER A 16 -2.13 -12.83 -1.46
C SER A 16 -1.31 -11.89 -0.55
N GLY A 17 -0.54 -10.97 -1.14
CA GLY A 17 0.22 -9.93 -0.41
C GLY A 17 -0.57 -8.65 -0.16
N CYS A 18 -1.72 -8.48 -0.81
CA CYS A 18 -2.58 -7.29 -0.75
C CYS A 18 -3.16 -7.07 0.66
N SER A 19 -3.75 -8.10 1.24
CA SER A 19 -4.27 -8.09 2.61
C SER A 19 -3.17 -7.79 3.63
N GLY A 20 -1.95 -8.35 3.44
CA GLY A 20 -0.79 -8.06 4.28
C GLY A 20 -0.33 -6.61 4.17
N ALA A 21 -0.43 -6.02 2.96
CA ALA A 21 -0.07 -4.64 2.68
C ALA A 21 -1.06 -3.64 3.29
N VAL A 22 -2.37 -3.77 3.03
CA VAL A 22 -3.38 -2.88 3.62
C VAL A 22 -3.39 -2.96 5.15
N ASN A 23 -3.20 -4.16 5.71
CA ASN A 23 -3.00 -4.37 7.14
C ASN A 23 -1.75 -3.64 7.64
N LYS A 24 -0.61 -3.71 6.93
CA LYS A 24 0.61 -2.98 7.28
C LYS A 24 0.43 -1.45 7.25
N VAL A 25 -0.22 -0.88 6.23
CA VAL A 25 -0.44 0.58 6.16
C VAL A 25 -1.26 1.09 7.35
N LEU A 26 -2.28 0.34 7.79
CA LEU A 26 -3.06 0.66 8.99
C LEU A 26 -2.32 0.37 10.31
N THR A 27 -1.43 -0.63 10.34
CA THR A 27 -0.61 -1.00 11.51
C THR A 27 0.44 0.07 11.86
N LYS A 28 0.69 1.05 10.97
CA LYS A 28 1.36 2.32 11.29
C LYS A 28 0.74 3.06 12.51
N LEU A 29 -0.52 2.74 12.84
CA LEU A 29 -1.37 3.46 13.80
C LEU A 29 -1.76 2.60 15.03
N GLU A 30 -0.98 1.58 15.44
CA GLU A 30 -1.27 0.81 16.66
C GLU A 30 -1.51 1.64 17.94
N PRO A 31 -0.91 2.83 18.15
CA PRO A 31 -1.25 3.67 19.30
C PRO A 31 -2.71 4.14 19.35
N ASP A 32 -3.47 4.02 18.25
CA ASP A 32 -4.90 4.36 18.18
C ASP A 32 -5.80 3.20 17.64
N VAL A 33 -5.25 2.31 16.80
CA VAL A 33 -5.93 1.10 16.28
C VAL A 33 -5.66 -0.09 17.20
N SER A 34 -6.73 -0.69 17.72
CA SER A 34 -6.68 -1.82 18.67
C SER A 34 -6.40 -3.16 17.96
N LYS A 35 -7.10 -3.44 16.85
CA LYS A 35 -7.00 -4.70 16.09
C LYS A 35 -7.48 -4.53 14.63
N ILE A 36 -6.88 -5.28 13.72
CA ILE A 36 -7.35 -5.54 12.33
C ILE A 36 -7.51 -7.06 12.17
N ASP A 37 -8.51 -7.52 11.44
CA ASP A 37 -8.76 -8.96 11.15
C ASP A 37 -9.26 -9.19 9.73
N ILE A 38 -8.70 -10.18 9.03
CA ILE A 38 -8.90 -10.44 7.59
C ILE A 38 -9.82 -11.65 7.33
N SER A 39 -10.79 -11.51 6.44
CA SER A 39 -11.65 -12.58 5.91
C SER A 39 -11.57 -12.59 4.36
N LEU A 40 -10.43 -13.07 3.85
CA LEU A 40 -9.97 -12.90 2.47
C LEU A 40 -10.94 -13.47 1.41
N GLU A 41 -11.47 -14.67 1.60
CA GLU A 41 -12.27 -15.39 0.61
C GLU A 41 -13.66 -14.75 0.41
N LYS A 42 -14.17 -14.09 1.46
CA LYS A 42 -15.34 -13.19 1.43
C LYS A 42 -14.98 -11.70 1.18
N GLN A 43 -13.69 -11.41 0.91
CA GLN A 43 -13.12 -10.11 0.57
C GLN A 43 -13.28 -9.03 1.65
N LEU A 44 -13.49 -9.45 2.89
CA LEU A 44 -13.83 -8.58 4.03
C LEU A 44 -12.60 -8.28 4.92
N VAL A 45 -12.59 -7.07 5.44
CA VAL A 45 -11.64 -6.56 6.45
C VAL A 45 -12.42 -5.96 7.61
N ASP A 46 -12.05 -6.31 8.84
CA ASP A 46 -12.58 -5.73 10.09
C ASP A 46 -11.50 -4.89 10.79
N VAL A 47 -11.90 -3.76 11.37
CA VAL A 47 -11.03 -2.83 12.12
C VAL A 47 -11.72 -2.40 13.43
N TYR A 48 -10.92 -2.23 14.49
CA TYR A 48 -11.34 -1.68 15.79
C TYR A 48 -10.40 -0.52 16.20
N THR A 49 -10.92 0.72 16.35
CA THR A 49 -10.09 1.92 16.57
C THR A 49 -10.89 3.12 17.08
N THR A 50 -10.22 4.04 17.78
CA THR A 50 -10.76 5.32 18.28
C THR A 50 -10.61 6.45 17.25
N LEU A 51 -10.08 6.17 16.05
CA LEU A 51 -9.87 7.12 14.94
C LEU A 51 -11.19 7.51 14.22
N PRO A 52 -11.18 8.57 13.37
CA PRO A 52 -12.27 8.88 12.44
C PRO A 52 -12.43 7.78 11.38
N TYR A 53 -13.67 7.53 10.96
CA TYR A 53 -14.00 6.59 9.88
C TYR A 53 -13.39 6.99 8.53
N ASP A 54 -13.54 8.27 8.17
CA ASP A 54 -12.98 8.85 6.94
C ASP A 54 -11.46 8.73 6.85
N PHE A 55 -10.76 8.85 7.98
CA PHE A 55 -9.31 8.69 8.02
C PHE A 55 -8.89 7.26 7.64
N ILE A 56 -9.72 6.25 7.94
CA ILE A 56 -9.47 4.87 7.50
C ILE A 56 -9.78 4.71 6.00
N LEU A 57 -10.85 5.34 5.48
CA LEU A 57 -11.14 5.35 4.03
C LEU A 57 -9.99 5.97 3.23
N GLU A 58 -9.46 7.10 3.70
CA GLU A 58 -8.32 7.80 3.14
C GLU A 58 -7.03 6.97 3.17
N LYS A 59 -6.79 6.20 4.24
CA LYS A 59 -5.63 5.29 4.33
C LYS A 59 -5.79 4.06 3.42
N ILE A 60 -7.00 3.51 3.27
CA ILE A 60 -7.30 2.45 2.30
C ILE A 60 -7.09 2.97 0.87
N LYS A 61 -7.71 4.09 0.50
CA LYS A 61 -7.56 4.69 -0.84
C LYS A 61 -6.10 5.06 -1.16
N LYS A 62 -5.30 5.48 -0.17
CA LYS A 62 -3.85 5.70 -0.35
C LYS A 62 -3.06 4.45 -0.77
N THR A 63 -3.53 3.22 -0.51
CA THR A 63 -2.85 1.98 -0.97
C THR A 63 -2.85 1.83 -2.49
N GLY A 64 -3.94 2.21 -3.16
CA GLY A 64 -4.18 1.98 -4.60
C GLY A 64 -4.92 0.68 -4.90
N LYS A 65 -5.18 -0.16 -3.88
CA LYS A 65 -6.14 -1.26 -3.98
C LYS A 65 -7.58 -0.72 -3.95
N GLU A 66 -8.53 -1.43 -4.56
CA GLU A 66 -9.90 -0.96 -4.75
C GLU A 66 -10.85 -1.47 -3.65
N VAL A 67 -11.87 -0.68 -3.30
CA VAL A 67 -12.82 -0.93 -2.21
C VAL A 67 -14.26 -0.80 -2.70
N ARG A 68 -15.08 -1.83 -2.41
CA ARG A 68 -16.44 -2.00 -2.93
C ARG A 68 -17.48 -1.26 -2.10
N SER A 69 -17.44 -1.42 -0.78
CA SER A 69 -18.32 -0.73 0.17
C SER A 69 -17.81 -0.88 1.62
N GLY A 70 -18.29 -0.03 2.53
CA GLY A 70 -17.94 -0.06 3.95
C GLY A 70 -19.09 0.29 4.87
N LYS A 71 -18.90 0.04 6.17
CA LYS A 71 -19.87 0.35 7.22
C LYS A 71 -19.25 0.78 8.55
N GLN A 72 -20.05 1.54 9.31
CA GLN A 72 -19.83 1.92 10.70
C GLN A 72 -20.79 1.06 11.54
N LEU A 73 -20.26 0.18 12.40
CA LEU A 73 -21.03 -0.88 13.07
C LEU A 73 -21.60 -0.48 14.44
N ALA B 1 15.64 12.42 -17.71
CA ALA B 1 15.25 11.87 -16.40
C ALA B 1 16.48 11.42 -15.59
N ARG B 2 16.26 10.83 -14.42
CA ARG B 2 17.20 10.06 -13.63
C ARG B 2 16.67 8.62 -13.52
N GLU B 3 17.39 7.84 -12.75
CA GLU B 3 17.34 6.37 -12.60
C GLU B 3 17.53 5.96 -11.12
N VAL B 4 17.04 4.78 -10.74
CA VAL B 4 17.14 4.14 -9.41
C VAL B 4 16.54 2.72 -9.45
N ILE B 5 17.19 1.76 -8.80
CA ILE B 5 16.73 0.38 -8.70
C ILE B 5 16.57 0.00 -7.22
N LEU B 6 15.36 -0.41 -6.85
CA LEU B 6 14.93 -0.67 -5.47
C LEU B 6 14.71 -2.17 -5.26
N ALA B 7 14.98 -2.67 -4.05
CA ALA B 7 14.41 -3.93 -3.60
C ALA B 7 12.99 -3.71 -3.03
N VAL B 8 12.11 -4.71 -3.13
CA VAL B 8 10.75 -4.73 -2.54
C VAL B 8 10.55 -6.07 -1.84
N HIS B 9 10.62 -6.04 -0.51
CA HIS B 9 10.59 -7.22 0.35
C HIS B 9 9.16 -7.66 0.74
N GLY B 10 8.18 -6.77 0.56
CA GLY B 10 6.77 -6.97 0.96
C GLY B 10 5.87 -7.61 -0.11
N MET B 11 6.39 -7.87 -1.32
CA MET B 11 5.67 -8.58 -2.38
C MET B 11 5.82 -10.11 -2.27
N THR B 12 4.94 -10.87 -2.92
CA THR B 12 4.98 -12.36 -3.00
C THR B 12 4.12 -12.92 -4.12
N CYS B 13 2.90 -12.41 -4.30
CA CYS B 13 1.84 -13.03 -5.07
C CYS B 13 1.90 -12.73 -6.59
N SER B 14 1.24 -11.65 -7.02
CA SER B 14 0.97 -11.34 -8.42
C SER B 14 0.50 -9.88 -8.60
N ALA B 15 -0.79 -9.61 -8.38
CA ALA B 15 -1.45 -8.35 -8.75
C ALA B 15 -0.98 -7.12 -7.95
N CYS B 16 -0.27 -7.32 -6.83
CA CYS B 16 0.52 -6.30 -6.15
C CYS B 16 1.59 -5.62 -7.03
N THR B 17 2.14 -6.30 -8.05
CA THR B 17 3.14 -5.72 -8.93
C THR B 17 2.57 -4.57 -9.72
N ASN B 18 1.42 -4.75 -10.37
CA ASN B 18 0.82 -3.67 -11.16
C ASN B 18 0.37 -2.52 -10.27
N THR B 19 0.03 -2.75 -8.99
CA THR B 19 -0.21 -1.68 -8.01
C THR B 19 1.01 -0.76 -7.90
N ILE B 20 2.23 -1.27 -8.04
CA ILE B 20 3.44 -0.42 -8.00
C ILE B 20 3.50 0.51 -9.23
N ASN B 21 3.33 0.01 -10.45
CA ASN B 21 3.28 0.88 -11.65
C ASN B 21 2.06 1.81 -11.63
N THR B 22 0.85 1.29 -11.39
CA THR B 22 -0.39 2.08 -11.20
C THR B 22 -0.23 3.22 -10.18
N GLN B 23 0.57 3.06 -9.12
CA GLN B 23 0.85 4.13 -8.15
C GLN B 23 2.01 5.04 -8.55
N LEU B 24 3.17 4.50 -8.92
CA LEU B 24 4.35 5.32 -9.21
C LEU B 24 4.15 6.16 -10.48
N ARG B 25 3.48 5.64 -11.52
CA ARG B 25 3.11 6.44 -12.70
C ARG B 25 2.27 7.69 -12.35
N ALA B 26 1.54 7.67 -11.23
CA ALA B 26 0.73 8.78 -10.72
C ALA B 26 1.51 9.76 -9.81
N LEU B 27 2.81 9.55 -9.57
CA LEU B 27 3.72 10.60 -9.14
C LEU B 27 4.15 11.36 -10.40
N LYS B 28 3.52 12.52 -10.67
CA LYS B 28 3.75 13.27 -11.91
C LYS B 28 5.24 13.62 -12.06
N GLY B 29 5.90 13.00 -13.05
CA GLY B 29 7.35 13.00 -13.23
C GLY B 29 8.00 11.61 -13.26
N VAL B 30 7.35 10.55 -12.78
CA VAL B 30 7.82 9.17 -13.06
C VAL B 30 7.61 8.87 -14.55
N THR B 31 8.69 8.48 -15.23
CA THR B 31 8.77 8.37 -16.69
C THR B 31 8.48 6.94 -17.15
N LYS B 32 8.98 5.93 -16.42
CA LYS B 32 8.73 4.51 -16.70
C LYS B 32 9.09 3.63 -15.48
N CYS B 33 8.23 2.68 -15.11
CA CYS B 33 8.42 1.72 -14.01
C CYS B 33 8.57 0.28 -14.54
N ASP B 34 9.72 -0.33 -14.28
CA ASP B 34 10.03 -1.74 -14.56
C ASP B 34 10.16 -2.53 -13.24
N ILE B 35 9.79 -3.81 -13.25
CA ILE B 35 9.57 -4.67 -12.08
C ILE B 35 10.01 -6.11 -12.39
N SER B 36 10.59 -6.79 -11.41
CA SER B 36 10.76 -8.25 -11.39
C SER B 36 10.28 -8.83 -10.05
N LEU B 37 9.26 -9.69 -10.08
CA LEU B 37 8.71 -10.40 -8.95
C LEU B 37 9.59 -11.60 -8.54
N VAL B 38 10.18 -12.32 -9.51
CA VAL B 38 11.02 -13.51 -9.25
C VAL B 38 12.29 -13.15 -8.44
N THR B 39 12.83 -11.95 -8.65
CA THR B 39 14.03 -11.40 -7.98
C THR B 39 13.71 -10.31 -6.96
N ASN B 40 12.45 -9.89 -6.82
CA ASN B 40 11.92 -9.00 -5.76
C ASN B 40 12.45 -7.56 -5.84
N GLU B 41 12.56 -7.01 -7.07
CA GLU B 41 13.21 -5.73 -7.38
C GLU B 41 12.43 -4.92 -8.43
N CYS B 42 12.75 -3.62 -8.57
CA CYS B 42 12.14 -2.73 -9.57
C CYS B 42 13.05 -1.57 -9.98
N GLN B 43 12.96 -1.11 -11.22
CA GLN B 43 13.79 -0.07 -11.83
C GLN B 43 12.87 1.06 -12.29
N VAL B 44 12.96 2.19 -11.60
CA VAL B 44 12.10 3.38 -11.80
C VAL B 44 12.92 4.55 -12.34
N THR B 45 12.42 5.13 -13.43
CA THR B 45 13.01 6.24 -14.17
C THR B 45 12.15 7.46 -13.91
N TYR B 46 12.75 8.60 -13.59
CA TYR B 46 12.02 9.72 -12.98
C TYR B 46 12.71 11.08 -13.20
N ASP B 47 11.91 12.00 -13.71
CA ASP B 47 12.18 13.44 -13.86
C ASP B 47 12.26 14.19 -12.52
N ASN B 48 12.82 15.42 -12.55
CA ASN B 48 13.18 16.20 -11.35
C ASN B 48 11.97 16.68 -10.51
N GLU B 49 10.75 16.43 -10.98
CA GLU B 49 9.50 16.60 -10.22
C GLU B 49 9.29 15.53 -9.13
N VAL B 50 10.10 14.46 -9.09
CA VAL B 50 10.05 13.35 -8.12
C VAL B 50 11.47 13.10 -7.54
N THR B 51 11.57 12.52 -6.33
CA THR B 51 12.85 12.11 -5.69
C THR B 51 12.85 10.63 -5.31
N ALA B 52 14.04 10.03 -5.23
CA ALA B 52 14.21 8.66 -4.75
C ALA B 52 13.81 8.47 -3.27
N ASP B 53 13.85 9.53 -2.44
CA ASP B 53 13.32 9.50 -1.06
C ASP B 53 11.78 9.62 -1.01
N SER B 54 11.15 10.10 -2.09
CA SER B 54 9.70 9.96 -2.29
C SER B 54 9.35 8.51 -2.62
N ILE B 55 10.05 7.92 -3.61
CA ILE B 55 9.79 6.55 -4.09
C ILE B 55 9.92 5.54 -2.93
N LYS B 56 11.03 5.57 -2.19
CA LYS B 56 11.29 4.67 -1.04
C LYS B 56 10.45 4.99 0.23
N GLU B 57 9.33 5.71 0.09
CA GLU B 57 8.34 5.99 1.14
C GLU B 57 6.92 5.80 0.59
N ILE B 58 6.66 6.17 -0.66
CA ILE B 58 5.44 5.82 -1.41
C ILE B 58 5.28 4.31 -1.55
N ILE B 59 6.35 3.57 -1.88
CA ILE B 59 6.33 2.10 -1.87
C ILE B 59 5.96 1.55 -0.48
N GLU B 60 6.22 2.33 0.58
CA GLU B 60 5.83 1.96 1.94
C GLU B 60 4.36 2.32 2.25
N ASP B 61 3.82 3.40 1.68
CA ASP B 61 2.38 3.74 1.72
C ASP B 61 1.53 2.87 0.77
N CYS B 62 2.16 2.16 -0.17
CA CYS B 62 1.56 1.01 -0.87
C CYS B 62 1.48 -0.25 0.02
N GLY B 63 2.16 -0.24 1.18
CA GLY B 63 2.10 -1.31 2.20
C GLY B 63 3.17 -2.39 2.08
N PHE B 64 4.19 -2.21 1.25
CA PHE B 64 5.31 -3.14 1.11
C PHE B 64 6.45 -2.75 2.07
N ASP B 65 7.69 -3.09 1.72
CA ASP B 65 8.93 -2.72 2.38
C ASP B 65 9.99 -2.74 1.30
N CYS B 66 11.02 -1.91 1.43
CA CYS B 66 11.92 -1.60 0.33
C CYS B 66 13.27 -1.11 0.79
N GLU B 67 14.17 -0.87 -0.16
CA GLU B 67 15.53 -0.45 0.07
C GLU B 67 16.09 0.11 -1.24
N ILE B 68 16.87 1.19 -1.15
CA ILE B 68 17.60 1.71 -2.32
C ILE B 68 18.76 0.75 -2.61
N LEU B 69 18.57 -0.12 -3.59
CA LEU B 69 19.40 -1.29 -3.84
C LEU B 69 20.63 -0.84 -4.64
N ARG B 70 20.46 -0.07 -5.72
CA ARG B 70 21.51 0.69 -6.41
C ARG B 70 20.90 1.91 -7.09
N ASP B 71 21.80 2.79 -7.51
CA ASP B 71 21.56 3.98 -8.34
C ASP B 71 21.37 3.69 -9.84
N SER B 72 21.32 2.41 -10.19
CA SER B 72 21.16 1.75 -11.51
C SER B 72 21.37 0.24 -11.47
CU CU1 C . -1.12 -9.32 -3.43
N MET A 1 -7.42 9.88 25.66
CA MET A 1 -8.59 8.99 25.83
C MET A 1 -9.76 9.52 25.03
N ALA A 2 -10.15 8.80 23.98
CA ALA A 2 -11.31 9.08 23.13
C ALA A 2 -12.15 7.82 22.86
N GLU A 3 -13.37 8.01 22.36
CA GLU A 3 -14.30 6.95 21.94
C GLU A 3 -13.68 6.09 20.84
N ILE A 4 -13.71 4.77 21.03
CA ILE A 4 -13.32 3.80 20.00
C ILE A 4 -14.51 3.54 19.09
N LYS A 5 -14.30 3.83 17.82
CA LYS A 5 -15.22 3.58 16.71
C LYS A 5 -14.94 2.21 16.07
N HIS A 6 -15.92 1.72 15.32
CA HIS A 6 -15.92 0.43 14.65
C HIS A 6 -16.31 0.58 13.16
N TYR A 7 -15.52 -0.03 12.28
CA TYR A 7 -15.66 0.06 10.82
C TYR A 7 -15.51 -1.32 10.14
N GLN A 8 -16.10 -1.45 8.95
CA GLN A 8 -15.80 -2.53 8.00
C GLN A 8 -15.55 -1.97 6.60
N PHE A 9 -14.80 -2.74 5.80
CA PHE A 9 -14.56 -2.54 4.37
C PHE A 9 -14.69 -3.89 3.65
N ASN A 10 -15.15 -3.89 2.39
CA ASN A 10 -15.05 -5.03 1.47
C ASN A 10 -14.07 -4.69 0.34
N VAL A 11 -13.08 -5.54 0.09
CA VAL A 11 -11.89 -5.27 -0.74
C VAL A 11 -11.68 -6.43 -1.72
N VAL A 12 -11.15 -6.16 -2.92
CA VAL A 12 -10.81 -7.19 -3.90
C VAL A 12 -9.57 -7.97 -3.43
N MET A 13 -9.80 -9.00 -2.61
CA MET A 13 -8.76 -9.80 -1.94
C MET A 13 -8.42 -11.04 -2.80
N THR A 14 -7.21 -11.08 -3.36
CA THR A 14 -6.80 -12.08 -4.37
C THR A 14 -6.04 -13.28 -3.81
N CYS A 15 -5.41 -13.10 -2.64
CA CYS A 15 -4.35 -13.96 -2.10
C CYS A 15 -3.90 -13.51 -0.68
N SER A 16 -3.13 -14.36 0.00
CA SER A 16 -2.44 -14.04 1.26
C SER A 16 -1.47 -12.86 1.13
N GLY A 17 -0.94 -12.59 -0.08
CA GLY A 17 -0.13 -11.40 -0.37
C GLY A 17 -0.93 -10.11 -0.46
N CYS A 18 -2.22 -10.20 -0.80
CA CYS A 18 -3.18 -9.10 -0.70
C CYS A 18 -3.44 -8.78 0.79
N SER A 19 -3.88 -9.79 1.54
CA SER A 19 -4.10 -9.71 3.00
C SER A 19 -2.89 -9.15 3.75
N GLY A 20 -1.68 -9.62 3.38
CA GLY A 20 -0.43 -9.24 4.04
C GLY A 20 -0.02 -7.79 3.78
N ALA A 21 -0.26 -7.29 2.55
CA ALA A 21 -0.05 -5.88 2.22
C ALA A 21 -1.07 -4.98 2.94
N VAL A 22 -2.36 -5.35 2.89
CA VAL A 22 -3.44 -4.64 3.60
C VAL A 22 -3.11 -4.54 5.10
N ASN A 23 -2.76 -5.66 5.75
CA ASN A 23 -2.32 -5.65 7.15
C ASN A 23 -1.10 -4.73 7.37
N LYS A 24 -0.10 -4.80 6.48
CA LYS A 24 1.15 -4.02 6.61
C LYS A 24 0.95 -2.50 6.45
N VAL A 25 -0.07 -2.03 5.73
CA VAL A 25 -0.45 -0.60 5.74
C VAL A 25 -1.01 -0.17 7.12
N LEU A 26 -1.85 -1.01 7.74
CA LEU A 26 -2.51 -0.70 9.01
C LEU A 26 -1.64 -0.89 10.26
N THR A 27 -0.62 -1.76 10.27
CA THR A 27 0.30 -1.94 11.40
C THR A 27 1.11 -0.70 11.74
N LYS A 28 1.20 0.27 10.83
CA LYS A 28 1.73 1.61 11.08
C LYS A 28 0.95 2.41 12.15
N LEU A 29 -0.29 2.02 12.46
CA LEU A 29 -1.26 2.79 13.26
C LEU A 29 -1.66 2.11 14.59
N GLU A 30 -0.97 1.08 15.07
CA GLU A 30 -1.34 0.38 16.31
C GLU A 30 -1.42 1.24 17.58
N PRO A 31 -0.76 2.41 17.70
CA PRO A 31 -0.99 3.29 18.84
C PRO A 31 -2.43 3.84 18.91
N ASP A 32 -3.17 3.84 17.79
CA ASP A 32 -4.53 4.37 17.66
C ASP A 32 -5.57 3.30 17.21
N VAL A 33 -5.15 2.33 16.39
CA VAL A 33 -5.95 1.16 15.97
C VAL A 33 -5.78 0.03 16.99
N SER A 34 -6.89 -0.41 17.59
CA SER A 34 -6.88 -1.36 18.72
C SER A 34 -7.20 -2.81 18.37
N LYS A 35 -7.89 -3.07 17.25
CA LYS A 35 -8.11 -4.43 16.70
C LYS A 35 -8.32 -4.39 15.18
N ILE A 36 -7.80 -5.40 14.48
CA ILE A 36 -8.00 -5.68 13.04
C ILE A 36 -8.44 -7.16 12.90
N ASP A 37 -9.25 -7.48 11.88
CA ASP A 37 -9.57 -8.87 11.49
C ASP A 37 -9.88 -8.97 9.98
N ILE A 38 -9.06 -9.72 9.25
CA ILE A 38 -9.07 -9.78 7.77
C ILE A 38 -9.58 -11.14 7.28
N SER A 39 -10.54 -11.14 6.37
CA SER A 39 -10.96 -12.35 5.63
C SER A 39 -10.52 -12.29 4.15
N LEU A 40 -10.43 -13.45 3.50
CA LEU A 40 -10.17 -13.57 2.07
C LEU A 40 -11.45 -14.01 1.34
N GLU A 41 -12.02 -15.15 1.71
CA GLU A 41 -13.21 -15.74 1.09
C GLU A 41 -14.43 -14.81 1.14
N LYS A 42 -14.60 -14.10 2.27
CA LYS A 42 -15.70 -13.15 2.48
C LYS A 42 -15.35 -11.71 2.07
N GLN A 43 -14.13 -11.49 1.56
CA GLN A 43 -13.61 -10.23 0.99
C GLN A 43 -13.58 -9.03 1.96
N LEU A 44 -13.95 -9.20 3.23
CA LEU A 44 -14.11 -8.12 4.21
C LEU A 44 -12.94 -7.98 5.20
N VAL A 45 -12.74 -6.74 5.63
CA VAL A 45 -11.80 -6.29 6.67
C VAL A 45 -12.62 -5.60 7.76
N ASP A 46 -12.34 -5.91 9.03
CA ASP A 46 -13.06 -5.46 10.22
C ASP A 46 -12.09 -4.72 11.17
N VAL A 47 -12.46 -3.52 11.64
CA VAL A 47 -11.54 -2.61 12.35
C VAL A 47 -12.19 -1.99 13.60
N TYR A 48 -11.41 -1.81 14.66
CA TYR A 48 -11.66 -0.94 15.81
C TYR A 48 -10.53 0.09 15.99
N THR A 49 -10.89 1.38 16.15
CA THR A 49 -9.94 2.50 16.29
C THR A 49 -10.63 3.76 16.78
N THR A 50 -9.87 4.63 17.45
CA THR A 50 -10.25 6.01 17.83
C THR A 50 -10.25 6.98 16.65
N LEU A 51 -9.73 6.60 15.48
CA LEU A 51 -9.49 7.49 14.33
C LEU A 51 -10.77 7.82 13.52
N PRO A 52 -10.81 8.98 12.87
CA PRO A 52 -11.85 9.32 11.90
C PRO A 52 -11.70 8.53 10.60
N TYR A 53 -12.82 8.33 9.90
CA TYR A 53 -12.91 7.40 8.77
C TYR A 53 -12.14 7.88 7.51
N ASP A 54 -12.17 9.18 7.20
CA ASP A 54 -11.57 9.76 5.99
C ASP A 54 -10.06 9.51 5.88
N PHE A 55 -9.34 9.58 7.02
CA PHE A 55 -7.92 9.27 7.07
C PHE A 55 -7.63 7.85 6.58
N ILE A 56 -8.46 6.87 6.96
CA ILE A 56 -8.31 5.47 6.56
C ILE A 56 -8.64 5.30 5.07
N LEU A 57 -9.69 5.97 4.56
CA LEU A 57 -10.01 6.01 3.13
C LEU A 57 -8.82 6.52 2.32
N GLU A 58 -8.20 7.62 2.74
CA GLU A 58 -7.06 8.22 2.07
C GLU A 58 -5.75 7.44 2.18
N LYS A 59 -5.57 6.59 3.21
CA LYS A 59 -4.54 5.55 3.17
C LYS A 59 -4.86 4.51 2.08
N ILE A 60 -6.06 3.90 2.08
CA ILE A 60 -6.45 2.84 1.12
C ILE A 60 -6.41 3.33 -0.34
N LYS A 61 -6.83 4.56 -0.60
CA LYS A 61 -6.76 5.21 -1.92
C LYS A 61 -5.31 5.51 -2.34
N LYS A 62 -4.39 5.69 -1.38
CA LYS A 62 -2.94 5.73 -1.63
C LYS A 62 -2.30 4.32 -1.80
N THR A 63 -2.89 3.25 -1.24
CA THR A 63 -2.43 1.85 -1.35
C THR A 63 -2.69 1.21 -2.71
N GLY A 64 -3.74 1.62 -3.43
CA GLY A 64 -4.01 1.23 -4.82
C GLY A 64 -4.71 -0.12 -5.05
N LYS A 65 -4.89 -0.95 -4.01
CA LYS A 65 -5.78 -2.12 -4.04
C LYS A 65 -7.22 -1.70 -4.37
N GLU A 66 -8.00 -2.57 -5.03
CA GLU A 66 -9.37 -2.26 -5.47
C GLU A 66 -10.40 -2.56 -4.36
N VAL A 67 -11.36 -1.66 -4.20
CA VAL A 67 -12.34 -1.60 -3.10
C VAL A 67 -13.75 -1.83 -3.64
N ARG A 68 -14.59 -2.51 -2.87
CA ARG A 68 -15.95 -2.93 -3.26
C ARG A 68 -17.07 -2.27 -2.43
N SER A 69 -16.88 -2.09 -1.12
CA SER A 69 -17.87 -1.45 -0.23
C SER A 69 -17.25 -1.15 1.17
N GLY A 70 -18.04 -0.63 2.10
CA GLY A 70 -17.64 -0.38 3.50
C GLY A 70 -18.65 0.46 4.27
N LYS A 71 -18.62 0.37 5.60
CA LYS A 71 -19.52 1.10 6.52
C LYS A 71 -18.94 1.31 7.93
N GLN A 72 -19.48 2.29 8.65
CA GLN A 72 -19.35 2.44 10.10
C GLN A 72 -20.50 1.70 10.81
N LEU A 73 -20.24 1.12 11.98
CA LEU A 73 -21.21 0.36 12.79
C LEU A 73 -20.93 0.41 14.29
N ALA B 1 16.62 12.69 -16.58
CA ALA B 1 15.80 12.00 -15.58
C ALA B 1 16.60 10.90 -14.87
N ARG B 2 16.31 10.68 -13.59
CA ARG B 2 17.03 9.82 -12.66
C ARG B 2 16.40 8.43 -12.62
N GLU B 3 16.96 7.53 -13.43
CA GLU B 3 16.75 6.08 -13.35
C GLU B 3 17.23 5.57 -11.98
N VAL B 4 16.43 4.74 -11.28
CA VAL B 4 16.79 4.04 -10.03
C VAL B 4 16.13 2.66 -9.98
N ILE B 5 16.77 1.72 -9.28
CA ILE B 5 16.26 0.36 -9.08
C ILE B 5 16.32 0.01 -7.58
N LEU B 6 15.21 -0.49 -7.05
CA LEU B 6 14.96 -0.70 -5.62
C LEU B 6 14.73 -2.18 -5.32
N ALA B 7 15.16 -2.68 -4.17
CA ALA B 7 14.69 -3.97 -3.65
C ALA B 7 13.37 -3.75 -2.88
N VAL B 8 12.39 -4.65 -3.02
CA VAL B 8 11.06 -4.58 -2.37
C VAL B 8 10.83 -5.87 -1.58
N HIS B 9 10.67 -5.72 -0.27
CA HIS B 9 10.72 -6.80 0.73
C HIS B 9 9.38 -7.56 0.91
N GLY B 10 8.53 -7.65 -0.13
CA GLY B 10 7.19 -8.24 -0.05
C GLY B 10 6.56 -8.68 -1.38
N MET B 11 7.38 -9.06 -2.37
CA MET B 11 6.95 -9.31 -3.76
C MET B 11 6.25 -10.68 -3.91
N THR B 12 4.95 -10.71 -3.61
CA THR B 12 4.12 -11.92 -3.50
C THR B 12 3.64 -12.46 -4.85
N CYS B 13 2.86 -11.70 -5.61
CA CYS B 13 2.36 -12.08 -6.93
C CYS B 13 2.06 -10.83 -7.83
N SER B 14 1.58 -11.03 -9.05
CA SER B 14 1.30 -9.94 -10.01
C SER B 14 0.11 -9.07 -9.57
N ALA B 15 -0.97 -9.68 -9.06
CA ALA B 15 -2.12 -8.96 -8.51
C ALA B 15 -1.74 -8.00 -7.37
N CYS B 16 -0.75 -8.37 -6.56
CA CYS B 16 -0.16 -7.52 -5.54
C CYS B 16 0.71 -6.38 -6.12
N THR B 17 1.58 -6.66 -7.10
CA THR B 17 2.76 -5.85 -7.40
C THR B 17 2.57 -4.83 -8.51
N ASN B 18 1.79 -5.05 -9.58
CA ASN B 18 1.58 -3.96 -10.56
C ASN B 18 0.83 -2.76 -9.94
N THR B 19 0.14 -2.94 -8.80
CA THR B 19 -0.40 -1.86 -7.97
C THR B 19 0.67 -0.81 -7.66
N ILE B 20 1.92 -1.22 -7.44
CA ILE B 20 3.06 -0.30 -7.28
C ILE B 20 3.19 0.61 -8.51
N ASN B 21 3.19 0.05 -9.72
CA ASN B 21 3.15 0.82 -10.97
C ASN B 21 1.88 1.69 -11.07
N THR B 22 0.67 1.15 -10.83
CA THR B 22 -0.59 1.93 -10.84
C THR B 22 -0.56 3.16 -9.92
N GLN B 23 0.12 3.08 -8.77
CA GLN B 23 0.24 4.19 -7.82
C GLN B 23 1.43 5.12 -8.09
N LEU B 24 2.58 4.60 -8.55
CA LEU B 24 3.74 5.42 -8.95
C LEU B 24 3.47 6.23 -10.22
N ARG B 25 2.81 5.63 -11.22
CA ARG B 25 2.45 6.30 -12.48
C ARG B 25 1.60 7.56 -12.27
N ALA B 26 0.91 7.70 -11.11
CA ALA B 26 0.13 8.88 -10.74
C ALA B 26 0.96 10.08 -10.22
N LEU B 27 2.26 9.89 -9.90
CA LEU B 27 3.11 10.93 -9.33
C LEU B 27 3.62 11.90 -10.42
N LYS B 28 3.35 13.19 -10.22
CA LYS B 28 3.67 14.27 -11.16
C LYS B 28 5.21 14.44 -11.29
N GLY B 29 5.79 13.95 -12.39
CA GLY B 29 7.23 13.90 -12.64
C GLY B 29 7.83 12.49 -12.80
N VAL B 30 7.05 11.41 -12.67
CA VAL B 30 7.51 10.05 -13.04
C VAL B 30 7.43 9.88 -14.57
N THR B 31 8.46 9.28 -15.19
CA THR B 31 8.51 9.04 -16.65
C THR B 31 8.21 7.60 -17.01
N LYS B 32 8.66 6.65 -16.19
CA LYS B 32 8.33 5.22 -16.26
C LYS B 32 8.53 4.55 -14.90
N CYS B 33 7.61 3.66 -14.52
CA CYS B 33 7.70 2.80 -13.33
C CYS B 33 7.25 1.36 -13.64
N ASP B 34 7.87 0.38 -12.99
CA ASP B 34 7.61 -1.05 -13.19
C ASP B 34 8.28 -1.91 -12.11
N ILE B 35 8.11 -3.24 -12.21
CA ILE B 35 8.53 -4.26 -11.24
C ILE B 35 9.06 -5.54 -11.89
N SER B 36 9.69 -6.41 -11.10
CA SER B 36 10.11 -7.76 -11.50
C SER B 36 10.20 -8.69 -10.28
N LEU B 37 9.48 -9.82 -10.31
CA LEU B 37 9.30 -10.75 -9.20
C LEU B 37 10.56 -11.59 -8.89
N VAL B 38 11.30 -12.05 -9.90
CA VAL B 38 12.37 -13.06 -9.71
C VAL B 38 13.59 -12.51 -8.94
N THR B 39 13.82 -11.20 -9.04
CA THR B 39 14.84 -10.45 -8.29
C THR B 39 14.24 -9.50 -7.25
N ASN B 40 12.91 -9.53 -7.05
CA ASN B 40 12.20 -8.81 -5.99
C ASN B 40 12.32 -7.27 -6.09
N GLU B 41 12.30 -6.72 -7.30
CA GLU B 41 12.70 -5.33 -7.58
C GLU B 41 11.61 -4.43 -8.19
N CYS B 42 11.79 -3.13 -8.01
CA CYS B 42 11.08 -2.03 -8.68
C CYS B 42 12.07 -1.23 -9.55
N GLN B 43 11.68 -0.91 -10.78
CA GLN B 43 12.47 -0.19 -11.78
C GLN B 43 11.70 1.10 -12.07
N VAL B 44 12.22 2.24 -11.64
CA VAL B 44 11.53 3.54 -11.72
C VAL B 44 12.47 4.69 -12.07
N THR B 45 11.94 5.64 -12.83
CA THR B 45 12.65 6.76 -13.44
C THR B 45 11.81 8.00 -13.25
N TYR B 46 12.43 9.12 -12.91
CA TYR B 46 11.75 10.30 -12.44
C TYR B 46 12.60 11.56 -12.68
N ASP B 47 11.88 12.62 -12.96
CA ASP B 47 12.34 13.99 -13.19
C ASP B 47 12.61 14.77 -11.89
N ASN B 48 13.31 15.89 -12.03
CA ASN B 48 13.84 16.72 -10.95
C ASN B 48 12.80 17.31 -9.97
N GLU B 49 11.50 17.19 -10.28
CA GLU B 49 10.39 17.53 -9.38
C GLU B 49 9.99 16.38 -8.42
N VAL B 50 10.69 15.22 -8.47
CA VAL B 50 10.48 14.03 -7.61
C VAL B 50 11.83 13.60 -6.99
N THR B 51 11.79 12.78 -5.91
CA THR B 51 12.96 12.28 -5.17
C THR B 51 12.73 10.86 -4.63
N ALA B 52 13.79 10.04 -4.56
CA ALA B 52 13.74 8.67 -4.05
C ALA B 52 13.28 8.56 -2.58
N ASP B 53 13.47 9.62 -1.77
CA ASP B 53 13.02 9.69 -0.38
C ASP B 53 11.49 9.79 -0.24
N SER B 54 10.79 10.21 -1.29
CA SER B 54 9.33 10.07 -1.40
C SER B 54 8.95 8.61 -1.68
N ILE B 55 9.68 7.94 -2.58
CA ILE B 55 9.38 6.56 -2.98
C ILE B 55 9.46 5.61 -1.77
N LYS B 56 10.39 5.84 -0.86
CA LYS B 56 10.51 5.17 0.44
C LYS B 56 9.28 5.29 1.38
N GLU B 57 8.35 6.23 1.13
CA GLU B 57 7.08 6.38 1.84
C GLU B 57 5.96 5.76 1.01
N ILE B 58 5.97 5.96 -0.31
CA ILE B 58 5.02 5.39 -1.28
C ILE B 58 5.01 3.86 -1.26
N ILE B 59 6.17 3.21 -1.28
CA ILE B 59 6.23 1.75 -1.22
C ILE B 59 5.75 1.24 0.15
N GLU B 60 5.87 2.06 1.19
CA GLU B 60 5.25 1.76 2.49
C GLU B 60 3.74 2.05 2.48
N ASP B 61 3.25 3.06 1.73
CA ASP B 61 1.81 3.29 1.52
C ASP B 61 1.15 2.19 0.67
N CYS B 62 1.89 1.59 -0.27
CA CYS B 62 1.45 0.43 -1.07
C CYS B 62 1.35 -0.88 -0.27
N GLY B 63 1.91 -0.94 0.94
CA GLY B 63 1.89 -2.13 1.81
C GLY B 63 3.10 -3.05 1.64
N PHE B 64 4.25 -2.52 1.21
CA PHE B 64 5.53 -3.23 1.14
C PHE B 64 6.60 -2.39 1.88
N ASP B 65 7.89 -2.54 1.54
CA ASP B 65 9.01 -1.74 2.04
C ASP B 65 10.21 -1.95 1.12
N CYS B 66 11.05 -0.94 0.97
CA CYS B 66 12.14 -0.94 0.01
C CYS B 66 13.46 -0.35 0.53
N GLU B 67 14.50 -0.63 -0.24
CA GLU B 67 15.83 -0.03 -0.15
C GLU B 67 16.30 0.25 -1.58
N ILE B 68 16.95 1.40 -1.78
CA ILE B 68 17.50 1.75 -3.09
C ILE B 68 18.75 0.90 -3.36
N LEU B 69 18.65 -0.01 -4.34
CA LEU B 69 19.59 -1.10 -4.52
C LEU B 69 20.78 -0.62 -5.38
N ARG B 70 20.54 0.27 -6.35
CA ARG B 70 21.56 1.02 -7.10
C ARG B 70 20.93 2.10 -7.98
N ASP B 71 21.77 3.04 -8.39
CA ASP B 71 21.55 4.07 -9.42
C ASP B 71 21.42 3.51 -10.86
N SER B 72 20.95 2.26 -11.01
CA SER B 72 20.87 1.42 -12.21
C SER B 72 22.20 0.82 -12.67
CU CU1 C . -1.70 -10.89 -4.97
N MET A 1 -19.75 6.61 27.74
CA MET A 1 -19.32 6.10 26.42
C MET A 1 -17.97 5.40 26.49
N ALA A 2 -17.84 4.28 25.79
CA ALA A 2 -16.60 3.48 25.70
C ALA A 2 -15.51 4.12 24.81
N GLU A 3 -14.29 3.62 24.93
CA GLU A 3 -13.10 4.05 24.19
C GLU A 3 -12.93 3.26 22.85
N ILE A 4 -12.07 3.77 21.96
CA ILE A 4 -11.69 3.25 20.62
C ILE A 4 -12.84 3.20 19.59
N LYS A 5 -12.56 3.65 18.36
CA LYS A 5 -13.51 3.66 17.22
C LYS A 5 -13.42 2.36 16.40
N HIS A 6 -14.41 2.06 15.57
CA HIS A 6 -14.54 0.75 14.91
C HIS A 6 -15.24 0.81 13.54
N TYR A 7 -14.68 0.14 12.52
CA TYR A 7 -15.13 0.21 11.12
C TYR A 7 -14.97 -1.14 10.37
N GLN A 8 -15.73 -1.31 9.29
CA GLN A 8 -15.72 -2.50 8.42
C GLN A 8 -15.56 -2.10 6.97
N PHE A 9 -14.61 -2.73 6.26
CA PHE A 9 -14.30 -2.49 4.85
C PHE A 9 -14.44 -3.76 4.01
N ASN A 10 -14.98 -3.61 2.80
CA ASN A 10 -15.08 -4.67 1.80
C ASN A 10 -13.86 -4.69 0.87
N VAL A 11 -13.25 -5.87 0.70
CA VAL A 11 -12.04 -6.11 -0.10
C VAL A 11 -12.34 -7.07 -1.24
N VAL A 12 -11.75 -6.83 -2.41
CA VAL A 12 -11.77 -7.73 -3.58
C VAL A 12 -10.75 -8.83 -3.32
N MET A 13 -11.26 -10.06 -3.11
CA MET A 13 -10.42 -11.22 -2.77
C MET A 13 -9.76 -11.80 -4.02
N THR A 14 -8.44 -11.96 -3.96
CA THR A 14 -7.52 -12.32 -5.07
C THR A 14 -6.66 -13.48 -4.58
N CYS A 15 -5.58 -13.19 -3.87
CA CYS A 15 -4.66 -14.13 -3.29
C CYS A 15 -4.42 -13.88 -1.78
N SER A 16 -3.44 -14.58 -1.21
CA SER A 16 -2.90 -14.28 0.12
C SER A 16 -2.05 -12.99 0.16
N GLY A 17 -1.77 -12.39 -1.00
CA GLY A 17 -0.91 -11.22 -1.16
C GLY A 17 -1.64 -9.91 -0.87
N CYS A 18 -2.81 -9.67 -1.47
CA CYS A 18 -3.59 -8.45 -1.22
C CYS A 18 -4.02 -8.32 0.25
N SER A 19 -4.42 -9.42 0.89
CA SER A 19 -4.72 -9.48 2.32
C SER A 19 -3.47 -9.31 3.21
N GLY A 20 -2.27 -9.66 2.69
CA GLY A 20 -1.00 -9.33 3.32
C GLY A 20 -0.68 -7.85 3.25
N ALA A 21 -0.91 -7.22 2.10
CA ALA A 21 -0.68 -5.80 1.85
C ALA A 21 -1.62 -4.90 2.68
N VAL A 22 -2.94 -5.16 2.65
CA VAL A 22 -3.90 -4.35 3.42
C VAL A 22 -3.64 -4.42 4.94
N ASN A 23 -3.29 -5.61 5.48
CA ASN A 23 -2.82 -5.75 6.85
C ASN A 23 -1.55 -4.90 7.11
N LYS A 24 -0.62 -4.86 6.14
CA LYS A 24 0.63 -4.09 6.25
C LYS A 24 0.42 -2.56 6.26
N VAL A 25 -0.56 -2.01 5.53
CA VAL A 25 -0.92 -0.57 5.63
C VAL A 25 -1.32 -0.20 7.08
N LEU A 26 -2.21 -0.97 7.70
CA LEU A 26 -2.73 -0.70 9.05
C LEU A 26 -1.72 -1.09 10.17
N THR A 27 -0.80 -2.02 9.91
CA THR A 27 0.31 -2.40 10.81
C THR A 27 1.42 -1.36 10.85
N LYS A 28 1.42 -0.37 9.96
CA LYS A 28 2.28 0.82 10.09
C LYS A 28 1.84 1.76 11.24
N LEU A 29 0.60 1.63 11.74
CA LEU A 29 -0.09 2.63 12.58
C LEU A 29 -0.37 2.11 14.02
N GLU A 30 0.47 1.23 14.55
CA GLU A 30 0.20 0.41 15.74
C GLU A 30 -0.25 1.11 17.03
N PRO A 31 0.32 2.26 17.46
CA PRO A 31 -0.14 2.92 18.67
C PRO A 31 -1.49 3.66 18.47
N ASP A 32 -2.01 3.73 17.23
CA ASP A 32 -3.27 4.39 16.90
C ASP A 32 -4.33 3.41 16.33
N VAL A 33 -3.92 2.30 15.71
CA VAL A 33 -4.78 1.18 15.26
C VAL A 33 -4.53 -0.04 16.15
N SER A 34 -5.53 -0.44 16.93
CA SER A 34 -5.40 -1.45 18.00
C SER A 34 -5.62 -2.89 17.53
N LYS A 35 -6.44 -3.12 16.51
CA LYS A 35 -6.81 -4.46 16.03
C LYS A 35 -7.22 -4.49 14.55
N ILE A 36 -6.78 -5.55 13.85
CA ILE A 36 -7.14 -5.92 12.47
C ILE A 36 -7.56 -7.40 12.47
N ASP A 37 -8.58 -7.78 11.69
CA ASP A 37 -8.89 -9.18 11.36
C ASP A 37 -9.61 -9.26 10.00
N ILE A 38 -9.34 -10.30 9.19
CA ILE A 38 -9.83 -10.44 7.80
C ILE A 38 -10.82 -11.62 7.71
N SER A 39 -11.83 -11.52 6.85
CA SER A 39 -12.88 -12.52 6.63
C SER A 39 -13.05 -12.82 5.12
N LEU A 40 -12.26 -13.75 4.57
CA LEU A 40 -12.17 -14.02 3.13
C LEU A 40 -13.53 -14.35 2.47
N GLU A 41 -14.35 -15.21 3.07
CA GLU A 41 -15.64 -15.63 2.49
C GLU A 41 -16.66 -14.48 2.48
N LYS A 42 -16.73 -13.72 3.58
CA LYS A 42 -17.56 -12.52 3.73
C LYS A 42 -17.06 -11.32 2.91
N GLN A 43 -15.81 -11.39 2.45
CA GLN A 43 -15.10 -10.39 1.65
C GLN A 43 -14.74 -9.11 2.44
N LEU A 44 -14.67 -9.24 3.77
CA LEU A 44 -14.55 -8.13 4.73
C LEU A 44 -13.21 -8.08 5.46
N VAL A 45 -12.95 -6.89 6.02
CA VAL A 45 -11.92 -6.59 7.02
C VAL A 45 -12.56 -5.81 8.17
N ASP A 46 -12.22 -6.15 9.41
CA ASP A 46 -12.60 -5.44 10.64
C ASP A 46 -11.42 -4.60 11.15
N VAL A 47 -11.67 -3.33 11.50
CA VAL A 47 -10.64 -2.40 12.00
C VAL A 47 -11.10 -1.73 13.31
N TYR A 48 -10.19 -1.59 14.27
CA TYR A 48 -10.35 -0.80 15.51
C TYR A 48 -9.18 0.20 15.67
N THR A 49 -9.46 1.45 16.07
CA THR A 49 -8.50 2.58 16.00
C THR A 49 -9.02 3.82 16.71
N THR A 50 -8.13 4.72 17.14
CA THR A 50 -8.44 6.08 17.61
C THR A 50 -8.53 7.11 16.48
N LEU A 51 -8.16 6.74 15.24
CA LEU A 51 -8.17 7.63 14.07
C LEU A 51 -9.59 7.85 13.53
N PRO A 52 -9.90 9.04 12.97
CA PRO A 52 -11.21 9.34 12.41
C PRO A 52 -11.41 8.71 11.03
N TYR A 53 -12.66 8.47 10.66
CA TYR A 53 -13.03 7.86 9.37
C TYR A 53 -12.56 8.69 8.16
N ASP A 54 -12.70 10.02 8.25
CA ASP A 54 -12.26 11.00 7.25
C ASP A 54 -10.73 11.02 7.02
N PHE A 55 -9.94 10.35 7.87
CA PHE A 55 -8.51 10.06 7.64
C PHE A 55 -8.30 8.64 7.13
N ILE A 56 -8.99 7.64 7.70
CA ILE A 56 -8.75 6.23 7.38
C ILE A 56 -9.10 5.89 5.92
N LEU A 57 -10.14 6.50 5.38
CA LEU A 57 -10.52 6.46 3.95
C LEU A 57 -9.33 6.80 3.05
N GLU A 58 -8.71 7.93 3.33
CA GLU A 58 -7.58 8.50 2.60
C GLU A 58 -6.25 7.77 2.83
N LYS A 59 -6.18 6.89 3.83
CA LYS A 59 -5.13 5.87 3.97
C LYS A 59 -5.44 4.59 3.18
N ILE A 60 -6.68 4.06 3.22
CA ILE A 60 -7.02 2.76 2.63
C ILE A 60 -7.24 2.82 1.11
N LYS A 61 -7.86 3.88 0.57
CA LYS A 61 -7.99 4.04 -0.90
C LYS A 61 -6.64 4.33 -1.58
N LYS A 62 -5.68 4.92 -0.86
CA LYS A 62 -4.30 5.16 -1.31
C LYS A 62 -3.48 3.89 -1.64
N THR A 63 -4.05 2.69 -1.41
CA THR A 63 -3.56 1.40 -1.95
C THR A 63 -3.42 1.41 -3.47
N GLY A 64 -4.52 1.65 -4.20
CA GLY A 64 -4.56 1.62 -5.68
C GLY A 64 -5.09 0.33 -6.31
N LYS A 65 -5.60 -0.62 -5.52
CA LYS A 65 -6.38 -1.77 -5.98
C LYS A 65 -7.19 -2.46 -4.86
N GLU A 66 -8.31 -3.09 -5.20
CA GLU A 66 -8.90 -4.23 -4.50
C GLU A 66 -9.54 -3.93 -3.13
N VAL A 67 -9.84 -2.66 -2.84
CA VAL A 67 -10.78 -2.23 -1.78
C VAL A 67 -12.00 -1.59 -2.45
N ARG A 68 -13.23 -1.94 -2.01
CA ARG A 68 -14.50 -1.53 -2.64
C ARG A 68 -15.23 -0.40 -1.90
N SER A 69 -15.33 -0.49 -0.57
CA SER A 69 -16.21 0.36 0.25
C SER A 69 -15.95 0.14 1.74
N GLY A 70 -16.52 1.00 2.60
CA GLY A 70 -16.53 0.83 4.06
C GLY A 70 -17.74 1.47 4.75
N LYS A 71 -17.80 1.33 6.08
CA LYS A 71 -18.82 1.91 6.98
C LYS A 71 -18.57 1.63 8.48
N GLN A 72 -19.26 2.36 9.36
CA GLN A 72 -19.46 1.99 10.77
C GLN A 72 -20.76 1.20 10.93
N LEU A 73 -20.71 0.08 11.67
CA LEU A 73 -21.81 -0.85 11.89
C LEU A 73 -22.38 -0.81 13.31
N ALA B 1 17.99 12.23 -16.42
CA ALA B 1 16.88 11.65 -15.64
C ALA B 1 17.44 10.86 -14.46
N ARG B 2 17.06 11.20 -13.24
CA ARG B 2 17.52 10.61 -12.00
C ARG B 2 16.98 9.19 -11.83
N GLU B 3 17.85 8.25 -12.18
CA GLU B 3 17.71 6.80 -11.99
C GLU B 3 17.78 6.39 -10.50
N VAL B 4 17.40 5.13 -10.20
CA VAL B 4 17.37 4.50 -8.86
C VAL B 4 16.93 3.03 -9.00
N ILE B 5 17.54 2.15 -8.20
CA ILE B 5 17.03 0.80 -7.96
C ILE B 5 16.68 0.70 -6.48
N LEU B 6 15.52 0.11 -6.17
CA LEU B 6 15.03 -0.07 -4.81
C LEU B 6 14.52 -1.49 -4.58
N ALA B 7 14.76 -2.06 -3.39
CA ALA B 7 14.29 -3.39 -3.04
C ALA B 7 12.87 -3.30 -2.48
N VAL B 8 11.99 -4.26 -2.75
CA VAL B 8 10.62 -4.36 -2.21
C VAL B 8 10.43 -5.77 -1.65
N HIS B 9 10.26 -5.88 -0.35
CA HIS B 9 10.18 -7.18 0.35
C HIS B 9 8.79 -7.85 0.21
N GLY B 10 7.76 -7.06 -0.13
CA GLY B 10 6.35 -7.49 -0.17
C GLY B 10 5.78 -7.82 -1.56
N MET B 11 6.55 -7.67 -2.65
CA MET B 11 6.06 -7.99 -4.00
C MET B 11 5.92 -9.50 -4.24
N THR B 12 4.82 -9.90 -4.90
CA THR B 12 4.35 -11.27 -5.16
C THR B 12 3.12 -11.18 -6.08
N CYS B 13 2.49 -12.31 -6.39
CA CYS B 13 1.33 -12.47 -7.28
C CYS B 13 1.67 -12.21 -8.77
N SER B 14 0.62 -12.02 -9.56
CA SER B 14 0.60 -11.42 -10.90
C SER B 14 -0.41 -10.26 -11.03
N ALA B 15 -1.17 -9.97 -9.95
CA ALA B 15 -2.11 -8.84 -9.83
C ALA B 15 -1.57 -7.76 -8.89
N CYS B 16 -0.94 -8.15 -7.77
CA CYS B 16 -0.44 -7.26 -6.74
C CYS B 16 0.73 -6.36 -7.21
N THR B 17 1.59 -6.88 -8.11
CA THR B 17 2.73 -6.18 -8.70
C THR B 17 2.33 -4.90 -9.42
N ASN B 18 1.29 -4.93 -10.23
CA ASN B 18 0.95 -3.79 -11.09
C ASN B 18 0.47 -2.57 -10.30
N THR B 19 0.16 -2.72 -9.00
CA THR B 19 -0.06 -1.60 -8.07
C THR B 19 1.11 -0.63 -8.08
N ILE B 20 2.34 -1.12 -8.30
CA ILE B 20 3.53 -0.27 -8.41
C ILE B 20 3.41 0.61 -9.66
N ASN B 21 3.18 0.04 -10.85
CA ASN B 21 2.89 0.81 -12.07
C ASN B 21 1.69 1.76 -11.91
N THR B 22 0.53 1.26 -11.42
CA THR B 22 -0.67 2.06 -11.15
C THR B 22 -0.34 3.34 -10.39
N GLN B 23 0.45 3.26 -9.31
CA GLN B 23 0.78 4.43 -8.50
C GLN B 23 1.96 5.24 -9.07
N LEU B 24 3.06 4.63 -9.51
CA LEU B 24 4.21 5.37 -10.05
C LEU B 24 3.84 6.16 -11.30
N ARG B 25 3.05 5.58 -12.23
CA ARG B 25 2.51 6.31 -13.38
C ARG B 25 1.42 7.34 -13.02
N ALA B 26 1.04 7.49 -11.74
CA ALA B 26 0.15 8.55 -11.24
C ALA B 26 0.89 9.68 -10.49
N LEU B 27 2.20 9.57 -10.23
CA LEU B 27 2.97 10.62 -9.50
C LEU B 27 3.43 11.81 -10.35
N LYS B 28 3.03 11.81 -11.61
CA LYS B 28 3.27 12.85 -12.64
C LYS B 28 4.72 13.38 -12.73
N GLY B 29 5.71 12.52 -12.40
CA GLY B 29 7.15 12.82 -12.30
C GLY B 29 8.13 11.69 -12.68
N VAL B 30 7.68 10.45 -12.83
CA VAL B 30 8.46 9.26 -13.25
C VAL B 30 8.44 9.12 -14.78
N THR B 31 9.54 8.67 -15.40
CA THR B 31 9.64 8.39 -16.85
C THR B 31 9.74 6.89 -17.17
N LYS B 32 10.35 6.09 -16.29
CA LYS B 32 10.47 4.63 -16.41
C LYS B 32 10.15 3.93 -15.06
N CYS B 33 9.49 2.78 -15.10
CA CYS B 33 9.28 1.90 -13.95
C CYS B 33 8.90 0.45 -14.34
N ASP B 34 9.75 -0.50 -13.93
CA ASP B 34 9.57 -1.96 -14.01
C ASP B 34 10.32 -2.66 -12.85
N ILE B 35 10.35 -4.00 -12.84
CA ILE B 35 10.71 -4.86 -11.69
C ILE B 35 11.43 -6.15 -12.09
N SER B 36 12.09 -6.80 -11.13
CA SER B 36 12.53 -8.21 -11.21
C SER B 36 12.17 -8.92 -9.89
N LEU B 37 11.37 -10.00 -9.95
CA LEU B 37 10.90 -10.74 -8.77
C LEU B 37 11.97 -11.65 -8.15
N VAL B 38 12.90 -12.21 -8.93
CA VAL B 38 13.99 -13.08 -8.40
C VAL B 38 14.88 -12.32 -7.40
N THR B 39 15.17 -11.04 -7.66
CA THR B 39 15.92 -10.12 -6.78
C THR B 39 15.02 -9.20 -5.97
N ASN B 40 13.69 -9.31 -6.13
CA ASN B 40 12.64 -8.43 -5.63
C ASN B 40 12.94 -6.90 -5.69
N GLU B 41 13.37 -6.42 -6.86
CA GLU B 41 13.78 -5.04 -7.12
C GLU B 41 12.82 -4.29 -8.06
N CYS B 42 12.81 -2.96 -7.96
CA CYS B 42 12.23 -2.04 -8.95
C CYS B 42 13.33 -1.22 -9.65
N GLN B 43 13.27 -1.07 -10.97
CA GLN B 43 14.14 -0.27 -11.82
C GLN B 43 13.31 0.95 -12.24
N VAL B 44 13.59 2.10 -11.62
CA VAL B 44 12.80 3.34 -11.72
C VAL B 44 13.69 4.56 -11.99
N THR B 45 13.13 5.53 -12.73
CA THR B 45 13.84 6.72 -13.23
C THR B 45 12.86 7.88 -13.36
N TYR B 46 13.24 9.08 -12.92
CA TYR B 46 12.36 10.22 -12.72
C TYR B 46 13.16 11.53 -12.84
N ASP B 47 12.49 12.61 -12.44
CA ASP B 47 13.00 13.99 -12.35
C ASP B 47 12.28 14.81 -11.25
N ASN B 48 12.76 16.04 -11.02
CA ASN B 48 12.51 16.85 -9.82
C ASN B 48 11.06 17.15 -9.42
N GLU B 49 10.09 16.88 -10.31
CA GLU B 49 8.65 16.89 -10.03
C GLU B 49 8.21 15.74 -9.11
N VAL B 50 9.09 14.78 -8.78
CA VAL B 50 8.91 13.79 -7.69
C VAL B 50 10.26 13.52 -6.99
N THR B 51 10.25 12.81 -5.86
CA THR B 51 11.43 12.49 -5.02
C THR B 51 11.34 11.08 -4.44
N ALA B 52 12.49 10.44 -4.23
CA ALA B 52 12.61 9.11 -3.61
C ALA B 52 11.92 9.02 -2.24
N ASP B 53 11.89 10.12 -1.48
CA ASP B 53 11.25 10.18 -0.16
C ASP B 53 9.71 10.17 -0.23
N SER B 54 9.13 10.53 -1.38
CA SER B 54 7.72 10.32 -1.70
C SER B 54 7.49 8.89 -2.19
N ILE B 55 8.39 8.35 -3.03
CA ILE B 55 8.29 6.98 -3.56
C ILE B 55 8.32 5.94 -2.42
N LYS B 56 9.22 6.09 -1.44
CA LYS B 56 9.27 5.24 -0.24
C LYS B 56 8.07 5.43 0.72
N GLU B 57 7.18 6.40 0.46
CA GLU B 57 5.92 6.56 1.19
C GLU B 57 4.81 5.89 0.38
N ILE B 58 4.71 6.20 -0.91
CA ILE B 58 3.77 5.60 -1.89
C ILE B 58 3.85 4.08 -1.96
N ILE B 59 5.05 3.50 -2.10
CA ILE B 59 5.24 2.04 -2.18
C ILE B 59 4.91 1.37 -0.83
N GLU B 60 5.03 2.10 0.27
CA GLU B 60 4.59 1.63 1.58
C GLU B 60 3.09 1.86 1.81
N ASP B 61 2.47 2.85 1.15
CA ASP B 61 1.01 3.06 1.10
C ASP B 61 0.29 2.09 0.16
N CYS B 62 1.00 1.46 -0.79
CA CYS B 62 0.56 0.25 -1.49
C CYS B 62 0.45 -0.98 -0.57
N GLY B 63 1.06 -0.94 0.62
CA GLY B 63 1.14 -2.07 1.55
C GLY B 63 2.35 -2.98 1.34
N PHE B 64 3.47 -2.46 0.79
CA PHE B 64 4.75 -3.15 0.75
C PHE B 64 5.73 -2.51 1.74
N ASP B 65 7.03 -2.77 1.56
CA ASP B 65 8.14 -2.37 2.41
C ASP B 65 9.41 -2.50 1.58
N CYS B 66 10.35 -1.57 1.76
CA CYS B 66 11.35 -1.26 0.74
C CYS B 66 12.60 -0.57 1.26
N GLU B 67 13.70 -0.73 0.53
CA GLU B 67 14.98 -0.05 0.74
C GLU B 67 15.36 0.67 -0.54
N ILE B 68 15.81 1.91 -0.43
CA ILE B 68 16.37 2.67 -1.56
C ILE B 68 17.79 2.13 -1.78
N LEU B 69 17.88 1.02 -2.52
CA LEU B 69 19.00 0.08 -2.41
C LEU B 69 20.32 0.72 -2.90
N ARG B 70 20.25 1.55 -3.94
CA ARG B 70 21.31 2.40 -4.48
C ARG B 70 20.74 3.36 -5.55
N ASP B 71 21.11 4.63 -5.44
CA ASP B 71 20.72 5.80 -6.24
C ASP B 71 21.30 5.82 -7.67
N SER B 72 21.34 4.70 -8.39
CA SER B 72 21.92 4.56 -9.76
C SER B 72 21.35 3.36 -10.50
CU CU1 C . -2.69 -10.87 -5.77
N MET A 1 -21.37 9.73 20.80
CA MET A 1 -20.48 10.27 21.86
C MET A 1 -19.02 10.19 21.45
N ALA A 2 -18.13 11.00 22.03
CA ALA A 2 -16.69 11.05 21.74
C ALA A 2 -15.88 9.83 22.26
N GLU A 3 -16.47 8.63 22.19
CA GLU A 3 -15.86 7.32 22.41
C GLU A 3 -15.49 6.66 21.05
N ILE A 4 -14.98 5.42 21.09
CA ILE A 4 -14.55 4.63 19.93
C ILE A 4 -15.72 4.32 18.98
N LYS A 5 -15.47 4.37 17.67
CA LYS A 5 -16.44 4.04 16.61
C LYS A 5 -16.09 2.73 15.89
N HIS A 6 -17.08 2.12 15.23
CA HIS A 6 -16.95 0.91 14.43
C HIS A 6 -17.19 1.19 12.94
N TYR A 7 -16.35 0.64 12.06
CA TYR A 7 -16.48 0.68 10.60
C TYR A 7 -16.29 -0.73 10.00
N GLN A 8 -16.88 -0.99 8.83
CA GLN A 8 -16.64 -2.23 8.08
C GLN A 8 -16.54 -1.95 6.58
N PHE A 9 -15.39 -2.31 6.00
CA PHE A 9 -15.06 -2.13 4.59
C PHE A 9 -14.98 -3.47 3.89
N ASN A 10 -15.49 -3.54 2.67
CA ASN A 10 -15.17 -4.56 1.68
C ASN A 10 -14.03 -4.03 0.78
N VAL A 11 -12.97 -4.79 0.53
CA VAL A 11 -11.70 -4.30 -0.08
C VAL A 11 -11.11 -5.36 -1.03
N VAL A 12 -10.54 -4.93 -2.16
CA VAL A 12 -9.86 -5.83 -3.13
C VAL A 12 -8.63 -6.48 -2.50
N MET A 13 -8.54 -7.81 -2.58
CA MET A 13 -7.35 -8.58 -2.18
C MET A 13 -7.09 -9.74 -3.16
N THR A 14 -5.85 -9.84 -3.66
CA THR A 14 -5.43 -10.81 -4.69
C THR A 14 -5.13 -12.20 -4.13
N CYS A 15 -4.43 -12.28 -3.00
CA CYS A 15 -3.98 -13.52 -2.37
C CYS A 15 -3.67 -13.35 -0.86
N SER A 16 -3.27 -14.45 -0.22
CA SER A 16 -2.79 -14.53 1.17
C SER A 16 -1.54 -13.69 1.51
N GLY A 17 -0.85 -13.14 0.50
CA GLY A 17 0.25 -12.18 0.67
C GLY A 17 -0.24 -10.73 0.68
N CYS A 18 -1.32 -10.45 -0.05
CA CYS A 18 -1.97 -9.13 -0.10
C CYS A 18 -2.60 -8.76 1.25
N SER A 19 -3.34 -9.69 1.85
CA SER A 19 -3.86 -9.59 3.23
C SER A 19 -2.74 -9.39 4.28
N GLY A 20 -1.53 -9.91 4.03
CA GLY A 20 -0.34 -9.66 4.84
C GLY A 20 0.27 -8.27 4.62
N ALA A 21 0.31 -7.80 3.37
CA ALA A 21 0.76 -6.45 3.02
C ALA A 21 -0.17 -5.37 3.60
N VAL A 22 -1.49 -5.57 3.50
CA VAL A 22 -2.49 -4.70 4.14
C VAL A 22 -2.26 -4.66 5.67
N ASN A 23 -2.12 -5.82 6.33
CA ASN A 23 -1.77 -5.90 7.75
C ASN A 23 -0.49 -5.10 8.09
N LYS A 24 0.56 -5.21 7.25
CA LYS A 24 1.83 -4.47 7.43
C LYS A 24 1.63 -2.94 7.46
N VAL A 25 0.70 -2.40 6.67
CA VAL A 25 0.32 -0.97 6.77
C VAL A 25 -0.45 -0.68 8.08
N LEU A 26 -1.48 -1.48 8.40
CA LEU A 26 -2.37 -1.27 9.55
C LEU A 26 -1.66 -1.30 10.91
N THR A 27 -0.59 -2.08 11.08
CA THR A 27 0.25 -2.14 12.30
C THR A 27 0.68 -0.76 12.80
N LYS A 28 0.92 0.20 11.89
CA LYS A 28 1.27 1.59 12.23
C LYS A 28 0.19 2.31 13.07
N LEU A 29 -1.09 1.94 12.92
CA LEU A 29 -2.24 2.64 13.51
C LEU A 29 -2.78 1.99 14.80
N GLU A 30 -2.26 0.85 15.24
CA GLU A 30 -2.70 0.18 16.46
C GLU A 30 -2.75 1.06 17.74
N PRO A 31 -1.88 2.09 17.93
CA PRO A 31 -2.00 2.97 19.08
C PRO A 31 -3.37 3.65 19.23
N ASP A 32 -4.12 3.84 18.14
CA ASP A 32 -5.44 4.48 18.11
C ASP A 32 -6.56 3.65 17.41
N VAL A 33 -6.20 2.60 16.68
CA VAL A 33 -7.11 1.52 16.23
C VAL A 33 -7.10 0.39 17.28
N SER A 34 -8.23 0.16 17.95
CA SER A 34 -8.32 -0.76 19.10
C SER A 34 -8.45 -2.23 18.71
N LYS A 35 -9.05 -2.52 17.56
CA LYS A 35 -9.27 -3.88 17.05
C LYS A 35 -9.54 -3.90 15.53
N ILE A 36 -8.91 -4.83 14.80
CA ILE A 36 -9.10 -5.06 13.36
C ILE A 36 -9.20 -6.55 13.03
N ASP A 37 -9.87 -6.90 11.93
CA ASP A 37 -9.94 -8.28 11.39
C ASP A 37 -10.16 -8.30 9.88
N ILE A 38 -9.15 -8.75 9.13
CA ILE A 38 -9.11 -8.86 7.66
C ILE A 38 -9.46 -10.31 7.23
N SER A 39 -10.43 -10.48 6.33
CA SER A 39 -10.98 -11.78 5.92
C SER A 39 -10.91 -12.02 4.40
N LEU A 40 -10.02 -12.91 3.94
CA LEU A 40 -9.87 -13.29 2.53
C LEU A 40 -10.95 -14.31 2.09
N GLU A 41 -11.60 -14.05 0.96
CA GLU A 41 -12.68 -14.77 0.26
C GLU A 41 -14.02 -14.03 0.40
N LYS A 42 -14.35 -13.60 1.62
CA LYS A 42 -15.46 -12.67 1.87
C LYS A 42 -15.06 -11.19 1.71
N GLN A 43 -13.77 -10.91 1.52
CA GLN A 43 -13.14 -9.64 1.15
C GLN A 43 -13.39 -8.46 2.10
N LEU A 44 -13.65 -8.76 3.37
CA LEU A 44 -14.04 -7.81 4.41
C LEU A 44 -12.88 -7.44 5.34
N VAL A 45 -12.99 -6.24 5.90
CA VAL A 45 -12.16 -5.69 6.97
C VAL A 45 -13.07 -5.03 8.01
N ASP A 46 -13.04 -5.51 9.25
CA ASP A 46 -13.67 -4.88 10.41
C ASP A 46 -12.66 -3.95 11.11
N VAL A 47 -13.11 -2.77 11.54
CA VAL A 47 -12.26 -1.76 12.21
C VAL A 47 -12.99 -1.17 13.44
N TYR A 48 -12.27 -0.96 14.54
CA TYR A 48 -12.67 -0.16 15.70
C TYR A 48 -11.60 0.89 16.02
N THR A 49 -11.96 2.18 16.12
CA THR A 49 -11.01 3.30 16.27
C THR A 49 -11.69 4.63 16.63
N THR A 50 -10.91 5.60 17.11
CA THR A 50 -11.27 7.03 17.21
C THR A 50 -10.92 7.82 15.95
N LEU A 51 -10.09 7.28 15.04
CA LEU A 51 -9.61 7.97 13.84
C LEU A 51 -10.74 8.28 12.82
N PRO A 52 -10.60 9.30 11.95
CA PRO A 52 -11.63 9.70 10.99
C PRO A 52 -11.93 8.63 9.94
N TYR A 53 -13.20 8.56 9.51
CA TYR A 53 -13.64 7.64 8.44
C TYR A 53 -12.95 7.95 7.09
N ASP A 54 -12.93 9.23 6.69
CA ASP A 54 -12.23 9.71 5.48
C ASP A 54 -10.69 9.52 5.57
N PHE A 55 -10.12 9.50 6.78
CA PHE A 55 -8.70 9.19 6.98
C PHE A 55 -8.43 7.71 6.68
N ILE A 56 -9.23 6.79 7.22
CA ILE A 56 -9.08 5.34 6.97
C ILE A 56 -9.30 5.00 5.48
N LEU A 57 -10.34 5.54 4.85
CA LEU A 57 -10.61 5.38 3.41
C LEU A 57 -9.40 5.72 2.55
N GLU A 58 -8.81 6.88 2.85
CA GLU A 58 -7.62 7.41 2.19
C GLU A 58 -6.35 6.58 2.42
N LYS A 59 -6.14 6.00 3.62
CA LYS A 59 -4.98 5.12 3.84
C LYS A 59 -5.12 3.77 3.12
N ILE A 60 -6.33 3.19 3.08
CA ILE A 60 -6.63 1.97 2.29
C ILE A 60 -6.42 2.23 0.80
N LYS A 61 -7.06 3.26 0.22
CA LYS A 61 -6.85 3.74 -1.15
C LYS A 61 -5.35 3.84 -1.50
N LYS A 62 -4.56 4.48 -0.63
CA LYS A 62 -3.13 4.68 -0.78
C LYS A 62 -2.28 3.38 -0.76
N THR A 63 -2.82 2.23 -0.35
CA THR A 63 -2.15 0.92 -0.46
C THR A 63 -2.09 0.35 -1.88
N GLY A 64 -2.81 0.95 -2.83
CA GLY A 64 -2.98 0.44 -4.20
C GLY A 64 -4.10 -0.61 -4.33
N LYS A 65 -4.64 -1.11 -3.23
CA LYS A 65 -5.85 -1.94 -3.21
C LYS A 65 -7.09 -1.03 -3.18
N GLU A 66 -8.07 -1.29 -4.03
CA GLU A 66 -9.31 -0.51 -4.06
C GLU A 66 -10.29 -0.98 -2.97
N VAL A 67 -11.00 -0.02 -2.36
CA VAL A 67 -12.17 -0.26 -1.52
C VAL A 67 -13.35 -0.61 -2.45
N ARG A 68 -13.96 -1.78 -2.21
CA ARG A 68 -15.13 -2.28 -2.94
C ARG A 68 -16.43 -1.66 -2.40
N SER A 69 -16.56 -1.48 -1.08
CA SER A 69 -17.64 -0.70 -0.45
C SER A 69 -17.44 -0.50 1.06
N GLY A 70 -17.60 0.73 1.57
CA GLY A 70 -17.44 1.06 3.00
C GLY A 70 -18.76 1.35 3.72
N LYS A 71 -18.87 0.95 4.98
CA LYS A 71 -19.93 1.36 5.90
C LYS A 71 -19.39 1.96 7.21
N GLN A 72 -20.17 2.88 7.75
CA GLN A 72 -20.17 3.30 9.14
C GLN A 72 -21.23 2.50 9.89
N LEU A 73 -20.87 2.02 11.09
CA LEU A 73 -21.69 1.17 11.95
C LEU A 73 -21.85 1.76 13.37
N ALA B 1 14.85 13.76 -17.12
CA ALA B 1 14.39 12.71 -16.19
C ALA B 1 15.58 11.83 -15.79
N ARG B 2 15.42 10.93 -14.82
CA ARG B 2 16.34 9.84 -14.52
C ARG B 2 15.61 8.60 -14.03
N GLU B 3 15.94 7.49 -14.64
CA GLU B 3 15.65 6.12 -14.22
C GLU B 3 16.29 5.83 -12.85
N VAL B 4 15.52 5.34 -11.88
CA VAL B 4 15.96 4.90 -10.55
C VAL B 4 15.32 3.54 -10.26
N ILE B 5 16.10 2.62 -9.70
CA ILE B 5 15.70 1.23 -9.48
C ILE B 5 15.71 0.97 -7.97
N LEU B 6 14.60 0.46 -7.42
CA LEU B 6 14.50 0.10 -6.00
C LEU B 6 14.26 -1.40 -5.85
N ALA B 7 14.86 -2.04 -4.85
CA ALA B 7 14.67 -3.48 -4.60
C ALA B 7 13.54 -3.66 -3.58
N VAL B 8 12.53 -4.46 -3.91
CA VAL B 8 11.36 -4.75 -3.06
C VAL B 8 11.52 -6.15 -2.49
N HIS B 9 11.82 -6.26 -1.20
CA HIS B 9 12.16 -7.52 -0.53
C HIS B 9 10.93 -8.43 -0.32
N GLY B 10 9.72 -7.88 -0.45
CA GLY B 10 8.43 -8.54 -0.17
C GLY B 10 7.54 -8.84 -1.38
N MET B 11 8.04 -8.73 -2.61
CA MET B 11 7.28 -9.17 -3.81
C MET B 11 7.63 -10.62 -4.20
N THR B 12 6.63 -11.36 -4.70
CA THR B 12 6.71 -12.81 -5.03
C THR B 12 5.45 -13.34 -5.73
N CYS B 13 4.30 -12.71 -5.52
CA CYS B 13 3.05 -13.01 -6.21
C CYS B 13 3.06 -12.48 -7.67
N SER B 14 2.30 -13.13 -8.56
CA SER B 14 2.24 -12.79 -9.98
C SER B 14 1.29 -11.63 -10.33
N ALA B 15 0.42 -11.21 -9.41
CA ALA B 15 -0.50 -10.06 -9.57
C ALA B 15 -0.24 -8.91 -8.59
N CYS B 16 0.32 -9.16 -7.40
CA CYS B 16 0.55 -8.15 -6.39
C CYS B 16 1.59 -7.06 -6.79
N THR B 17 2.38 -7.28 -7.85
CA THR B 17 3.39 -6.36 -8.33
C THR B 17 2.78 -5.09 -8.90
N ASN B 18 1.87 -5.18 -9.86
CA ASN B 18 1.32 -3.97 -10.49
C ASN B 18 0.38 -3.19 -9.57
N THR B 19 0.10 -3.69 -8.35
CA THR B 19 -0.43 -2.89 -7.23
C THR B 19 0.52 -1.73 -6.94
N ILE B 20 1.84 -1.97 -6.99
CA ILE B 20 2.84 -0.91 -6.83
C ILE B 20 2.85 -0.03 -8.09
N ASN B 21 2.94 -0.64 -9.28
CA ASN B 21 3.01 0.10 -10.54
C ASN B 21 1.81 1.05 -10.76
N THR B 22 0.58 0.58 -10.49
CA THR B 22 -0.66 1.39 -10.53
C THR B 22 -0.61 2.63 -9.63
N GLN B 23 0.15 2.62 -8.54
CA GLN B 23 0.38 3.80 -7.70
C GLN B 23 1.56 4.64 -8.18
N LEU B 24 2.73 4.03 -8.44
CA LEU B 24 3.95 4.75 -8.85
C LEU B 24 3.75 5.52 -10.15
N ARG B 25 3.15 4.91 -11.19
CA ARG B 25 2.88 5.58 -12.47
C ARG B 25 2.06 6.88 -12.34
N ALA B 26 1.25 6.98 -11.28
CA ALA B 26 0.33 8.08 -11.01
C ALA B 26 0.95 9.21 -10.14
N LEU B 27 2.19 9.07 -9.68
CA LEU B 27 2.90 10.12 -8.93
C LEU B 27 3.33 11.26 -9.87
N LYS B 28 2.85 12.48 -9.59
CA LYS B 28 3.09 13.67 -10.43
C LYS B 28 4.60 13.93 -10.60
N GLY B 29 5.13 13.60 -11.79
CA GLY B 29 6.56 13.60 -12.12
C GLY B 29 7.05 12.31 -12.79
N VAL B 30 6.41 11.17 -12.51
CA VAL B 30 6.80 9.86 -13.07
C VAL B 30 6.40 9.77 -14.54
N THR B 31 7.39 9.55 -15.41
CA THR B 31 7.21 9.45 -16.87
C THR B 31 7.01 8.00 -17.30
N LYS B 32 7.78 7.08 -16.72
CA LYS B 32 7.72 5.64 -16.96
C LYS B 32 7.88 4.84 -15.64
N CYS B 33 7.28 3.65 -15.61
CA CYS B 33 7.31 2.73 -14.47
C CYS B 33 7.05 1.30 -14.93
N ASP B 34 7.85 0.36 -14.45
CA ASP B 34 7.77 -1.08 -14.74
C ASP B 34 8.34 -1.90 -13.56
N ILE B 35 8.29 -3.23 -13.59
CA ILE B 35 8.65 -4.15 -12.48
C ILE B 35 9.15 -5.48 -13.05
N SER B 36 10.23 -6.03 -12.48
CA SER B 36 10.72 -7.39 -12.77
C SER B 36 10.91 -8.20 -11.47
N LEU B 37 10.18 -9.31 -11.31
CA LEU B 37 10.29 -10.27 -10.19
C LEU B 37 11.61 -11.04 -10.16
N VAL B 38 12.26 -11.29 -11.31
CA VAL B 38 13.53 -12.06 -11.38
C VAL B 38 14.62 -11.47 -10.45
N THR B 39 14.74 -10.13 -10.42
CA THR B 39 15.63 -9.36 -9.53
C THR B 39 14.89 -8.60 -8.43
N ASN B 40 13.55 -8.67 -8.41
CA ASN B 40 12.66 -8.07 -7.41
C ASN B 40 12.69 -6.52 -7.44
N GLU B 41 12.82 -5.96 -8.64
CA GLU B 41 13.11 -4.54 -8.87
C GLU B 41 11.92 -3.76 -9.43
N CYS B 42 11.70 -2.56 -8.89
CA CYS B 42 10.81 -1.53 -9.46
C CYS B 42 11.63 -0.58 -10.35
N GLN B 43 11.25 -0.44 -11.60
CA GLN B 43 11.97 0.26 -12.67
C GLN B 43 11.24 1.58 -12.96
N VAL B 44 11.45 2.61 -12.13
CA VAL B 44 10.71 3.89 -12.19
C VAL B 44 11.60 5.03 -12.70
N THR B 45 11.02 5.96 -13.45
CA THR B 45 11.73 6.99 -14.23
C THR B 45 10.91 8.27 -14.18
N TYR B 46 11.56 9.42 -13.93
CA TYR B 46 10.89 10.61 -13.46
C TYR B 46 11.78 11.84 -13.53
N ASP B 47 11.11 12.96 -13.75
CA ASP B 47 11.51 14.30 -13.29
C ASP B 47 10.87 14.68 -11.96
N ASN B 48 11.47 15.70 -11.31
CA ASN B 48 11.14 16.38 -10.07
C ASN B 48 12.13 16.05 -8.92
N GLU B 49 12.14 16.93 -7.93
CA GLU B 49 13.00 16.92 -6.73
C GLU B 49 13.02 15.64 -5.89
N VAL B 50 11.98 14.79 -5.91
CA VAL B 50 11.79 13.66 -4.98
C VAL B 50 12.95 12.67 -4.94
N THR B 51 13.24 12.21 -3.72
CA THR B 51 14.33 11.28 -3.38
C THR B 51 13.87 9.81 -3.35
N ALA B 52 14.77 8.89 -3.70
CA ALA B 52 14.55 7.45 -3.55
C ALA B 52 14.32 7.03 -2.08
N ASP B 53 14.87 7.75 -1.11
CA ASP B 53 14.57 7.63 0.32
C ASP B 53 13.08 7.91 0.65
N SER B 54 12.43 8.80 -0.10
CA SER B 54 11.00 9.09 0.03
C SER B 54 10.12 8.14 -0.79
N ILE B 55 10.53 7.76 -2.01
CA ILE B 55 9.82 6.76 -2.84
C ILE B 55 9.72 5.42 -2.08
N LYS B 56 10.78 5.03 -1.38
CA LYS B 56 10.79 3.94 -0.42
C LYS B 56 9.59 3.95 0.56
N GLU B 57 9.16 5.11 1.07
CA GLU B 57 8.08 5.25 2.05
C GLU B 57 6.72 5.05 1.38
N ILE B 58 6.60 5.33 0.07
CA ILE B 58 5.38 5.12 -0.74
C ILE B 58 5.21 3.64 -1.07
N ILE B 59 6.30 2.96 -1.45
CA ILE B 59 6.30 1.50 -1.68
C ILE B 59 6.07 0.76 -0.36
N GLU B 60 6.56 1.31 0.75
CA GLU B 60 6.22 0.83 2.09
C GLU B 60 4.78 1.15 2.47
N ASP B 61 4.22 2.29 2.06
CA ASP B 61 2.78 2.59 2.22
C ASP B 61 1.85 1.72 1.34
N CYS B 62 2.39 1.09 0.28
CA CYS B 62 1.72 0.01 -0.45
C CYS B 62 1.69 -1.31 0.33
N GLY B 63 2.50 -1.45 1.39
CA GLY B 63 2.58 -2.62 2.28
C GLY B 63 3.76 -3.55 2.05
N PHE B 64 4.78 -3.13 1.28
CA PHE B 64 5.98 -3.92 0.99
C PHE B 64 7.17 -3.41 1.82
N ASP B 65 8.42 -3.60 1.36
CA ASP B 65 9.64 -3.17 2.03
C ASP B 65 10.78 -3.14 1.03
N CYS B 66 11.65 -2.13 1.15
CA CYS B 66 12.51 -1.69 0.05
C CYS B 66 13.57 -0.66 0.46
N GLU B 67 14.49 -0.41 -0.47
CA GLU B 67 15.53 0.62 -0.49
C GLU B 67 16.07 0.70 -1.93
N ILE B 68 16.69 1.83 -2.26
CA ILE B 68 17.35 2.00 -3.57
C ILE B 68 18.33 0.85 -3.89
N LEU B 69 18.26 0.34 -5.11
CA LEU B 69 19.20 -0.63 -5.65
C LEU B 69 20.33 0.15 -6.34
N ARG B 70 20.01 1.01 -7.32
CA ARG B 70 20.91 1.86 -8.09
C ARG B 70 20.07 2.74 -9.03
N ASP B 71 20.69 3.78 -9.58
CA ASP B 71 20.14 4.56 -10.70
C ASP B 71 20.76 4.12 -12.04
N SER B 72 20.01 3.26 -12.77
CA SER B 72 20.37 2.70 -14.10
C SER B 72 19.95 3.58 -15.28
CU CU1 C . 0.22 -11.39 -2.73
#